data_2BZB
#
_entry.id   2BZB
#
_cell.length_a   1.000
_cell.length_b   1.000
_cell.length_c   1.000
_cell.angle_alpha   90.00
_cell.angle_beta   90.00
_cell.angle_gamma   90.00
#
_symmetry.space_group_name_H-M   'P 1'
#
_entity_poly.entity_id   1
_entity_poly.type   'polypeptide(L)'
_entity_poly.pdbx_seq_one_letter_code
;MEMGQLKNKIENKKKELIQLVARHGLDHDKVLLFSRDLDKLINKFMNVKDKVHKLEHHHHHH
;
_entity_poly.pdbx_strand_id   A,B
#
# COMPACT_ATOMS: atom_id res chain seq x y z
N MET A 1 8.95 -4.45 22.44
CA MET A 1 8.83 -5.02 21.10
C MET A 1 9.20 -4.00 20.03
N GLU A 2 9.21 -2.71 20.43
CA GLU A 2 9.74 -1.59 19.65
C GLU A 2 9.00 -1.29 18.35
N MET A 3 8.47 -0.08 18.25
CA MET A 3 7.71 0.35 17.08
C MET A 3 8.61 0.51 15.86
N GLY A 4 9.90 0.71 16.12
CA GLY A 4 10.87 0.79 15.05
C GLY A 4 10.99 -0.53 14.31
N GLN A 5 10.90 -1.61 15.07
CA GLN A 5 10.95 -2.95 14.51
C GLN A 5 9.67 -3.23 13.76
N LEU A 6 8.57 -2.76 14.33
CA LEU A 6 7.25 -2.87 13.73
C LEU A 6 7.27 -2.16 12.37
N LYS A 7 7.79 -0.94 12.37
CA LYS A 7 7.92 -0.14 11.16
C LYS A 7 8.81 -0.83 10.15
N ASN A 8 9.82 -1.52 10.64
CA ASN A 8 10.76 -2.25 9.77
C ASN A 8 10.01 -3.38 9.05
N LYS A 9 9.14 -4.06 9.77
CA LYS A 9 8.34 -5.13 9.20
C LYS A 9 7.34 -4.56 8.20
N ILE A 10 6.80 -3.39 8.52
CA ILE A 10 5.91 -2.68 7.61
C ILE A 10 6.64 -2.36 6.32
N GLU A 11 7.86 -1.80 6.45
CA GLU A 11 8.69 -1.49 5.29
C GLU A 11 8.89 -2.71 4.43
N ASN A 12 9.32 -3.79 5.05
CA ASN A 12 9.56 -5.05 4.39
C ASN A 12 8.34 -5.57 3.66
N LYS A 13 7.20 -5.57 4.34
CA LYS A 13 5.98 -6.14 3.78
C LYS A 13 5.47 -5.28 2.63
N LYS A 14 5.53 -3.98 2.82
CA LYS A 14 5.18 -3.00 1.82
C LYS A 14 6.08 -3.20 0.59
N LYS A 15 7.37 -3.37 0.82
CA LYS A 15 8.34 -3.62 -0.25
C LYS A 15 8.06 -4.94 -0.98
N GLU A 16 7.73 -5.98 -0.21
CA GLU A 16 7.32 -7.28 -0.76
C GLU A 16 6.12 -7.11 -1.68
N LEU A 17 5.23 -6.20 -1.31
CA LEU A 17 4.05 -5.89 -2.07
C LEU A 17 4.42 -5.11 -3.31
N ILE A 18 5.29 -4.12 -3.16
CA ILE A 18 5.71 -3.28 -4.27
C ILE A 18 6.27 -4.17 -5.38
N GLN A 19 7.04 -5.18 -4.96
CA GLN A 19 7.61 -6.17 -5.87
C GLN A 19 6.50 -6.88 -6.65
N LEU A 20 5.42 -7.20 -5.96
CA LEU A 20 4.28 -7.88 -6.57
C LEU A 20 3.57 -6.98 -7.58
N VAL A 21 3.26 -5.75 -7.17
CA VAL A 21 2.64 -4.78 -8.10
C VAL A 21 3.60 -4.49 -9.29
N ALA A 22 4.89 -4.46 -8.99
CA ALA A 22 5.91 -4.21 -9.99
C ALA A 22 5.96 -5.33 -11.02
N ARG A 23 6.06 -6.58 -10.55
CA ARG A 23 6.16 -7.75 -11.43
C ARG A 23 4.89 -7.96 -12.25
N HIS A 24 3.79 -7.34 -11.80
CA HIS A 24 2.54 -7.34 -12.55
C HIS A 24 2.79 -6.77 -13.96
N GLY A 25 3.52 -5.67 -14.01
CA GLY A 25 3.84 -5.07 -15.28
C GLY A 25 4.20 -3.61 -15.18
N LEU A 26 4.78 -3.21 -14.07
CA LEU A 26 5.17 -1.82 -13.94
C LEU A 26 6.58 -1.64 -14.33
N ASP A 27 6.82 -0.53 -14.91
CA ASP A 27 8.15 -0.13 -15.23
C ASP A 27 8.69 0.55 -14.02
N HIS A 28 9.97 0.83 -14.01
CA HIS A 28 10.61 1.39 -12.83
C HIS A 28 10.02 2.72 -12.40
N ASP A 29 9.63 3.54 -13.36
CA ASP A 29 9.03 4.83 -13.07
C ASP A 29 7.70 4.63 -12.36
N LYS A 30 6.98 3.61 -12.77
CA LYS A 30 5.71 3.26 -12.16
C LYS A 30 5.92 2.76 -10.75
N VAL A 31 6.92 1.91 -10.57
CA VAL A 31 7.27 1.38 -9.27
C VAL A 31 7.67 2.53 -8.33
N LEU A 32 8.47 3.47 -8.83
CA LEU A 32 8.90 4.63 -8.05
C LEU A 32 7.73 5.48 -7.63
N LEU A 33 6.83 5.74 -8.56
CA LEU A 33 5.65 6.53 -8.30
C LEU A 33 4.73 5.82 -7.31
N PHE A 34 4.52 4.53 -7.54
CA PHE A 34 3.67 3.73 -6.68
C PHE A 34 4.22 3.68 -5.27
N SER A 35 5.47 3.31 -5.15
CA SER A 35 6.10 3.13 -3.86
C SER A 35 6.10 4.41 -3.02
N ARG A 36 6.32 5.55 -3.66
CA ARG A 36 6.35 6.82 -2.95
C ARG A 36 4.95 7.29 -2.56
N ASP A 37 3.97 7.01 -3.40
CA ASP A 37 2.59 7.40 -3.13
C ASP A 37 2.06 6.52 -2.01
N LEU A 38 2.36 5.24 -2.14
CA LEU A 38 2.05 4.22 -1.15
C LEU A 38 2.64 4.59 0.20
N ASP A 39 3.88 5.03 0.17
CA ASP A 39 4.59 5.40 1.37
C ASP A 39 3.92 6.57 2.07
N LYS A 40 3.39 7.53 1.30
CA LYS A 40 2.76 8.70 1.91
C LYS A 40 1.43 8.34 2.55
N LEU A 41 0.72 7.41 1.92
CA LEU A 41 -0.55 6.93 2.45
C LEU A 41 -0.31 6.24 3.78
N ILE A 42 0.79 5.55 3.84
CA ILE A 42 1.16 4.85 5.04
C ILE A 42 1.55 5.84 6.11
N ASN A 43 2.38 6.80 5.74
CA ASN A 43 2.83 7.84 6.67
C ASN A 43 1.66 8.65 7.20
N LYS A 44 0.66 8.84 6.37
CA LYS A 44 -0.56 9.55 6.73
C LYS A 44 -1.26 8.88 7.90
N PHE A 45 -1.35 7.58 7.84
CA PHE A 45 -1.99 6.81 8.87
C PHE A 45 -1.06 6.47 10.04
N MET A 46 0.21 6.40 9.73
CA MET A 46 1.23 6.01 10.69
C MET A 46 1.69 7.16 11.54
N ASN A 47 1.64 8.36 11.02
CA ASN A 47 2.22 9.46 11.78
C ASN A 47 1.66 10.79 11.37
N VAL A 48 2.09 11.20 10.27
CA VAL A 48 1.85 12.52 9.74
C VAL A 48 0.55 12.61 8.99
N LYS A 49 -0.33 13.32 9.57
CA LYS A 49 -1.63 13.48 9.02
C LYS A 49 -1.63 14.75 8.20
N ASP A 50 -0.84 14.70 7.12
CA ASP A 50 -0.62 15.84 6.26
C ASP A 50 -1.88 16.17 5.47
N LYS A 51 -2.60 17.13 5.98
CA LYS A 51 -3.88 17.52 5.40
C LYS A 51 -3.78 18.84 4.69
N VAL A 52 -2.59 19.36 4.66
CA VAL A 52 -2.35 20.63 4.02
C VAL A 52 -2.21 20.49 2.51
N HIS A 53 -3.31 20.13 1.90
CA HIS A 53 -3.38 19.89 0.48
C HIS A 53 -3.62 21.18 -0.25
N LYS A 54 -2.73 21.50 -1.15
CA LYS A 54 -2.84 22.69 -1.96
C LYS A 54 -3.90 22.50 -3.01
N LEU A 55 -4.91 23.31 -2.93
CA LEU A 55 -5.95 23.31 -3.93
C LEU A 55 -5.72 24.49 -4.84
N GLU A 56 -5.37 24.22 -6.06
CA GLU A 56 -5.12 25.27 -7.02
C GLU A 56 -6.44 25.83 -7.47
N HIS A 57 -7.31 24.96 -7.92
CA HIS A 57 -8.63 25.35 -8.26
C HIS A 57 -9.49 25.23 -7.04
N HIS A 58 -10.21 26.26 -6.74
CA HIS A 58 -11.01 26.28 -5.55
C HIS A 58 -12.45 26.58 -5.92
N HIS A 59 -13.31 25.60 -5.68
CA HIS A 59 -14.75 25.64 -5.96
C HIS A 59 -15.01 25.45 -7.45
N HIS A 60 -14.60 26.41 -8.24
CA HIS A 60 -14.77 26.33 -9.67
C HIS A 60 -13.50 25.81 -10.31
N HIS A 61 -13.66 24.91 -11.23
CA HIS A 61 -12.52 24.27 -11.89
C HIS A 61 -11.93 25.17 -12.97
N HIS A 62 -12.69 26.15 -13.39
CA HIS A 62 -12.28 27.03 -14.45
C HIS A 62 -12.63 28.42 -14.02
N MET B 1 1.36 -17.15 -15.98
CA MET B 1 0.57 -16.26 -16.85
C MET B 1 -0.65 -15.77 -16.12
N GLU B 2 -1.28 -16.67 -15.40
CA GLU B 2 -2.44 -16.42 -14.60
C GLU B 2 -2.20 -15.28 -13.61
N MET B 3 -2.91 -14.21 -13.82
CA MET B 3 -2.76 -13.04 -12.99
C MET B 3 -3.69 -13.09 -11.81
N GLY B 4 -4.60 -14.05 -11.83
CA GLY B 4 -5.50 -14.24 -10.70
C GLY B 4 -4.72 -14.66 -9.48
N GLN B 5 -3.78 -15.56 -9.68
CA GLN B 5 -2.94 -16.04 -8.61
C GLN B 5 -1.95 -14.97 -8.18
N LEU B 6 -1.54 -14.16 -9.13
CA LEU B 6 -0.63 -13.06 -8.88
C LEU B 6 -1.35 -12.01 -8.02
N LYS B 7 -2.60 -11.71 -8.39
CA LYS B 7 -3.43 -10.81 -7.64
C LYS B 7 -3.73 -11.35 -6.26
N ASN B 8 -3.89 -12.66 -6.19
CA ASN B 8 -4.12 -13.37 -4.93
C ASN B 8 -2.95 -13.13 -3.97
N LYS B 9 -1.76 -13.04 -4.52
CA LYS B 9 -0.56 -12.75 -3.76
C LYS B 9 -0.53 -11.29 -3.37
N ILE B 10 -0.86 -10.41 -4.32
CA ILE B 10 -0.92 -8.97 -4.08
C ILE B 10 -1.88 -8.67 -2.93
N GLU B 11 -3.07 -9.25 -3.01
CA GLU B 11 -4.08 -9.07 -1.97
C GLU B 11 -3.58 -9.52 -0.62
N ASN B 12 -3.06 -10.73 -0.59
CA ASN B 12 -2.58 -11.33 0.65
C ASN B 12 -1.46 -10.47 1.25
N LYS B 13 -0.50 -10.08 0.43
CA LYS B 13 0.66 -9.29 0.88
C LYS B 13 0.21 -7.92 1.37
N LYS B 14 -0.71 -7.32 0.63
CA LYS B 14 -1.30 -6.03 0.94
C LYS B 14 -1.91 -6.10 2.33
N LYS B 15 -2.67 -7.14 2.55
CA LYS B 15 -3.37 -7.37 3.81
C LYS B 15 -2.39 -7.72 4.93
N GLU B 16 -1.29 -8.41 4.59
CA GLU B 16 -0.23 -8.69 5.56
C GLU B 16 0.33 -7.38 6.08
N LEU B 17 0.51 -6.45 5.16
CA LEU B 17 0.99 -5.12 5.46
C LEU B 17 -0.03 -4.36 6.29
N ILE B 18 -1.27 -4.38 5.82
CA ILE B 18 -2.38 -3.67 6.49
C ILE B 18 -2.47 -4.09 7.94
N GLN B 19 -2.38 -5.39 8.19
CA GLN B 19 -2.43 -5.93 9.54
C GLN B 19 -1.26 -5.40 10.40
N LEU B 20 -0.14 -5.09 9.76
CA LEU B 20 1.01 -4.53 10.45
C LEU B 20 0.80 -3.04 10.74
N VAL B 21 0.36 -2.29 9.71
CA VAL B 21 0.05 -0.87 9.88
C VAL B 21 -1.09 -0.69 10.92
N ALA B 22 -2.04 -1.60 10.88
CA ALA B 22 -3.20 -1.62 11.76
C ALA B 22 -2.81 -1.82 13.21
N ARG B 23 -1.97 -2.82 13.47
CA ARG B 23 -1.56 -3.16 14.84
C ARG B 23 -0.69 -2.09 15.46
N HIS B 24 -0.19 -1.19 14.63
CA HIS B 24 0.64 -0.11 15.09
C HIS B 24 -0.15 0.91 15.95
N GLY B 25 -1.45 0.98 15.75
CA GLY B 25 -2.23 1.92 16.52
C GLY B 25 -3.50 2.31 15.84
N LEU B 26 -3.60 2.00 14.57
CA LEU B 26 -4.77 2.24 13.81
C LEU B 26 -5.98 1.60 14.41
N ASP B 27 -7.03 2.36 14.44
CA ASP B 27 -8.30 1.88 14.94
C ASP B 27 -9.02 1.18 13.83
N HIS B 28 -10.16 0.62 14.11
CA HIS B 28 -10.90 -0.17 13.13
C HIS B 28 -11.27 0.63 11.89
N ASP B 29 -11.69 1.86 12.08
CA ASP B 29 -12.06 2.74 10.98
C ASP B 29 -10.83 3.09 10.15
N LYS B 30 -9.71 3.27 10.84
CA LYS B 30 -8.42 3.55 10.21
C LYS B 30 -8.01 2.41 9.28
N VAL B 31 -8.19 1.17 9.75
CA VAL B 31 -7.84 -0.01 8.98
C VAL B 31 -8.71 -0.08 7.74
N LEU B 32 -9.99 0.20 7.91
CA LEU B 32 -10.94 0.19 6.81
C LEU B 32 -10.56 1.22 5.76
N LEU B 33 -10.25 2.42 6.20
CA LEU B 33 -9.85 3.51 5.30
C LEU B 33 -8.56 3.16 4.58
N PHE B 34 -7.57 2.76 5.34
CA PHE B 34 -6.27 2.44 4.80
C PHE B 34 -6.35 1.31 3.78
N SER B 35 -7.06 0.24 4.10
CA SER B 35 -7.17 -0.91 3.23
C SER B 35 -7.84 -0.58 1.89
N ARG B 36 -8.93 0.18 1.95
CA ARG B 36 -9.68 0.50 0.76
C ARG B 36 -8.95 1.51 -0.13
N ASP B 37 -8.26 2.44 0.50
CA ASP B 37 -7.58 3.48 -0.26
C ASP B 37 -6.27 2.94 -0.84
N LEU B 38 -5.69 1.98 -0.13
CA LEU B 38 -4.51 1.25 -0.59
C LEU B 38 -4.86 0.38 -1.79
N ASP B 39 -5.97 -0.33 -1.68
CA ASP B 39 -6.46 -1.21 -2.76
C ASP B 39 -6.60 -0.41 -4.05
N LYS B 40 -7.25 0.71 -3.92
CA LYS B 40 -7.50 1.67 -4.94
C LYS B 40 -6.21 2.13 -5.62
N LEU B 41 -5.20 2.41 -4.80
CA LEU B 41 -3.91 2.88 -5.29
C LEU B 41 -3.23 1.80 -6.11
N ILE B 42 -3.35 0.57 -5.66
CA ILE B 42 -2.76 -0.55 -6.36
C ILE B 42 -3.43 -0.71 -7.71
N ASN B 43 -4.76 -0.84 -7.70
CA ASN B 43 -5.60 -0.95 -8.94
C ASN B 43 -5.24 0.14 -9.93
N LYS B 44 -4.99 1.34 -9.42
CA LYS B 44 -4.61 2.51 -10.21
C LYS B 44 -3.37 2.22 -11.03
N PHE B 45 -2.34 1.73 -10.37
CA PHE B 45 -1.08 1.47 -11.01
C PHE B 45 -1.09 0.19 -11.82
N MET B 46 -1.88 -0.77 -11.39
CA MET B 46 -2.02 -2.04 -12.12
C MET B 46 -2.70 -1.77 -13.45
N ASN B 47 -3.58 -0.75 -13.40
CA ASN B 47 -4.47 -0.31 -14.49
C ASN B 47 -5.65 -1.28 -14.58
N VAL B 48 -5.59 -2.26 -13.73
CA VAL B 48 -6.59 -3.27 -13.59
C VAL B 48 -7.52 -2.80 -12.54
N LYS B 49 -8.49 -2.15 -13.00
CA LYS B 49 -9.50 -1.55 -12.20
C LYS B 49 -10.81 -2.12 -12.66
N ASP B 50 -10.66 -3.35 -13.15
CA ASP B 50 -11.64 -4.18 -13.80
C ASP B 50 -11.81 -3.74 -15.24
N LYS B 51 -12.61 -4.44 -15.99
CA LYS B 51 -12.73 -4.20 -17.42
C LYS B 51 -13.84 -3.20 -17.73
N VAL B 52 -14.26 -2.52 -16.72
CA VAL B 52 -15.27 -1.51 -16.78
C VAL B 52 -14.76 -0.29 -16.01
N HIS B 53 -15.46 0.79 -16.15
CA HIS B 53 -15.17 1.99 -15.40
C HIS B 53 -16.43 2.46 -14.71
N LYS B 54 -16.68 1.85 -13.58
CA LYS B 54 -17.90 2.06 -12.86
C LYS B 54 -17.98 3.44 -12.27
N LEU B 55 -19.05 4.15 -12.60
CA LEU B 55 -19.31 5.39 -11.95
C LEU B 55 -19.73 5.07 -10.52
N GLU B 56 -19.13 5.71 -9.59
CA GLU B 56 -19.39 5.46 -8.22
C GLU B 56 -19.68 6.75 -7.48
N HIS B 57 -18.85 7.76 -7.68
CA HIS B 57 -19.06 9.02 -6.97
C HIS B 57 -18.72 10.20 -7.90
N HIS B 58 -17.44 10.59 -7.95
CA HIS B 58 -17.04 11.65 -8.88
C HIS B 58 -16.74 11.01 -10.23
N HIS B 59 -16.07 9.91 -10.14
CA HIS B 59 -15.82 9.02 -11.23
C HIS B 59 -15.96 7.66 -10.62
N HIS B 60 -14.93 7.22 -9.95
CA HIS B 60 -14.99 6.01 -9.21
C HIS B 60 -14.87 6.42 -7.73
N HIS B 61 -14.94 5.45 -6.84
CA HIS B 61 -14.86 5.69 -5.42
C HIS B 61 -14.78 4.35 -4.73
N HIS B 62 -13.96 4.27 -3.74
CA HIS B 62 -13.82 3.10 -2.94
C HIS B 62 -13.37 3.57 -1.59
N MET A 1 7.57 -5.04 21.89
CA MET A 1 7.52 -4.88 20.45
C MET A 1 7.31 -3.44 20.17
N GLU A 2 8.37 -2.78 19.78
CA GLU A 2 8.36 -1.36 19.62
C GLU A 2 8.09 -0.98 18.19
N MET A 3 7.65 0.27 18.00
CA MET A 3 7.27 0.76 16.68
C MET A 3 8.41 0.71 15.68
N GLY A 4 9.63 0.70 16.16
CA GLY A 4 10.78 0.60 15.26
C GLY A 4 10.83 -0.76 14.60
N GLN A 5 10.66 -1.80 15.41
CA GLN A 5 10.66 -3.19 14.94
C GLN A 5 9.43 -3.42 14.08
N LEU A 6 8.34 -2.80 14.49
CA LEU A 6 7.09 -2.89 13.79
C LEU A 6 7.21 -2.24 12.41
N LYS A 7 7.83 -1.07 12.35
CA LYS A 7 8.09 -0.36 11.10
C LYS A 7 8.99 -1.16 10.21
N ASN A 8 9.94 -1.86 10.81
CA ASN A 8 10.87 -2.72 10.09
C ASN A 8 10.06 -3.80 9.33
N LYS A 9 9.07 -4.37 10.02
CA LYS A 9 8.18 -5.36 9.42
C LYS A 9 7.32 -4.74 8.34
N ILE A 10 6.81 -3.52 8.60
CA ILE A 10 6.00 -2.78 7.64
C ILE A 10 6.77 -2.58 6.35
N GLU A 11 7.99 -2.08 6.46
CA GLU A 11 8.85 -1.84 5.31
C GLU A 11 9.04 -3.09 4.49
N ASN A 12 9.45 -4.16 5.15
CA ASN A 12 9.71 -5.42 4.51
C ASN A 12 8.49 -5.96 3.80
N LYS A 13 7.34 -5.92 4.45
CA LYS A 13 6.12 -6.46 3.91
C LYS A 13 5.62 -5.59 2.75
N LYS A 14 5.77 -4.29 2.90
CA LYS A 14 5.42 -3.31 1.87
C LYS A 14 6.27 -3.55 0.62
N LYS A 15 7.55 -3.73 0.85
CA LYS A 15 8.53 -3.97 -0.21
C LYS A 15 8.24 -5.28 -0.94
N GLU A 16 7.84 -6.32 -0.20
CA GLU A 16 7.45 -7.58 -0.79
C GLU A 16 6.25 -7.35 -1.74
N LEU A 17 5.37 -6.45 -1.33
CA LEU A 17 4.19 -6.09 -2.11
C LEU A 17 4.59 -5.32 -3.34
N ILE A 18 5.44 -4.32 -3.16
CA ILE A 18 5.90 -3.48 -4.26
C ILE A 18 6.49 -4.34 -5.36
N GLN A 19 7.25 -5.35 -4.96
CA GLN A 19 7.83 -6.30 -5.91
C GLN A 19 6.72 -6.98 -6.73
N LEU A 20 5.66 -7.36 -6.05
CA LEU A 20 4.53 -8.02 -6.68
C LEU A 20 3.80 -7.07 -7.64
N VAL A 21 3.49 -5.85 -7.19
CA VAL A 21 2.83 -4.87 -8.04
C VAL A 21 3.74 -4.46 -9.22
N ALA A 22 5.03 -4.40 -8.95
CA ALA A 22 6.02 -4.05 -9.96
C ALA A 22 6.12 -5.10 -11.04
N ARG A 23 6.27 -6.36 -10.62
CA ARG A 23 6.41 -7.49 -11.54
C ARG A 23 5.14 -7.71 -12.34
N HIS A 24 4.01 -7.16 -11.85
CA HIS A 24 2.77 -7.19 -12.59
C HIS A 24 2.96 -6.55 -13.96
N GLY A 25 3.46 -5.33 -13.95
CA GLY A 25 3.68 -4.63 -15.18
C GLY A 25 3.93 -3.16 -14.96
N LEU A 26 4.73 -2.82 -13.96
CA LEU A 26 5.10 -1.43 -13.75
C LEU A 26 6.47 -1.17 -14.24
N ASP A 27 6.64 -0.01 -14.77
CA ASP A 27 7.95 0.42 -15.23
C ASP A 27 8.66 1.02 -14.04
N HIS A 28 9.89 1.43 -14.24
CA HIS A 28 10.70 1.96 -13.16
C HIS A 28 10.03 3.17 -12.54
N ASP A 29 9.39 3.99 -13.38
CA ASP A 29 8.72 5.20 -12.92
C ASP A 29 7.53 4.84 -12.07
N LYS A 30 6.83 3.81 -12.48
CA LYS A 30 5.65 3.39 -11.75
C LYS A 30 5.99 2.82 -10.40
N VAL A 31 7.03 2.00 -10.34
CA VAL A 31 7.48 1.42 -9.08
C VAL A 31 7.90 2.54 -8.12
N LEU A 32 8.54 3.57 -8.67
CA LEU A 32 8.96 4.71 -7.87
C LEU A 32 7.74 5.45 -7.35
N LEU A 33 6.84 5.82 -8.23
CA LEU A 33 5.64 6.57 -7.85
C LEU A 33 4.78 5.80 -6.88
N PHE A 34 4.64 4.52 -7.14
CA PHE A 34 3.86 3.66 -6.30
C PHE A 34 4.48 3.56 -4.90
N SER A 35 5.79 3.35 -4.83
CA SER A 35 6.45 3.24 -3.54
C SER A 35 6.42 4.59 -2.81
N ARG A 36 6.47 5.68 -3.56
CA ARG A 36 6.39 7.03 -3.02
C ARG A 36 5.04 7.27 -2.39
N ASP A 37 4.01 7.09 -3.18
CA ASP A 37 2.68 7.46 -2.76
C ASP A 37 2.12 6.51 -1.73
N LEU A 38 2.48 5.24 -1.83
CA LEU A 38 2.04 4.25 -0.88
C LEU A 38 2.75 4.46 0.45
N ASP A 39 4.02 4.86 0.40
CA ASP A 39 4.77 5.11 1.64
C ASP A 39 4.17 6.29 2.36
N LYS A 40 3.81 7.31 1.58
CA LYS A 40 3.10 8.49 2.07
C LYS A 40 1.79 8.09 2.71
N LEU A 41 1.09 7.20 2.05
CA LEU A 41 -0.19 6.72 2.49
C LEU A 41 -0.09 5.99 3.82
N ILE A 42 0.91 5.15 3.96
CA ILE A 42 1.16 4.47 5.21
C ILE A 42 1.41 5.50 6.29
N ASN A 43 2.36 6.40 6.05
CA ASN A 43 2.71 7.47 7.00
C ASN A 43 1.51 8.32 7.39
N LYS A 44 0.63 8.56 6.41
CA LYS A 44 -0.59 9.37 6.59
C LYS A 44 -1.41 8.76 7.71
N PHE A 45 -1.51 7.47 7.68
CA PHE A 45 -2.26 6.74 8.66
C PHE A 45 -1.49 6.42 9.91
N MET A 46 -0.18 6.29 9.79
CA MET A 46 0.66 5.96 10.93
C MET A 46 0.54 7.00 11.98
N ASN A 47 0.79 8.28 11.59
CA ASN A 47 0.76 9.43 12.54
C ASN A 47 1.34 10.71 11.93
N VAL A 48 1.48 10.78 10.65
CA VAL A 48 1.99 12.00 10.10
C VAL A 48 0.84 12.89 9.69
N LYS A 49 0.81 14.03 10.28
CA LYS A 49 -0.22 14.97 9.98
C LYS A 49 0.42 16.15 9.32
N ASP A 50 0.48 16.06 8.03
CA ASP A 50 1.12 17.05 7.21
C ASP A 50 0.09 17.57 6.26
N LYS A 51 0.15 18.83 5.97
CA LYS A 51 -0.80 19.40 5.05
C LYS A 51 -0.20 19.53 3.67
N VAL A 52 0.78 18.66 3.42
CA VAL A 52 1.44 18.58 2.13
C VAL A 52 0.54 17.88 1.12
N HIS A 53 -0.60 17.42 1.58
CA HIS A 53 -1.57 16.79 0.73
C HIS A 53 -2.39 17.88 0.08
N LYS A 54 -2.74 17.68 -1.16
CA LYS A 54 -3.44 18.70 -1.93
C LYS A 54 -4.93 18.69 -1.65
N LEU A 55 -5.45 19.84 -1.31
CA LEU A 55 -6.87 20.04 -1.16
C LEU A 55 -7.33 20.89 -2.32
N GLU A 56 -8.59 20.83 -2.65
CA GLU A 56 -9.09 21.60 -3.77
C GLU A 56 -9.43 23.02 -3.27
N HIS A 57 -9.53 23.94 -4.21
CA HIS A 57 -9.85 25.34 -3.95
C HIS A 57 -11.30 25.45 -3.49
N HIS A 58 -12.17 24.77 -4.20
CA HIS A 58 -13.59 24.83 -3.91
C HIS A 58 -14.21 23.45 -4.11
N HIS A 59 -13.98 22.88 -5.28
CA HIS A 59 -14.44 21.53 -5.68
C HIS A 59 -15.97 21.46 -5.88
N HIS A 60 -16.38 20.67 -6.83
CA HIS A 60 -17.79 20.46 -7.13
C HIS A 60 -18.44 19.57 -6.10
N HIS A 61 -19.33 20.13 -5.34
CA HIS A 61 -20.06 19.36 -4.38
C HIS A 61 -21.28 18.83 -5.08
N HIS A 62 -21.61 17.59 -4.86
CA HIS A 62 -22.71 16.99 -5.52
C HIS A 62 -23.97 17.24 -4.71
N MET B 1 2.09 -19.43 -13.61
CA MET B 1 1.88 -18.62 -14.83
C MET B 1 0.69 -17.68 -14.67
N GLU B 2 -0.26 -18.08 -13.85
CA GLU B 2 -1.50 -17.37 -13.62
C GLU B 2 -1.24 -15.97 -13.09
N MET B 3 -1.71 -14.97 -13.80
CA MET B 3 -1.59 -13.61 -13.34
C MET B 3 -2.60 -13.34 -12.25
N GLY B 4 -3.65 -14.16 -12.24
CA GLY B 4 -4.67 -14.07 -11.22
C GLY B 4 -4.11 -14.42 -9.86
N GLN B 5 -3.22 -15.41 -9.83
CA GLN B 5 -2.56 -15.81 -8.60
C GLN B 5 -1.60 -14.73 -8.14
N LEU B 6 -0.96 -14.10 -9.11
CA LEU B 6 -0.05 -12.99 -8.84
C LEU B 6 -0.83 -11.86 -8.19
N LYS B 7 -1.96 -11.52 -8.77
CA LYS B 7 -2.82 -10.48 -8.28
C LYS B 7 -3.37 -10.85 -6.89
N ASN B 8 -3.63 -12.14 -6.71
CA ASN B 8 -4.11 -12.67 -5.45
C ASN B 8 -3.03 -12.51 -4.36
N LYS B 9 -1.77 -12.74 -4.75
CA LYS B 9 -0.62 -12.57 -3.84
C LYS B 9 -0.45 -11.10 -3.49
N ILE B 10 -0.68 -10.23 -4.48
CA ILE B 10 -0.64 -8.79 -4.26
C ILE B 10 -1.61 -8.42 -3.16
N GLU B 11 -2.83 -8.91 -3.29
CA GLU B 11 -3.85 -8.68 -2.29
C GLU B 11 -3.41 -9.26 -0.96
N ASN B 12 -2.87 -10.45 -1.00
CA ASN B 12 -2.39 -11.19 0.17
C ASN B 12 -1.36 -10.38 0.95
N LYS B 13 -0.33 -9.96 0.24
CA LYS B 13 0.79 -9.26 0.79
C LYS B 13 0.38 -7.89 1.33
N LYS B 14 -0.42 -7.19 0.55
CA LYS B 14 -0.98 -5.93 0.91
C LYS B 14 -1.80 -6.08 2.20
N LYS B 15 -2.59 -7.15 2.29
CA LYS B 15 -3.39 -7.44 3.47
C LYS B 15 -2.51 -7.71 4.68
N GLU B 16 -1.37 -8.37 4.47
CA GLU B 16 -0.40 -8.57 5.53
C GLU B 16 0.11 -7.22 6.04
N LEU B 17 0.34 -6.33 5.09
CA LEU B 17 0.83 -5.01 5.37
C LEU B 17 -0.20 -4.18 6.12
N ILE B 18 -1.44 -4.23 5.66
CA ILE B 18 -2.53 -3.47 6.27
C ILE B 18 -2.62 -3.80 7.76
N GLN B 19 -2.48 -5.07 8.07
CA GLN B 19 -2.51 -5.55 9.45
C GLN B 19 -1.34 -4.97 10.25
N LEU B 20 -0.20 -4.80 9.60
CA LEU B 20 0.98 -4.26 10.23
C LEU B 20 0.82 -2.76 10.49
N VAL B 21 0.40 -2.00 9.46
CA VAL B 21 0.10 -0.58 9.65
C VAL B 21 -0.98 -0.41 10.73
N ALA B 22 -1.97 -1.29 10.70
CA ALA B 22 -3.07 -1.28 11.65
C ALA B 22 -2.56 -1.36 13.09
N ARG B 23 -1.77 -2.39 13.38
CA ARG B 23 -1.26 -2.65 14.72
C ARG B 23 -0.21 -1.61 15.16
N HIS B 24 0.15 -0.72 14.25
CA HIS B 24 1.02 0.39 14.56
C HIS B 24 0.31 1.32 15.55
N GLY B 25 -0.99 1.49 15.38
CA GLY B 25 -1.72 2.39 16.25
C GLY B 25 -2.96 2.95 15.61
N LEU B 26 -3.29 2.48 14.43
CA LEU B 26 -4.48 2.86 13.75
C LEU B 26 -5.75 2.45 14.46
N ASP B 27 -6.76 3.24 14.23
CA ASP B 27 -8.12 2.94 14.66
C ASP B 27 -8.64 1.88 13.71
N HIS B 28 -9.69 1.21 14.07
CA HIS B 28 -10.24 0.21 13.17
C HIS B 28 -10.84 0.85 11.92
N ASP B 29 -11.34 2.08 12.06
CA ASP B 29 -11.82 2.85 10.91
C ASP B 29 -10.66 3.23 10.03
N LYS B 30 -9.53 3.50 10.67
CA LYS B 30 -8.30 3.85 9.97
C LYS B 30 -7.86 2.70 9.09
N VAL B 31 -7.97 1.49 9.60
CA VAL B 31 -7.60 0.28 8.88
C VAL B 31 -8.48 0.15 7.63
N LEU B 32 -9.75 0.42 7.81
CA LEU B 32 -10.74 0.33 6.75
C LEU B 32 -10.46 1.38 5.69
N LEU B 33 -10.21 2.58 6.10
CA LEU B 33 -9.96 3.65 5.17
C LEU B 33 -8.61 3.46 4.48
N PHE B 34 -7.62 3.02 5.23
CA PHE B 34 -6.29 2.75 4.71
C PHE B 34 -6.33 1.67 3.63
N SER B 35 -7.01 0.57 3.94
CA SER B 35 -7.11 -0.55 3.02
C SER B 35 -7.78 -0.15 1.72
N ARG B 36 -8.77 0.73 1.82
CA ARG B 36 -9.51 1.24 0.67
C ARG B 36 -8.65 2.18 -0.16
N ASP B 37 -8.06 3.14 0.51
CA ASP B 37 -7.27 4.19 -0.15
C ASP B 37 -6.04 3.59 -0.82
N LEU B 38 -5.47 2.58 -0.19
CA LEU B 38 -4.31 1.89 -0.73
C LEU B 38 -4.73 0.91 -1.83
N ASP B 39 -5.93 0.38 -1.71
CA ASP B 39 -6.45 -0.56 -2.71
C ASP B 39 -6.68 0.18 -4.01
N LYS B 40 -7.21 1.39 -3.91
CA LYS B 40 -7.40 2.26 -5.05
C LYS B 40 -6.07 2.59 -5.70
N LEU B 41 -5.08 2.88 -4.87
CA LEU B 41 -3.72 3.18 -5.30
C LEU B 41 -3.15 2.01 -6.09
N ILE B 42 -3.35 0.81 -5.60
CA ILE B 42 -2.90 -0.37 -6.28
C ILE B 42 -3.65 -0.57 -7.59
N ASN B 43 -4.98 -0.55 -7.54
CA ASN B 43 -5.82 -0.75 -8.75
C ASN B 43 -5.52 0.27 -9.83
N LYS B 44 -5.11 1.46 -9.41
CA LYS B 44 -4.73 2.52 -10.31
C LYS B 44 -3.48 2.11 -11.10
N PHE B 45 -2.45 1.67 -10.37
CA PHE B 45 -1.18 1.26 -10.98
C PHE B 45 -1.27 -0.09 -11.71
N MET B 46 -2.12 -0.97 -11.21
CA MET B 46 -2.41 -2.28 -11.84
C MET B 46 -3.12 -2.04 -13.15
N ASN B 47 -3.79 -0.90 -13.19
CA ASN B 47 -4.59 -0.43 -14.30
C ASN B 47 -5.65 -1.46 -14.63
N VAL B 48 -6.57 -1.59 -13.71
CA VAL B 48 -7.62 -2.54 -13.79
C VAL B 48 -8.67 -2.02 -14.69
N LYS B 49 -9.13 -2.86 -15.51
CA LYS B 49 -10.04 -2.49 -16.49
C LYS B 49 -11.41 -2.96 -16.12
N ASP B 50 -12.13 -2.04 -15.55
CA ASP B 50 -13.48 -2.24 -15.12
C ASP B 50 -14.38 -2.64 -16.28
N LYS B 51 -15.00 -3.78 -16.11
CA LYS B 51 -15.81 -4.40 -17.14
C LYS B 51 -17.27 -4.00 -17.01
N VAL B 52 -17.52 -2.87 -16.40
CA VAL B 52 -18.85 -2.36 -16.26
C VAL B 52 -19.28 -1.69 -17.56
N HIS B 53 -20.55 -1.38 -17.68
CA HIS B 53 -21.08 -0.75 -18.89
C HIS B 53 -21.23 0.74 -18.69
N LYS B 54 -20.42 1.24 -17.81
CA LYS B 54 -20.34 2.64 -17.54
C LYS B 54 -18.88 3.00 -17.59
N LEU B 55 -18.45 3.38 -18.75
CA LEU B 55 -17.08 3.72 -18.99
C LEU B 55 -16.86 5.18 -18.70
N GLU B 56 -15.65 5.54 -18.39
CA GLU B 56 -15.31 6.92 -18.17
C GLU B 56 -15.08 7.57 -19.51
N HIS B 57 -14.06 7.05 -20.21
CA HIS B 57 -13.59 7.52 -21.51
C HIS B 57 -13.16 8.98 -21.39
N HIS B 58 -14.12 9.87 -21.48
CA HIS B 58 -13.88 11.26 -21.36
C HIS B 58 -14.86 11.77 -20.33
N HIS B 59 -14.50 11.67 -19.09
CA HIS B 59 -15.34 12.16 -18.04
C HIS B 59 -14.70 13.41 -17.47
N HIS B 60 -14.75 14.45 -18.28
CA HIS B 60 -14.16 15.72 -17.97
C HIS B 60 -15.09 16.76 -18.54
N HIS B 61 -15.79 17.46 -17.70
CA HIS B 61 -16.75 18.44 -18.15
C HIS B 61 -16.91 19.57 -17.16
N HIS B 62 -16.99 20.75 -17.70
CA HIS B 62 -17.23 21.97 -16.97
C HIS B 62 -17.64 23.00 -17.99
N MET A 1 6.75 -1.99 23.33
CA MET A 1 6.67 -2.69 22.07
C MET A 1 7.68 -2.12 21.11
N GLU A 2 8.38 -2.97 20.44
CA GLU A 2 9.36 -2.54 19.49
C GLU A 2 8.67 -2.10 18.22
N MET A 3 8.44 -0.82 18.12
CA MET A 3 7.75 -0.28 16.99
C MET A 3 8.73 0.05 15.87
N GLY A 4 10.01 0.10 16.21
CA GLY A 4 11.02 0.39 15.23
C GLY A 4 11.18 -0.75 14.27
N GLN A 5 11.33 -1.94 14.81
CA GLN A 5 11.45 -3.13 14.00
C GLN A 5 10.13 -3.46 13.32
N LEU A 6 9.03 -3.10 13.98
CA LEU A 6 7.68 -3.22 13.44
C LEU A 6 7.56 -2.37 12.19
N LYS A 7 8.05 -1.14 12.25
CA LYS A 7 8.05 -0.23 11.12
C LYS A 7 8.88 -0.82 10.00
N ASN A 8 9.99 -1.43 10.36
CA ASN A 8 10.86 -2.07 9.41
C ASN A 8 10.18 -3.30 8.77
N LYS A 9 9.36 -4.00 9.55
CA LYS A 9 8.52 -5.12 9.05
C LYS A 9 7.53 -4.56 8.03
N ILE A 10 6.92 -3.44 8.38
CA ILE A 10 5.99 -2.74 7.52
C ILE A 10 6.66 -2.36 6.20
N GLU A 11 7.83 -1.73 6.31
CA GLU A 11 8.63 -1.36 5.15
C GLU A 11 8.87 -2.57 4.27
N ASN A 12 9.36 -3.62 4.88
CA ASN A 12 9.70 -4.84 4.19
C ASN A 12 8.47 -5.47 3.52
N LYS A 13 7.36 -5.50 4.23
CA LYS A 13 6.12 -6.10 3.71
C LYS A 13 5.57 -5.26 2.54
N LYS A 14 5.65 -3.96 2.70
CA LYS A 14 5.31 -2.99 1.68
C LYS A 14 6.15 -3.26 0.45
N LYS A 15 7.44 -3.42 0.66
CA LYS A 15 8.40 -3.69 -0.39
C LYS A 15 8.17 -5.06 -1.05
N GLU A 16 7.75 -6.04 -0.26
CA GLU A 16 7.30 -7.34 -0.79
C GLU A 16 6.13 -7.11 -1.77
N LEU A 17 5.20 -6.29 -1.34
CA LEU A 17 4.02 -5.96 -2.12
C LEU A 17 4.38 -5.19 -3.37
N ILE A 18 5.22 -4.20 -3.23
CA ILE A 18 5.63 -3.35 -4.35
C ILE A 18 6.18 -4.22 -5.47
N GLN A 19 6.96 -5.22 -5.12
CA GLN A 19 7.54 -6.15 -6.08
C GLN A 19 6.44 -6.94 -6.80
N LEU A 20 5.37 -7.25 -6.09
CA LEU A 20 4.27 -7.99 -6.65
C LEU A 20 3.45 -7.11 -7.60
N VAL A 21 3.11 -5.89 -7.16
CA VAL A 21 2.41 -4.95 -8.06
C VAL A 21 3.29 -4.63 -9.27
N ALA A 22 4.60 -4.50 -9.04
CA ALA A 22 5.56 -4.19 -10.08
C ALA A 22 5.54 -5.22 -11.20
N ARG A 23 5.66 -6.48 -10.83
CA ARG A 23 5.70 -7.60 -11.78
C ARG A 23 4.37 -7.77 -12.52
N HIS A 24 3.30 -7.20 -11.97
CA HIS A 24 2.00 -7.21 -12.61
C HIS A 24 2.06 -6.53 -13.99
N GLY A 25 2.92 -5.53 -14.14
CA GLY A 25 2.98 -4.84 -15.41
C GLY A 25 3.56 -3.46 -15.31
N LEU A 26 3.72 -2.97 -14.11
CA LEU A 26 4.31 -1.68 -13.85
C LEU A 26 5.75 -1.60 -14.30
N ASP A 27 6.12 -0.43 -14.72
CA ASP A 27 7.49 -0.16 -15.11
C ASP A 27 8.19 0.42 -13.91
N HIS A 28 9.44 0.72 -14.05
CA HIS A 28 10.29 1.24 -13.00
C HIS A 28 9.71 2.52 -12.45
N ASP A 29 9.20 3.36 -13.33
CA ASP A 29 8.68 4.64 -12.92
C ASP A 29 7.37 4.50 -12.23
N LYS A 30 6.59 3.52 -12.66
CA LYS A 30 5.33 3.24 -11.99
C LYS A 30 5.62 2.76 -10.59
N VAL A 31 6.66 1.95 -10.45
CA VAL A 31 7.08 1.41 -9.18
C VAL A 31 7.53 2.54 -8.25
N LEU A 32 8.30 3.47 -8.80
CA LEU A 32 8.76 4.64 -8.06
C LEU A 32 7.58 5.47 -7.58
N LEU A 33 6.71 5.84 -8.48
CA LEU A 33 5.53 6.65 -8.17
C LEU A 33 4.64 5.94 -7.16
N PHE A 34 4.41 4.65 -7.40
CA PHE A 34 3.59 3.83 -6.53
C PHE A 34 4.18 3.77 -5.13
N SER A 35 5.45 3.42 -5.02
CA SER A 35 6.10 3.27 -3.73
C SER A 35 6.11 4.59 -2.94
N ARG A 36 6.26 5.70 -3.65
CA ARG A 36 6.24 7.01 -3.01
C ARG A 36 4.86 7.31 -2.45
N ASP A 37 3.84 7.15 -3.28
CA ASP A 37 2.47 7.48 -2.88
C ASP A 37 1.97 6.50 -1.83
N LEU A 38 2.41 5.26 -1.95
CA LEU A 38 2.13 4.21 -1.00
C LEU A 38 2.73 4.53 0.35
N ASP A 39 4.00 4.90 0.37
CA ASP A 39 4.70 5.22 1.60
C ASP A 39 4.05 6.45 2.24
N LYS A 40 3.73 7.39 1.41
CA LYS A 40 3.05 8.60 1.76
C LYS A 40 1.67 8.29 2.39
N LEU A 41 1.00 7.29 1.86
CA LEU A 41 -0.29 6.85 2.39
C LEU A 41 -0.08 6.19 3.74
N ILE A 42 0.99 5.44 3.83
CA ILE A 42 1.28 4.70 5.03
C ILE A 42 1.63 5.63 6.18
N ASN A 43 2.63 6.50 5.98
CA ASN A 43 3.05 7.49 7.01
C ASN A 43 1.87 8.32 7.49
N LYS A 44 0.95 8.60 6.56
CA LYS A 44 -0.26 9.37 6.84
C LYS A 44 -1.09 8.69 7.94
N PHE A 45 -1.28 7.41 7.78
CA PHE A 45 -2.08 6.64 8.72
C PHE A 45 -1.30 6.23 9.93
N MET A 46 -0.02 6.01 9.78
CA MET A 46 0.80 5.61 10.93
C MET A 46 0.91 6.77 11.88
N ASN A 47 1.03 7.95 11.27
CA ASN A 47 1.29 9.21 11.92
C ASN A 47 2.67 9.17 12.52
N VAL A 48 3.62 9.07 11.63
CA VAL A 48 4.99 9.07 11.93
C VAL A 48 5.53 10.09 11.06
N LYS A 49 6.56 10.76 11.56
CA LYS A 49 7.10 11.95 10.96
C LYS A 49 6.03 13.08 11.05
N ASP A 50 5.02 12.79 11.91
CA ASP A 50 3.79 13.56 12.14
C ASP A 50 3.02 13.73 10.82
N LYS A 51 1.96 14.49 10.86
CA LYS A 51 1.10 14.73 9.71
C LYS A 51 1.50 16.01 9.02
N VAL A 52 2.64 16.50 9.40
CA VAL A 52 3.18 17.72 8.88
C VAL A 52 3.81 17.48 7.52
N HIS A 53 3.93 18.51 6.75
CA HIS A 53 4.54 18.39 5.46
C HIS A 53 6.00 18.78 5.50
N LYS A 54 6.82 17.81 5.70
CA LYS A 54 8.23 18.03 5.69
C LYS A 54 8.75 17.61 4.35
N LEU A 55 9.09 18.57 3.53
CA LEU A 55 9.71 18.26 2.28
C LEU A 55 11.09 17.73 2.58
N GLU A 56 11.47 16.71 1.93
CA GLU A 56 12.71 16.13 2.22
C GLU A 56 13.80 16.83 1.43
N HIS A 57 14.56 17.66 2.14
CA HIS A 57 15.65 18.41 1.55
C HIS A 57 16.73 17.46 1.14
N HIS A 58 17.00 16.56 2.04
CA HIS A 58 17.99 15.55 1.91
C HIS A 58 17.56 14.40 2.81
N HIS A 59 17.86 13.22 2.44
CA HIS A 59 17.43 12.06 3.19
C HIS A 59 18.59 11.16 3.53
N HIS A 60 18.29 10.15 4.33
CA HIS A 60 19.24 9.16 4.88
C HIS A 60 20.08 9.81 6.00
N HIS A 61 20.67 10.98 5.66
CA HIS A 61 21.47 11.82 6.58
C HIS A 61 22.72 11.05 7.01
N HIS A 62 23.24 10.30 6.08
CA HIS A 62 24.41 9.50 6.25
C HIS A 62 24.99 9.29 4.87
N MET B 1 -1.45 -16.57 -18.89
CA MET B 1 -0.25 -16.67 -18.05
C MET B 1 -0.68 -16.87 -16.62
N GLU B 2 0.23 -17.32 -15.79
CA GLU B 2 -0.05 -17.52 -14.38
C GLU B 2 -0.13 -16.16 -13.71
N MET B 3 -1.32 -15.73 -13.43
CA MET B 3 -1.51 -14.40 -12.85
C MET B 3 -2.61 -14.39 -11.81
N GLY B 4 -3.37 -15.47 -11.73
CA GLY B 4 -4.39 -15.58 -10.73
C GLY B 4 -3.75 -15.65 -9.37
N GLN B 5 -2.66 -16.40 -9.29
CA GLN B 5 -1.91 -16.55 -8.06
C GLN B 5 -1.17 -15.25 -7.72
N LEU B 6 -0.83 -14.51 -8.76
CA LEU B 6 -0.12 -13.26 -8.62
C LEU B 6 -1.05 -12.23 -7.99
N LYS B 7 -2.25 -12.13 -8.51
CA LYS B 7 -3.21 -11.17 -8.00
C LYS B 7 -3.64 -11.59 -6.60
N ASN B 8 -3.67 -12.90 -6.37
CA ASN B 8 -3.99 -13.46 -5.05
C ASN B 8 -2.96 -12.98 -4.05
N LYS B 9 -1.69 -13.05 -4.43
CA LYS B 9 -0.62 -12.62 -3.56
C LYS B 9 -0.56 -11.12 -3.39
N ILE B 10 -0.94 -10.35 -4.41
CA ILE B 10 -1.00 -8.89 -4.27
C ILE B 10 -2.00 -8.52 -3.17
N GLU B 11 -3.22 -9.05 -3.28
CA GLU B 11 -4.26 -8.83 -2.30
C GLU B 11 -3.80 -9.30 -0.93
N ASN B 12 -3.26 -10.50 -0.89
CA ASN B 12 -2.77 -11.11 0.33
C ASN B 12 -1.68 -10.26 0.99
N LYS B 13 -0.71 -9.81 0.20
CA LYS B 13 0.44 -9.06 0.72
C LYS B 13 -0.02 -7.69 1.22
N LYS B 14 -0.94 -7.10 0.49
CA LYS B 14 -1.58 -5.86 0.83
C LYS B 14 -2.20 -6.01 2.21
N LYS B 15 -2.98 -7.08 2.38
CA LYS B 15 -3.65 -7.37 3.65
C LYS B 15 -2.65 -7.68 4.76
N GLU B 16 -1.55 -8.38 4.42
CA GLU B 16 -0.46 -8.63 5.37
C GLU B 16 0.05 -7.32 5.92
N LEU B 17 0.24 -6.39 5.02
CA LEU B 17 0.74 -5.09 5.33
C LEU B 17 -0.28 -4.29 6.13
N ILE B 18 -1.53 -4.34 5.70
CA ILE B 18 -2.58 -3.60 6.38
C ILE B 18 -2.65 -3.99 7.83
N GLN B 19 -2.56 -5.28 8.11
CA GLN B 19 -2.56 -5.78 9.47
C GLN B 19 -1.35 -5.25 10.25
N LEU B 20 -0.25 -5.04 9.54
CA LEU B 20 0.94 -4.52 10.17
C LEU B 20 0.77 -3.04 10.53
N VAL B 21 0.31 -2.20 9.58
CA VAL B 21 0.06 -0.81 9.93
C VAL B 21 -1.09 -0.70 10.96
N ALA B 22 -2.00 -1.66 10.95
CA ALA B 22 -3.12 -1.66 11.86
C ALA B 22 -2.66 -1.92 13.28
N ARG B 23 -1.81 -2.93 13.45
CA ARG B 23 -1.28 -3.30 14.76
C ARG B 23 -0.30 -2.26 15.28
N HIS B 24 0.09 -1.33 14.40
CA HIS B 24 0.89 -0.17 14.78
C HIS B 24 0.10 0.68 15.77
N GLY B 25 -1.19 0.71 15.58
CA GLY B 25 -2.03 1.45 16.47
C GLY B 25 -3.14 2.17 15.77
N LEU B 26 -3.77 1.52 14.80
CA LEU B 26 -4.90 2.14 14.13
C LEU B 26 -6.19 1.71 14.72
N ASP B 27 -7.13 2.61 14.66
CA ASP B 27 -8.52 2.35 15.00
C ASP B 27 -9.09 1.55 13.83
N HIS B 28 -10.19 0.84 14.05
CA HIS B 28 -10.82 0.08 12.98
C HIS B 28 -11.15 0.97 11.79
N ASP B 29 -11.53 2.21 12.04
CA ASP B 29 -11.91 3.11 10.94
C ASP B 29 -10.69 3.48 10.12
N LYS B 30 -9.57 3.60 10.79
CA LYS B 30 -8.29 3.91 10.16
C LYS B 30 -7.89 2.77 9.25
N VAL B 31 -8.03 1.55 9.75
CA VAL B 31 -7.71 0.34 9.00
C VAL B 31 -8.59 0.28 7.74
N LEU B 32 -9.86 0.60 7.90
CA LEU B 32 -10.80 0.61 6.78
C LEU B 32 -10.43 1.66 5.74
N LEU B 33 -10.13 2.86 6.19
CA LEU B 33 -9.74 3.95 5.31
C LEU B 33 -8.48 3.59 4.56
N PHE B 34 -7.50 3.13 5.30
CA PHE B 34 -6.23 2.75 4.74
C PHE B 34 -6.38 1.63 3.73
N SER B 35 -7.05 0.56 4.13
CA SER B 35 -7.21 -0.62 3.28
C SER B 35 -7.91 -0.28 1.97
N ARG B 36 -8.94 0.56 2.03
CA ARG B 36 -9.68 0.89 0.83
C ARG B 36 -8.89 1.82 -0.07
N ASP B 37 -8.20 2.81 0.51
CA ASP B 37 -7.46 3.79 -0.29
C ASP B 37 -6.21 3.13 -0.90
N LEU B 38 -5.69 2.15 -0.17
CA LEU B 38 -4.58 1.34 -0.63
C LEU B 38 -5.04 0.43 -1.77
N ASP B 39 -6.21 -0.16 -1.60
CA ASP B 39 -6.82 -1.03 -2.60
C ASP B 39 -6.98 -0.26 -3.90
N LYS B 40 -7.49 0.95 -3.77
CA LYS B 40 -7.67 1.86 -4.89
C LYS B 40 -6.34 2.23 -5.53
N LEU B 41 -5.33 2.49 -4.71
CA LEU B 41 -4.00 2.88 -5.20
C LEU B 41 -3.38 1.76 -6.01
N ILE B 42 -3.53 0.55 -5.54
CA ILE B 42 -2.97 -0.60 -6.21
C ILE B 42 -3.69 -0.82 -7.54
N ASN B 43 -5.01 -0.92 -7.48
CA ASN B 43 -5.85 -1.11 -8.69
C ASN B 43 -5.66 0.01 -9.70
N LYS B 44 -5.28 1.17 -9.22
CA LYS B 44 -4.95 2.30 -10.06
C LYS B 44 -3.75 1.96 -10.91
N PHE B 45 -2.67 1.54 -10.26
CA PHE B 45 -1.43 1.21 -10.94
C PHE B 45 -1.49 -0.11 -11.69
N MET B 46 -2.35 -1.01 -11.21
CA MET B 46 -2.61 -2.27 -11.93
C MET B 46 -3.33 -1.94 -13.22
N ASN B 47 -3.95 -0.76 -13.21
CA ASN B 47 -4.72 -0.21 -14.30
C ASN B 47 -5.85 -1.15 -14.64
N VAL B 48 -6.82 -1.17 -13.76
CA VAL B 48 -7.94 -2.04 -13.87
C VAL B 48 -8.91 -1.55 -14.90
N LYS B 49 -9.03 -2.31 -15.91
CA LYS B 49 -9.92 -2.01 -16.97
C LYS B 49 -11.10 -2.93 -16.85
N ASP B 50 -11.86 -2.65 -15.83
CA ASP B 50 -13.00 -3.44 -15.45
C ASP B 50 -14.21 -2.53 -15.38
N LYS B 51 -15.32 -3.02 -14.86
CA LYS B 51 -16.58 -2.28 -14.78
C LYS B 51 -16.58 -1.17 -13.70
N VAL B 52 -15.46 -0.55 -13.50
CA VAL B 52 -15.33 0.53 -12.54
C VAL B 52 -15.29 1.85 -13.28
N HIS B 53 -15.24 2.94 -12.55
CA HIS B 53 -15.14 4.22 -13.19
C HIS B 53 -13.70 4.38 -13.63
N LYS B 54 -13.50 4.73 -14.88
CA LYS B 54 -12.18 4.81 -15.44
C LYS B 54 -11.34 5.90 -14.80
N LEU B 55 -10.26 5.47 -14.19
CA LEU B 55 -9.27 6.37 -13.58
C LEU B 55 -8.28 6.83 -14.66
N GLU B 56 -8.83 6.97 -15.83
CA GLU B 56 -8.16 7.37 -17.05
C GLU B 56 -7.44 8.71 -16.87
N HIS B 57 -7.99 9.54 -16.01
CA HIS B 57 -7.47 10.88 -15.77
C HIS B 57 -6.09 10.85 -15.10
N HIS B 58 -5.75 9.72 -14.48
CA HIS B 58 -4.43 9.57 -13.86
C HIS B 58 -3.53 8.75 -14.75
N HIS B 59 -3.99 8.51 -15.95
CA HIS B 59 -3.25 7.74 -16.91
C HIS B 59 -3.10 8.55 -18.18
N HIS B 60 -2.35 8.04 -19.11
CA HIS B 60 -2.06 8.73 -20.36
C HIS B 60 -3.29 8.79 -21.26
N HIS B 61 -3.88 9.96 -21.37
CA HIS B 61 -5.07 10.18 -22.17
C HIS B 61 -4.90 11.42 -23.02
N HIS B 62 -5.78 11.62 -23.98
CA HIS B 62 -5.76 12.77 -24.87
C HIS B 62 -7.12 13.05 -25.48
N MET A 1 8.97 -8.20 18.11
CA MET A 1 8.52 -7.14 18.98
C MET A 1 9.28 -5.87 18.65
N GLU A 2 9.13 -4.83 19.50
CA GLU A 2 9.81 -3.52 19.35
C GLU A 2 9.12 -2.70 18.20
N MET A 3 8.89 -1.42 18.45
CA MET A 3 8.12 -0.56 17.53
C MET A 3 8.96 -0.08 16.33
N GLY A 4 10.25 0.00 16.51
CA GLY A 4 11.12 0.39 15.42
C GLY A 4 11.21 -0.73 14.42
N GLN A 5 11.34 -1.94 14.95
CA GLN A 5 11.33 -3.16 14.16
C GLN A 5 9.96 -3.38 13.54
N LEU A 6 8.94 -2.81 14.15
CA LEU A 6 7.59 -2.85 13.62
C LEU A 6 7.55 -2.02 12.33
N LYS A 7 8.13 -0.82 12.38
CA LYS A 7 8.23 0.04 11.20
C LYS A 7 9.12 -0.59 10.15
N ASN A 8 10.16 -1.26 10.62
CA ASN A 8 11.10 -1.97 9.77
C ASN A 8 10.35 -3.04 8.96
N LYS A 9 9.48 -3.78 9.64
CA LYS A 9 8.66 -4.80 9.00
C LYS A 9 7.62 -4.17 8.09
N ILE A 10 7.06 -3.03 8.50
CA ILE A 10 6.12 -2.29 7.64
C ILE A 10 6.78 -1.94 6.32
N GLU A 11 7.98 -1.37 6.40
CA GLU A 11 8.76 -1.02 5.22
C GLU A 11 8.97 -2.24 4.33
N ASN A 12 9.43 -3.30 4.93
CA ASN A 12 9.69 -4.56 4.26
C ASN A 12 8.47 -5.16 3.63
N LYS A 13 7.37 -5.23 4.37
CA LYS A 13 6.14 -5.88 3.89
C LYS A 13 5.53 -5.06 2.74
N LYS A 14 5.62 -3.74 2.88
CA LYS A 14 5.23 -2.80 1.85
C LYS A 14 6.03 -3.09 0.59
N LYS A 15 7.34 -3.18 0.75
CA LYS A 15 8.26 -3.50 -0.34
C LYS A 15 7.98 -4.85 -0.95
N GLU A 16 7.63 -5.83 -0.12
CA GLU A 16 7.25 -7.16 -0.58
C GLU A 16 6.07 -7.06 -1.54
N LEU A 17 5.13 -6.22 -1.19
CA LEU A 17 3.97 -5.97 -2.01
C LEU A 17 4.39 -5.26 -3.28
N ILE A 18 5.22 -4.24 -3.15
CA ILE A 18 5.64 -3.45 -4.30
C ILE A 18 6.30 -4.35 -5.33
N GLN A 19 7.11 -5.28 -4.88
CA GLN A 19 7.76 -6.27 -5.74
C GLN A 19 6.71 -7.10 -6.50
N LEU A 20 5.64 -7.44 -5.81
CA LEU A 20 4.55 -8.23 -6.38
C LEU A 20 3.75 -7.42 -7.41
N VAL A 21 3.36 -6.20 -7.07
CA VAL A 21 2.69 -5.36 -8.04
C VAL A 21 3.65 -4.93 -9.20
N ALA A 22 4.90 -4.78 -8.90
CA ALA A 22 5.90 -4.45 -9.91
C ALA A 22 6.01 -5.55 -10.97
N ARG A 23 6.19 -6.82 -10.53
CA ARG A 23 6.31 -7.98 -11.44
C ARG A 23 5.06 -8.17 -12.30
N HIS A 24 3.95 -7.57 -11.86
CA HIS A 24 2.71 -7.58 -12.59
C HIS A 24 2.89 -6.96 -14.00
N GLY A 25 3.78 -6.00 -14.11
CA GLY A 25 3.98 -5.38 -15.40
C GLY A 25 4.34 -3.91 -15.32
N LEU A 26 4.43 -3.39 -14.12
CA LEU A 26 4.81 -2.03 -13.91
C LEU A 26 6.23 -1.76 -14.37
N ASP A 27 6.44 -0.56 -14.84
CA ASP A 27 7.76 -0.10 -15.28
C ASP A 27 8.46 0.42 -14.06
N HIS A 28 9.72 0.81 -14.20
CA HIS A 28 10.46 1.34 -13.06
C HIS A 28 9.87 2.66 -12.58
N ASP A 29 9.43 3.50 -13.52
CA ASP A 29 8.81 4.78 -13.16
C ASP A 29 7.54 4.53 -12.36
N LYS A 30 6.80 3.51 -12.77
CA LYS A 30 5.56 3.13 -12.13
C LYS A 30 5.83 2.70 -10.71
N VAL A 31 6.87 1.91 -10.53
CA VAL A 31 7.22 1.40 -9.23
C VAL A 31 7.62 2.54 -8.31
N LEU A 32 8.37 3.49 -8.85
CA LEU A 32 8.78 4.68 -8.10
C LEU A 32 7.59 5.49 -7.66
N LEU A 33 6.71 5.79 -8.60
CA LEU A 33 5.53 6.60 -8.33
C LEU A 33 4.61 5.93 -7.34
N PHE A 34 4.42 4.65 -7.53
CA PHE A 34 3.59 3.85 -6.66
C PHE A 34 4.16 3.82 -5.25
N SER A 35 5.41 3.42 -5.13
CA SER A 35 6.04 3.25 -3.84
C SER A 35 6.09 4.55 -3.05
N ARG A 36 6.39 5.67 -3.71
CA ARG A 36 6.48 6.94 -3.01
C ARG A 36 5.10 7.42 -2.54
N ASP A 37 4.06 7.18 -3.34
CA ASP A 37 2.72 7.61 -2.95
C ASP A 37 2.17 6.70 -1.87
N LEU A 38 2.47 5.42 -2.03
CA LEU A 38 2.13 4.37 -1.06
C LEU A 38 2.76 4.67 0.29
N ASP A 39 4.02 5.03 0.23
CA ASP A 39 4.82 5.34 1.42
C ASP A 39 4.19 6.45 2.23
N LYS A 40 3.72 7.49 1.53
CA LYS A 40 3.07 8.62 2.19
C LYS A 40 1.76 8.20 2.83
N LEU A 41 1.00 7.38 2.11
CA LEU A 41 -0.31 6.92 2.57
C LEU A 41 -0.20 6.16 3.88
N ILE A 42 0.81 5.33 3.99
CA ILE A 42 1.02 4.55 5.17
C ILE A 42 1.42 5.44 6.35
N ASN A 43 2.50 6.20 6.18
CA ASN A 43 3.02 7.11 7.23
C ASN A 43 1.96 8.12 7.68
N LYS A 44 1.06 8.47 6.77
CA LYS A 44 -0.05 9.37 7.06
C LYS A 44 -0.97 8.75 8.09
N PHE A 45 -1.38 7.51 7.86
CA PHE A 45 -2.29 6.80 8.74
C PHE A 45 -1.62 6.38 10.04
N MET A 46 -0.34 6.07 9.96
CA MET A 46 0.45 5.72 11.14
C MET A 46 0.45 6.89 12.13
N ASN A 47 0.41 8.09 11.57
CA ASN A 47 0.49 9.35 12.30
C ASN A 47 1.83 9.46 12.99
N VAL A 48 2.84 9.53 12.17
CA VAL A 48 4.20 9.64 12.59
C VAL A 48 4.88 10.51 11.60
N LYS A 49 6.06 10.91 11.92
CA LYS A 49 6.85 11.76 11.08
C LYS A 49 8.04 10.93 10.62
N ASP A 50 7.81 9.62 10.66
CA ASP A 50 8.74 8.54 10.39
C ASP A 50 9.83 8.47 11.44
N LYS A 51 9.97 7.31 12.03
CA LYS A 51 10.89 7.14 13.12
C LYS A 51 12.01 6.17 12.77
N VAL A 52 12.19 5.93 11.50
CA VAL A 52 13.32 5.12 11.06
C VAL A 52 14.33 6.03 10.41
N HIS A 53 13.84 7.12 9.87
CA HIS A 53 14.65 8.18 9.41
C HIS A 53 14.55 9.29 10.45
N LYS A 54 15.36 9.16 11.47
CA LYS A 54 15.40 10.09 12.56
C LYS A 54 16.85 10.29 12.93
N LEU A 55 17.18 11.47 13.37
CA LEU A 55 18.52 11.76 13.78
C LEU A 55 18.71 11.35 15.22
N GLU A 56 19.87 10.81 15.52
CA GLU A 56 20.19 10.44 16.88
C GLU A 56 20.55 11.74 17.62
N HIS A 57 20.22 11.84 18.89
CA HIS A 57 20.46 13.07 19.63
C HIS A 57 21.32 12.82 20.85
N HIS A 58 22.22 13.74 21.15
CA HIS A 58 23.13 13.57 22.27
C HIS A 58 22.60 14.25 23.53
N HIS A 59 21.60 15.11 23.37
CA HIS A 59 21.05 15.89 24.49
C HIS A 59 20.26 15.04 25.50
N HIS A 60 20.07 13.79 25.18
CA HIS A 60 19.37 12.90 26.05
C HIS A 60 20.13 11.60 26.15
N HIS A 61 20.11 10.99 27.28
CA HIS A 61 20.70 9.69 27.44
C HIS A 61 19.64 8.66 27.13
N HIS A 62 18.47 8.97 27.60
CA HIS A 62 17.29 8.18 27.40
C HIS A 62 16.17 9.13 27.01
N MET B 1 2.24 -15.49 -15.66
CA MET B 1 1.27 -15.70 -16.74
C MET B 1 -0.13 -15.44 -16.25
N GLU B 2 -0.59 -16.25 -15.29
CA GLU B 2 -1.92 -16.11 -14.77
C GLU B 2 -1.90 -14.94 -13.78
N MET B 3 -2.95 -14.18 -13.74
CA MET B 3 -2.94 -12.97 -12.95
C MET B 3 -3.79 -13.05 -11.71
N GLY B 4 -4.70 -14.00 -11.66
CA GLY B 4 -5.54 -14.15 -10.48
C GLY B 4 -4.67 -14.52 -9.31
N GLN B 5 -3.78 -15.48 -9.54
CA GLN B 5 -2.81 -15.90 -8.56
C GLN B 5 -1.92 -14.75 -8.11
N LEU B 6 -1.50 -13.95 -9.06
CA LEU B 6 -0.63 -12.84 -8.83
C LEU B 6 -1.35 -11.76 -8.03
N LYS B 7 -2.58 -11.46 -8.43
CA LYS B 7 -3.41 -10.44 -7.80
C LYS B 7 -3.73 -10.86 -6.37
N ASN B 8 -3.88 -12.17 -6.18
CA ASN B 8 -4.12 -12.74 -4.86
C ASN B 8 -2.93 -12.52 -3.94
N LYS B 9 -1.71 -12.69 -4.47
CA LYS B 9 -0.49 -12.48 -3.67
C LYS B 9 -0.38 -11.00 -3.28
N ILE B 10 -0.77 -10.13 -4.19
CA ILE B 10 -0.81 -8.70 -3.96
C ILE B 10 -1.79 -8.38 -2.85
N GLU B 11 -2.99 -8.96 -2.92
CA GLU B 11 -3.98 -8.81 -1.86
C GLU B 11 -3.39 -9.30 -0.55
N ASN B 12 -2.83 -10.49 -0.63
CA ASN B 12 -2.21 -11.20 0.47
C ASN B 12 -1.19 -10.34 1.20
N LYS B 13 -0.26 -9.80 0.46
CA LYS B 13 0.85 -9.07 1.01
C LYS B 13 0.40 -7.71 1.55
N LYS B 14 -0.48 -7.06 0.80
CA LYS B 14 -1.10 -5.81 1.19
C LYS B 14 -1.82 -6.01 2.51
N LYS B 15 -2.60 -7.07 2.60
CA LYS B 15 -3.35 -7.40 3.80
C LYS B 15 -2.43 -7.66 4.97
N GLU B 16 -1.29 -8.31 4.73
CA GLU B 16 -0.27 -8.50 5.76
C GLU B 16 0.23 -7.14 6.25
N LEU B 17 0.39 -6.23 5.32
CA LEU B 17 0.82 -4.89 5.62
C LEU B 17 -0.24 -4.14 6.38
N ILE B 18 -1.48 -4.24 5.93
CA ILE B 18 -2.60 -3.57 6.58
C ILE B 18 -2.65 -3.96 8.04
N GLN B 19 -2.45 -5.25 8.31
CA GLN B 19 -2.39 -5.77 9.66
C GLN B 19 -1.28 -5.08 10.48
N LEU B 20 -0.16 -4.81 9.84
CA LEU B 20 0.97 -4.15 10.47
C LEU B 20 0.65 -2.69 10.77
N VAL B 21 0.15 -1.96 9.77
CA VAL B 21 -0.27 -0.58 9.97
C VAL B 21 -1.36 -0.49 11.05
N ALA B 22 -2.27 -1.45 11.03
CA ALA B 22 -3.36 -1.53 11.98
C ALA B 22 -2.85 -1.70 13.42
N ARG B 23 -1.90 -2.62 13.61
CA ARG B 23 -1.36 -2.90 14.95
C ARG B 23 -0.44 -1.78 15.42
N HIS B 24 -0.18 -0.82 14.55
CA HIS B 24 0.62 0.33 14.88
C HIS B 24 -0.17 1.26 15.83
N GLY B 25 -1.48 1.29 15.68
CA GLY B 25 -2.27 2.17 16.52
C GLY B 25 -3.57 2.61 15.89
N LEU B 26 -3.77 2.28 14.63
CA LEU B 26 -4.97 2.61 13.90
C LEU B 26 -6.26 2.13 14.55
N ASP B 27 -7.26 2.96 14.42
CA ASP B 27 -8.63 2.66 14.86
C ASP B 27 -9.23 1.66 13.90
N HIS B 28 -10.40 1.16 14.24
CA HIS B 28 -11.15 0.21 13.42
C HIS B 28 -11.40 0.81 12.03
N ASP B 29 -11.94 2.02 12.02
CA ASP B 29 -12.26 2.72 10.79
C ASP B 29 -11.01 3.13 10.04
N LYS B 30 -9.95 3.36 10.77
CA LYS B 30 -8.66 3.72 10.18
C LYS B 30 -8.15 2.60 9.28
N VAL B 31 -8.31 1.36 9.75
CA VAL B 31 -7.91 0.19 8.98
C VAL B 31 -8.76 0.11 7.71
N LEU B 32 -10.03 0.46 7.85
CA LEU B 32 -10.96 0.45 6.74
C LEU B 32 -10.59 1.48 5.67
N LEU B 33 -10.42 2.74 6.09
CA LEU B 33 -10.04 3.80 5.15
C LEU B 33 -8.69 3.52 4.51
N PHE B 34 -7.74 3.09 5.31
CA PHE B 34 -6.41 2.80 4.83
C PHE B 34 -6.44 1.70 3.76
N SER B 35 -7.07 0.59 4.08
CA SER B 35 -7.07 -0.56 3.20
C SER B 35 -7.70 -0.26 1.85
N ARG B 36 -8.85 0.39 1.87
CA ARG B 36 -9.57 0.66 0.64
C ARG B 36 -8.91 1.76 -0.19
N ASP B 37 -8.18 2.66 0.45
CA ASP B 37 -7.55 3.73 -0.29
C ASP B 37 -6.31 3.23 -0.96
N LEU B 38 -5.58 2.39 -0.25
CA LEU B 38 -4.38 1.77 -0.76
C LEU B 38 -4.76 0.82 -1.88
N ASP B 39 -5.92 0.19 -1.73
CA ASP B 39 -6.48 -0.74 -2.73
C ASP B 39 -6.62 -0.03 -4.08
N LYS B 40 -7.18 1.19 -4.03
CA LYS B 40 -7.38 1.99 -5.23
C LYS B 40 -6.06 2.33 -5.91
N LEU B 41 -5.04 2.58 -5.11
CA LEU B 41 -3.73 2.97 -5.62
C LEU B 41 -3.09 1.82 -6.39
N ILE B 42 -3.25 0.62 -5.87
CA ILE B 42 -2.66 -0.54 -6.51
C ILE B 42 -3.34 -0.79 -7.83
N ASN B 43 -4.67 -0.95 -7.79
CA ASN B 43 -5.50 -1.20 -8.98
C ASN B 43 -5.24 -0.15 -10.07
N LYS B 44 -4.97 1.09 -9.63
CA LYS B 44 -4.64 2.20 -10.51
C LYS B 44 -3.41 1.86 -11.36
N PHE B 45 -2.38 1.38 -10.71
CA PHE B 45 -1.14 1.06 -11.35
C PHE B 45 -1.16 -0.27 -12.07
N MET B 46 -1.98 -1.18 -11.61
CA MET B 46 -2.10 -2.49 -12.21
C MET B 46 -2.87 -2.39 -13.52
N ASN B 47 -3.65 -1.30 -13.63
CA ASN B 47 -4.54 -1.04 -14.76
C ASN B 47 -5.65 -2.09 -14.78
N VAL B 48 -5.82 -2.74 -13.65
CA VAL B 48 -6.81 -3.76 -13.48
C VAL B 48 -8.02 -3.13 -12.90
N LYS B 49 -8.98 -3.00 -13.71
CA LYS B 49 -10.19 -2.34 -13.37
C LYS B 49 -11.27 -3.38 -13.21
N ASP B 50 -10.89 -4.48 -12.59
CA ASP B 50 -11.78 -5.59 -12.36
C ASP B 50 -12.75 -5.28 -11.24
N LYS B 51 -13.75 -4.52 -11.61
CA LYS B 51 -14.86 -4.15 -10.76
C LYS B 51 -16.12 -4.46 -11.52
N VAL B 52 -15.92 -5.20 -12.59
CA VAL B 52 -16.98 -5.56 -13.51
C VAL B 52 -17.76 -6.75 -12.98
N HIS B 53 -18.79 -7.12 -13.69
CA HIS B 53 -19.59 -8.25 -13.30
C HIS B 53 -18.87 -9.55 -13.66
N LYS B 54 -18.34 -10.16 -12.64
CA LYS B 54 -17.58 -11.38 -12.77
C LYS B 54 -18.55 -12.55 -12.75
N LEU B 55 -18.42 -13.43 -13.72
CA LEU B 55 -19.34 -14.55 -13.80
C LEU B 55 -19.06 -15.58 -12.74
N GLU B 56 -20.11 -16.16 -12.24
CA GLU B 56 -20.03 -17.20 -11.27
C GLU B 56 -20.60 -18.44 -11.92
N HIS B 57 -20.03 -19.57 -11.61
CA HIS B 57 -20.40 -20.83 -12.25
C HIS B 57 -21.63 -21.43 -11.62
N HIS B 58 -22.68 -20.65 -11.56
CA HIS B 58 -23.93 -21.03 -10.91
C HIS B 58 -24.61 -22.24 -11.60
N HIS B 59 -24.14 -22.57 -12.78
CA HIS B 59 -24.64 -23.72 -13.54
C HIS B 59 -24.31 -25.03 -12.82
N HIS B 60 -23.19 -25.05 -12.12
CA HIS B 60 -22.76 -26.26 -11.41
C HIS B 60 -22.62 -25.96 -9.91
N HIS B 61 -22.30 -24.73 -9.60
CA HIS B 61 -22.09 -24.32 -8.23
C HIS B 61 -23.42 -24.03 -7.57
N HIS B 62 -23.82 -24.92 -6.73
CA HIS B 62 -25.01 -24.80 -5.96
C HIS B 62 -24.63 -25.13 -4.54
N MET A 1 4.54 -5.92 19.51
CA MET A 1 5.81 -5.98 18.81
C MET A 1 6.46 -4.63 18.97
N GLU A 2 7.77 -4.56 18.87
CA GLU A 2 8.46 -3.30 19.01
C GLU A 2 8.24 -2.47 17.77
N MET A 3 7.68 -1.26 17.95
CA MET A 3 7.25 -0.41 16.82
C MET A 3 8.36 -0.10 15.83
N GLY A 4 9.60 -0.04 16.29
CA GLY A 4 10.70 0.23 15.39
C GLY A 4 10.91 -0.91 14.41
N GLN A 5 11.00 -2.12 14.94
CA GLN A 5 11.12 -3.33 14.12
C GLN A 5 9.88 -3.51 13.28
N LEU A 6 8.74 -3.33 13.93
CA LEU A 6 7.42 -3.47 13.32
C LEU A 6 7.27 -2.52 12.13
N LYS A 7 7.74 -1.30 12.28
CA LYS A 7 7.69 -0.31 11.22
C LYS A 7 8.55 -0.77 10.06
N ASN A 8 9.67 -1.37 10.39
CA ASN A 8 10.55 -1.95 9.41
C ASN A 8 9.89 -3.13 8.71
N LYS A 9 9.08 -3.89 9.44
CA LYS A 9 8.31 -4.98 8.86
C LYS A 9 7.25 -4.40 7.92
N ILE A 10 6.67 -3.28 8.33
CA ILE A 10 5.72 -2.52 7.50
C ILE A 10 6.39 -2.09 6.20
N GLU A 11 7.59 -1.53 6.33
CA GLU A 11 8.41 -1.15 5.19
C GLU A 11 8.65 -2.35 4.31
N ASN A 12 9.08 -3.43 4.92
CA ASN A 12 9.40 -4.66 4.22
C ASN A 12 8.18 -5.22 3.49
N LYS A 13 7.05 -5.23 4.16
CA LYS A 13 5.81 -5.78 3.61
C LYS A 13 5.35 -4.94 2.43
N LYS A 14 5.42 -3.62 2.61
CA LYS A 14 5.14 -2.66 1.58
C LYS A 14 6.04 -2.96 0.38
N LYS A 15 7.32 -3.13 0.64
CA LYS A 15 8.32 -3.43 -0.38
C LYS A 15 8.05 -4.78 -1.04
N GLU A 16 7.62 -5.77 -0.25
CA GLU A 16 7.20 -7.10 -0.77
C GLU A 16 6.09 -6.90 -1.78
N LEU A 17 5.13 -6.10 -1.40
CA LEU A 17 3.98 -5.80 -2.21
C LEU A 17 4.37 -5.03 -3.46
N ILE A 18 5.21 -4.04 -3.29
CA ILE A 18 5.64 -3.21 -4.40
C ILE A 18 6.31 -4.08 -5.47
N GLN A 19 7.10 -5.03 -5.04
CA GLN A 19 7.72 -5.98 -5.96
C GLN A 19 6.67 -6.80 -6.69
N LEU A 20 5.62 -7.18 -5.98
CA LEU A 20 4.54 -7.96 -6.54
C LEU A 20 3.78 -7.17 -7.61
N VAL A 21 3.33 -5.95 -7.28
CA VAL A 21 2.67 -5.14 -8.29
C VAL A 21 3.61 -4.81 -9.48
N ALA A 22 4.89 -4.65 -9.18
CA ALA A 22 5.89 -4.33 -10.17
C ALA A 22 6.04 -5.43 -11.19
N ARG A 23 6.23 -6.64 -10.70
CA ARG A 23 6.43 -7.81 -11.53
C ARG A 23 5.17 -8.18 -12.29
N HIS A 24 4.03 -7.68 -11.84
CA HIS A 24 2.77 -7.92 -12.52
C HIS A 24 2.78 -7.31 -13.93
N GLY A 25 3.37 -6.13 -14.07
CA GLY A 25 3.35 -5.50 -15.35
C GLY A 25 3.82 -4.06 -15.35
N LEU A 26 3.87 -3.45 -14.18
CA LEU A 26 4.30 -2.10 -14.00
C LEU A 26 5.70 -1.78 -14.55
N ASP A 27 5.80 -0.58 -15.05
CA ASP A 27 7.06 -0.01 -15.56
C ASP A 27 7.90 0.36 -14.36
N HIS A 28 9.17 0.68 -14.59
CA HIS A 28 10.06 1.08 -13.49
C HIS A 28 9.57 2.37 -12.87
N ASP A 29 9.16 3.29 -13.73
CA ASP A 29 8.63 4.60 -13.30
C ASP A 29 7.38 4.41 -12.49
N LYS A 30 6.59 3.41 -12.86
CA LYS A 30 5.37 3.07 -12.14
C LYS A 30 5.71 2.65 -10.73
N VAL A 31 6.73 1.81 -10.61
CA VAL A 31 7.19 1.29 -9.32
C VAL A 31 7.64 2.44 -8.42
N LEU A 32 8.38 3.35 -9.01
CA LEU A 32 8.86 4.54 -8.32
C LEU A 32 7.71 5.39 -7.83
N LEU A 33 6.82 5.74 -8.73
CA LEU A 33 5.67 6.59 -8.39
C LEU A 33 4.76 5.90 -7.36
N PHE A 34 4.53 4.60 -7.57
CA PHE A 34 3.70 3.79 -6.69
C PHE A 34 4.26 3.74 -5.29
N SER A 35 5.54 3.40 -5.18
CA SER A 35 6.17 3.25 -3.89
C SER A 35 6.14 4.56 -3.09
N ARG A 36 6.26 5.66 -3.79
CA ARG A 36 6.23 6.98 -3.19
C ARG A 36 4.87 7.31 -2.65
N ASP A 37 3.86 7.16 -3.48
CA ASP A 37 2.49 7.50 -3.13
C ASP A 37 2.00 6.60 -2.03
N LEU A 38 2.38 5.34 -2.12
CA LEU A 38 2.07 4.33 -1.14
C LEU A 38 2.75 4.61 0.19
N ASP A 39 4.02 5.00 0.12
CA ASP A 39 4.78 5.36 1.32
C ASP A 39 4.08 6.49 2.03
N LYS A 40 3.72 7.50 1.27
CA LYS A 40 3.05 8.68 1.79
C LYS A 40 1.65 8.38 2.31
N LEU A 41 0.94 7.48 1.64
CA LEU A 41 -0.37 7.06 2.13
C LEU A 41 -0.22 6.38 3.49
N ILE A 42 0.79 5.55 3.59
CA ILE A 42 1.08 4.87 4.83
C ILE A 42 1.47 5.87 5.90
N ASN A 43 2.43 6.75 5.60
CA ASN A 43 2.90 7.78 6.56
C ASN A 43 1.73 8.66 7.03
N LYS A 44 0.77 8.86 6.14
CA LYS A 44 -0.44 9.64 6.40
C LYS A 44 -1.24 9.01 7.54
N PHE A 45 -1.50 7.72 7.44
CA PHE A 45 -2.27 7.00 8.45
C PHE A 45 -1.45 6.66 9.66
N MET A 46 -0.19 6.43 9.43
CA MET A 46 0.73 6.05 10.48
C MET A 46 1.12 7.24 11.34
N ASN A 47 0.70 8.45 10.92
CA ASN A 47 0.97 9.71 11.61
C ASN A 47 2.45 9.99 11.67
N VAL A 48 3.16 9.50 10.68
CA VAL A 48 4.57 9.66 10.61
C VAL A 48 4.89 10.94 9.92
N LYS A 49 5.37 11.83 10.66
CA LYS A 49 5.83 13.08 10.19
C LYS A 49 7.30 13.08 10.44
N ASP A 50 8.07 12.87 9.40
CA ASP A 50 9.50 12.72 9.52
C ASP A 50 10.17 14.03 9.90
N LYS A 51 10.38 14.18 11.17
CA LYS A 51 11.02 15.35 11.75
C LYS A 51 12.44 15.02 12.14
N VAL A 52 12.79 13.81 11.93
CA VAL A 52 14.10 13.33 12.23
C VAL A 52 14.91 13.25 10.95
N HIS A 53 16.19 13.04 11.08
CA HIS A 53 17.06 12.97 9.94
C HIS A 53 16.94 11.59 9.34
N LYS A 54 16.23 11.49 8.24
CA LYS A 54 16.04 10.22 7.59
C LYS A 54 17.22 9.96 6.73
N LEU A 55 18.14 9.25 7.30
CA LEU A 55 19.36 8.88 6.65
C LEU A 55 19.04 7.92 5.52
N GLU A 56 19.27 8.39 4.33
CA GLU A 56 19.05 7.62 3.15
C GLU A 56 20.05 8.08 2.11
N HIS A 57 21.24 7.55 2.21
CA HIS A 57 22.26 7.88 1.26
C HIS A 57 22.14 6.92 0.11
N HIS A 58 22.18 5.66 0.44
CA HIS A 58 22.06 4.61 -0.53
C HIS A 58 21.34 3.42 0.09
N HIS A 59 20.15 3.18 -0.35
CA HIS A 59 19.40 2.01 0.04
C HIS A 59 19.00 1.29 -1.23
N HIS A 60 19.65 0.20 -1.49
CA HIS A 60 19.41 -0.57 -2.67
C HIS A 60 18.28 -1.52 -2.42
N HIS A 61 17.31 -1.52 -3.29
CA HIS A 61 16.20 -2.41 -3.15
C HIS A 61 16.57 -3.81 -3.64
N HIS A 62 17.00 -4.60 -2.71
CA HIS A 62 17.32 -5.96 -2.93
C HIS A 62 16.18 -6.83 -2.45
N MET B 1 4.21 -18.53 -14.01
CA MET B 1 3.58 -18.12 -15.27
C MET B 1 2.20 -17.53 -15.03
N GLU B 2 1.74 -17.54 -13.80
CA GLU B 2 0.40 -17.12 -13.51
C GLU B 2 0.36 -15.66 -13.08
N MET B 3 -0.64 -14.97 -13.55
CA MET B 3 -0.85 -13.57 -13.24
C MET B 3 -2.00 -13.42 -12.24
N GLY B 4 -2.93 -14.37 -12.27
CA GLY B 4 -4.06 -14.33 -11.34
C GLY B 4 -3.59 -14.57 -9.93
N GLN B 5 -2.85 -15.65 -9.74
CA GLN B 5 -2.27 -15.98 -8.43
C GLN B 5 -1.26 -14.93 -7.99
N LEU B 6 -0.73 -14.19 -8.95
CA LEU B 6 0.19 -13.13 -8.66
C LEU B 6 -0.60 -11.97 -8.05
N LYS B 7 -1.71 -11.63 -8.68
CA LYS B 7 -2.56 -10.54 -8.22
C LYS B 7 -3.19 -10.90 -6.90
N ASN B 8 -3.50 -12.16 -6.74
CA ASN B 8 -4.06 -12.65 -5.50
C ASN B 8 -3.04 -12.61 -4.37
N LYS B 9 -1.76 -12.81 -4.72
CA LYS B 9 -0.70 -12.65 -3.73
C LYS B 9 -0.52 -11.17 -3.40
N ILE B 10 -0.75 -10.32 -4.40
CA ILE B 10 -0.76 -8.88 -4.21
C ILE B 10 -1.82 -8.50 -3.18
N GLU B 11 -3.02 -9.05 -3.36
CA GLU B 11 -4.13 -8.90 -2.42
C GLU B 11 -3.70 -9.31 -1.04
N ASN B 12 -3.16 -10.50 -0.95
CA ASN B 12 -2.71 -11.09 0.29
C ASN B 12 -1.62 -10.26 0.97
N LYS B 13 -0.68 -9.76 0.19
CA LYS B 13 0.44 -9.00 0.72
C LYS B 13 -0.04 -7.63 1.23
N LYS B 14 -0.92 -7.03 0.45
CA LYS B 14 -1.62 -5.80 0.80
C LYS B 14 -2.29 -5.98 2.14
N LYS B 15 -3.02 -7.07 2.28
CA LYS B 15 -3.73 -7.41 3.49
C LYS B 15 -2.76 -7.65 4.66
N GLU B 16 -1.63 -8.34 4.39
CA GLU B 16 -0.57 -8.56 5.40
C GLU B 16 -0.09 -7.22 5.95
N LEU B 17 0.05 -6.27 5.06
CA LEU B 17 0.52 -4.97 5.38
C LEU B 17 -0.50 -4.19 6.18
N ILE B 18 -1.75 -4.29 5.79
CA ILE B 18 -2.79 -3.56 6.48
C ILE B 18 -2.81 -3.96 7.94
N GLN B 19 -2.68 -5.26 8.17
CA GLN B 19 -2.65 -5.80 9.52
C GLN B 19 -1.40 -5.31 10.28
N LEU B 20 -0.34 -4.94 9.57
CA LEU B 20 0.86 -4.44 10.20
C LEU B 20 0.68 -3.00 10.65
N VAL B 21 0.27 -2.09 9.74
CA VAL B 21 -0.01 -0.72 10.14
C VAL B 21 -1.10 -0.65 11.22
N ALA B 22 -2.05 -1.57 11.12
CA ALA B 22 -3.16 -1.65 12.03
C ALA B 22 -2.69 -2.01 13.42
N ARG B 23 -1.79 -2.98 13.51
CA ARG B 23 -1.32 -3.43 14.81
C ARG B 23 -0.28 -2.48 15.38
N HIS B 24 0.17 -1.54 14.55
CA HIS B 24 1.11 -0.55 15.01
C HIS B 24 0.40 0.38 15.99
N GLY B 25 -0.76 0.84 15.60
CA GLY B 25 -1.53 1.69 16.47
C GLY B 25 -2.67 2.38 15.77
N LEU B 26 -3.28 1.74 14.80
CA LEU B 26 -4.39 2.37 14.12
C LEU B 26 -5.68 2.05 14.77
N ASP B 27 -6.53 3.03 14.75
CA ASP B 27 -7.86 2.91 15.23
C ASP B 27 -8.58 2.03 14.22
N HIS B 28 -9.67 1.41 14.60
CA HIS B 28 -10.41 0.52 13.68
C HIS B 28 -10.86 1.28 12.43
N ASP B 29 -11.22 2.53 12.63
CA ASP B 29 -11.63 3.40 11.53
C ASP B 29 -10.46 3.69 10.59
N LYS B 30 -9.26 3.76 11.17
CA LYS B 30 -8.02 4.01 10.42
C LYS B 30 -7.73 2.85 9.51
N VAL B 31 -7.84 1.65 10.05
CA VAL B 31 -7.64 0.43 9.29
C VAL B 31 -8.61 0.39 8.10
N LEU B 32 -9.87 0.76 8.34
CA LEU B 32 -10.89 0.77 7.29
C LEU B 32 -10.57 1.78 6.22
N LEU B 33 -10.30 3.00 6.63
CA LEU B 33 -9.97 4.07 5.71
C LEU B 33 -8.69 3.78 4.95
N PHE B 34 -7.72 3.20 5.65
CA PHE B 34 -6.47 2.86 5.04
C PHE B 34 -6.63 1.73 4.02
N SER B 35 -7.26 0.64 4.42
CA SER B 35 -7.42 -0.53 3.57
C SER B 35 -8.13 -0.21 2.27
N ARG B 36 -9.10 0.68 2.33
CA ARG B 36 -9.84 1.05 1.16
C ARG B 36 -9.07 2.05 0.29
N ASP B 37 -8.31 2.95 0.91
CA ASP B 37 -7.58 3.95 0.13
C ASP B 37 -6.33 3.31 -0.46
N LEU B 38 -5.83 2.30 0.24
CA LEU B 38 -4.73 1.48 -0.21
C LEU B 38 -5.15 0.67 -1.42
N ASP B 39 -6.35 0.11 -1.35
CA ASP B 39 -6.88 -0.68 -2.45
C ASP B 39 -7.00 0.20 -3.69
N LYS B 40 -7.49 1.42 -3.49
CA LYS B 40 -7.57 2.45 -4.55
C LYS B 40 -6.19 2.69 -5.18
N LEU B 41 -5.18 2.90 -4.33
CA LEU B 41 -3.83 3.21 -4.78
C LEU B 41 -3.27 2.06 -5.61
N ILE B 42 -3.46 0.87 -5.11
CA ILE B 42 -2.99 -0.30 -5.80
C ILE B 42 -3.73 -0.48 -7.12
N ASN B 43 -5.06 -0.40 -7.09
CA ASN B 43 -5.88 -0.54 -8.31
C ASN B 43 -5.48 0.52 -9.34
N LYS B 44 -5.11 1.69 -8.86
CA LYS B 44 -4.62 2.80 -9.68
C LYS B 44 -3.45 2.35 -10.54
N PHE B 45 -2.42 1.85 -9.89
CA PHE B 45 -1.22 1.45 -10.57
C PHE B 45 -1.33 0.14 -11.27
N MET B 46 -2.16 -0.73 -10.75
CA MET B 46 -2.37 -2.03 -11.36
C MET B 46 -3.12 -1.83 -12.65
N ASN B 47 -3.92 -0.77 -12.67
CA ASN B 47 -4.68 -0.28 -13.83
C ASN B 47 -5.82 -1.24 -14.18
N VAL B 48 -5.98 -2.25 -13.35
CA VAL B 48 -7.01 -3.25 -13.52
C VAL B 48 -8.34 -2.68 -13.11
N LYS B 49 -9.28 -2.76 -13.97
CA LYS B 49 -10.56 -2.15 -13.75
C LYS B 49 -11.59 -3.25 -13.62
N ASP B 50 -11.73 -3.75 -12.43
CA ASP B 50 -12.66 -4.82 -12.18
C ASP B 50 -13.84 -4.32 -11.43
N LYS B 51 -14.93 -5.00 -11.58
CA LYS B 51 -16.16 -4.64 -10.93
C LYS B 51 -16.68 -5.84 -10.16
N VAL B 52 -15.78 -6.77 -9.91
CA VAL B 52 -16.13 -8.04 -9.27
C VAL B 52 -15.76 -8.01 -7.79
N HIS B 53 -15.57 -6.82 -7.29
CA HIS B 53 -15.28 -6.60 -5.89
C HIS B 53 -16.59 -6.54 -5.11
N LYS B 54 -16.52 -6.71 -3.82
CA LYS B 54 -17.73 -6.73 -3.04
C LYS B 54 -17.82 -5.50 -2.18
N LEU B 55 -18.97 -4.86 -2.23
CA LEU B 55 -19.24 -3.74 -1.38
C LEU B 55 -20.30 -4.17 -0.39
N GLU B 56 -20.12 -3.82 0.86
CA GLU B 56 -21.07 -4.15 1.90
C GLU B 56 -20.83 -3.22 3.08
N HIS B 57 -21.75 -3.20 4.01
CA HIS B 57 -21.60 -2.31 5.15
C HIS B 57 -20.69 -2.92 6.20
N HIS B 58 -19.99 -2.04 6.89
CA HIS B 58 -19.05 -2.37 7.97
C HIS B 58 -18.48 -1.04 8.41
N HIS B 59 -18.04 -0.30 7.42
CA HIS B 59 -17.60 1.06 7.61
C HIS B 59 -18.82 1.94 7.41
N HIS B 60 -19.15 2.71 8.41
CA HIS B 60 -20.32 3.54 8.34
C HIS B 60 -20.05 4.82 7.62
N HIS B 61 -20.93 5.13 6.70
CA HIS B 61 -20.85 6.35 5.92
C HIS B 61 -21.26 7.53 6.77
N HIS B 62 -22.39 7.40 7.43
CA HIS B 62 -22.91 8.43 8.29
C HIS B 62 -23.40 7.79 9.56
N MET A 1 7.28 -5.69 20.27
CA MET A 1 8.30 -4.98 21.05
C MET A 1 9.13 -4.13 20.11
N GLU A 2 9.31 -2.86 20.47
CA GLU A 2 10.04 -1.86 19.67
C GLU A 2 9.27 -1.49 18.41
N MET A 3 8.82 -0.25 18.39
CA MET A 3 8.05 0.28 17.27
C MET A 3 8.92 0.43 16.04
N GLY A 4 10.21 0.62 16.25
CA GLY A 4 11.14 0.78 15.15
C GLY A 4 11.21 -0.48 14.32
N GLN A 5 11.21 -1.63 14.99
CA GLN A 5 11.29 -2.89 14.30
C GLN A 5 9.90 -3.33 13.84
N LEU A 6 8.89 -2.71 14.39
CA LEU A 6 7.52 -2.92 13.98
C LEU A 6 7.36 -2.25 12.63
N LYS A 7 7.87 -1.03 12.57
CA LYS A 7 7.85 -0.23 11.36
C LYS A 7 8.78 -0.88 10.32
N ASN A 8 9.79 -1.57 10.82
CA ASN A 8 10.70 -2.36 9.99
C ASN A 8 9.93 -3.42 9.23
N LYS A 9 9.07 -4.16 9.95
CA LYS A 9 8.24 -5.18 9.34
C LYS A 9 7.29 -4.54 8.34
N ILE A 10 6.75 -3.38 8.71
CA ILE A 10 5.87 -2.61 7.83
C ILE A 10 6.60 -2.28 6.52
N GLU A 11 7.82 -1.75 6.63
CA GLU A 11 8.63 -1.45 5.47
C GLU A 11 8.87 -2.67 4.63
N ASN A 12 9.34 -3.71 5.29
CA ASN A 12 9.67 -4.98 4.63
C ASN A 12 8.47 -5.57 3.90
N LYS A 13 7.32 -5.58 4.55
CA LYS A 13 6.11 -6.17 4.00
C LYS A 13 5.60 -5.35 2.81
N LYS A 14 5.57 -4.05 2.99
CA LYS A 14 5.20 -3.12 1.96
C LYS A 14 6.14 -3.26 0.78
N LYS A 15 7.43 -3.40 1.07
CA LYS A 15 8.43 -3.60 0.05
C LYS A 15 8.25 -4.92 -0.69
N GLU A 16 7.89 -5.98 0.06
CA GLU A 16 7.53 -7.28 -0.55
C GLU A 16 6.38 -7.07 -1.54
N LEU A 17 5.46 -6.23 -1.15
CA LEU A 17 4.30 -5.91 -1.93
C LEU A 17 4.67 -5.14 -3.18
N ILE A 18 5.50 -4.12 -3.04
CA ILE A 18 5.89 -3.27 -4.17
C ILE A 18 6.51 -4.14 -5.26
N GLN A 19 7.33 -5.09 -4.84
CA GLN A 19 7.97 -6.03 -5.74
C GLN A 19 6.93 -6.88 -6.49
N LEU A 20 5.88 -7.27 -5.77
CA LEU A 20 4.78 -8.04 -6.37
C LEU A 20 3.98 -7.18 -7.35
N VAL A 21 3.63 -5.96 -6.93
CA VAL A 21 2.97 -5.01 -7.80
C VAL A 21 3.82 -4.75 -9.06
N ALA A 22 5.11 -4.60 -8.85
CA ALA A 22 6.06 -4.33 -9.91
C ALA A 22 6.04 -5.42 -10.98
N ARG A 23 6.16 -6.68 -10.57
CA ARG A 23 6.21 -7.82 -11.49
C ARG A 23 4.89 -8.02 -12.22
N HIS A 24 3.82 -7.45 -11.70
CA HIS A 24 2.50 -7.56 -12.30
C HIS A 24 2.50 -6.93 -13.72
N GLY A 25 3.32 -5.92 -13.92
CA GLY A 25 3.38 -5.31 -15.24
C GLY A 25 3.71 -3.84 -15.21
N LEU A 26 4.13 -3.37 -14.07
CA LEU A 26 4.55 -2.03 -13.92
C LEU A 26 5.91 -1.76 -14.50
N ASP A 27 6.07 -0.56 -14.95
CA ASP A 27 7.30 -0.04 -15.52
C ASP A 27 8.12 0.48 -14.35
N HIS A 28 9.38 0.84 -14.59
CA HIS A 28 10.25 1.35 -13.52
C HIS A 28 9.65 2.58 -12.83
N ASP A 29 9.20 3.52 -13.63
CA ASP A 29 8.59 4.76 -13.15
C ASP A 29 7.31 4.47 -12.40
N LYS A 30 6.57 3.49 -12.87
CA LYS A 30 5.34 3.05 -12.23
C LYS A 30 5.64 2.55 -10.82
N VAL A 31 6.68 1.73 -10.68
CA VAL A 31 7.09 1.19 -9.39
C VAL A 31 7.47 2.34 -8.46
N LEU A 32 8.21 3.30 -8.99
CA LEU A 32 8.66 4.47 -8.23
C LEU A 32 7.48 5.30 -7.76
N LEU A 33 6.59 5.62 -8.67
CA LEU A 33 5.42 6.41 -8.36
C LEU A 33 4.52 5.68 -7.38
N PHE A 34 4.34 4.39 -7.61
CA PHE A 34 3.54 3.57 -6.73
C PHE A 34 4.12 3.53 -5.33
N SER A 35 5.39 3.16 -5.22
CA SER A 35 6.05 3.01 -3.94
C SER A 35 6.04 4.29 -3.10
N ARG A 36 6.29 5.43 -3.74
CA ARG A 36 6.33 6.69 -3.02
C ARG A 36 4.94 7.15 -2.61
N ASP A 37 3.94 6.91 -3.45
CA ASP A 37 2.57 7.32 -3.11
C ASP A 37 2.02 6.37 -2.06
N LEU A 38 2.47 5.13 -2.14
CA LEU A 38 2.17 4.09 -1.17
C LEU A 38 2.77 4.44 0.17
N ASP A 39 4.03 4.85 0.16
CA ASP A 39 4.73 5.24 1.39
C ASP A 39 4.00 6.40 2.03
N LYS A 40 3.59 7.34 1.18
CA LYS A 40 2.83 8.50 1.55
C LYS A 40 1.47 8.14 2.14
N LEU A 41 0.80 7.18 1.51
CA LEU A 41 -0.49 6.66 1.96
C LEU A 41 -0.32 6.08 3.35
N ILE A 42 0.77 5.41 3.53
CA ILE A 42 1.04 4.75 4.78
C ILE A 42 1.41 5.76 5.84
N ASN A 43 2.25 6.72 5.47
CA ASN A 43 2.65 7.83 6.36
C ASN A 43 1.42 8.61 6.81
N LYS A 44 0.39 8.60 5.96
CA LYS A 44 -0.89 9.24 6.23
C LYS A 44 -1.56 8.56 7.43
N PHE A 45 -1.61 7.25 7.41
CA PHE A 45 -2.28 6.49 8.45
C PHE A 45 -1.40 6.26 9.68
N MET A 46 -0.10 6.18 9.45
CA MET A 46 0.87 6.00 10.54
C MET A 46 0.95 7.26 11.36
N ASN A 47 0.57 8.36 10.72
CA ASN A 47 0.65 9.71 11.24
C ASN A 47 2.10 10.08 11.36
N VAL A 48 2.72 10.18 10.22
CA VAL A 48 4.08 10.56 10.11
C VAL A 48 4.12 11.90 9.52
N LYS A 49 4.50 12.82 10.32
CA LYS A 49 4.66 14.14 9.87
C LYS A 49 6.09 14.25 9.45
N ASP A 50 6.25 14.40 8.16
CA ASP A 50 7.55 14.44 7.50
C ASP A 50 8.60 15.30 8.19
N LYS A 51 9.77 14.73 8.31
CA LYS A 51 10.89 15.40 8.90
C LYS A 51 12.10 15.41 7.96
N VAL A 52 11.88 15.16 6.68
CA VAL A 52 12.98 15.22 5.73
C VAL A 52 13.00 16.56 5.03
N HIS A 53 11.83 17.13 4.82
CA HIS A 53 11.72 18.47 4.27
C HIS A 53 10.76 19.31 5.10
N LYS A 54 10.34 18.73 6.23
CA LYS A 54 9.53 19.40 7.28
C LYS A 54 8.19 19.87 6.79
N LEU A 55 7.62 19.15 5.89
CA LEU A 55 6.31 19.50 5.38
C LEU A 55 5.28 18.60 6.01
N GLU A 56 4.27 19.20 6.61
CA GLU A 56 3.24 18.45 7.27
C GLU A 56 2.33 17.82 6.25
N HIS A 57 1.71 18.65 5.45
CA HIS A 57 0.78 18.17 4.46
C HIS A 57 1.40 18.35 3.10
N HIS A 58 1.10 17.46 2.20
CA HIS A 58 1.60 17.55 0.88
C HIS A 58 0.48 17.97 -0.03
N HIS A 59 0.52 19.18 -0.54
CA HIS A 59 -0.50 19.66 -1.46
C HIS A 59 -0.29 19.02 -2.83
N HIS A 60 -1.31 18.32 -3.32
CA HIS A 60 -1.28 17.65 -4.63
C HIS A 60 -0.19 16.57 -4.66
N HIS A 61 0.00 15.97 -5.80
CA HIS A 61 1.02 14.99 -5.98
C HIS A 61 1.47 15.09 -7.41
N HIS A 62 2.73 15.29 -7.62
CA HIS A 62 3.23 15.51 -8.95
C HIS A 62 4.21 14.41 -9.28
N MET B 1 -3.89 -17.22 -16.68
CA MET B 1 -4.73 -16.34 -15.83
C MET B 1 -3.99 -16.06 -14.54
N GLU B 2 -2.68 -16.17 -14.59
CA GLU B 2 -1.88 -16.12 -13.40
C GLU B 2 -1.72 -14.72 -12.85
N MET B 3 -2.14 -13.75 -13.61
CA MET B 3 -2.11 -12.36 -13.17
C MET B 3 -3.06 -12.17 -12.01
N GLY B 4 -4.12 -12.99 -12.00
CA GLY B 4 -5.08 -12.93 -10.93
C GLY B 4 -4.53 -13.56 -9.67
N GLN B 5 -3.76 -14.63 -9.85
CA GLN B 5 -3.11 -15.30 -8.73
C GLN B 5 -2.04 -14.40 -8.17
N LEU B 6 -1.29 -13.77 -9.06
CA LEU B 6 -0.27 -12.80 -8.69
C LEU B 6 -0.91 -11.66 -7.93
N LYS B 7 -2.06 -11.21 -8.42
CA LYS B 7 -2.79 -10.13 -7.79
C LYS B 7 -3.33 -10.59 -6.43
N ASN B 8 -3.59 -11.88 -6.28
CA ASN B 8 -4.05 -12.43 -5.01
C ASN B 8 -2.90 -12.46 -4.03
N LYS B 9 -1.70 -12.71 -4.54
CA LYS B 9 -0.50 -12.67 -3.71
C LYS B 9 -0.30 -11.24 -3.25
N ILE B 10 -0.60 -10.30 -4.16
CA ILE B 10 -0.61 -8.88 -3.88
C ILE B 10 -1.62 -8.57 -2.79
N GLU B 11 -2.85 -9.08 -2.95
CA GLU B 11 -3.93 -8.94 -1.96
C GLU B 11 -3.44 -9.40 -0.61
N ASN B 12 -2.93 -10.61 -0.59
CA ASN B 12 -2.38 -11.21 0.60
C ASN B 12 -1.28 -10.37 1.24
N LYS B 13 -0.34 -9.93 0.42
CA LYS B 13 0.81 -9.16 0.91
C LYS B 13 0.34 -7.80 1.42
N LYS B 14 -0.61 -7.22 0.70
CA LYS B 14 -1.26 -5.97 1.06
C LYS B 14 -1.88 -6.12 2.45
N LYS B 15 -2.58 -7.21 2.62
CA LYS B 15 -3.26 -7.55 3.85
C LYS B 15 -2.28 -7.81 4.99
N GLU B 16 -1.18 -8.52 4.68
CA GLU B 16 -0.11 -8.74 5.66
C GLU B 16 0.39 -7.39 6.17
N LEU B 17 0.54 -6.45 5.25
CA LEU B 17 0.98 -5.13 5.57
C LEU B 17 -0.06 -4.39 6.38
N ILE B 18 -1.31 -4.47 5.93
CA ILE B 18 -2.43 -3.82 6.59
C ILE B 18 -2.49 -4.21 8.05
N GLN B 19 -2.29 -5.49 8.32
CA GLN B 19 -2.25 -6.01 9.68
C GLN B 19 -1.17 -5.29 10.50
N LEU B 20 -0.03 -5.09 9.89
CA LEU B 20 1.09 -4.43 10.52
C LEU B 20 0.80 -2.94 10.77
N VAL B 21 0.34 -2.23 9.74
CA VAL B 21 -0.01 -0.82 9.88
C VAL B 21 -1.17 -0.65 10.89
N ALA B 22 -2.09 -1.60 10.88
CA ALA B 22 -3.23 -1.62 11.77
C ALA B 22 -2.82 -1.72 13.22
N ARG B 23 -1.93 -2.66 13.51
CA ARG B 23 -1.48 -2.88 14.89
C ARG B 23 -0.60 -1.75 15.39
N HIS B 24 -0.14 -0.91 14.48
CA HIS B 24 0.62 0.28 14.83
C HIS B 24 -0.20 1.20 15.74
N GLY B 25 -1.51 1.22 15.56
CA GLY B 25 -2.31 2.06 16.38
C GLY B 25 -3.60 2.48 15.73
N LEU B 26 -3.75 2.13 14.47
CA LEU B 26 -4.95 2.43 13.74
C LEU B 26 -6.18 1.87 14.40
N ASP B 27 -7.21 2.66 14.35
CA ASP B 27 -8.54 2.25 14.80
C ASP B 27 -9.08 1.30 13.78
N HIS B 28 -10.15 0.62 14.11
CA HIS B 28 -10.73 -0.36 13.19
C HIS B 28 -11.22 0.33 11.92
N ASP B 29 -11.73 1.55 12.11
CA ASP B 29 -12.16 2.41 11.00
C ASP B 29 -10.97 2.78 10.14
N LYS B 30 -9.87 3.07 10.78
CA LYS B 30 -8.63 3.42 10.12
C LYS B 30 -8.13 2.28 9.25
N VAL B 31 -8.29 1.06 9.73
CA VAL B 31 -7.87 -0.13 9.00
C VAL B 31 -8.71 -0.23 7.73
N LEU B 32 -10.02 0.03 7.87
CA LEU B 32 -10.97 0.01 6.75
C LEU B 32 -10.56 1.05 5.72
N LEU B 33 -10.37 2.27 6.20
CA LEU B 33 -9.96 3.39 5.36
C LEU B 33 -8.64 3.09 4.65
N PHE B 34 -7.70 2.56 5.40
CA PHE B 34 -6.40 2.21 4.87
C PHE B 34 -6.52 1.17 3.78
N SER B 35 -7.26 0.10 4.06
CA SER B 35 -7.41 -0.97 3.11
C SER B 35 -8.06 -0.52 1.79
N ARG B 36 -9.05 0.36 1.88
CA ARG B 36 -9.75 0.83 0.68
C ARG B 36 -8.93 1.84 -0.11
N ASP B 37 -8.22 2.72 0.60
CA ASP B 37 -7.37 3.78 -0.01
C ASP B 37 -6.23 3.09 -0.75
N LEU B 38 -5.68 2.12 -0.08
CA LEU B 38 -4.58 1.31 -0.57
C LEU B 38 -5.00 0.42 -1.72
N ASP B 39 -6.16 -0.19 -1.60
CA ASP B 39 -6.68 -1.06 -2.65
C ASP B 39 -6.87 -0.30 -3.93
N LYS B 40 -7.40 0.92 -3.83
CA LYS B 40 -7.62 1.75 -5.02
C LYS B 40 -6.30 2.19 -5.64
N LEU B 41 -5.31 2.46 -4.81
CA LEU B 41 -3.99 2.82 -5.29
C LEU B 41 -3.39 1.66 -6.08
N ILE B 42 -3.60 0.47 -5.59
CA ILE B 42 -3.12 -0.71 -6.25
C ILE B 42 -3.92 -0.94 -7.53
N ASN B 43 -5.25 -0.83 -7.45
CA ASN B 43 -6.14 -1.00 -8.63
C ASN B 43 -5.76 -0.04 -9.74
N LYS B 44 -5.32 1.15 -9.35
CA LYS B 44 -4.87 2.18 -10.27
C LYS B 44 -3.68 1.66 -11.08
N PHE B 45 -2.65 1.20 -10.39
CA PHE B 45 -1.43 0.73 -11.02
C PHE B 45 -1.55 -0.65 -11.66
N MET B 46 -2.49 -1.46 -11.15
CA MET B 46 -2.78 -2.77 -11.75
C MET B 46 -3.51 -2.55 -13.06
N ASN B 47 -4.13 -1.37 -13.16
CA ASN B 47 -4.98 -0.97 -14.27
C ASN B 47 -6.23 -1.83 -14.26
N VAL B 48 -7.00 -1.66 -13.22
CA VAL B 48 -8.24 -2.39 -13.04
C VAL B 48 -9.35 -1.43 -13.13
N LYS B 49 -10.10 -1.57 -14.13
CA LYS B 49 -11.21 -0.75 -14.31
C LYS B 49 -12.41 -1.42 -13.71
N ASP B 50 -12.86 -0.88 -12.60
CA ASP B 50 -14.05 -1.35 -11.94
C ASP B 50 -15.22 -1.24 -12.88
N LYS B 51 -15.63 -2.34 -13.44
CA LYS B 51 -16.69 -2.38 -14.42
C LYS B 51 -18.04 -2.67 -13.78
N VAL B 52 -18.09 -2.50 -12.49
CA VAL B 52 -19.35 -2.50 -11.79
C VAL B 52 -19.91 -1.10 -11.98
N HIS B 53 -21.17 -0.98 -12.22
CA HIS B 53 -21.71 0.34 -12.54
C HIS B 53 -21.86 1.20 -11.30
N LYS B 54 -22.04 0.54 -10.18
CA LYS B 54 -22.14 1.16 -8.87
C LYS B 54 -22.37 0.07 -7.85
N LEU B 55 -21.98 0.31 -6.62
CA LEU B 55 -22.33 -0.59 -5.53
C LEU B 55 -23.58 -0.03 -4.91
N GLU B 56 -24.48 -0.92 -4.43
CA GLU B 56 -25.87 -0.54 -4.05
C GLU B 56 -26.55 -0.19 -5.35
N HIS B 57 -26.30 -1.07 -6.31
CA HIS B 57 -26.68 -0.91 -7.69
C HIS B 57 -28.16 -1.13 -7.90
N HIS B 58 -28.79 -0.15 -8.44
CA HIS B 58 -30.16 -0.22 -8.86
C HIS B 58 -30.29 0.52 -10.16
N HIS B 59 -29.99 1.84 -10.11
CA HIS B 59 -30.12 2.76 -11.25
C HIS B 59 -31.54 2.76 -11.76
N HIS B 60 -32.46 2.59 -10.84
CA HIS B 60 -33.85 2.54 -11.15
C HIS B 60 -34.42 3.95 -11.18
N HIS B 61 -34.60 4.46 -12.36
CA HIS B 61 -35.16 5.76 -12.58
C HIS B 61 -36.65 5.63 -12.66
N HIS B 62 -37.33 6.42 -11.88
CA HIS B 62 -38.77 6.40 -11.82
C HIS B 62 -39.29 7.51 -12.73
N MET A 1 7.84 -4.59 22.38
CA MET A 1 8.00 -4.58 20.92
C MET A 1 8.31 -3.19 20.47
N GLU A 2 9.52 -2.99 20.00
CA GLU A 2 9.94 -1.70 19.54
C GLU A 2 9.28 -1.32 18.24
N MET A 3 8.70 -0.13 18.24
CA MET A 3 7.97 0.38 17.10
C MET A 3 8.88 0.63 15.89
N GLY A 4 10.17 0.78 16.15
CA GLY A 4 11.13 0.94 15.09
C GLY A 4 11.21 -0.30 14.23
N GLN A 5 11.23 -1.47 14.87
CA GLN A 5 11.28 -2.71 14.13
C GLN A 5 9.91 -3.08 13.57
N LEU A 6 8.87 -2.53 14.18
CA LEU A 6 7.52 -2.65 13.67
C LEU A 6 7.45 -1.94 12.31
N LYS A 7 8.05 -0.75 12.26
CA LYS A 7 8.16 0.02 11.03
C LYS A 7 8.88 -0.77 9.99
N ASN A 8 9.97 -1.39 10.40
CA ASN A 8 10.79 -2.20 9.51
C ASN A 8 10.00 -3.39 8.95
N LYS A 9 9.09 -3.96 9.75
CA LYS A 9 8.23 -5.04 9.28
C LYS A 9 7.28 -4.52 8.22
N ILE A 10 6.74 -3.34 8.47
CA ILE A 10 5.87 -2.65 7.54
C ILE A 10 6.63 -2.38 6.25
N GLU A 11 7.86 -1.89 6.38
CA GLU A 11 8.74 -1.63 5.24
C GLU A 11 8.90 -2.87 4.41
N ASN A 12 9.28 -3.95 5.07
CA ASN A 12 9.48 -5.24 4.43
C ASN A 12 8.23 -5.70 3.69
N LYS A 13 7.10 -5.64 4.35
CA LYS A 13 5.85 -6.12 3.78
C LYS A 13 5.41 -5.25 2.59
N LYS A 14 5.55 -3.96 2.76
CA LYS A 14 5.29 -2.96 1.76
C LYS A 14 6.13 -3.28 0.53
N LYS A 15 7.42 -3.51 0.76
CA LYS A 15 8.36 -3.82 -0.29
C LYS A 15 8.01 -5.12 -0.99
N GLU A 16 7.60 -6.15 -0.21
CA GLU A 16 7.16 -7.43 -0.77
C GLU A 16 6.02 -7.19 -1.77
N LEU A 17 5.12 -6.31 -1.40
CA LEU A 17 3.99 -5.95 -2.21
C LEU A 17 4.39 -5.15 -3.43
N ILE A 18 5.27 -4.19 -3.24
CA ILE A 18 5.71 -3.35 -4.34
C ILE A 18 6.32 -4.22 -5.44
N GLN A 19 7.10 -5.22 -5.03
CA GLN A 19 7.71 -6.17 -5.93
C GLN A 19 6.63 -6.97 -6.69
N LEU A 20 5.50 -7.21 -6.03
CA LEU A 20 4.39 -7.91 -6.64
C LEU A 20 3.70 -7.06 -7.70
N VAL A 21 3.32 -5.81 -7.37
CA VAL A 21 2.75 -4.93 -8.38
C VAL A 21 3.77 -4.64 -9.52
N ALA A 22 5.04 -4.63 -9.18
CA ALA A 22 6.11 -4.41 -10.13
C ALA A 22 6.17 -5.54 -11.17
N ARG A 23 6.19 -6.79 -10.69
CA ARG A 23 6.24 -7.98 -11.58
C ARG A 23 4.97 -8.12 -12.41
N HIS A 24 3.92 -7.44 -11.97
CA HIS A 24 2.68 -7.33 -12.74
C HIS A 24 2.99 -6.74 -14.14
N GLY A 25 3.89 -5.79 -14.18
CA GLY A 25 4.24 -5.19 -15.46
C GLY A 25 4.39 -3.71 -15.38
N LEU A 26 4.89 -3.20 -14.27
CA LEU A 26 5.08 -1.78 -14.13
C LEU A 26 6.43 -1.38 -14.62
N ASP A 27 6.51 -0.17 -15.08
CA ASP A 27 7.75 0.46 -15.45
C ASP A 27 8.43 0.86 -14.17
N HIS A 28 9.69 1.22 -14.23
CA HIS A 28 10.40 1.62 -13.02
C HIS A 28 9.77 2.83 -12.41
N ASP A 29 9.40 3.77 -13.28
CA ASP A 29 8.75 4.99 -12.84
C ASP A 29 7.46 4.67 -12.12
N LYS A 30 6.73 3.69 -12.64
CA LYS A 30 5.49 3.24 -12.02
C LYS A 30 5.74 2.68 -10.64
N VAL A 31 6.72 1.78 -10.55
CA VAL A 31 7.12 1.16 -9.29
C VAL A 31 7.54 2.23 -8.28
N LEU A 32 8.33 3.17 -8.74
CA LEU A 32 8.84 4.26 -7.92
C LEU A 32 7.72 5.17 -7.45
N LEU A 33 6.92 5.66 -8.37
CA LEU A 33 5.81 6.57 -8.02
C LEU A 33 4.84 5.90 -7.07
N PHE A 34 4.54 4.64 -7.33
CA PHE A 34 3.66 3.86 -6.49
C PHE A 34 4.22 3.73 -5.09
N SER A 35 5.45 3.28 -4.98
CA SER A 35 6.08 3.04 -3.70
C SER A 35 6.19 4.31 -2.86
N ARG A 36 6.42 5.43 -3.52
CA ARG A 36 6.53 6.71 -2.83
C ARG A 36 5.21 7.12 -2.23
N ASP A 37 4.16 6.99 -3.02
CA ASP A 37 2.83 7.41 -2.58
C ASP A 37 2.28 6.40 -1.58
N LEU A 38 2.66 5.15 -1.75
CA LEU A 38 2.33 4.07 -0.82
C LEU A 38 2.97 4.33 0.53
N ASP A 39 4.24 4.67 0.49
CA ASP A 39 5.03 5.00 1.68
C ASP A 39 4.32 6.12 2.44
N LYS A 40 3.98 7.16 1.70
CA LYS A 40 3.27 8.33 2.19
C LYS A 40 1.88 7.98 2.74
N LEU A 41 1.19 7.08 2.05
CA LEU A 41 -0.14 6.63 2.44
C LEU A 41 -0.11 5.90 3.76
N ILE A 42 0.89 5.10 3.97
CA ILE A 42 1.02 4.38 5.21
C ILE A 42 1.31 5.37 6.33
N ASN A 43 2.33 6.20 6.12
CA ASN A 43 2.73 7.26 7.07
C ASN A 43 1.55 8.16 7.43
N LYS A 44 0.67 8.35 6.46
CA LYS A 44 -0.55 9.14 6.60
C LYS A 44 -1.39 8.60 7.74
N PHE A 45 -1.56 7.31 7.74
CA PHE A 45 -2.34 6.64 8.73
C PHE A 45 -1.57 6.40 10.01
N MET A 46 -0.28 6.14 9.87
CA MET A 46 0.58 5.86 11.04
C MET A 46 0.72 7.13 11.89
N ASN A 47 0.70 8.27 11.19
CA ASN A 47 0.85 9.64 11.73
C ASN A 47 2.31 9.99 11.94
N VAL A 48 3.13 9.01 11.80
CA VAL A 48 4.55 9.19 11.89
C VAL A 48 5.05 9.58 10.52
N LYS A 49 5.79 10.64 10.48
CA LYS A 49 6.25 11.20 9.23
C LYS A 49 7.75 11.26 9.30
N ASP A 50 8.30 10.29 10.00
CA ASP A 50 9.72 10.20 10.29
C ASP A 50 10.55 10.15 9.02
N LYS A 51 11.30 11.21 8.81
CA LYS A 51 12.18 11.29 7.67
C LYS A 51 13.59 10.98 8.09
N VAL A 52 13.72 10.54 9.30
CA VAL A 52 15.00 10.20 9.86
C VAL A 52 15.28 8.71 9.71
N HIS A 53 15.62 8.33 8.50
CA HIS A 53 16.00 6.96 8.20
C HIS A 53 17.49 6.87 8.43
N LYS A 54 18.10 7.95 8.06
CA LYS A 54 19.50 8.15 8.17
C LYS A 54 19.72 9.33 9.07
N LEU A 55 20.24 9.08 10.23
CA LEU A 55 20.56 10.15 11.14
C LEU A 55 21.98 10.59 10.87
N GLU A 56 22.20 11.88 10.89
CA GLU A 56 23.52 12.43 10.67
C GLU A 56 24.34 12.13 11.92
N HIS A 57 23.74 12.41 13.05
CA HIS A 57 24.26 12.11 14.35
C HIS A 57 23.05 11.95 15.23
N HIS A 58 23.23 11.45 16.42
CA HIS A 58 22.14 11.40 17.37
C HIS A 58 21.99 12.77 17.97
N HIS A 59 23.14 13.47 18.07
CA HIS A 59 23.21 14.83 18.59
C HIS A 59 22.85 14.88 20.04
N HIS A 60 22.47 16.07 20.52
CA HIS A 60 22.04 16.32 21.91
C HIS A 60 23.24 16.48 22.83
N HIS A 61 24.30 15.71 22.57
CA HIS A 61 25.58 15.93 23.25
C HIS A 61 26.10 17.27 22.75
N HIS A 62 25.90 17.47 21.47
CA HIS A 62 26.17 18.67 20.73
C HIS A 62 25.12 18.72 19.67
N MET B 1 1.53 -17.03 -15.72
CA MET B 1 0.39 -17.66 -16.40
C MET B 1 -0.92 -16.99 -16.00
N GLU B 2 -1.25 -17.03 -14.72
CA GLU B 2 -2.49 -16.45 -14.26
C GLU B 2 -2.23 -15.16 -13.49
N MET B 3 -2.65 -14.04 -14.06
CA MET B 3 -2.47 -12.74 -13.42
C MET B 3 -3.46 -12.59 -12.28
N GLY B 4 -4.53 -13.37 -12.32
CA GLY B 4 -5.53 -13.35 -11.28
C GLY B 4 -4.95 -13.82 -9.96
N GLN B 5 -4.05 -14.81 -10.03
CA GLN B 5 -3.40 -15.32 -8.83
C GLN B 5 -2.25 -14.43 -8.43
N LEU B 6 -1.74 -13.66 -9.37
CA LEU B 6 -0.74 -12.67 -9.07
C LEU B 6 -1.42 -11.56 -8.27
N LYS B 7 -2.58 -11.15 -8.73
CA LYS B 7 -3.41 -10.16 -8.04
C LYS B 7 -3.84 -10.72 -6.70
N ASN B 8 -4.04 -12.02 -6.66
CA ASN B 8 -4.38 -12.77 -5.44
C ASN B 8 -3.27 -12.58 -4.39
N LYS B 9 -2.04 -12.72 -4.84
CA LYS B 9 -0.89 -12.54 -3.96
C LYS B 9 -0.76 -11.08 -3.56
N ILE B 10 -1.11 -10.20 -4.47
CA ILE B 10 -1.14 -8.78 -4.19
C ILE B 10 -2.15 -8.49 -3.10
N GLU B 11 -3.34 -9.04 -3.24
CA GLU B 11 -4.39 -8.94 -2.23
C GLU B 11 -3.86 -9.46 -0.91
N ASN B 12 -3.26 -10.63 -0.97
CA ASN B 12 -2.65 -11.29 0.18
C ASN B 12 -1.63 -10.41 0.89
N LYS B 13 -0.69 -9.89 0.13
CA LYS B 13 0.41 -9.13 0.67
C LYS B 13 -0.08 -7.78 1.20
N LYS B 14 -0.99 -7.19 0.46
CA LYS B 14 -1.66 -5.96 0.81
C LYS B 14 -2.29 -6.16 2.19
N LYS B 15 -3.04 -7.24 2.33
CA LYS B 15 -3.71 -7.58 3.57
C LYS B 15 -2.71 -7.85 4.70
N GLU B 16 -1.60 -8.55 4.38
CA GLU B 16 -0.53 -8.79 5.37
C GLU B 16 -0.02 -7.45 5.90
N LEU B 17 0.12 -6.51 4.99
CA LEU B 17 0.61 -5.20 5.31
C LEU B 17 -0.42 -4.40 6.08
N ILE B 18 -1.67 -4.47 5.66
CA ILE B 18 -2.75 -3.74 6.33
C ILE B 18 -2.78 -4.10 7.81
N GLN B 19 -2.61 -5.39 8.08
CA GLN B 19 -2.57 -5.92 9.43
C GLN B 19 -1.37 -5.35 10.20
N LEU B 20 -0.27 -5.14 9.51
CA LEU B 20 0.91 -4.56 10.11
C LEU B 20 0.72 -3.09 10.43
N VAL B 21 0.21 -2.32 9.46
CA VAL B 21 -0.11 -0.90 9.70
C VAL B 21 -1.15 -0.77 10.82
N ALA B 22 -2.09 -1.70 10.84
CA ALA B 22 -3.15 -1.72 11.84
C ALA B 22 -2.59 -1.90 13.23
N ARG B 23 -1.70 -2.90 13.40
CA ARG B 23 -1.11 -3.21 14.70
C ARG B 23 -0.09 -2.18 15.14
N HIS B 24 0.23 -1.24 14.25
CA HIS B 24 1.07 -0.12 14.60
C HIS B 24 0.35 0.74 15.63
N GLY B 25 -0.94 0.89 15.43
CA GLY B 25 -1.74 1.65 16.33
C GLY B 25 -2.88 2.32 15.62
N LEU B 26 -3.54 1.60 14.75
CA LEU B 26 -4.67 2.16 14.05
C LEU B 26 -5.95 1.81 14.70
N ASP B 27 -6.85 2.74 14.66
CA ASP B 27 -8.22 2.51 15.09
C ASP B 27 -8.85 1.64 14.04
N HIS B 28 -9.95 1.01 14.35
CA HIS B 28 -10.62 0.15 13.36
C HIS B 28 -11.02 0.93 12.11
N ASP B 29 -11.41 2.20 12.29
CA ASP B 29 -11.79 3.04 11.15
C ASP B 29 -10.58 3.27 10.25
N LYS B 30 -9.44 3.42 10.86
CA LYS B 30 -8.20 3.68 10.17
C LYS B 30 -7.86 2.52 9.27
N VAL B 31 -7.99 1.32 9.80
CA VAL B 31 -7.75 0.10 9.04
C VAL B 31 -8.70 0.04 7.83
N LEU B 32 -9.95 0.41 8.05
CA LEU B 32 -10.97 0.41 7.00
C LEU B 32 -10.62 1.43 5.93
N LEU B 33 -10.33 2.65 6.36
CA LEU B 33 -9.97 3.74 5.45
C LEU B 33 -8.67 3.46 4.72
N PHE B 34 -7.73 2.85 5.42
CA PHE B 34 -6.45 2.53 4.84
C PHE B 34 -6.58 1.46 3.78
N SER B 35 -7.28 0.38 4.10
CA SER B 35 -7.42 -0.73 3.17
C SER B 35 -8.07 -0.31 1.85
N ARG B 36 -9.11 0.51 1.94
CA ARG B 36 -9.82 0.97 0.75
C ARG B 36 -9.02 2.02 -0.03
N ASP B 37 -8.15 2.75 0.65
CA ASP B 37 -7.32 3.76 -0.03
C ASP B 37 -6.14 3.06 -0.69
N LEU B 38 -5.59 2.10 0.03
CA LEU B 38 -4.50 1.28 -0.44
C LEU B 38 -4.93 0.49 -1.67
N ASP B 39 -6.11 -0.10 -1.59
CA ASP B 39 -6.66 -0.87 -2.70
C ASP B 39 -6.78 0.00 -3.95
N LYS B 40 -7.22 1.23 -3.73
CA LYS B 40 -7.36 2.21 -4.73
C LYS B 40 -6.02 2.55 -5.37
N LEU B 41 -5.01 2.75 -4.53
CA LEU B 41 -3.68 3.12 -4.98
C LEU B 41 -3.08 2.00 -5.82
N ILE B 42 -3.35 0.79 -5.41
CA ILE B 42 -2.85 -0.36 -6.12
C ILE B 42 -3.55 -0.46 -7.46
N ASN B 43 -4.88 -0.48 -7.46
CA ASN B 43 -5.69 -0.54 -8.70
C ASN B 43 -5.33 0.58 -9.65
N LYS B 44 -4.96 1.73 -9.09
CA LYS B 44 -4.53 2.89 -9.86
C LYS B 44 -3.31 2.53 -10.70
N PHE B 45 -2.29 2.02 -10.04
CA PHE B 45 -1.05 1.67 -10.70
C PHE B 45 -1.15 0.40 -11.50
N MET B 46 -2.02 -0.50 -11.10
CA MET B 46 -2.23 -1.73 -11.87
C MET B 46 -2.99 -1.36 -13.14
N ASN B 47 -3.73 -0.24 -13.05
CA ASN B 47 -4.59 0.34 -14.10
C ASN B 47 -5.83 -0.54 -14.27
N VAL B 48 -6.14 -1.26 -13.19
CA VAL B 48 -7.24 -2.23 -13.11
C VAL B 48 -7.11 -3.30 -14.15
N LYS B 49 -6.68 -4.43 -13.71
CA LYS B 49 -6.44 -5.53 -14.59
C LYS B 49 -7.39 -6.68 -14.34
N ASP B 50 -8.54 -6.34 -13.87
CA ASP B 50 -9.61 -7.27 -13.74
C ASP B 50 -10.53 -7.00 -14.88
N LYS B 51 -10.67 -7.93 -15.81
CA LYS B 51 -11.50 -7.69 -16.99
C LYS B 51 -12.94 -8.06 -16.74
N VAL B 52 -13.21 -8.40 -15.52
CA VAL B 52 -14.56 -8.64 -15.08
C VAL B 52 -15.19 -7.30 -14.71
N HIS B 53 -16.29 -7.01 -15.34
CA HIS B 53 -16.92 -5.69 -15.20
C HIS B 53 -17.97 -5.71 -14.10
N LYS B 54 -17.68 -6.49 -13.06
CA LYS B 54 -18.51 -6.64 -11.88
C LYS B 54 -19.85 -7.25 -12.22
N LEU B 55 -19.88 -8.56 -12.30
CA LEU B 55 -21.09 -9.29 -12.58
C LEU B 55 -22.01 -9.25 -11.37
N GLU B 56 -23.06 -8.49 -11.50
CA GLU B 56 -23.98 -8.31 -10.44
C GLU B 56 -24.97 -9.45 -10.40
N HIS B 57 -24.63 -10.44 -9.64
CA HIS B 57 -25.47 -11.58 -9.42
C HIS B 57 -25.22 -11.98 -7.99
N HIS B 58 -23.96 -12.25 -7.70
CA HIS B 58 -23.44 -12.51 -6.36
C HIS B 58 -23.96 -13.82 -5.77
N HIS B 59 -23.44 -14.13 -4.63
CA HIS B 59 -23.85 -15.28 -3.84
C HIS B 59 -24.12 -14.77 -2.44
N HIS B 60 -23.31 -13.78 -2.06
CA HIS B 60 -23.31 -13.19 -0.73
C HIS B 60 -22.77 -14.17 0.27
N HIS B 61 -21.46 -14.31 0.22
CA HIS B 61 -20.76 -15.24 1.07
C HIS B 61 -20.70 -14.67 2.47
N HIS B 62 -21.08 -15.48 3.44
CA HIS B 62 -21.12 -15.13 4.86
C HIS B 62 -22.26 -14.16 5.14
N MET A 1 8.72 -5.23 23.16
CA MET A 1 8.81 -5.07 21.72
C MET A 1 9.04 -3.62 21.39
N GLU A 2 9.20 -3.34 20.12
CA GLU A 2 9.45 -2.01 19.64
C GLU A 2 8.46 -1.69 18.55
N MET A 3 8.17 -0.44 18.38
CA MET A 3 7.28 -0.03 17.28
C MET A 3 8.09 0.11 16.03
N GLY A 4 9.38 0.39 16.22
CA GLY A 4 10.29 0.52 15.12
C GLY A 4 10.40 -0.76 14.36
N GLN A 5 10.34 -1.88 15.07
CA GLN A 5 10.45 -3.19 14.45
C GLN A 5 9.19 -3.48 13.64
N LEU A 6 8.07 -2.97 14.12
CA LEU A 6 6.80 -3.15 13.48
C LEU A 6 6.77 -2.32 12.21
N LYS A 7 7.23 -1.08 12.33
CA LYS A 7 7.30 -0.18 11.18
C LYS A 7 8.31 -0.71 10.17
N ASN A 8 9.35 -1.39 10.66
CA ASN A 8 10.32 -2.04 9.79
C ASN A 8 9.65 -3.16 9.03
N LYS A 9 8.82 -3.94 9.71
CA LYS A 9 8.04 -4.99 9.08
C LYS A 9 7.13 -4.40 8.02
N ILE A 10 6.50 -3.28 8.37
CA ILE A 10 5.68 -2.51 7.44
C ILE A 10 6.51 -2.14 6.20
N GLU A 11 7.72 -1.64 6.41
CA GLU A 11 8.62 -1.29 5.31
C GLU A 11 8.86 -2.46 4.41
N ASN A 12 9.28 -3.55 4.99
CA ASN A 12 9.54 -4.76 4.30
C ASN A 12 8.33 -5.26 3.56
N LYS A 13 7.20 -5.32 4.25
CA LYS A 13 5.95 -5.86 3.70
C LYS A 13 5.47 -5.00 2.51
N LYS A 14 5.56 -3.70 2.68
CA LYS A 14 5.26 -2.71 1.67
C LYS A 14 6.12 -2.99 0.44
N LYS A 15 7.41 -3.13 0.65
CA LYS A 15 8.39 -3.40 -0.40
C LYS A 15 8.15 -4.76 -1.05
N GLU A 16 7.78 -5.75 -0.24
CA GLU A 16 7.40 -7.07 -0.71
C GLU A 16 6.23 -6.96 -1.70
N LEU A 17 5.27 -6.13 -1.34
CA LEU A 17 4.10 -5.89 -2.15
C LEU A 17 4.45 -5.11 -3.41
N ILE A 18 5.31 -4.11 -3.26
CA ILE A 18 5.68 -3.28 -4.39
C ILE A 18 6.28 -4.14 -5.50
N GLN A 19 7.11 -5.10 -5.11
CA GLN A 19 7.69 -6.03 -6.05
C GLN A 19 6.63 -6.88 -6.74
N LEU A 20 5.57 -7.19 -6.02
CA LEU A 20 4.49 -7.97 -6.57
C LEU A 20 3.69 -7.19 -7.60
N VAL A 21 3.27 -5.95 -7.27
CA VAL A 21 2.60 -5.14 -8.27
C VAL A 21 3.54 -4.83 -9.46
N ALA A 22 4.82 -4.69 -9.17
CA ALA A 22 5.82 -4.39 -10.18
C ALA A 22 5.90 -5.50 -11.22
N ARG A 23 6.05 -6.74 -10.75
CA ARG A 23 6.15 -7.91 -11.64
C ARG A 23 4.86 -8.14 -12.43
N HIS A 24 3.75 -7.56 -11.95
CA HIS A 24 2.45 -7.64 -12.62
C HIS A 24 2.55 -7.05 -14.04
N GLY A 25 3.35 -6.01 -14.22
CA GLY A 25 3.44 -5.40 -15.52
C GLY A 25 3.81 -3.94 -15.49
N LEU A 26 3.90 -3.38 -14.31
CA LEU A 26 4.28 -2.01 -14.12
C LEU A 26 5.64 -1.67 -14.70
N ASP A 27 5.74 -0.46 -15.19
CA ASP A 27 6.99 0.06 -15.72
C ASP A 27 7.81 0.49 -14.54
N HIS A 28 9.06 0.82 -14.75
CA HIS A 28 9.93 1.28 -13.68
C HIS A 28 9.35 2.57 -13.06
N ASP A 29 8.85 3.45 -13.93
CA ASP A 29 8.19 4.70 -13.51
C ASP A 29 7.03 4.42 -12.60
N LYS A 30 6.25 3.41 -12.99
CA LYS A 30 5.07 3.03 -12.25
C LYS A 30 5.42 2.57 -10.85
N VAL A 31 6.47 1.78 -10.75
CA VAL A 31 6.94 1.27 -9.46
C VAL A 31 7.36 2.43 -8.56
N LEU A 32 8.03 3.40 -9.16
CA LEU A 32 8.47 4.57 -8.45
C LEU A 32 7.28 5.39 -7.97
N LEU A 33 6.37 5.71 -8.88
CA LEU A 33 5.19 6.50 -8.56
C LEU A 33 4.33 5.82 -7.49
N PHE A 34 4.17 4.51 -7.65
CA PHE A 34 3.38 3.71 -6.72
C PHE A 34 3.99 3.74 -5.32
N SER A 35 5.28 3.44 -5.23
CA SER A 35 5.94 3.36 -3.94
C SER A 35 5.96 4.71 -3.22
N ARG A 36 6.09 5.79 -3.99
CA ARG A 36 6.06 7.13 -3.45
C ARG A 36 4.74 7.40 -2.77
N ASP A 37 3.67 7.20 -3.52
CA ASP A 37 2.32 7.49 -3.05
C ASP A 37 1.96 6.56 -1.89
N LEU A 38 2.36 5.30 -2.03
CA LEU A 38 2.14 4.26 -1.03
C LEU A 38 2.82 4.62 0.28
N ASP A 39 4.07 5.04 0.22
CA ASP A 39 4.82 5.39 1.43
C ASP A 39 4.14 6.54 2.13
N LYS A 40 3.77 7.53 1.34
CA LYS A 40 3.09 8.73 1.81
C LYS A 40 1.73 8.39 2.45
N LEU A 41 1.05 7.41 1.89
CA LEU A 41 -0.23 6.96 2.40
C LEU A 41 -0.05 6.34 3.77
N ILE A 42 0.98 5.56 3.90
CA ILE A 42 1.28 4.90 5.16
C ILE A 42 1.68 5.93 6.21
N ASN A 43 2.55 6.88 5.82
CA ASN A 43 3.00 7.96 6.72
C ASN A 43 1.82 8.75 7.26
N LYS A 44 0.81 8.91 6.41
CA LYS A 44 -0.42 9.62 6.74
C LYS A 44 -1.16 8.88 7.86
N PHE A 45 -1.27 7.59 7.73
CA PHE A 45 -1.98 6.79 8.71
C PHE A 45 -1.16 6.53 9.97
N MET A 46 0.17 6.57 9.82
CA MET A 46 1.09 6.50 10.98
C MET A 46 0.95 7.81 11.80
N ASN A 47 0.36 8.82 11.12
CA ASN A 47 0.08 10.18 11.62
C ASN A 47 1.38 10.90 11.90
N VAL A 48 2.37 10.55 11.09
CA VAL A 48 3.72 11.10 11.11
C VAL A 48 4.42 10.89 12.43
N LYS A 49 5.30 9.97 12.41
CA LYS A 49 6.14 9.74 13.54
C LYS A 49 7.47 10.37 13.29
N ASP A 50 7.65 11.46 13.95
CA ASP A 50 8.79 12.31 13.76
C ASP A 50 8.91 13.13 15.02
N LYS A 51 9.70 14.16 14.98
CA LYS A 51 9.94 15.04 16.12
C LYS A 51 9.15 16.30 15.87
N VAL A 52 8.27 16.17 14.94
CA VAL A 52 7.45 17.19 14.40
C VAL A 52 6.52 17.78 15.47
N HIS A 53 6.30 19.07 15.36
CA HIS A 53 5.40 19.77 16.26
C HIS A 53 3.97 19.34 15.94
N LYS A 54 3.32 18.73 16.88
CA LYS A 54 1.96 18.30 16.70
C LYS A 54 1.04 19.23 17.45
N LEU A 55 -0.17 19.37 16.94
CA LEU A 55 -1.15 20.25 17.52
C LEU A 55 -1.43 19.91 18.98
N GLU A 56 -1.36 20.91 19.79
CA GLU A 56 -1.58 20.77 21.21
C GLU A 56 -3.07 20.86 21.53
N HIS A 57 -3.54 19.90 22.26
CA HIS A 57 -4.91 19.91 22.74
C HIS A 57 -4.88 20.20 24.22
N HIS A 58 -3.81 19.77 24.84
CA HIS A 58 -3.55 19.95 26.23
C HIS A 58 -2.21 20.63 26.33
N HIS A 59 -1.91 21.24 27.47
CA HIS A 59 -0.62 21.92 27.74
C HIS A 59 -0.44 23.14 26.84
N HIS A 60 -1.57 23.75 26.46
CA HIS A 60 -1.60 24.93 25.58
C HIS A 60 -0.70 26.04 26.03
N HIS A 61 0.00 26.56 25.09
CA HIS A 61 0.88 27.67 25.27
C HIS A 61 0.09 28.96 25.03
N HIS A 62 0.59 30.06 25.52
CA HIS A 62 -0.12 31.31 25.39
C HIS A 62 0.56 32.19 24.36
N MET B 1 0.84 -19.94 -12.07
CA MET B 1 1.79 -19.06 -12.77
C MET B 1 1.05 -17.90 -13.37
N GLU B 2 -0.25 -17.98 -13.28
CA GLU B 2 -1.16 -17.10 -13.93
C GLU B 2 -1.37 -15.84 -13.10
N MET B 3 -1.63 -14.72 -13.79
CA MET B 3 -1.74 -13.41 -13.14
C MET B 3 -2.84 -13.35 -12.10
N GLY B 4 -3.85 -14.19 -12.25
CA GLY B 4 -4.96 -14.20 -11.29
C GLY B 4 -4.54 -14.71 -9.92
N GLN B 5 -3.53 -15.54 -9.92
CA GLN B 5 -2.99 -16.12 -8.70
C GLN B 5 -1.94 -15.17 -8.14
N LEU B 6 -1.24 -14.53 -9.05
CA LEU B 6 -0.26 -13.51 -8.73
C LEU B 6 -0.97 -12.34 -8.02
N LYS B 7 -2.11 -11.95 -8.56
CA LYS B 7 -2.92 -10.85 -8.03
C LYS B 7 -3.50 -11.27 -6.67
N ASN B 8 -3.73 -12.57 -6.51
CA ASN B 8 -4.25 -13.12 -5.27
C ASN B 8 -3.18 -12.99 -4.19
N LYS B 9 -1.93 -13.26 -4.55
CA LYS B 9 -0.82 -13.13 -3.62
C LYS B 9 -0.55 -11.66 -3.31
N ILE B 10 -0.82 -10.80 -4.29
CA ILE B 10 -0.73 -9.35 -4.09
C ILE B 10 -1.72 -8.93 -3.02
N GLU B 11 -2.95 -9.42 -3.13
CA GLU B 11 -3.97 -9.19 -2.12
C GLU B 11 -3.44 -9.62 -0.76
N ASN B 12 -2.98 -10.83 -0.70
CA ASN B 12 -2.43 -11.44 0.51
C ASN B 12 -1.32 -10.60 1.15
N LYS B 13 -0.35 -10.20 0.35
CA LYS B 13 0.80 -9.44 0.84
C LYS B 13 0.37 -8.04 1.31
N LYS B 14 -0.55 -7.43 0.58
CA LYS B 14 -1.16 -6.18 0.94
C LYS B 14 -1.87 -6.33 2.29
N LYS B 15 -2.61 -7.41 2.43
CA LYS B 15 -3.37 -7.70 3.63
C LYS B 15 -2.46 -7.93 4.83
N GLU B 16 -1.33 -8.62 4.61
CA GLU B 16 -0.29 -8.77 5.65
C GLU B 16 0.14 -7.39 6.13
N LEU B 17 0.29 -6.49 5.19
CA LEU B 17 0.71 -5.14 5.46
C LEU B 17 -0.36 -4.37 6.21
N ILE B 18 -1.60 -4.50 5.78
CA ILE B 18 -2.70 -3.79 6.41
C ILE B 18 -2.76 -4.15 7.88
N GLN B 19 -2.53 -5.42 8.18
CA GLN B 19 -2.52 -5.91 9.55
C GLN B 19 -1.41 -5.24 10.34
N LEU B 20 -0.25 -5.12 9.72
CA LEU B 20 0.90 -4.44 10.29
C LEU B 20 0.58 -2.98 10.60
N VAL B 21 0.11 -2.24 9.60
CA VAL B 21 -0.30 -0.83 9.81
C VAL B 21 -1.40 -0.72 10.90
N ALA B 22 -2.32 -1.67 10.89
CA ALA B 22 -3.44 -1.73 11.82
C ALA B 22 -2.97 -1.92 13.26
N ARG B 23 -2.11 -2.91 13.49
CA ARG B 23 -1.59 -3.23 14.83
C ARG B 23 -0.60 -2.19 15.31
N HIS B 24 -0.17 -1.33 14.41
CA HIS B 24 0.75 -0.27 14.75
C HIS B 24 0.07 0.67 15.73
N GLY B 25 -1.05 1.20 15.32
CA GLY B 25 -1.76 2.11 16.16
C GLY B 25 -2.97 2.66 15.47
N LEU B 26 -3.62 1.85 14.66
CA LEU B 26 -4.81 2.31 14.01
C LEU B 26 -6.01 1.77 14.69
N ASP B 27 -7.06 2.46 14.53
CA ASP B 27 -8.33 2.02 14.99
C ASP B 27 -9.01 1.40 13.82
N HIS B 28 -10.14 0.77 14.06
CA HIS B 28 -10.83 0.01 13.02
C HIS B 28 -11.16 0.89 11.81
N ASP B 29 -11.55 2.14 12.05
CA ASP B 29 -11.90 3.06 10.98
C ASP B 29 -10.69 3.36 10.10
N LYS B 30 -9.54 3.52 10.73
CA LYS B 30 -8.30 3.81 10.02
C LYS B 30 -7.91 2.65 9.14
N VAL B 31 -8.04 1.44 9.66
CA VAL B 31 -7.75 0.24 8.91
C VAL B 31 -8.62 0.16 7.65
N LEU B 32 -9.90 0.48 7.81
CA LEU B 32 -10.85 0.44 6.70
C LEU B 32 -10.51 1.47 5.64
N LEU B 33 -10.28 2.68 6.08
CA LEU B 33 -9.97 3.77 5.17
C LEU B 33 -8.63 3.54 4.49
N PHE B 34 -7.66 3.06 5.25
CA PHE B 34 -6.35 2.77 4.73
C PHE B 34 -6.40 1.68 3.69
N SER B 35 -6.98 0.54 4.05
CA SER B 35 -7.01 -0.62 3.19
C SER B 35 -7.66 -0.33 1.84
N ARG B 36 -8.74 0.43 1.85
CA ARG B 36 -9.44 0.73 0.63
C ARG B 36 -8.74 1.80 -0.19
N ASP B 37 -8.05 2.72 0.47
CA ASP B 37 -7.33 3.77 -0.24
C ASP B 37 -6.09 3.15 -0.86
N LEU B 38 -5.51 2.25 -0.12
CA LEU B 38 -4.39 1.43 -0.54
C LEU B 38 -4.81 0.60 -1.74
N ASP B 39 -5.96 -0.03 -1.62
CA ASP B 39 -6.53 -0.86 -2.67
C ASP B 39 -6.71 -0.06 -3.97
N LYS B 40 -7.18 1.20 -3.84
CA LYS B 40 -7.44 2.04 -5.00
C LYS B 40 -6.13 2.38 -5.72
N LEU B 41 -5.09 2.64 -4.93
CA LEU B 41 -3.79 3.01 -5.45
C LEU B 41 -3.22 1.84 -6.22
N ILE B 42 -3.47 0.67 -5.71
CA ILE B 42 -2.97 -0.53 -6.29
C ILE B 42 -3.69 -0.80 -7.60
N ASN B 43 -5.01 -0.84 -7.55
CA ASN B 43 -5.86 -1.09 -8.72
C ASN B 43 -5.54 -0.11 -9.85
N LYS B 44 -5.26 1.12 -9.48
CA LYS B 44 -4.89 2.18 -10.40
C LYS B 44 -3.63 1.79 -11.17
N PHE B 45 -2.63 1.33 -10.47
CA PHE B 45 -1.37 0.96 -11.08
C PHE B 45 -1.40 -0.39 -11.76
N MET B 46 -2.23 -1.29 -11.26
CA MET B 46 -2.37 -2.62 -11.87
C MET B 46 -3.04 -2.49 -13.23
N ASN B 47 -3.71 -1.35 -13.40
CA ASN B 47 -4.45 -0.97 -14.60
C ASN B 47 -5.68 -1.83 -14.71
N VAL B 48 -6.60 -1.58 -13.82
CA VAL B 48 -7.84 -2.28 -13.80
C VAL B 48 -8.80 -1.62 -14.74
N LYS B 49 -9.19 -2.36 -15.68
CA LYS B 49 -10.08 -1.91 -16.67
C LYS B 49 -11.47 -2.29 -16.25
N ASP B 50 -12.04 -1.38 -15.52
CA ASP B 50 -13.32 -1.54 -14.89
C ASP B 50 -13.94 -0.15 -14.86
N LYS B 51 -14.95 0.02 -14.11
CA LYS B 51 -15.73 1.27 -14.09
C LYS B 51 -15.46 1.98 -12.78
N VAL B 52 -14.46 1.49 -12.14
CA VAL B 52 -14.05 1.93 -10.86
C VAL B 52 -13.22 3.21 -10.97
N HIS B 53 -12.69 3.45 -12.15
CA HIS B 53 -11.92 4.64 -12.36
C HIS B 53 -12.80 5.69 -12.98
N LYS B 54 -13.49 6.39 -12.13
CA LYS B 54 -14.31 7.47 -12.52
C LYS B 54 -13.43 8.69 -12.57
N LEU B 55 -12.96 9.01 -13.76
CA LEU B 55 -11.98 10.00 -13.94
C LEU B 55 -12.55 11.40 -13.84
N GLU B 56 -12.50 11.84 -12.64
CA GLU B 56 -12.80 13.17 -12.25
C GLU B 56 -12.17 13.36 -10.90
N HIS B 57 -10.90 13.65 -10.94
CA HIS B 57 -10.09 13.80 -9.75
C HIS B 57 -9.40 15.14 -9.82
N HIS B 58 -8.56 15.31 -10.83
CA HIS B 58 -7.84 16.55 -11.03
C HIS B 58 -7.78 16.89 -12.51
N HIS B 59 -8.87 17.42 -13.02
CA HIS B 59 -8.94 17.83 -14.40
C HIS B 59 -8.43 19.26 -14.48
N HIS B 60 -7.56 19.53 -15.43
CA HIS B 60 -7.01 20.86 -15.58
C HIS B 60 -7.87 21.66 -16.53
N HIS B 61 -8.61 22.56 -15.98
CA HIS B 61 -9.48 23.43 -16.75
C HIS B 61 -9.18 24.86 -16.36
N HIS B 62 -9.94 25.78 -16.87
CA HIS B 62 -9.78 27.15 -16.53
C HIS B 62 -11.04 27.63 -15.87
N MET A 1 6.67 -0.14 22.51
CA MET A 1 7.84 0.55 23.04
C MET A 1 8.73 0.99 21.89
N GLU A 2 9.39 0.04 21.26
CA GLU A 2 10.30 0.34 20.18
C GLU A 2 9.49 0.24 18.88
N MET A 3 9.27 1.35 18.24
CA MET A 3 8.44 1.39 17.03
C MET A 3 9.23 1.15 15.76
N GLY A 4 10.53 1.26 15.85
CA GLY A 4 11.37 1.10 14.68
C GLY A 4 11.27 -0.29 14.14
N GLN A 5 11.23 -1.25 15.04
CA GLN A 5 11.08 -2.65 14.70
C GLN A 5 9.72 -2.93 14.05
N LEU A 6 8.71 -2.23 14.53
CA LEU A 6 7.36 -2.39 14.02
C LEU A 6 7.31 -1.77 12.63
N LYS A 7 7.86 -0.58 12.51
CA LYS A 7 7.96 0.11 11.24
C LYS A 7 8.78 -0.65 10.25
N ASN A 8 9.80 -1.33 10.73
CA ASN A 8 10.67 -2.14 9.90
C ASN A 8 9.87 -3.24 9.23
N LYS A 9 9.04 -3.93 10.00
CA LYS A 9 8.20 -5.01 9.46
C LYS A 9 7.24 -4.43 8.42
N ILE A 10 6.69 -3.25 8.73
CA ILE A 10 5.80 -2.55 7.81
C ILE A 10 6.51 -2.23 6.52
N GLU A 11 7.68 -1.59 6.61
CA GLU A 11 8.49 -1.26 5.44
C GLU A 11 8.75 -2.50 4.63
N ASN A 12 9.19 -3.53 5.34
CA ASN A 12 9.56 -4.81 4.79
C ASN A 12 8.42 -5.42 3.97
N LYS A 13 7.25 -5.47 4.57
CA LYS A 13 6.09 -6.11 3.97
C LYS A 13 5.56 -5.30 2.80
N LYS A 14 5.56 -3.99 2.99
CA LYS A 14 5.17 -3.04 1.99
C LYS A 14 6.06 -3.20 0.74
N LYS A 15 7.35 -3.35 1.00
CA LYS A 15 8.35 -3.56 -0.06
C LYS A 15 8.13 -4.87 -0.78
N GLU A 16 7.81 -5.92 -0.03
CA GLU A 16 7.49 -7.22 -0.62
C GLU A 16 6.32 -7.07 -1.59
N LEU A 17 5.34 -6.28 -1.19
CA LEU A 17 4.16 -6.02 -1.98
C LEU A 17 4.51 -5.28 -3.24
N ILE A 18 5.31 -4.24 -3.10
CA ILE A 18 5.73 -3.40 -4.21
C ILE A 18 6.32 -4.25 -5.32
N GLN A 19 7.15 -5.20 -4.93
CA GLN A 19 7.77 -6.14 -5.85
C GLN A 19 6.72 -6.98 -6.61
N LEU A 20 5.64 -7.30 -5.93
CA LEU A 20 4.56 -8.07 -6.51
C LEU A 20 3.72 -7.22 -7.47
N VAL A 21 3.33 -6.02 -7.04
CA VAL A 21 2.60 -5.08 -7.89
C VAL A 21 3.46 -4.70 -9.12
N ALA A 22 4.77 -4.61 -8.90
CA ALA A 22 5.73 -4.28 -9.95
C ALA A 22 5.74 -5.33 -11.05
N ARG A 23 5.90 -6.59 -10.66
CA ARG A 23 5.98 -7.71 -11.61
C ARG A 23 4.68 -7.91 -12.38
N HIS A 24 3.59 -7.33 -11.86
CA HIS A 24 2.30 -7.32 -12.55
C HIS A 24 2.44 -6.66 -13.94
N GLY A 25 3.30 -5.66 -14.04
CA GLY A 25 3.45 -5.00 -15.32
C GLY A 25 4.04 -3.61 -15.21
N LEU A 26 4.06 -3.06 -13.99
CA LEU A 26 4.60 -1.75 -13.72
C LEU A 26 6.06 -1.61 -14.14
N ASP A 27 6.39 -0.43 -14.55
CA ASP A 27 7.75 -0.10 -14.96
C ASP A 27 8.45 0.51 -13.76
N HIS A 28 9.71 0.82 -13.89
CA HIS A 28 10.49 1.40 -12.81
C HIS A 28 9.86 2.71 -12.36
N ASP A 29 9.34 3.47 -13.32
CA ASP A 29 8.72 4.77 -13.00
C ASP A 29 7.50 4.55 -12.14
N LYS A 30 6.78 3.51 -12.45
CA LYS A 30 5.59 3.18 -11.74
C LYS A 30 5.92 2.64 -10.37
N VAL A 31 6.99 1.87 -10.27
CA VAL A 31 7.41 1.30 -9.02
C VAL A 31 7.87 2.41 -8.08
N LEU A 32 8.55 3.39 -8.64
CA LEU A 32 8.99 4.56 -7.88
C LEU A 32 7.79 5.32 -7.37
N LEU A 33 6.90 5.68 -8.28
CA LEU A 33 5.73 6.44 -7.93
C LEU A 33 4.84 5.69 -6.93
N PHE A 34 4.68 4.40 -7.16
CA PHE A 34 3.88 3.56 -6.28
C PHE A 34 4.52 3.47 -4.90
N SER A 35 5.81 3.17 -4.84
CA SER A 35 6.51 3.02 -3.57
C SER A 35 6.49 4.32 -2.76
N ARG A 36 6.54 5.46 -3.44
CA ARG A 36 6.48 6.75 -2.79
C ARG A 36 5.08 7.00 -2.26
N ASP A 37 4.09 6.85 -3.13
CA ASP A 37 2.70 7.17 -2.79
C ASP A 37 2.21 6.25 -1.68
N LEU A 38 2.57 4.97 -1.80
CA LEU A 38 2.23 3.95 -0.83
C LEU A 38 2.86 4.27 0.52
N ASP A 39 4.11 4.69 0.50
CA ASP A 39 4.85 5.04 1.70
C ASP A 39 4.13 6.17 2.42
N LYS A 40 3.78 7.17 1.63
CA LYS A 40 3.06 8.33 2.10
C LYS A 40 1.72 7.95 2.72
N LEU A 41 0.96 7.12 2.02
CA LEU A 41 -0.37 6.70 2.47
C LEU A 41 -0.32 6.00 3.83
N ILE A 42 0.66 5.12 3.99
CA ILE A 42 0.81 4.37 5.23
C ILE A 42 1.16 5.32 6.37
N ASN A 43 2.24 6.05 6.19
CA ASN A 43 2.75 7.01 7.17
C ASN A 43 1.71 8.07 7.52
N LYS A 44 0.83 8.36 6.57
CA LYS A 44 -0.27 9.31 6.76
C LYS A 44 -1.23 8.79 7.82
N PHE A 45 -1.54 7.51 7.74
CA PHE A 45 -2.44 6.88 8.68
C PHE A 45 -1.75 6.57 10.00
N MET A 46 -0.48 6.22 9.91
CA MET A 46 0.31 5.91 11.11
C MET A 46 0.56 7.19 11.91
N ASN A 47 0.68 8.27 11.17
CA ASN A 47 1.02 9.61 11.67
C ASN A 47 2.52 9.66 11.96
N VAL A 48 3.29 9.40 10.93
CA VAL A 48 4.73 9.41 11.05
C VAL A 48 5.26 10.75 10.74
N LYS A 49 5.53 11.39 11.77
CA LYS A 49 6.23 12.59 11.78
C LYS A 49 7.39 12.32 12.66
N ASP A 50 8.53 12.81 12.27
CA ASP A 50 9.77 12.69 13.04
C ASP A 50 9.56 12.92 14.53
N LYS A 51 10.02 12.00 15.32
CA LYS A 51 9.75 11.99 16.73
C LYS A 51 11.00 12.19 17.58
N VAL A 52 11.96 13.00 17.11
CA VAL A 52 13.21 13.22 17.90
C VAL A 52 12.97 14.07 19.16
N HIS A 53 11.71 14.29 19.46
CA HIS A 53 11.27 14.91 20.70
C HIS A 53 11.49 13.88 21.79
N LYS A 54 11.45 12.62 21.35
CA LYS A 54 11.59 11.43 22.15
C LYS A 54 10.37 11.18 23.03
N LEU A 55 10.33 10.03 23.61
CA LEU A 55 9.29 9.65 24.51
C LEU A 55 9.97 9.15 25.74
N GLU A 56 9.29 9.08 26.84
CA GLU A 56 9.91 8.58 28.03
C GLU A 56 9.77 7.08 28.14
N HIS A 57 10.54 6.39 27.31
CA HIS A 57 10.54 4.94 27.22
C HIS A 57 11.08 4.37 28.50
N HIS A 58 11.90 5.15 29.17
CA HIS A 58 12.49 4.80 30.44
C HIS A 58 11.45 4.65 31.54
N HIS A 59 10.29 5.29 31.39
CA HIS A 59 9.27 5.19 32.41
C HIS A 59 8.40 3.97 32.28
N HIS A 60 9.00 2.88 32.60
CA HIS A 60 8.33 1.62 32.77
C HIS A 60 8.38 1.37 34.25
N HIS A 61 9.57 1.55 34.79
CA HIS A 61 9.78 1.60 36.20
C HIS A 61 9.92 3.07 36.53
N HIS A 62 9.09 3.54 37.41
CA HIS A 62 9.08 4.94 37.76
C HIS A 62 9.91 5.17 38.97
N MET B 1 1.86 -16.96 -17.15
CA MET B 1 0.99 -18.01 -16.64
C MET B 1 -0.36 -17.43 -16.28
N GLU B 2 -0.43 -16.66 -15.22
CA GLU B 2 -1.68 -16.12 -14.75
C GLU B 2 -1.48 -14.78 -14.08
N MET B 3 -2.56 -14.16 -13.69
CA MET B 3 -2.49 -12.94 -12.92
C MET B 3 -3.42 -13.00 -11.71
N GLY B 4 -4.13 -14.10 -11.57
CA GLY B 4 -5.10 -14.23 -10.49
C GLY B 4 -4.46 -14.65 -9.20
N GLN B 5 -3.49 -15.53 -9.29
CA GLN B 5 -2.77 -15.97 -8.13
C GLN B 5 -1.70 -14.97 -7.85
N LEU B 6 -1.25 -14.31 -8.89
CA LEU B 6 -0.33 -13.19 -8.79
C LEU B 6 -1.03 -12.11 -7.96
N LYS B 7 -2.28 -11.82 -8.32
CA LYS B 7 -3.11 -10.89 -7.59
C LYS B 7 -3.34 -11.37 -6.17
N ASN B 8 -3.43 -12.68 -6.00
CA ASN B 8 -3.61 -13.29 -4.68
C ASN B 8 -2.36 -13.06 -3.83
N LYS B 9 -1.17 -13.11 -4.45
CA LYS B 9 0.09 -12.82 -3.76
C LYS B 9 0.06 -11.37 -3.33
N ILE B 10 -0.32 -10.50 -4.27
CA ILE B 10 -0.45 -9.07 -4.03
C ILE B 10 -1.40 -8.84 -2.87
N GLU B 11 -2.57 -9.46 -2.95
CA GLU B 11 -3.59 -9.37 -1.91
C GLU B 11 -3.04 -9.75 -0.58
N ASN B 12 -2.60 -10.97 -0.46
CA ASN B 12 -2.07 -11.50 0.79
C ASN B 12 -0.95 -10.64 1.34
N LYS B 13 -0.04 -10.21 0.48
CA LYS B 13 1.10 -9.40 0.91
C LYS B 13 0.63 -8.05 1.42
N LYS B 14 -0.21 -7.42 0.66
CA LYS B 14 -0.82 -6.14 1.00
C LYS B 14 -1.58 -6.27 2.33
N LYS B 15 -2.31 -7.35 2.45
CA LYS B 15 -3.08 -7.65 3.65
C LYS B 15 -2.19 -7.89 4.84
N GLU B 16 -1.07 -8.61 4.61
CA GLU B 16 -0.05 -8.80 5.65
C GLU B 16 0.42 -7.44 6.16
N LEU B 17 0.57 -6.51 5.23
CA LEU B 17 0.99 -5.16 5.55
C LEU B 17 -0.08 -4.44 6.33
N ILE B 18 -1.32 -4.52 5.86
CA ILE B 18 -2.45 -3.87 6.49
C ILE B 18 -2.53 -4.28 7.95
N GLN B 19 -2.33 -5.57 8.19
CA GLN B 19 -2.31 -6.12 9.54
C GLN B 19 -1.23 -5.45 10.39
N LEU B 20 -0.10 -5.16 9.77
CA LEU B 20 1.01 -4.53 10.43
C LEU B 20 0.73 -3.05 10.71
N VAL B 21 0.23 -2.33 9.71
CA VAL B 21 -0.15 -0.94 9.89
C VAL B 21 -1.27 -0.83 10.96
N ALA B 22 -2.16 -1.81 10.95
CA ALA B 22 -3.26 -1.88 11.90
C ALA B 22 -2.76 -2.07 13.33
N ARG B 23 -1.81 -3.00 13.52
CA ARG B 23 -1.27 -3.30 14.85
C ARG B 23 -0.33 -2.20 15.33
N HIS B 24 -0.05 -1.23 14.47
CA HIS B 24 0.73 -0.09 14.85
C HIS B 24 -0.09 0.78 15.78
N GLY B 25 -1.37 0.86 15.51
CA GLY B 25 -2.24 1.62 16.33
C GLY B 25 -3.32 2.29 15.53
N LEU B 26 -3.90 1.56 14.61
CA LEU B 26 -4.99 2.11 13.87
C LEU B 26 -6.29 1.64 14.39
N ASP B 27 -7.22 2.53 14.36
CA ASP B 27 -8.61 2.26 14.67
C ASP B 27 -9.09 1.41 13.53
N HIS B 28 -10.15 0.68 13.70
CA HIS B 28 -10.63 -0.16 12.60
C HIS B 28 -11.08 0.68 11.41
N ASP B 29 -11.55 1.87 11.70
CA ASP B 29 -11.97 2.83 10.68
C ASP B 29 -10.76 3.23 9.85
N LYS B 30 -9.62 3.40 10.54
CA LYS B 30 -8.36 3.74 9.90
C LYS B 30 -7.95 2.62 8.96
N VAL B 31 -8.01 1.38 9.47
CA VAL B 31 -7.67 0.18 8.73
C VAL B 31 -8.56 0.08 7.47
N LEU B 32 -9.85 0.37 7.63
CA LEU B 32 -10.79 0.33 6.51
C LEU B 32 -10.43 1.34 5.46
N LEU B 33 -10.27 2.58 5.87
CA LEU B 33 -9.94 3.67 4.94
C LEU B 33 -8.61 3.41 4.27
N PHE B 34 -7.65 2.94 5.03
CA PHE B 34 -6.36 2.62 4.53
C PHE B 34 -6.43 1.48 3.51
N SER B 35 -7.03 0.36 3.90
CA SER B 35 -7.10 -0.81 3.05
C SER B 35 -7.83 -0.52 1.73
N ARG B 36 -8.93 0.22 1.80
CA ARG B 36 -9.70 0.53 0.60
C ARG B 36 -8.95 1.48 -0.32
N ASP B 37 -8.22 2.44 0.25
CA ASP B 37 -7.51 3.39 -0.60
C ASP B 37 -6.22 2.78 -1.09
N LEU B 38 -5.65 1.90 -0.29
CA LEU B 38 -4.48 1.11 -0.66
C LEU B 38 -4.82 0.21 -1.83
N ASP B 39 -5.95 -0.47 -1.71
CA ASP B 39 -6.43 -1.37 -2.75
C ASP B 39 -6.66 -0.58 -4.04
N LYS B 40 -7.21 0.62 -3.89
CA LYS B 40 -7.45 1.54 -4.94
C LYS B 40 -6.13 1.96 -5.59
N LEU B 41 -5.16 2.31 -4.75
CA LEU B 41 -3.84 2.74 -5.19
C LEU B 41 -3.18 1.66 -6.02
N ILE B 42 -3.36 0.44 -5.60
CA ILE B 42 -2.82 -0.68 -6.34
C ILE B 42 -3.53 -0.80 -7.67
N ASN B 43 -4.86 -0.90 -7.64
CA ASN B 43 -5.71 -0.95 -8.87
C ASN B 43 -5.37 0.19 -9.83
N LYS B 44 -5.07 1.34 -9.28
CA LYS B 44 -4.67 2.53 -10.02
C LYS B 44 -3.46 2.21 -10.89
N PHE B 45 -2.43 1.68 -10.26
CA PHE B 45 -1.19 1.33 -10.93
C PHE B 45 -1.32 0.06 -11.77
N MET B 46 -2.23 -0.83 -11.38
CA MET B 46 -2.53 -2.05 -12.15
C MET B 46 -3.27 -1.66 -13.43
N ASN B 47 -3.73 -0.41 -13.43
CA ASN B 47 -4.42 0.25 -14.54
C ASN B 47 -5.72 -0.46 -14.85
N VAL B 48 -6.71 -0.15 -14.07
CA VAL B 48 -7.95 -0.80 -14.18
C VAL B 48 -8.90 -0.07 -15.10
N LYS B 49 -9.19 -0.74 -16.15
CA LYS B 49 -10.18 -0.33 -17.12
C LYS B 49 -11.23 -1.41 -17.11
N ASP B 50 -11.38 -1.95 -15.91
CA ASP B 50 -12.19 -3.11 -15.58
C ASP B 50 -13.58 -2.97 -16.17
N LYS B 51 -13.93 -3.94 -16.97
CA LYS B 51 -15.11 -3.89 -17.82
C LYS B 51 -16.43 -4.15 -17.12
N VAL B 52 -16.44 -4.13 -15.83
CA VAL B 52 -17.68 -4.22 -15.09
C VAL B 52 -18.09 -2.80 -14.68
N HIS B 53 -17.18 -1.87 -14.90
CA HIS B 53 -17.40 -0.47 -14.64
C HIS B 53 -17.28 0.29 -15.94
N LYS B 54 -18.39 0.66 -16.50
CA LYS B 54 -18.44 1.41 -17.76
C LYS B 54 -19.02 2.77 -17.50
N LEU B 55 -18.95 3.12 -16.22
CA LEU B 55 -19.53 4.30 -15.63
C LEU B 55 -20.97 4.57 -16.09
N GLU B 56 -21.45 5.78 -15.87
CA GLU B 56 -22.77 6.18 -16.34
C GLU B 56 -22.72 6.25 -17.88
N HIS B 57 -21.50 6.47 -18.38
CA HIS B 57 -21.16 6.45 -19.80
C HIS B 57 -21.72 7.67 -20.50
N HIS B 58 -21.86 8.73 -19.74
CA HIS B 58 -22.32 9.96 -20.28
C HIS B 58 -21.13 10.71 -20.89
N HIS B 59 -20.80 10.37 -22.09
CA HIS B 59 -19.72 11.03 -22.80
C HIS B 59 -20.34 12.05 -23.72
N HIS B 60 -20.02 13.28 -23.47
CA HIS B 60 -20.65 14.39 -24.13
C HIS B 60 -20.00 14.70 -25.48
N HIS B 61 -20.82 14.71 -26.49
CA HIS B 61 -20.43 15.13 -27.82
C HIS B 61 -21.56 15.98 -28.32
N HIS B 62 -21.26 17.13 -28.81
CA HIS B 62 -22.29 18.04 -29.22
C HIS B 62 -22.08 18.48 -30.66
N MET A 1 5.97 -2.43 22.20
CA MET A 1 7.43 -2.37 22.39
C MET A 1 8.00 -1.48 21.32
N GLU A 2 9.32 -1.56 21.09
CA GLU A 2 9.98 -0.73 20.08
C GLU A 2 9.35 -0.95 18.72
N MET A 3 8.87 0.12 18.14
CA MET A 3 8.21 0.06 16.87
C MET A 3 9.21 0.09 15.73
N GLY A 4 10.48 0.23 16.06
CA GLY A 4 11.54 0.16 15.06
C GLY A 4 11.48 -1.15 14.28
N GLN A 5 11.24 -2.24 14.99
CA GLN A 5 11.12 -3.54 14.35
C GLN A 5 9.75 -3.74 13.71
N LEU A 6 8.78 -3.04 14.21
CA LEU A 6 7.43 -3.10 13.70
C LEU A 6 7.39 -2.37 12.36
N LYS A 7 8.00 -1.19 12.35
CA LYS A 7 8.13 -0.36 11.17
C LYS A 7 9.01 -1.07 10.16
N ASN A 8 9.94 -1.85 10.67
CA ASN A 8 10.80 -2.71 9.87
C ASN A 8 9.95 -3.67 9.06
N LYS A 9 9.03 -4.34 9.74
CA LYS A 9 8.17 -5.30 9.10
C LYS A 9 7.19 -4.62 8.15
N ILE A 10 6.69 -3.45 8.53
CA ILE A 10 5.82 -2.66 7.66
C ILE A 10 6.54 -2.34 6.36
N GLU A 11 7.75 -1.80 6.46
CA GLU A 11 8.55 -1.46 5.28
C GLU A 11 8.76 -2.67 4.40
N ASN A 12 9.25 -3.74 5.00
CA ASN A 12 9.55 -4.95 4.28
C ASN A 12 8.33 -5.56 3.61
N LYS A 13 7.22 -5.62 4.31
CA LYS A 13 6.02 -6.25 3.77
C LYS A 13 5.42 -5.41 2.64
N LYS A 14 5.47 -4.11 2.82
CA LYS A 14 5.03 -3.15 1.81
C LYS A 14 5.88 -3.32 0.56
N LYS A 15 7.18 -3.46 0.76
CA LYS A 15 8.13 -3.62 -0.33
C LYS A 15 7.95 -4.98 -1.00
N GLU A 16 7.59 -5.99 -0.22
CA GLU A 16 7.23 -7.29 -0.76
C GLU A 16 6.05 -7.14 -1.71
N LEU A 17 5.09 -6.33 -1.31
CA LEU A 17 3.90 -6.07 -2.10
C LEU A 17 4.23 -5.32 -3.36
N ILE A 18 5.07 -4.32 -3.21
CA ILE A 18 5.52 -3.53 -4.34
C ILE A 18 6.12 -4.45 -5.39
N GLN A 19 6.87 -5.44 -4.94
CA GLN A 19 7.43 -6.47 -5.82
C GLN A 19 6.30 -7.19 -6.59
N LEU A 20 5.21 -7.54 -5.88
CA LEU A 20 4.07 -8.18 -6.53
C LEU A 20 3.44 -7.27 -7.58
N VAL A 21 3.10 -6.02 -7.21
CA VAL A 21 2.48 -5.13 -8.17
C VAL A 21 3.47 -4.77 -9.32
N ALA A 22 4.76 -4.73 -9.01
CA ALA A 22 5.78 -4.40 -9.98
C ALA A 22 5.90 -5.49 -11.04
N ARG A 23 5.97 -6.76 -10.60
CA ARG A 23 6.11 -7.90 -11.52
C ARG A 23 4.85 -8.05 -12.38
N HIS A 24 3.76 -7.45 -11.93
CA HIS A 24 2.49 -7.40 -12.66
C HIS A 24 2.72 -6.81 -14.06
N GLY A 25 3.50 -5.75 -14.15
CA GLY A 25 3.68 -5.09 -15.42
C GLY A 25 4.12 -3.66 -15.30
N LEU A 26 4.12 -3.13 -14.09
CA LEU A 26 4.57 -1.80 -13.82
C LEU A 26 5.98 -1.55 -14.29
N ASP A 27 6.17 -0.36 -14.80
CA ASP A 27 7.49 0.11 -15.22
C ASP A 27 8.23 0.49 -13.97
N HIS A 28 9.54 0.64 -14.04
CA HIS A 28 10.31 1.06 -12.86
C HIS A 28 9.83 2.42 -12.40
N ASP A 29 9.45 3.24 -13.37
CA ASP A 29 8.86 4.56 -13.16
C ASP A 29 7.62 4.45 -12.30
N LYS A 30 6.81 3.48 -12.61
CA LYS A 30 5.57 3.25 -11.91
C LYS A 30 5.86 2.79 -10.50
N VAL A 31 6.87 1.96 -10.36
CA VAL A 31 7.26 1.43 -9.08
C VAL A 31 7.75 2.57 -8.18
N LEU A 32 8.47 3.50 -8.76
CA LEU A 32 8.96 4.68 -8.07
C LEU A 32 7.80 5.54 -7.58
N LEU A 33 6.86 5.79 -8.45
CA LEU A 33 5.70 6.61 -8.13
C LEU A 33 4.79 5.91 -7.13
N PHE A 34 4.66 4.61 -7.30
CA PHE A 34 3.83 3.79 -6.45
C PHE A 34 4.39 3.74 -5.05
N SER A 35 5.66 3.39 -4.93
CA SER A 35 6.30 3.22 -3.64
C SER A 35 6.26 4.50 -2.79
N ARG A 36 6.44 5.65 -3.42
CA ARG A 36 6.43 6.90 -2.69
C ARG A 36 5.00 7.31 -2.27
N ASP A 37 4.03 7.08 -3.15
CA ASP A 37 2.61 7.41 -2.86
C ASP A 37 2.10 6.49 -1.77
N LEU A 38 2.51 5.27 -1.85
CA LEU A 38 2.17 4.27 -0.89
C LEU A 38 2.82 4.58 0.46
N ASP A 39 4.06 5.01 0.42
CA ASP A 39 4.79 5.37 1.63
C ASP A 39 4.11 6.54 2.32
N LYS A 40 3.69 7.51 1.52
CA LYS A 40 3.08 8.71 2.06
C LYS A 40 1.70 8.44 2.63
N LEU A 41 1.01 7.50 2.04
CA LEU A 41 -0.29 7.09 2.52
C LEU A 41 -0.16 6.39 3.86
N ILE A 42 0.89 5.64 4.01
CA ILE A 42 1.06 4.88 5.22
C ILE A 42 1.44 5.79 6.36
N ASN A 43 2.48 6.60 6.15
CA ASN A 43 2.94 7.59 7.15
C ASN A 43 1.80 8.50 7.60
N LYS A 44 0.88 8.76 6.68
CA LYS A 44 -0.31 9.55 6.95
C LYS A 44 -1.11 8.94 8.09
N PHE A 45 -1.34 7.65 7.99
CA PHE A 45 -2.10 6.91 8.97
C PHE A 45 -1.27 6.55 10.20
N MET A 46 0.03 6.40 10.01
CA MET A 46 0.94 6.06 11.09
C MET A 46 1.06 7.21 12.08
N ASN A 47 0.97 8.45 11.56
CA ASN A 47 1.09 9.67 12.37
C ASN A 47 2.46 9.73 13.04
N VAL A 48 3.45 9.19 12.35
CA VAL A 48 4.81 9.10 12.89
C VAL A 48 5.56 10.40 12.83
N LYS A 49 5.27 11.15 13.81
CA LYS A 49 5.97 12.37 14.09
C LYS A 49 6.60 12.21 15.46
N ASP A 50 6.51 10.99 15.95
CA ASP A 50 7.02 10.59 17.24
C ASP A 50 8.51 10.35 17.18
N LYS A 51 9.24 11.37 17.53
CA LYS A 51 10.69 11.32 17.60
C LYS A 51 11.08 11.92 18.92
N VAL A 52 10.10 12.06 19.77
CA VAL A 52 10.23 12.75 21.02
C VAL A 52 10.21 11.77 22.19
N HIS A 53 10.77 10.60 21.99
CA HIS A 53 10.79 9.60 23.02
C HIS A 53 11.95 9.85 24.00
N LYS A 54 11.78 10.91 24.77
CA LYS A 54 12.63 11.37 25.86
C LYS A 54 12.21 12.78 26.13
N LEU A 55 12.55 13.31 27.25
CA LEU A 55 12.30 14.70 27.51
C LEU A 55 13.61 15.42 27.39
N GLU A 56 13.57 16.70 27.25
CA GLU A 56 14.77 17.45 27.15
C GLU A 56 14.74 18.58 28.16
N HIS A 57 15.07 18.22 29.37
CA HIS A 57 15.00 19.15 30.48
C HIS A 57 16.30 19.23 31.24
N HIS A 58 17.09 18.16 31.21
CA HIS A 58 18.34 18.15 31.93
C HIS A 58 19.47 18.81 31.15
N HIS A 59 19.41 18.75 29.84
CA HIS A 59 20.45 19.33 28.99
C HIS A 59 20.28 20.84 28.86
N HIS A 60 20.98 21.58 29.69
CA HIS A 60 20.99 23.02 29.62
C HIS A 60 22.31 23.50 29.08
N HIS A 61 22.26 24.18 27.96
CA HIS A 61 23.46 24.68 27.29
C HIS A 61 23.97 25.91 28.02
N HIS A 62 25.25 26.11 27.97
CA HIS A 62 25.85 27.26 28.57
C HIS A 62 26.10 28.28 27.49
N MET B 1 2.27 -16.64 -16.30
CA MET B 1 1.75 -16.82 -14.95
C MET B 1 0.27 -16.51 -14.91
N GLU B 2 -0.41 -17.11 -13.97
CA GLU B 2 -1.83 -16.90 -13.80
C GLU B 2 -2.08 -15.55 -13.14
N MET B 3 -2.52 -14.60 -13.93
CA MET B 3 -2.67 -13.20 -13.49
C MET B 3 -3.68 -13.03 -12.37
N GLY B 4 -4.72 -13.84 -12.39
CA GLY B 4 -5.73 -13.76 -11.34
C GLY B 4 -5.14 -14.17 -10.01
N GLN B 5 -4.32 -15.20 -10.03
CA GLN B 5 -3.66 -15.68 -8.84
C GLN B 5 -2.62 -14.68 -8.38
N LEU B 6 -1.88 -14.13 -9.35
CA LEU B 6 -0.89 -13.09 -9.10
C LEU B 6 -1.55 -11.88 -8.42
N LYS B 7 -2.70 -11.49 -8.92
CA LYS B 7 -3.47 -10.38 -8.40
C LYS B 7 -3.90 -10.68 -6.97
N ASN B 8 -4.21 -11.93 -6.71
CA ASN B 8 -4.61 -12.35 -5.38
C ASN B 8 -3.42 -12.48 -4.43
N LYS B 9 -2.22 -12.61 -4.99
CA LYS B 9 -0.99 -12.60 -4.18
C LYS B 9 -0.72 -11.16 -3.76
N ILE B 10 -1.03 -10.25 -4.67
CA ILE B 10 -0.98 -8.81 -4.41
C ILE B 10 -1.93 -8.49 -3.29
N GLU B 11 -3.17 -8.98 -3.39
CA GLU B 11 -4.15 -8.82 -2.34
C GLU B 11 -3.59 -9.33 -1.03
N ASN B 12 -3.07 -10.54 -1.06
CA ASN B 12 -2.52 -11.22 0.10
C ASN B 12 -1.42 -10.41 0.78
N LYS B 13 -0.42 -10.00 0.00
CA LYS B 13 0.73 -9.29 0.55
C LYS B 13 0.31 -7.93 1.09
N LYS B 14 -0.55 -7.26 0.37
CA LYS B 14 -1.12 -5.99 0.75
C LYS B 14 -1.82 -6.13 2.10
N LYS B 15 -2.60 -7.18 2.24
CA LYS B 15 -3.31 -7.48 3.47
C LYS B 15 -2.36 -7.78 4.61
N GLU B 16 -1.27 -8.50 4.32
CA GLU B 16 -0.25 -8.78 5.34
C GLU B 16 0.32 -7.46 5.87
N LEU B 17 0.47 -6.51 4.96
CA LEU B 17 0.96 -5.20 5.29
C LEU B 17 -0.08 -4.45 6.11
N ILE B 18 -1.32 -4.48 5.64
CA ILE B 18 -2.43 -3.79 6.31
C ILE B 18 -2.50 -4.22 7.77
N GLN B 19 -2.36 -5.52 7.99
CA GLN B 19 -2.35 -6.08 9.33
C GLN B 19 -1.21 -5.49 10.18
N LEU B 20 -0.10 -5.18 9.53
CA LEU B 20 1.06 -4.60 10.21
C LEU B 20 0.86 -3.10 10.45
N VAL B 21 0.37 -2.37 9.45
CA VAL B 21 0.06 -0.94 9.63
C VAL B 21 -1.03 -0.80 10.72
N ALA B 22 -1.96 -1.76 10.73
CA ALA B 22 -3.04 -1.80 11.71
C ALA B 22 -2.48 -1.91 13.13
N ARG B 23 -1.60 -2.87 13.36
CA ARG B 23 -1.02 -3.11 14.70
C ARG B 23 0.03 -2.06 15.07
N HIS B 24 0.22 -1.09 14.21
CA HIS B 24 1.08 0.04 14.51
C HIS B 24 0.37 0.98 15.50
N GLY B 25 -0.95 0.99 15.45
CA GLY B 25 -1.70 1.89 16.30
C GLY B 25 -3.00 2.34 15.66
N LEU B 26 -3.24 1.84 14.48
CA LEU B 26 -4.45 2.08 13.79
C LEU B 26 -5.61 1.31 14.38
N ASP B 27 -6.69 2.00 14.48
CA ASP B 27 -7.95 1.39 14.90
C ASP B 27 -8.51 0.70 13.70
N HIS B 28 -9.50 -0.15 13.87
CA HIS B 28 -10.05 -0.87 12.72
C HIS B 28 -10.71 0.06 11.72
N ASP B 29 -11.18 1.20 12.20
CA ASP B 29 -11.78 2.23 11.33
C ASP B 29 -10.69 2.75 10.42
N LYS B 30 -9.53 2.98 11.01
CA LYS B 30 -8.35 3.42 10.31
C LYS B 30 -7.93 2.37 9.29
N VAL B 31 -8.05 1.11 9.69
CA VAL B 31 -7.70 -0.02 8.83
C VAL B 31 -8.60 -0.06 7.61
N LEU B 32 -9.88 0.18 7.82
CA LEU B 32 -10.87 0.23 6.75
C LEU B 32 -10.54 1.35 5.80
N LEU B 33 -10.33 2.53 6.35
CA LEU B 33 -10.01 3.71 5.55
C LEU B 33 -8.68 3.52 4.80
N PHE B 34 -7.73 2.93 5.47
CA PHE B 34 -6.44 2.67 4.89
C PHE B 34 -6.55 1.64 3.77
N SER B 35 -7.16 0.50 4.05
CA SER B 35 -7.27 -0.57 3.09
C SER B 35 -8.00 -0.15 1.82
N ARG B 36 -9.04 0.65 1.97
CA ARG B 36 -9.82 1.10 0.82
C ARG B 36 -9.04 2.11 -0.03
N ASP B 37 -8.31 3.03 0.60
CA ASP B 37 -7.53 4.03 -0.17
C ASP B 37 -6.32 3.34 -0.79
N LEU B 38 -5.75 2.43 -0.03
CA LEU B 38 -4.62 1.61 -0.45
C LEU B 38 -4.98 0.76 -1.65
N ASP B 39 -6.13 0.11 -1.59
CA ASP B 39 -6.57 -0.76 -2.67
C ASP B 39 -6.73 0.04 -3.94
N LYS B 40 -7.24 1.26 -3.81
CA LYS B 40 -7.40 2.13 -4.95
C LYS B 40 -6.06 2.67 -5.43
N LEU B 41 -5.11 2.86 -4.50
CA LEU B 41 -3.75 3.31 -4.85
C LEU B 41 -3.12 2.27 -5.72
N ILE B 42 -3.30 1.04 -5.33
CA ILE B 42 -2.74 -0.06 -6.06
C ILE B 42 -3.39 -0.20 -7.42
N ASN B 43 -4.72 -0.24 -7.46
CA ASN B 43 -5.47 -0.31 -8.74
C ASN B 43 -5.11 0.83 -9.67
N LYS B 44 -4.80 1.98 -9.09
CA LYS B 44 -4.36 3.18 -9.79
C LYS B 44 -3.14 2.86 -10.65
N PHE B 45 -2.29 2.02 -10.12
CA PHE B 45 -1.09 1.63 -10.80
C PHE B 45 -1.22 0.34 -11.57
N MET B 46 -2.05 -0.56 -11.08
CA MET B 46 -2.18 -1.86 -11.71
C MET B 46 -2.86 -1.72 -13.04
N ASN B 47 -3.87 -0.83 -13.06
CA ASN B 47 -4.69 -0.55 -14.23
C ASN B 47 -5.57 -1.72 -14.64
N VAL B 48 -5.63 -2.73 -13.81
CA VAL B 48 -6.48 -3.87 -14.05
C VAL B 48 -7.74 -3.76 -13.24
N LYS B 49 -8.71 -3.23 -13.87
CA LYS B 49 -9.99 -2.99 -13.29
C LYS B 49 -10.99 -3.88 -13.99
N ASP B 50 -10.57 -5.12 -14.22
CA ASP B 50 -11.32 -6.11 -15.00
C ASP B 50 -12.45 -6.74 -14.21
N LYS B 51 -13.09 -5.95 -13.40
CA LYS B 51 -14.21 -6.41 -12.60
C LYS B 51 -15.46 -6.50 -13.47
N VAL B 52 -15.24 -6.25 -14.75
CA VAL B 52 -16.24 -6.37 -15.78
C VAL B 52 -16.48 -7.85 -16.09
N HIS B 53 -15.45 -8.66 -15.85
CA HIS B 53 -15.50 -10.10 -16.06
C HIS B 53 -15.18 -10.79 -14.74
N LYS B 54 -14.66 -9.99 -13.80
CA LYS B 54 -14.16 -10.41 -12.48
C LYS B 54 -12.80 -11.06 -12.64
N LEU B 55 -12.22 -11.49 -11.55
CA LEU B 55 -10.94 -12.15 -11.62
C LEU B 55 -11.14 -13.59 -12.01
N GLU B 56 -10.20 -14.13 -12.71
CA GLU B 56 -10.26 -15.50 -13.11
C GLU B 56 -9.96 -16.35 -11.89
N HIS B 57 -10.72 -17.41 -11.72
CA HIS B 57 -10.58 -18.24 -10.54
C HIS B 57 -9.39 -19.15 -10.68
N HIS B 58 -9.15 -19.55 -11.91
CA HIS B 58 -8.05 -20.42 -12.27
C HIS B 58 -8.25 -21.82 -11.71
N HIS B 59 -9.49 -22.23 -11.67
CA HIS B 59 -9.83 -23.55 -11.24
C HIS B 59 -9.83 -24.46 -12.47
N HIS B 60 -8.65 -24.84 -12.88
CA HIS B 60 -8.45 -25.65 -14.05
C HIS B 60 -7.34 -26.64 -13.82
N HIS B 61 -7.54 -27.84 -14.30
CA HIS B 61 -6.54 -28.90 -14.16
C HIS B 61 -5.73 -29.01 -15.47
N HIS B 62 -5.95 -28.04 -16.31
CA HIS B 62 -5.29 -27.90 -17.59
C HIS B 62 -4.05 -27.02 -17.40
N MET A 1 8.15 -2.52 24.01
CA MET A 1 8.12 -2.53 22.55
C MET A 1 8.60 -1.22 22.00
N GLU A 2 9.43 -1.31 20.99
CA GLU A 2 9.85 -0.18 20.23
C GLU A 2 9.39 -0.39 18.81
N MET A 3 8.87 0.64 18.22
CA MET A 3 8.24 0.51 16.89
C MET A 3 9.23 0.41 15.76
N GLY A 4 10.52 0.46 16.07
CA GLY A 4 11.53 0.28 15.06
C GLY A 4 11.38 -1.07 14.37
N GLN A 5 11.24 -2.11 15.16
CA GLN A 5 11.06 -3.46 14.63
C GLN A 5 9.70 -3.61 13.96
N LEU A 6 8.71 -2.93 14.51
CA LEU A 6 7.35 -2.98 14.01
C LEU A 6 7.29 -2.29 12.64
N LYS A 7 7.95 -1.16 12.54
CA LYS A 7 8.01 -0.40 11.31
C LYS A 7 8.81 -1.14 10.26
N ASN A 8 9.77 -1.93 10.71
CA ASN A 8 10.58 -2.75 9.81
C ASN A 8 9.68 -3.78 9.12
N LYS A 9 8.77 -4.37 9.91
CA LYS A 9 7.79 -5.32 9.38
C LYS A 9 6.92 -4.64 8.33
N ILE A 10 6.45 -3.44 8.67
CA ILE A 10 5.63 -2.63 7.79
C ILE A 10 6.35 -2.34 6.49
N GLU A 11 7.58 -1.80 6.60
CA GLU A 11 8.39 -1.48 5.43
C GLU A 11 8.59 -2.69 4.57
N ASN A 12 9.06 -3.74 5.17
CA ASN A 12 9.33 -5.00 4.50
C ASN A 12 8.10 -5.56 3.79
N LYS A 13 6.97 -5.63 4.50
CA LYS A 13 5.79 -6.25 3.93
C LYS A 13 5.23 -5.38 2.77
N LYS A 14 5.35 -4.07 2.94
CA LYS A 14 5.00 -3.08 1.92
C LYS A 14 5.86 -3.33 0.67
N LYS A 15 7.14 -3.48 0.91
CA LYS A 15 8.13 -3.69 -0.14
C LYS A 15 7.94 -5.01 -0.85
N GLU A 16 7.65 -6.06 -0.09
CA GLU A 16 7.33 -7.37 -0.67
C GLU A 16 6.12 -7.23 -1.62
N LEU A 17 5.17 -6.39 -1.23
CA LEU A 17 4.00 -6.13 -2.03
C LEU A 17 4.37 -5.39 -3.28
N ILE A 18 5.18 -4.36 -3.12
CA ILE A 18 5.61 -3.52 -4.24
C ILE A 18 6.25 -4.38 -5.31
N GLN A 19 7.09 -5.33 -4.88
CA GLN A 19 7.73 -6.28 -5.79
C GLN A 19 6.70 -7.06 -6.58
N LEU A 20 5.65 -7.48 -5.90
CA LEU A 20 4.58 -8.25 -6.52
C LEU A 20 3.77 -7.38 -7.49
N VAL A 21 3.37 -6.18 -7.05
CA VAL A 21 2.66 -5.25 -7.92
C VAL A 21 3.54 -4.87 -9.14
N ALA A 22 4.83 -4.69 -8.89
CA ALA A 22 5.79 -4.30 -9.90
C ALA A 22 5.92 -5.33 -11.02
N ARG A 23 6.15 -6.58 -10.64
CA ARG A 23 6.36 -7.68 -11.59
C ARG A 23 5.11 -7.97 -12.42
N HIS A 24 3.96 -7.52 -11.92
CA HIS A 24 2.69 -7.62 -12.61
C HIS A 24 2.78 -7.00 -14.02
N GLY A 25 3.56 -5.95 -14.15
CA GLY A 25 3.65 -5.31 -15.44
C GLY A 25 3.99 -3.85 -15.34
N LEU A 26 4.22 -3.38 -14.14
CA LEU A 26 4.62 -2.04 -13.93
C LEU A 26 6.00 -1.77 -14.41
N ASP A 27 6.17 -0.59 -14.90
CA ASP A 27 7.46 -0.13 -15.37
C ASP A 27 8.25 0.38 -14.20
N HIS A 28 9.53 0.64 -14.40
CA HIS A 28 10.41 1.10 -13.31
C HIS A 28 9.88 2.36 -12.69
N ASP A 29 9.44 3.28 -13.55
CA ASP A 29 8.86 4.54 -13.12
C ASP A 29 7.57 4.31 -12.34
N LYS A 30 6.80 3.33 -12.77
CA LYS A 30 5.55 2.98 -12.12
C LYS A 30 5.80 2.47 -10.72
N VAL A 31 6.84 1.65 -10.57
CA VAL A 31 7.22 1.12 -9.28
C VAL A 31 7.61 2.26 -8.35
N LEU A 32 8.34 3.22 -8.90
CA LEU A 32 8.78 4.39 -8.15
C LEU A 32 7.58 5.19 -7.68
N LEU A 33 6.66 5.47 -8.61
CA LEU A 33 5.46 6.24 -8.29
C LEU A 33 4.65 5.51 -7.24
N PHE A 34 4.44 4.23 -7.45
CA PHE A 34 3.67 3.42 -6.56
C PHE A 34 4.30 3.37 -5.17
N SER A 35 5.58 3.03 -5.11
CA SER A 35 6.27 2.90 -3.84
C SER A 35 6.29 4.21 -3.05
N ARG A 36 6.54 5.32 -3.72
CA ARG A 36 6.64 6.60 -3.03
C ARG A 36 5.27 7.09 -2.57
N ASP A 37 4.23 6.81 -3.35
CA ASP A 37 2.90 7.27 -2.99
C ASP A 37 2.32 6.38 -1.90
N LEU A 38 2.62 5.10 -2.00
CA LEU A 38 2.25 4.09 -1.01
C LEU A 38 2.92 4.38 0.33
N ASP A 39 4.19 4.74 0.29
CA ASP A 39 4.95 5.07 1.50
C ASP A 39 4.27 6.20 2.26
N LYS A 40 3.87 7.23 1.52
CA LYS A 40 3.16 8.37 2.12
C LYS A 40 1.82 7.93 2.69
N LEU A 41 1.11 7.07 1.95
CA LEU A 41 -0.20 6.58 2.35
C LEU A 41 -0.15 5.89 3.70
N ILE A 42 0.86 5.09 3.88
CA ILE A 42 1.04 4.40 5.13
C ILE A 42 1.37 5.39 6.24
N ASN A 43 2.40 6.22 6.02
CA ASN A 43 2.83 7.22 7.03
C ASN A 43 1.71 8.18 7.41
N LYS A 44 0.82 8.42 6.46
CA LYS A 44 -0.37 9.24 6.63
C LYS A 44 -1.23 8.67 7.75
N PHE A 45 -1.48 7.39 7.67
CA PHE A 45 -2.31 6.70 8.63
C PHE A 45 -1.59 6.43 9.93
N MET A 46 -0.28 6.33 9.85
CA MET A 46 0.53 6.11 11.03
C MET A 46 0.61 7.38 11.85
N ASN A 47 0.28 8.50 11.17
CA ASN A 47 0.31 9.88 11.75
C ASN A 47 1.78 10.27 11.99
N VAL A 48 2.65 9.57 11.30
CA VAL A 48 4.06 9.76 11.46
C VAL A 48 4.61 10.58 10.33
N LYS A 49 4.90 11.78 10.65
CA LYS A 49 5.54 12.69 9.76
C LYS A 49 6.92 12.91 10.35
N ASP A 50 7.44 11.81 10.84
CA ASP A 50 8.66 11.65 11.60
C ASP A 50 8.48 12.27 12.98
N LYS A 51 9.49 12.23 13.77
CA LYS A 51 9.43 12.66 15.14
C LYS A 51 9.94 14.08 15.27
N VAL A 52 10.14 14.69 14.12
CA VAL A 52 10.56 16.08 14.05
C VAL A 52 9.35 16.98 14.27
N HIS A 53 8.18 16.42 14.01
CA HIS A 53 6.96 17.10 14.22
C HIS A 53 6.54 16.82 15.65
N LYS A 54 6.68 17.81 16.47
CA LYS A 54 6.40 17.67 17.86
C LYS A 54 4.99 18.06 18.15
N LEU A 55 4.20 17.08 18.36
CA LEU A 55 2.86 17.28 18.78
C LEU A 55 2.78 16.89 20.23
N GLU A 56 2.74 17.87 21.06
CA GLU A 56 2.65 17.69 22.50
C GLU A 56 1.19 17.55 22.85
N HIS A 57 0.41 18.31 22.15
CA HIS A 57 -1.02 18.29 22.19
C HIS A 57 -1.42 18.35 20.75
N HIS A 58 -2.45 17.67 20.36
CA HIS A 58 -2.83 17.68 18.99
C HIS A 58 -3.74 18.90 18.71
N HIS A 59 -3.17 20.08 18.81
CA HIS A 59 -3.90 21.30 18.58
C HIS A 59 -3.83 21.69 17.13
N HIS A 60 -4.52 20.95 16.33
CA HIS A 60 -4.62 21.25 14.91
C HIS A 60 -6.05 21.73 14.69
N HIS A 61 -6.73 21.95 15.79
CA HIS A 61 -8.08 22.42 15.78
C HIS A 61 -8.06 23.90 15.98
N HIS A 62 -8.83 24.59 15.20
CA HIS A 62 -8.89 26.02 15.25
C HIS A 62 -10.33 26.42 15.39
N MET B 1 5.34 -16.05 -15.12
CA MET B 1 4.54 -15.77 -13.94
C MET B 1 3.08 -15.85 -14.30
N GLU B 2 2.30 -16.40 -13.41
CA GLU B 2 0.88 -16.50 -13.63
C GLU B 2 0.22 -15.33 -12.94
N MET B 3 -0.35 -14.46 -13.72
CA MET B 3 -0.98 -13.24 -13.22
C MET B 3 -2.11 -13.53 -12.25
N GLY B 4 -2.85 -14.60 -12.50
CA GLY B 4 -3.93 -14.98 -11.60
C GLY B 4 -3.41 -15.32 -10.21
N GLN B 5 -2.27 -15.96 -10.16
CA GLN B 5 -1.66 -16.36 -8.90
C GLN B 5 -0.91 -15.18 -8.30
N LEU B 6 -0.32 -14.39 -9.16
CA LEU B 6 0.43 -13.21 -8.79
C LEU B 6 -0.50 -12.20 -8.09
N LYS B 7 -1.67 -12.00 -8.66
CA LYS B 7 -2.66 -11.08 -8.11
C LYS B 7 -3.14 -11.58 -6.76
N ASN B 8 -3.23 -12.89 -6.62
CA ASN B 8 -3.60 -13.53 -5.36
C ASN B 8 -2.57 -13.19 -4.30
N LYS B 9 -1.30 -13.27 -4.68
CA LYS B 9 -0.19 -12.95 -3.80
C LYS B 9 -0.21 -11.47 -3.44
N ILE B 10 -0.54 -10.62 -4.41
CA ILE B 10 -0.69 -9.18 -4.18
C ILE B 10 -1.73 -8.91 -3.11
N GLU B 11 -2.90 -9.52 -3.25
CA GLU B 11 -3.97 -9.36 -2.27
C GLU B 11 -3.47 -9.76 -0.90
N ASN B 12 -2.89 -10.95 -0.83
CA ASN B 12 -2.38 -11.50 0.41
C ASN B 12 -1.34 -10.58 1.06
N LYS B 13 -0.40 -10.12 0.26
CA LYS B 13 0.71 -9.31 0.75
C LYS B 13 0.24 -7.96 1.24
N LYS B 14 -0.62 -7.33 0.46
CA LYS B 14 -1.26 -6.09 0.76
C LYS B 14 -1.99 -6.22 2.10
N LYS B 15 -2.74 -7.31 2.24
CA LYS B 15 -3.47 -7.59 3.47
C LYS B 15 -2.53 -7.82 4.64
N GLU B 16 -1.43 -8.55 4.38
CA GLU B 16 -0.39 -8.76 5.39
C GLU B 16 0.11 -7.43 5.90
N LEU B 17 0.37 -6.50 4.98
CA LEU B 17 0.87 -5.19 5.34
C LEU B 17 -0.12 -4.44 6.17
N ILE B 18 -1.39 -4.47 5.76
CA ILE B 18 -2.42 -3.75 6.48
C ILE B 18 -2.43 -4.19 7.94
N GLN B 19 -2.22 -5.48 8.14
CA GLN B 19 -2.14 -6.06 9.47
C GLN B 19 -1.00 -5.44 10.30
N LEU B 20 0.14 -5.12 9.66
CA LEU B 20 1.25 -4.49 10.39
C LEU B 20 0.95 -3.02 10.68
N VAL B 21 0.52 -2.26 9.68
CA VAL B 21 0.21 -0.85 9.93
C VAL B 21 -1.02 -0.67 10.85
N ALA B 22 -1.95 -1.60 10.79
CA ALA B 22 -3.12 -1.58 11.65
C ALA B 22 -2.73 -1.72 13.12
N ARG B 23 -1.83 -2.65 13.40
CA ARG B 23 -1.40 -2.91 14.78
C ARG B 23 -0.48 -1.81 15.30
N HIS B 24 -0.01 -0.95 14.40
CA HIS B 24 0.81 0.22 14.77
C HIS B 24 0.01 1.11 15.73
N GLY B 25 -1.24 1.31 15.42
CA GLY B 25 -2.04 2.20 16.22
C GLY B 25 -3.37 2.49 15.58
N LEU B 26 -3.49 2.20 14.28
CA LEU B 26 -4.71 2.39 13.54
C LEU B 26 -5.88 1.72 14.18
N ASP B 27 -6.95 2.46 14.24
CA ASP B 27 -8.20 1.99 14.83
C ASP B 27 -8.96 1.25 13.75
N HIS B 28 -10.15 0.79 14.06
CA HIS B 28 -10.96 0.03 13.12
C HIS B 28 -11.29 0.85 11.90
N ASP B 29 -11.51 2.14 12.11
CA ASP B 29 -11.84 3.04 11.02
C ASP B 29 -10.63 3.27 10.15
N LYS B 30 -9.48 3.39 10.78
CA LYS B 30 -8.23 3.64 10.11
C LYS B 30 -7.88 2.50 9.19
N VAL B 31 -8.16 1.29 9.62
CA VAL B 31 -7.90 0.13 8.81
C VAL B 31 -8.83 0.13 7.59
N LEU B 32 -10.04 0.62 7.78
CA LEU B 32 -11.03 0.70 6.70
C LEU B 32 -10.63 1.75 5.67
N LEU B 33 -10.32 2.97 6.12
CA LEU B 33 -9.89 4.03 5.21
C LEU B 33 -8.60 3.66 4.50
N PHE B 34 -7.66 3.10 5.24
CA PHE B 34 -6.38 2.74 4.68
C PHE B 34 -6.51 1.67 3.60
N SER B 35 -7.18 0.59 3.92
CA SER B 35 -7.29 -0.55 3.01
C SER B 35 -7.94 -0.17 1.68
N ARG B 36 -8.91 0.72 1.72
CA ARG B 36 -9.62 1.12 0.51
C ARG B 36 -8.78 2.10 -0.31
N ASP B 37 -8.04 2.97 0.36
CA ASP B 37 -7.24 3.98 -0.34
C ASP B 37 -6.02 3.29 -0.94
N LEU B 38 -5.57 2.27 -0.24
CA LEU B 38 -4.50 1.40 -0.68
C LEU B 38 -4.96 0.58 -1.88
N ASP B 39 -6.14 0.00 -1.76
CA ASP B 39 -6.72 -0.85 -2.80
C ASP B 39 -6.87 -0.10 -4.11
N LYS B 40 -7.36 1.14 -4.03
CA LYS B 40 -7.57 1.97 -5.22
C LYS B 40 -6.23 2.28 -5.90
N LEU B 41 -5.19 2.51 -5.08
CA LEU B 41 -3.88 2.88 -5.56
C LEU B 41 -3.27 1.71 -6.28
N ILE B 42 -3.56 0.56 -5.77
CA ILE B 42 -3.05 -0.65 -6.36
C ILE B 42 -3.76 -0.93 -7.66
N ASN B 43 -5.09 -0.92 -7.62
CA ASN B 43 -5.90 -1.16 -8.84
C ASN B 43 -5.56 -0.18 -9.94
N LYS B 44 -5.25 1.06 -9.53
CA LYS B 44 -4.80 2.11 -10.43
C LYS B 44 -3.56 1.65 -11.21
N PHE B 45 -2.55 1.18 -10.48
CA PHE B 45 -1.30 0.74 -11.08
C PHE B 45 -1.42 -0.63 -11.74
N MET B 46 -2.39 -1.42 -11.30
CA MET B 46 -2.71 -2.72 -11.91
C MET B 46 -3.41 -2.48 -13.25
N ASN B 47 -3.74 -1.21 -13.51
CA ASN B 47 -4.37 -0.74 -14.76
C ASN B 47 -5.81 -1.24 -14.86
N VAL B 48 -6.38 -1.57 -13.73
CA VAL B 48 -7.74 -2.04 -13.69
C VAL B 48 -8.62 -1.06 -12.96
N LYS B 49 -9.42 -0.42 -13.71
CA LYS B 49 -10.34 0.56 -13.23
C LYS B 49 -11.61 0.47 -14.02
N ASP B 50 -12.04 -0.76 -14.23
CA ASP B 50 -13.25 -1.08 -14.97
C ASP B 50 -14.50 -0.69 -14.18
N LYS B 51 -14.78 0.58 -14.21
CA LYS B 51 -15.90 1.14 -13.50
C LYS B 51 -16.93 1.66 -14.48
N VAL B 52 -16.84 1.13 -15.68
CA VAL B 52 -17.79 1.46 -16.74
C VAL B 52 -19.20 1.03 -16.33
N HIS B 53 -20.01 2.02 -16.08
CA HIS B 53 -21.32 1.81 -15.54
C HIS B 53 -22.39 1.82 -16.62
N LYS B 54 -23.36 0.96 -16.44
CA LYS B 54 -24.50 0.90 -17.31
C LYS B 54 -25.56 1.88 -16.80
N LEU B 55 -26.50 2.22 -17.62
CA LEU B 55 -27.55 3.13 -17.22
C LEU B 55 -28.85 2.38 -17.06
N GLU B 56 -29.62 2.79 -16.10
CA GLU B 56 -30.92 2.20 -15.84
C GLU B 56 -31.96 3.30 -16.07
N HIS B 57 -32.86 3.06 -16.99
CA HIS B 57 -33.89 4.01 -17.34
C HIS B 57 -35.26 3.41 -17.29
N HIS B 58 -36.19 4.17 -16.78
CA HIS B 58 -37.61 3.84 -16.75
C HIS B 58 -37.94 2.62 -15.90
N HIS B 59 -37.00 2.26 -15.01
CA HIS B 59 -37.18 1.20 -14.00
C HIS B 59 -37.14 -0.20 -14.65
N HIS B 60 -36.58 -0.28 -15.86
CA HIS B 60 -36.50 -1.53 -16.63
C HIS B 60 -35.28 -1.58 -17.55
N HIS B 61 -34.98 -0.46 -18.19
CA HIS B 61 -33.96 -0.42 -19.23
C HIS B 61 -32.57 -0.36 -18.64
N HIS B 62 -31.88 -1.46 -18.67
CA HIS B 62 -30.56 -1.53 -18.10
C HIS B 62 -29.72 -2.50 -18.92
N MET A 1 6.35 -4.13 21.50
CA MET A 1 7.79 -4.20 21.23
C MET A 1 8.19 -2.91 20.56
N GLU A 2 9.43 -2.83 20.05
CA GLU A 2 9.90 -1.66 19.33
C GLU A 2 9.00 -1.36 18.15
N MET A 3 8.46 -0.18 18.11
CA MET A 3 7.62 0.18 17.00
C MET A 3 8.48 0.49 15.80
N GLY A 4 9.75 0.74 16.06
CA GLY A 4 10.70 0.92 15.01
C GLY A 4 10.89 -0.38 14.26
N GLN A 5 10.90 -1.50 14.97
CA GLN A 5 11.07 -2.78 14.32
C GLN A 5 9.78 -3.15 13.61
N LEU A 6 8.66 -2.74 14.19
CA LEU A 6 7.36 -2.93 13.60
C LEU A 6 7.32 -2.19 12.27
N LYS A 7 7.89 -1.01 12.28
CA LYS A 7 8.01 -0.18 11.10
C LYS A 7 8.85 -0.87 10.06
N ASN A 8 9.92 -1.48 10.50
CA ASN A 8 10.81 -2.21 9.61
C ASN A 8 10.10 -3.40 9.00
N LYS A 9 9.21 -4.02 9.76
CA LYS A 9 8.41 -5.13 9.26
C LYS A 9 7.41 -4.60 8.25
N ILE A 10 6.84 -3.43 8.54
CA ILE A 10 5.94 -2.73 7.62
C ILE A 10 6.66 -2.49 6.30
N GLU A 11 7.89 -1.97 6.39
CA GLU A 11 8.73 -1.72 5.24
C GLU A 11 8.95 -2.97 4.42
N ASN A 12 9.39 -4.00 5.09
CA ASN A 12 9.72 -5.28 4.47
C ASN A 12 8.52 -5.91 3.78
N LYS A 13 7.36 -5.82 4.43
CA LYS A 13 6.14 -6.40 3.89
C LYS A 13 5.61 -5.54 2.72
N LYS A 14 5.70 -4.22 2.87
CA LYS A 14 5.37 -3.27 1.83
C LYS A 14 6.21 -3.56 0.59
N LYS A 15 7.50 -3.75 0.81
CA LYS A 15 8.46 -4.06 -0.24
C LYS A 15 8.11 -5.33 -1.01
N GLU A 16 7.63 -6.34 -0.28
CA GLU A 16 7.11 -7.57 -0.89
C GLU A 16 5.99 -7.24 -1.85
N LEU A 17 5.09 -6.41 -1.38
CA LEU A 17 3.93 -6.02 -2.13
C LEU A 17 4.32 -5.20 -3.34
N ILE A 18 5.24 -4.28 -3.16
CA ILE A 18 5.68 -3.41 -4.25
C ILE A 18 6.17 -4.26 -5.41
N GLN A 19 6.90 -5.30 -5.09
CA GLN A 19 7.43 -6.23 -6.08
C GLN A 19 6.33 -6.99 -6.80
N LEU A 20 5.27 -7.27 -6.08
CA LEU A 20 4.09 -7.95 -6.62
C LEU A 20 3.35 -7.04 -7.59
N VAL A 21 3.03 -5.83 -7.16
CA VAL A 21 2.41 -4.86 -8.06
C VAL A 21 3.34 -4.57 -9.27
N ALA A 22 4.63 -4.46 -8.99
CA ALA A 22 5.66 -4.19 -10.00
C ALA A 22 5.67 -5.25 -11.11
N ARG A 23 5.73 -6.51 -10.70
CA ARG A 23 5.83 -7.63 -11.64
C ARG A 23 4.57 -7.80 -12.46
N HIS A 24 3.47 -7.22 -11.96
CA HIS A 24 2.20 -7.26 -12.65
C HIS A 24 2.29 -6.60 -14.03
N GLY A 25 3.04 -5.53 -14.13
CA GLY A 25 3.15 -4.86 -15.41
C GLY A 25 3.48 -3.41 -15.31
N LEU A 26 3.75 -2.96 -14.11
CA LEU A 26 4.21 -1.65 -13.88
C LEU A 26 5.56 -1.40 -14.47
N ASP A 27 5.74 -0.20 -14.89
CA ASP A 27 7.00 0.27 -15.44
C ASP A 27 7.92 0.52 -14.28
N HIS A 28 9.19 0.70 -14.55
CA HIS A 28 10.16 0.96 -13.47
C HIS A 28 9.79 2.26 -12.78
N ASP A 29 9.36 3.22 -13.59
CA ASP A 29 8.89 4.52 -13.11
C ASP A 29 7.67 4.36 -12.25
N LYS A 30 6.76 3.48 -12.68
CA LYS A 30 5.54 3.22 -11.93
C LYS A 30 5.86 2.71 -10.54
N VAL A 31 6.82 1.77 -10.46
CA VAL A 31 7.23 1.17 -9.21
C VAL A 31 7.73 2.25 -8.26
N LEU A 32 8.52 3.16 -8.79
CA LEU A 32 9.10 4.25 -8.01
C LEU A 32 7.99 5.16 -7.46
N LEU A 33 7.08 5.53 -8.32
CA LEU A 33 5.98 6.40 -7.96
C LEU A 33 5.05 5.72 -6.98
N PHE A 34 4.74 4.46 -7.26
CA PHE A 34 3.86 3.66 -6.43
C PHE A 34 4.44 3.50 -5.04
N SER A 35 5.70 3.08 -4.96
CA SER A 35 6.33 2.80 -3.69
C SER A 35 6.38 4.02 -2.77
N ARG A 36 6.70 5.17 -3.34
CA ARG A 36 6.80 6.38 -2.55
C ARG A 36 5.43 6.90 -2.15
N ASP A 37 4.44 6.74 -3.02
CA ASP A 37 3.07 7.20 -2.71
C ASP A 37 2.48 6.31 -1.64
N LEU A 38 2.75 5.02 -1.79
CA LEU A 38 2.37 3.98 -0.85
C LEU A 38 2.95 4.24 0.52
N ASP A 39 4.22 4.58 0.56
CA ASP A 39 4.89 4.86 1.82
C ASP A 39 4.23 6.05 2.50
N LYS A 40 3.97 7.09 1.72
CA LYS A 40 3.31 8.29 2.21
C LYS A 40 1.89 8.01 2.69
N LEU A 41 1.21 7.10 2.01
CA LEU A 41 -0.12 6.68 2.40
C LEU A 41 -0.07 6.01 3.77
N ILE A 42 0.95 5.22 3.98
CA ILE A 42 1.16 4.56 5.25
C ILE A 42 1.44 5.61 6.31
N ASN A 43 2.44 6.47 6.05
CA ASN A 43 2.85 7.57 6.97
C ASN A 43 1.64 8.43 7.36
N LYS A 44 0.77 8.64 6.38
CA LYS A 44 -0.47 9.40 6.54
C LYS A 44 -1.34 8.79 7.64
N PHE A 45 -1.54 7.50 7.56
CA PHE A 45 -2.35 6.79 8.52
C PHE A 45 -1.66 6.61 9.84
N MET A 46 -0.35 6.44 9.80
CA MET A 46 0.45 6.26 11.02
C MET A 46 0.40 7.55 11.85
N ASN A 47 0.18 8.66 11.13
CA ASN A 47 0.13 10.01 11.67
C ASN A 47 1.45 10.30 12.34
N VAL A 48 2.44 10.52 11.53
CA VAL A 48 3.76 10.77 11.99
C VAL A 48 4.07 12.23 11.91
N LYS A 49 4.61 12.74 12.95
CA LYS A 49 5.00 14.10 13.01
C LYS A 49 6.51 14.10 13.10
N ASP A 50 7.14 14.05 11.95
CA ASP A 50 8.57 13.88 11.87
C ASP A 50 9.24 14.95 11.03
N LYS A 51 10.50 15.16 11.35
CA LYS A 51 11.41 16.14 10.76
C LYS A 51 11.55 16.11 9.25
N VAL A 52 11.49 14.97 8.71
CA VAL A 52 11.66 14.82 7.26
C VAL A 52 10.33 14.52 6.57
N HIS A 53 9.34 14.19 7.36
CA HIS A 53 8.02 13.86 6.84
C HIS A 53 7.17 15.11 6.66
N LYS A 54 7.58 16.17 7.30
CA LYS A 54 6.88 17.44 7.21
C LYS A 54 7.87 18.57 7.05
N LEU A 55 7.46 19.61 6.36
CA LEU A 55 8.29 20.75 6.15
C LEU A 55 7.45 22.03 6.19
N GLU A 56 7.82 22.94 7.05
CA GLU A 56 7.16 24.23 7.13
C GLU A 56 8.05 25.33 6.57
N HIS A 57 9.24 24.94 6.17
CA HIS A 57 10.17 25.86 5.57
C HIS A 57 9.78 26.18 4.16
N HIS A 58 10.06 27.40 3.75
CA HIS A 58 9.74 27.81 2.40
C HIS A 58 10.83 27.36 1.45
N HIS A 59 12.04 27.26 1.98
CA HIS A 59 13.26 26.82 1.27
C HIS A 59 13.74 27.82 0.23
N HIS A 60 12.84 28.30 -0.58
CA HIS A 60 13.19 29.27 -1.59
C HIS A 60 13.31 30.63 -0.94
N HIS A 61 14.51 31.00 -0.58
CA HIS A 61 14.76 32.28 0.07
C HIS A 61 15.03 33.34 -0.99
N HIS A 62 15.46 32.89 -2.13
CA HIS A 62 15.68 33.74 -3.24
C HIS A 62 14.94 33.14 -4.39
N MET B 1 2.99 -17.51 -17.20
CA MET B 1 2.30 -16.29 -16.82
C MET B 1 1.25 -16.61 -15.79
N GLU B 2 1.22 -15.84 -14.73
CA GLU B 2 0.24 -15.99 -13.69
C GLU B 2 -0.42 -14.63 -13.43
N MET B 3 -1.71 -14.64 -13.28
CA MET B 3 -2.42 -13.42 -12.97
C MET B 3 -3.23 -13.59 -11.71
N GLY B 4 -3.92 -14.70 -11.59
CA GLY B 4 -4.69 -14.99 -10.39
C GLY B 4 -3.78 -15.23 -9.21
N GLN B 5 -2.71 -16.00 -9.43
CA GLN B 5 -1.73 -16.30 -8.38
C GLN B 5 -0.95 -15.03 -8.03
N LEU B 6 -0.95 -14.11 -8.96
CA LEU B 6 -0.31 -12.84 -8.82
C LEU B 6 -1.19 -11.91 -7.99
N LYS B 7 -2.45 -11.79 -8.40
CA LYS B 7 -3.41 -10.96 -7.69
C LYS B 7 -3.65 -11.47 -6.29
N ASN B 8 -3.65 -12.79 -6.15
CA ASN B 8 -3.79 -13.40 -4.84
C ASN B 8 -2.65 -12.98 -3.93
N LYS B 9 -1.42 -12.99 -4.47
CA LYS B 9 -0.28 -12.52 -3.72
C LYS B 9 -0.42 -11.06 -3.37
N ILE B 10 -0.73 -10.23 -4.38
CA ILE B 10 -0.97 -8.80 -4.16
C ILE B 10 -1.98 -8.58 -3.03
N GLU B 11 -3.15 -9.20 -3.13
CA GLU B 11 -4.18 -9.07 -2.10
C GLU B 11 -3.66 -9.52 -0.74
N ASN B 12 -3.17 -10.74 -0.68
CA ASN B 12 -2.67 -11.34 0.57
C ASN B 12 -1.55 -10.53 1.21
N LYS B 13 -0.57 -10.15 0.43
CA LYS B 13 0.61 -9.46 0.93
C LYS B 13 0.22 -8.06 1.42
N LYS B 14 -0.67 -7.43 0.69
CA LYS B 14 -1.26 -6.17 1.04
C LYS B 14 -1.96 -6.29 2.38
N LYS B 15 -2.77 -7.33 2.51
CA LYS B 15 -3.51 -7.59 3.74
C LYS B 15 -2.58 -7.83 4.92
N GLU B 16 -1.50 -8.58 4.68
CA GLU B 16 -0.47 -8.81 5.69
C GLU B 16 0.10 -7.48 6.17
N LEU B 17 0.32 -6.58 5.22
CA LEU B 17 0.83 -5.27 5.48
C LEU B 17 -0.19 -4.42 6.23
N ILE B 18 -1.43 -4.45 5.78
CA ILE B 18 -2.51 -3.67 6.39
C ILE B 18 -2.60 -3.97 7.87
N GLN B 19 -2.48 -5.24 8.20
CA GLN B 19 -2.54 -5.69 9.59
C GLN B 19 -1.33 -5.16 10.38
N LEU B 20 -0.20 -5.01 9.69
CA LEU B 20 1.00 -4.46 10.32
C LEU B 20 0.84 -2.97 10.59
N VAL B 21 0.40 -2.22 9.58
CA VAL B 21 0.09 -0.79 9.78
C VAL B 21 -0.99 -0.63 10.85
N ALA B 22 -1.97 -1.52 10.82
CA ALA B 22 -3.06 -1.52 11.78
C ALA B 22 -2.57 -1.69 13.20
N ARG B 23 -1.70 -2.69 13.42
CA ARG B 23 -1.17 -2.97 14.75
C ARG B 23 -0.08 -1.98 15.15
N HIS B 24 0.19 -1.02 14.30
CA HIS B 24 1.07 0.06 14.65
C HIS B 24 0.31 0.99 15.60
N GLY B 25 -1.00 1.03 15.43
CA GLY B 25 -1.81 1.83 16.28
C GLY B 25 -2.94 2.51 15.55
N LEU B 26 -3.60 1.78 14.66
CA LEU B 26 -4.73 2.33 13.95
C LEU B 26 -6.02 1.95 14.57
N ASP B 27 -6.96 2.83 14.44
CA ASP B 27 -8.31 2.58 14.89
C ASP B 27 -8.98 1.78 13.79
N HIS B 28 -10.14 1.23 14.06
CA HIS B 28 -10.84 0.40 13.09
C HIS B 28 -11.12 1.21 11.82
N ASP B 29 -11.37 2.51 11.99
CA ASP B 29 -11.70 3.36 10.82
C ASP B 29 -10.48 3.52 9.94
N LYS B 30 -9.33 3.59 10.59
CA LYS B 30 -8.07 3.79 9.91
C LYS B 30 -7.70 2.60 9.09
N VAL B 31 -7.89 1.43 9.64
CA VAL B 31 -7.64 0.19 8.95
C VAL B 31 -8.53 0.10 7.70
N LEU B 32 -9.79 0.47 7.86
CA LEU B 32 -10.76 0.44 6.75
C LEU B 32 -10.40 1.42 5.66
N LEU B 33 -10.09 2.64 6.05
CA LEU B 33 -9.74 3.69 5.11
C LEU B 33 -8.43 3.36 4.40
N PHE B 34 -7.46 2.88 5.16
CA PHE B 34 -6.16 2.53 4.61
C PHE B 34 -6.28 1.37 3.63
N SER B 35 -6.95 0.31 4.05
CA SER B 35 -7.09 -0.88 3.23
C SER B 35 -7.76 -0.59 1.89
N ARG B 36 -8.75 0.28 1.91
CA ARG B 36 -9.49 0.58 0.70
C ARG B 36 -8.71 1.52 -0.20
N ASP B 37 -8.07 2.52 0.37
CA ASP B 37 -7.32 3.47 -0.43
C ASP B 37 -6.03 2.87 -0.94
N LEU B 38 -5.49 1.93 -0.20
CA LEU B 38 -4.35 1.16 -0.64
C LEU B 38 -4.74 0.31 -1.84
N ASP B 39 -5.93 -0.27 -1.77
CA ASP B 39 -6.48 -1.07 -2.87
C ASP B 39 -6.62 -0.18 -4.10
N LYS B 40 -7.18 1.02 -3.89
CA LYS B 40 -7.35 2.04 -4.96
C LYS B 40 -6.01 2.36 -5.62
N LEU B 41 -5.00 2.64 -4.79
CA LEU B 41 -3.66 2.99 -5.26
C LEU B 41 -3.07 1.88 -6.13
N ILE B 42 -3.25 0.66 -5.71
CA ILE B 42 -2.76 -0.47 -6.47
C ILE B 42 -3.52 -0.57 -7.79
N ASN B 43 -4.85 -0.60 -7.71
CA ASN B 43 -5.75 -0.64 -8.89
C ASN B 43 -5.42 0.46 -9.88
N LYS B 44 -5.08 1.62 -9.34
CA LYS B 44 -4.69 2.79 -10.12
C LYS B 44 -3.48 2.47 -11.01
N PHE B 45 -2.52 1.78 -10.45
CA PHE B 45 -1.30 1.41 -11.14
C PHE B 45 -1.44 0.11 -11.94
N MET B 46 -2.38 -0.74 -11.52
CA MET B 46 -2.66 -2.01 -12.23
C MET B 46 -3.52 -1.72 -13.46
N ASN B 47 -3.93 -0.47 -13.55
CA ASN B 47 -4.77 0.06 -14.58
C ASN B 47 -6.13 -0.57 -14.56
N VAL B 48 -6.81 -0.33 -13.49
CA VAL B 48 -8.15 -0.79 -13.26
C VAL B 48 -8.91 0.44 -12.90
N LYS B 49 -10.11 0.53 -13.33
CA LYS B 49 -10.91 1.71 -13.12
C LYS B 49 -11.89 1.47 -11.97
N ASP B 50 -11.40 0.64 -11.06
CA ASP B 50 -12.06 0.18 -9.84
C ASP B 50 -13.27 -0.72 -10.14
N LYS B 51 -13.65 -1.47 -9.13
CA LYS B 51 -14.71 -2.48 -9.23
C LYS B 51 -16.10 -1.88 -9.10
N VAL B 52 -16.18 -0.59 -9.22
CA VAL B 52 -17.42 0.12 -9.16
C VAL B 52 -17.83 0.57 -10.57
N HIS B 53 -19.06 0.28 -10.94
CA HIS B 53 -19.55 0.59 -12.26
C HIS B 53 -19.93 2.05 -12.33
N LYS B 54 -19.62 2.67 -13.44
CA LYS B 54 -19.87 4.07 -13.62
C LYS B 54 -21.34 4.27 -13.93
N LEU B 55 -21.93 5.21 -13.25
CA LEU B 55 -23.37 5.43 -13.31
C LEU B 55 -23.83 6.06 -14.60
N GLU B 56 -24.82 5.39 -15.20
CA GLU B 56 -25.56 5.78 -16.40
C GLU B 56 -24.71 6.30 -17.57
N HIS B 57 -24.60 5.46 -18.56
CA HIS B 57 -23.90 5.74 -19.78
C HIS B 57 -24.17 4.59 -20.71
N HIS B 58 -23.95 3.41 -20.20
CA HIS B 58 -24.18 2.19 -20.93
C HIS B 58 -25.67 1.92 -20.96
N HIS B 59 -26.18 1.59 -22.12
CA HIS B 59 -27.61 1.37 -22.28
C HIS B 59 -27.95 -0.10 -22.17
N HIS B 60 -27.34 -0.88 -23.04
CA HIS B 60 -27.60 -2.31 -23.11
C HIS B 60 -26.38 -3.10 -22.71
N HIS B 61 -25.48 -2.43 -22.08
CA HIS B 61 -24.29 -3.04 -21.57
C HIS B 61 -24.27 -2.79 -20.07
N HIS B 62 -24.15 -3.83 -19.32
CA HIS B 62 -24.12 -3.73 -17.88
C HIS B 62 -23.07 -4.66 -17.36
N MET A 1 8.92 -2.75 23.70
CA MET A 1 7.84 -2.41 22.79
C MET A 1 8.38 -2.38 21.37
N GLU A 2 9.32 -1.45 21.15
CA GLU A 2 10.02 -1.26 19.89
C GLU A 2 9.10 -1.09 18.69
N MET A 3 8.83 0.13 18.35
CA MET A 3 8.02 0.41 17.20
C MET A 3 8.86 0.45 15.96
N GLY A 4 10.17 0.56 16.17
CA GLY A 4 11.10 0.53 15.08
C GLY A 4 11.04 -0.80 14.38
N GLN A 5 10.99 -1.88 15.16
CA GLN A 5 10.89 -3.23 14.61
C GLN A 5 9.57 -3.41 13.86
N LEU A 6 8.53 -2.76 14.35
CA LEU A 6 7.22 -2.81 13.75
C LEU A 6 7.26 -2.08 12.41
N LYS A 7 7.84 -0.89 12.43
CA LYS A 7 7.97 -0.09 11.22
C LYS A 7 8.87 -0.80 10.22
N ASN A 8 9.87 -1.50 10.76
CA ASN A 8 10.79 -2.32 9.97
C ASN A 8 10.01 -3.37 9.21
N LYS A 9 9.12 -4.06 9.92
CA LYS A 9 8.25 -5.08 9.31
C LYS A 9 7.29 -4.45 8.32
N ILE A 10 6.78 -3.27 8.63
CA ILE A 10 5.89 -2.53 7.72
C ILE A 10 6.61 -2.26 6.40
N GLU A 11 7.80 -1.69 6.50
CA GLU A 11 8.65 -1.43 5.34
C GLU A 11 8.92 -2.70 4.57
N ASN A 12 9.23 -3.73 5.31
CA ASN A 12 9.54 -5.05 4.80
C ASN A 12 8.38 -5.59 3.95
N LYS A 13 7.20 -5.59 4.53
CA LYS A 13 6.01 -6.15 3.92
C LYS A 13 5.54 -5.26 2.76
N LYS A 14 5.70 -3.94 2.93
CA LYS A 14 5.37 -2.94 1.92
C LYS A 14 6.17 -3.23 0.65
N LYS A 15 7.46 -3.43 0.82
CA LYS A 15 8.37 -3.67 -0.27
C LYS A 15 8.09 -5.01 -0.92
N GLU A 16 7.70 -6.01 -0.11
CA GLU A 16 7.30 -7.32 -0.66
C GLU A 16 6.11 -7.15 -1.61
N LEU A 17 5.20 -6.30 -1.22
CA LEU A 17 4.03 -6.01 -2.00
C LEU A 17 4.40 -5.25 -3.26
N ILE A 18 5.25 -4.24 -3.12
CA ILE A 18 5.70 -3.42 -4.24
C ILE A 18 6.30 -4.31 -5.31
N GLN A 19 7.07 -5.30 -4.89
CA GLN A 19 7.64 -6.31 -5.79
C GLN A 19 6.55 -6.99 -6.60
N LEU A 20 5.49 -7.37 -5.91
CA LEU A 20 4.38 -8.07 -6.53
C LEU A 20 3.61 -7.16 -7.47
N VAL A 21 3.30 -5.94 -7.03
CA VAL A 21 2.62 -4.97 -7.89
C VAL A 21 3.51 -4.60 -9.10
N ALA A 22 4.82 -4.58 -8.87
CA ALA A 22 5.78 -4.26 -9.90
C ALA A 22 5.82 -5.35 -10.97
N ARG A 23 6.00 -6.61 -10.52
CA ARG A 23 6.09 -7.75 -11.42
C ARG A 23 4.77 -8.01 -12.14
N HIS A 24 3.68 -7.48 -11.58
CA HIS A 24 2.37 -7.49 -12.25
C HIS A 24 2.52 -6.97 -13.67
N GLY A 25 3.23 -5.88 -13.81
CA GLY A 25 3.43 -5.32 -15.10
C GLY A 25 3.57 -3.83 -15.04
N LEU A 26 4.29 -3.35 -14.06
CA LEU A 26 4.54 -1.93 -13.98
C LEU A 26 5.79 -1.56 -14.69
N ASP A 27 5.86 -0.30 -15.04
CA ASP A 27 7.04 0.30 -15.61
C ASP A 27 7.92 0.66 -14.45
N HIS A 28 9.17 1.00 -14.70
CA HIS A 28 10.07 1.38 -13.61
C HIS A 28 9.52 2.62 -12.91
N ASP A 29 9.03 3.55 -13.72
CA ASP A 29 8.42 4.78 -13.22
C ASP A 29 7.20 4.50 -12.37
N LYS A 30 6.43 3.52 -12.78
CA LYS A 30 5.23 3.12 -12.06
C LYS A 30 5.59 2.64 -10.67
N VAL A 31 6.59 1.77 -10.59
CA VAL A 31 7.07 1.26 -9.32
C VAL A 31 7.52 2.41 -8.42
N LEU A 32 8.20 3.38 -9.02
CA LEU A 32 8.69 4.56 -8.29
C LEU A 32 7.52 5.39 -7.76
N LEU A 33 6.60 5.72 -8.63
CA LEU A 33 5.44 6.52 -8.28
C LEU A 33 4.57 5.81 -7.26
N PHE A 34 4.39 4.51 -7.47
CA PHE A 34 3.61 3.67 -6.58
C PHE A 34 4.22 3.63 -5.18
N SER A 35 5.49 3.27 -5.10
CA SER A 35 6.15 3.09 -3.83
C SER A 35 6.20 4.40 -3.01
N ARG A 36 6.37 5.52 -3.68
CA ARG A 36 6.44 6.78 -3.00
C ARG A 36 5.05 7.24 -2.50
N ASP A 37 4.02 6.98 -3.31
CA ASP A 37 2.64 7.37 -2.96
C ASP A 37 2.19 6.50 -1.80
N LEU A 38 2.59 5.25 -1.89
CA LEU A 38 2.33 4.24 -0.88
C LEU A 38 3.02 4.58 0.42
N ASP A 39 4.26 5.00 0.33
CA ASP A 39 5.01 5.36 1.52
C ASP A 39 4.33 6.51 2.22
N LYS A 40 3.92 7.51 1.46
CA LYS A 40 3.19 8.64 2.00
C LYS A 40 1.84 8.23 2.56
N LEU A 41 1.17 7.28 1.92
CA LEU A 41 -0.11 6.78 2.40
C LEU A 41 0.07 6.11 3.75
N ILE A 42 1.14 5.36 3.88
CA ILE A 42 1.46 4.71 5.12
C ILE A 42 1.81 5.75 6.18
N ASN A 43 2.70 6.69 5.84
CA ASN A 43 3.07 7.79 6.78
C ASN A 43 1.84 8.58 7.22
N LYS A 44 0.90 8.74 6.31
CA LYS A 44 -0.37 9.44 6.55
C LYS A 44 -1.14 8.77 7.69
N PHE A 45 -1.29 7.46 7.62
CA PHE A 45 -2.03 6.72 8.61
C PHE A 45 -1.20 6.42 9.85
N MET A 46 0.09 6.31 9.68
CA MET A 46 1.01 6.04 10.80
C MET A 46 1.10 7.26 11.66
N ASN A 47 0.94 8.42 11.03
CA ASN A 47 1.02 9.72 11.64
C ASN A 47 2.33 9.90 12.32
N VAL A 48 3.36 10.15 11.54
CA VAL A 48 4.68 10.32 12.10
C VAL A 48 4.78 11.64 12.78
N LYS A 49 4.50 11.58 14.00
CA LYS A 49 4.49 12.67 14.89
C LYS A 49 5.02 12.13 16.17
N ASP A 50 6.21 12.53 16.56
CA ASP A 50 6.80 12.02 17.80
C ASP A 50 6.09 12.58 18.99
N LYS A 51 5.06 11.88 19.40
CA LYS A 51 4.22 12.26 20.51
C LYS A 51 4.63 11.49 21.73
N VAL A 52 5.76 10.87 21.63
CA VAL A 52 6.32 10.12 22.70
C VAL A 52 7.63 10.74 23.15
N HIS A 53 7.78 10.86 24.42
CA HIS A 53 8.98 11.35 25.02
C HIS A 53 9.28 10.44 26.19
N LYS A 54 10.00 9.36 25.89
CA LYS A 54 10.37 8.32 26.85
C LYS A 54 9.12 7.55 27.31
N LEU A 55 9.29 6.77 28.36
CA LEU A 55 8.25 5.96 28.96
C LEU A 55 7.61 5.01 27.99
N GLU A 56 8.21 3.90 27.89
CA GLU A 56 7.77 2.86 27.02
C GLU A 56 7.28 1.70 27.86
N HIS A 57 5.99 1.56 27.92
CA HIS A 57 5.40 0.57 28.76
C HIS A 57 4.60 -0.42 27.95
N HIS A 58 5.30 -1.34 27.38
CA HIS A 58 4.77 -2.46 26.68
C HIS A 58 5.91 -3.40 26.48
N HIS A 59 5.92 -4.44 27.23
CA HIS A 59 7.04 -5.33 27.24
C HIS A 59 6.55 -6.73 27.00
N HIS A 60 7.39 -7.68 27.25
CA HIS A 60 7.06 -9.06 27.05
C HIS A 60 6.26 -9.57 28.24
N HIS A 61 6.58 -9.07 29.41
CA HIS A 61 5.92 -9.48 30.61
C HIS A 61 4.64 -8.67 30.85
N HIS A 62 3.57 -9.20 30.34
CA HIS A 62 2.25 -8.67 30.56
C HIS A 62 1.35 -9.82 30.90
N MET B 1 0.92 -18.70 -15.08
CA MET B 1 1.50 -17.43 -15.47
C MET B 1 0.42 -16.37 -15.61
N GLU B 2 -0.81 -16.71 -15.22
CA GLU B 2 -1.89 -15.76 -15.30
C GLU B 2 -1.84 -14.80 -14.14
N MET B 3 -2.46 -13.66 -14.27
CA MET B 3 -2.32 -12.63 -13.26
C MET B 3 -3.34 -12.74 -12.16
N GLY B 4 -4.19 -13.73 -12.23
CA GLY B 4 -5.18 -13.91 -11.19
C GLY B 4 -4.51 -14.45 -9.95
N GLN B 5 -3.65 -15.42 -10.16
CA GLN B 5 -2.85 -16.03 -9.11
C GLN B 5 -1.86 -15.00 -8.56
N LEU B 6 -1.39 -14.15 -9.44
CA LEU B 6 -0.48 -13.08 -9.09
C LEU B 6 -1.21 -12.05 -8.22
N LYS B 7 -2.43 -11.73 -8.62
CA LYS B 7 -3.25 -10.77 -7.90
C LYS B 7 -3.59 -11.26 -6.52
N ASN B 8 -3.79 -12.58 -6.40
CA ASN B 8 -4.07 -13.21 -5.10
C ASN B 8 -2.91 -12.95 -4.15
N LYS B 9 -1.70 -13.04 -4.67
CA LYS B 9 -0.51 -12.82 -3.86
C LYS B 9 -0.35 -11.33 -3.52
N ILE B 10 -0.76 -10.46 -4.45
CA ILE B 10 -0.77 -9.01 -4.18
C ILE B 10 -1.70 -8.74 -3.03
N GLU B 11 -2.91 -9.29 -3.12
CA GLU B 11 -3.91 -9.17 -2.06
C GLU B 11 -3.35 -9.67 -0.77
N ASN B 12 -2.78 -10.84 -0.83
CA ASN B 12 -2.21 -11.54 0.29
C ASN B 12 -1.18 -10.67 1.02
N LYS B 13 -0.26 -10.10 0.26
CA LYS B 13 0.84 -9.35 0.82
C LYS B 13 0.39 -7.95 1.30
N LYS B 14 -0.46 -7.32 0.50
CA LYS B 14 -1.07 -6.04 0.83
C LYS B 14 -1.84 -6.15 2.14
N LYS B 15 -2.67 -7.18 2.24
CA LYS B 15 -3.46 -7.44 3.43
C LYS B 15 -2.56 -7.70 4.65
N GLU B 16 -1.46 -8.43 4.43
CA GLU B 16 -0.44 -8.65 5.46
C GLU B 16 0.13 -7.33 5.97
N LEU B 17 0.35 -6.42 5.06
CA LEU B 17 0.86 -5.13 5.38
C LEU B 17 -0.17 -4.32 6.15
N ILE B 18 -1.40 -4.38 5.70
CA ILE B 18 -2.49 -3.65 6.33
C ILE B 18 -2.56 -4.02 7.82
N GLN B 19 -2.38 -5.30 8.08
CA GLN B 19 -2.34 -5.87 9.44
C GLN B 19 -1.23 -5.21 10.28
N LEU B 20 -0.11 -4.96 9.65
CA LEU B 20 1.02 -4.35 10.32
C LEU B 20 0.76 -2.89 10.64
N VAL B 21 0.30 -2.12 9.65
CA VAL B 21 -0.06 -0.72 9.91
C VAL B 21 -1.22 -0.64 10.95
N ALA B 22 -2.14 -1.59 10.86
CA ALA B 22 -3.31 -1.67 11.72
C ALA B 22 -2.94 -1.86 13.18
N ARG B 23 -2.10 -2.86 13.46
CA ARG B 23 -1.70 -3.20 14.84
C ARG B 23 -0.89 -2.08 15.48
N HIS B 24 -0.34 -1.21 14.64
CA HIS B 24 0.47 -0.12 15.11
C HIS B 24 -0.32 0.84 15.99
N GLY B 25 -1.56 1.06 15.66
CA GLY B 25 -2.34 1.99 16.41
C GLY B 25 -3.64 2.33 15.74
N LEU B 26 -3.71 2.03 14.46
CA LEU B 26 -4.87 2.23 13.68
C LEU B 26 -6.11 1.60 14.25
N ASP B 27 -7.13 2.41 14.27
CA ASP B 27 -8.47 2.05 14.69
C ASP B 27 -9.05 1.16 13.62
N HIS B 28 -10.17 0.52 13.89
CA HIS B 28 -10.80 -0.36 12.92
C HIS B 28 -11.21 0.45 11.68
N ASP B 29 -11.66 1.67 11.92
CA ASP B 29 -12.05 2.62 10.89
C ASP B 29 -10.85 2.98 10.03
N LYS B 30 -9.72 3.16 10.68
CA LYS B 30 -8.45 3.46 10.01
C LYS B 30 -8.09 2.33 9.07
N VAL B 31 -8.28 1.10 9.53
CA VAL B 31 -7.93 -0.08 8.75
C VAL B 31 -8.81 -0.15 7.51
N LEU B 32 -10.08 0.12 7.68
CA LEU B 32 -11.04 0.11 6.57
C LEU B 32 -10.67 1.15 5.54
N LEU B 33 -10.31 2.33 6.01
CA LEU B 33 -9.94 3.42 5.12
C LEU B 33 -8.60 3.14 4.45
N PHE B 34 -7.65 2.67 5.22
CA PHE B 34 -6.32 2.39 4.70
C PHE B 34 -6.37 1.27 3.68
N SER B 35 -7.08 0.19 3.98
CA SER B 35 -7.16 -0.97 3.10
C SER B 35 -7.73 -0.60 1.74
N ARG B 36 -8.82 0.14 1.73
CA ARG B 36 -9.46 0.53 0.48
C ARG B 36 -8.65 1.57 -0.28
N ASP B 37 -7.96 2.44 0.44
CA ASP B 37 -7.16 3.50 -0.18
C ASP B 37 -5.88 2.90 -0.76
N LEU B 38 -5.34 1.94 -0.04
CA LEU B 38 -4.19 1.19 -0.50
C LEU B 38 -4.58 0.37 -1.73
N ASP B 39 -5.74 -0.22 -1.66
CA ASP B 39 -6.26 -1.03 -2.76
C ASP B 39 -6.44 -0.17 -4.02
N LYS B 40 -6.90 1.06 -3.85
CA LYS B 40 -7.13 1.94 -4.99
C LYS B 40 -5.83 2.38 -5.62
N LEU B 41 -4.81 2.50 -4.79
CA LEU B 41 -3.49 2.93 -5.24
C LEU B 41 -2.98 1.85 -6.17
N ILE B 42 -3.20 0.65 -5.77
CA ILE B 42 -2.71 -0.49 -6.50
C ILE B 42 -3.46 -0.64 -7.80
N ASN B 43 -4.79 -0.73 -7.73
CA ASN B 43 -5.67 -0.82 -8.92
C ASN B 43 -5.37 0.30 -9.92
N LYS B 44 -5.04 1.49 -9.40
CA LYS B 44 -4.68 2.63 -10.22
C LYS B 44 -3.48 2.28 -11.11
N PHE B 45 -2.43 1.80 -10.50
CA PHE B 45 -1.21 1.46 -11.21
C PHE B 45 -1.32 0.18 -12.01
N MET B 46 -2.12 -0.75 -11.53
CA MET B 46 -2.33 -2.05 -12.21
C MET B 46 -3.01 -1.84 -13.55
N ASN B 47 -3.71 -0.71 -13.70
CA ASN B 47 -4.48 -0.34 -14.91
C ASN B 47 -5.79 -1.14 -15.00
N VAL B 48 -6.03 -1.92 -13.96
CA VAL B 48 -7.23 -2.72 -13.88
C VAL B 48 -8.36 -1.85 -13.36
N LYS B 49 -9.53 -2.08 -13.85
CA LYS B 49 -10.66 -1.27 -13.51
C LYS B 49 -11.83 -2.17 -13.17
N ASP B 50 -11.52 -3.29 -12.52
CA ASP B 50 -12.55 -4.24 -12.15
C ASP B 50 -13.40 -3.73 -10.99
N LYS B 51 -14.31 -2.86 -11.34
CA LYS B 51 -15.26 -2.29 -10.40
C LYS B 51 -16.47 -3.20 -10.30
N VAL B 52 -16.27 -4.41 -10.77
CA VAL B 52 -17.23 -5.45 -10.71
C VAL B 52 -17.10 -6.15 -9.37
N HIS B 53 -15.99 -5.90 -8.69
CA HIS B 53 -15.77 -6.45 -7.38
C HIS B 53 -16.62 -5.68 -6.38
N LYS B 54 -17.74 -6.25 -6.08
CA LYS B 54 -18.67 -5.72 -5.14
C LYS B 54 -19.23 -6.87 -4.35
N LEU B 55 -19.78 -6.60 -3.22
CA LEU B 55 -20.39 -7.63 -2.45
C LEU B 55 -21.78 -7.85 -2.95
N GLU B 56 -21.86 -8.66 -3.94
CA GLU B 56 -23.08 -8.92 -4.61
C GLU B 56 -23.47 -10.37 -4.47
N HIS B 57 -24.63 -10.59 -3.94
CA HIS B 57 -25.17 -11.91 -3.77
C HIS B 57 -25.71 -12.39 -5.08
N HIS B 58 -24.85 -12.98 -5.85
CA HIS B 58 -25.21 -13.42 -7.17
C HIS B 58 -25.70 -14.86 -7.18
N HIS B 59 -25.70 -15.46 -6.03
CA HIS B 59 -26.21 -16.78 -5.86
C HIS B 59 -27.08 -16.75 -4.62
N HIS B 60 -27.91 -17.76 -4.43
CA HIS B 60 -28.84 -17.80 -3.30
C HIS B 60 -28.12 -17.97 -1.97
N HIS B 61 -26.94 -18.51 -2.03
CA HIS B 61 -26.12 -18.71 -0.86
C HIS B 61 -24.68 -18.74 -1.32
N HIS B 62 -23.78 -18.24 -0.50
CA HIS B 62 -22.40 -18.16 -0.86
C HIS B 62 -21.55 -18.98 0.08
N MET A 1 6.91 -4.16 22.85
CA MET A 1 6.98 -4.10 21.40
C MET A 1 7.78 -2.88 21.03
N GLU A 2 8.39 -2.92 19.88
CA GLU A 2 9.22 -1.83 19.43
C GLU A 2 8.61 -1.32 18.12
N MET A 3 8.16 -0.07 18.14
CA MET A 3 7.48 0.55 17.00
C MET A 3 8.39 0.72 15.78
N GLY A 4 9.69 0.88 16.02
CA GLY A 4 10.63 1.01 14.93
C GLY A 4 10.75 -0.29 14.18
N GLN A 5 10.97 -1.36 14.92
CA GLN A 5 11.05 -2.71 14.37
C GLN A 5 9.73 -3.14 13.74
N LEU A 6 8.65 -2.61 14.26
CA LEU A 6 7.34 -2.85 13.72
C LEU A 6 7.24 -2.18 12.35
N LYS A 7 7.68 -0.93 12.29
CA LYS A 7 7.66 -0.15 11.06
C LYS A 7 8.67 -0.74 10.06
N ASN A 8 9.70 -1.37 10.60
CA ASN A 8 10.71 -2.10 9.81
C ASN A 8 10.03 -3.25 9.06
N LYS A 9 9.16 -3.99 9.76
CA LYS A 9 8.38 -5.07 9.14
C LYS A 9 7.42 -4.48 8.11
N ILE A 10 6.88 -3.32 8.43
CA ILE A 10 6.01 -2.58 7.53
C ILE A 10 6.74 -2.26 6.24
N GLU A 11 7.95 -1.71 6.34
CA GLU A 11 8.78 -1.43 5.18
C GLU A 11 8.98 -2.67 4.36
N ASN A 12 9.39 -3.72 5.02
CA ASN A 12 9.69 -5.02 4.41
C ASN A 12 8.47 -5.53 3.64
N LYS A 13 7.33 -5.50 4.30
CA LYS A 13 6.08 -6.03 3.75
C LYS A 13 5.59 -5.18 2.59
N LYS A 14 5.66 -3.88 2.78
CA LYS A 14 5.32 -2.89 1.77
C LYS A 14 6.13 -3.17 0.51
N LYS A 15 7.41 -3.36 0.72
CA LYS A 15 8.37 -3.63 -0.32
C LYS A 15 8.10 -4.95 -1.02
N GLU A 16 7.73 -5.98 -0.26
CA GLU A 16 7.35 -7.27 -0.82
C GLU A 16 6.18 -7.09 -1.78
N LEU A 17 5.22 -6.29 -1.35
CA LEU A 17 4.03 -6.00 -2.13
C LEU A 17 4.39 -5.26 -3.40
N ILE A 18 5.26 -4.26 -3.28
CA ILE A 18 5.64 -3.45 -4.41
C ILE A 18 6.28 -4.32 -5.48
N GLN A 19 7.12 -5.26 -5.06
CA GLN A 19 7.75 -6.21 -5.98
C GLN A 19 6.68 -7.01 -6.72
N LEU A 20 5.62 -7.36 -6.01
CA LEU A 20 4.54 -8.12 -6.58
C LEU A 20 3.74 -7.31 -7.60
N VAL A 21 3.33 -6.08 -7.25
CA VAL A 21 2.61 -5.27 -8.20
C VAL A 21 3.53 -4.88 -9.40
N ALA A 22 4.81 -4.71 -9.13
CA ALA A 22 5.81 -4.32 -10.12
C ALA A 22 6.01 -5.38 -11.17
N ARG A 23 6.20 -6.62 -10.73
CA ARG A 23 6.44 -7.75 -11.63
C ARG A 23 5.22 -8.03 -12.49
N HIS A 24 4.09 -7.53 -12.05
CA HIS A 24 2.84 -7.68 -12.76
C HIS A 24 2.91 -7.02 -14.16
N GLY A 25 3.71 -5.98 -14.31
CA GLY A 25 3.81 -5.36 -15.62
C GLY A 25 4.14 -3.89 -15.59
N LEU A 26 4.34 -3.36 -14.42
CA LEU A 26 4.70 -1.98 -14.26
C LEU A 26 6.10 -1.67 -14.74
N ASP A 27 6.27 -0.46 -15.16
CA ASP A 27 7.58 0.06 -15.52
C ASP A 27 8.19 0.55 -14.24
N HIS A 28 9.49 0.69 -14.18
CA HIS A 28 10.16 1.16 -12.98
C HIS A 28 9.67 2.53 -12.54
N ASP A 29 9.20 3.35 -13.50
CA ASP A 29 8.60 4.67 -13.19
C ASP A 29 7.38 4.48 -12.32
N LYS A 30 6.61 3.49 -12.69
CA LYS A 30 5.41 3.18 -11.98
C LYS A 30 5.71 2.55 -10.65
N VAL A 31 6.77 1.79 -10.60
CA VAL A 31 7.20 1.16 -9.36
C VAL A 31 7.66 2.23 -8.39
N LEU A 32 8.36 3.23 -8.91
CA LEU A 32 8.81 4.34 -8.11
C LEU A 32 7.63 5.12 -7.60
N LEU A 33 6.77 5.54 -8.49
CA LEU A 33 5.61 6.34 -8.12
C LEU A 33 4.71 5.61 -7.13
N PHE A 34 4.47 4.33 -7.37
CA PHE A 34 3.66 3.51 -6.49
C PHE A 34 4.26 3.44 -5.10
N SER A 35 5.53 3.08 -5.01
CA SER A 35 6.20 2.90 -3.73
C SER A 35 6.19 4.20 -2.90
N ARG A 36 6.34 5.32 -3.58
CA ARG A 36 6.38 6.61 -2.92
C ARG A 36 5.01 7.01 -2.41
N ASP A 37 3.99 6.78 -3.22
CA ASP A 37 2.64 7.18 -2.84
C ASP A 37 2.08 6.22 -1.81
N LEU A 38 2.56 4.99 -1.89
CA LEU A 38 2.24 3.95 -0.91
C LEU A 38 2.84 4.32 0.43
N ASP A 39 4.08 4.78 0.40
CA ASP A 39 4.77 5.20 1.62
C ASP A 39 4.01 6.36 2.24
N LYS A 40 3.64 7.34 1.40
CA LYS A 40 2.81 8.49 1.79
C LYS A 40 1.50 8.03 2.45
N LEU A 41 0.82 7.08 1.81
CA LEU A 41 -0.48 6.55 2.28
C LEU A 41 -0.29 5.97 3.67
N ILE A 42 0.75 5.16 3.82
CA ILE A 42 1.08 4.54 5.07
C ILE A 42 1.39 5.60 6.13
N ASN A 43 2.31 6.50 5.81
CA ASN A 43 2.73 7.57 6.75
C ASN A 43 1.54 8.37 7.25
N LYS A 44 0.57 8.56 6.37
CA LYS A 44 -0.63 9.31 6.67
C LYS A 44 -1.44 8.65 7.78
N PHE A 45 -1.66 7.38 7.65
CA PHE A 45 -2.43 6.63 8.61
C PHE A 45 -1.65 6.31 9.85
N MET A 46 -0.40 6.02 9.64
CA MET A 46 0.52 5.68 10.72
C MET A 46 0.76 6.87 11.62
N ASN A 47 0.58 8.06 11.04
CA ASN A 47 0.75 9.35 11.73
C ASN A 47 2.24 9.58 11.99
N VAL A 48 3.07 8.72 11.42
CA VAL A 48 4.47 8.77 11.63
C VAL A 48 5.11 9.89 10.88
N LYS A 49 5.43 10.87 11.62
CA LYS A 49 6.13 11.99 11.14
C LYS A 49 7.52 11.81 11.62
N ASP A 50 8.27 11.04 10.88
CA ASP A 50 9.58 10.61 11.31
C ASP A 50 10.60 11.72 11.09
N LYS A 51 11.82 11.49 11.50
CA LYS A 51 12.87 12.50 11.49
C LYS A 51 13.69 12.46 10.21
N VAL A 52 13.21 11.73 9.25
CA VAL A 52 13.85 11.63 7.97
C VAL A 52 13.35 12.74 7.04
N HIS A 53 14.08 12.95 5.97
CA HIS A 53 13.80 14.02 5.04
C HIS A 53 12.93 13.53 3.90
N LYS A 54 12.66 14.39 2.95
CA LYS A 54 11.85 14.05 1.80
C LYS A 54 12.72 13.55 0.67
N LEU A 55 12.12 12.82 -0.23
CA LEU A 55 12.78 12.40 -1.44
C LEU A 55 12.66 13.55 -2.44
N GLU A 56 13.15 13.36 -3.67
CA GLU A 56 13.22 14.41 -4.71
C GLU A 56 14.36 15.34 -4.45
N HIS A 57 15.41 15.16 -5.19
CA HIS A 57 16.56 15.98 -5.09
C HIS A 57 16.33 17.26 -5.83
N HIS A 58 15.98 18.29 -5.11
CA HIS A 58 15.74 19.57 -5.68
C HIS A 58 16.16 20.64 -4.73
N HIS A 59 16.51 21.77 -5.25
CA HIS A 59 16.89 22.90 -4.43
C HIS A 59 15.86 23.99 -4.61
N HIS A 60 15.27 24.01 -5.81
CA HIS A 60 14.35 25.02 -6.27
C HIS A 60 15.09 26.29 -6.58
N HIS A 61 14.81 26.83 -7.75
CA HIS A 61 15.48 28.01 -8.24
C HIS A 61 14.80 29.26 -7.63
N HIS A 62 13.84 29.02 -6.76
CA HIS A 62 13.16 30.05 -6.04
C HIS A 62 13.49 29.88 -4.57
N MET B 1 -3.05 -16.03 -19.29
CA MET B 1 -1.92 -15.65 -18.45
C MET B 1 -2.31 -15.72 -17.00
N GLU B 2 -1.50 -16.38 -16.21
CA GLU B 2 -1.77 -16.50 -14.80
C GLU B 2 -1.26 -15.27 -14.11
N MET B 3 -2.19 -14.45 -13.73
CA MET B 3 -1.92 -13.25 -12.99
C MET B 3 -2.90 -13.16 -11.84
N GLY B 4 -3.64 -14.23 -11.66
CA GLY B 4 -4.66 -14.28 -10.67
C GLY B 4 -4.11 -14.67 -9.35
N GLN B 5 -3.13 -15.54 -9.36
CA GLN B 5 -2.49 -15.99 -8.16
C GLN B 5 -1.45 -14.96 -7.81
N LEU B 6 -0.99 -14.28 -8.83
CA LEU B 6 -0.10 -13.15 -8.68
C LEU B 6 -0.87 -12.06 -7.90
N LYS B 7 -2.11 -11.79 -8.33
CA LYS B 7 -2.97 -10.83 -7.64
C LYS B 7 -3.33 -11.34 -6.25
N ASN B 8 -3.43 -12.65 -6.14
CA ASN B 8 -3.67 -13.34 -4.86
C ASN B 8 -2.56 -12.98 -3.87
N LYS B 9 -1.32 -13.10 -4.35
CA LYS B 9 -0.15 -12.77 -3.55
C LYS B 9 -0.13 -11.30 -3.19
N ILE B 10 -0.50 -10.47 -4.15
CA ILE B 10 -0.59 -9.03 -3.94
C ILE B 10 -1.58 -8.72 -2.83
N GLU B 11 -2.77 -9.29 -2.93
CA GLU B 11 -3.79 -9.11 -1.91
C GLU B 11 -3.30 -9.55 -0.56
N ASN B 12 -2.83 -10.78 -0.50
CA ASN B 12 -2.32 -11.37 0.74
C ASN B 12 -1.19 -10.55 1.36
N LYS B 13 -0.29 -10.06 0.52
CA LYS B 13 0.87 -9.31 0.98
C LYS B 13 0.46 -7.94 1.51
N LYS B 14 -0.37 -7.26 0.74
CA LYS B 14 -0.95 -6.00 1.12
C LYS B 14 -1.70 -6.16 2.44
N LYS B 15 -2.47 -7.24 2.55
CA LYS B 15 -3.22 -7.54 3.76
C LYS B 15 -2.30 -7.82 4.94
N GLU B 16 -1.18 -8.53 4.69
CA GLU B 16 -0.14 -8.74 5.72
C GLU B 16 0.31 -7.39 6.26
N LEU B 17 0.47 -6.45 5.34
CA LEU B 17 0.92 -5.11 5.64
C LEU B 17 -0.15 -4.33 6.39
N ILE B 18 -1.37 -4.39 5.93
CA ILE B 18 -2.45 -3.66 6.55
C ILE B 18 -2.60 -4.09 8.00
N GLN B 19 -2.45 -5.38 8.24
CA GLN B 19 -2.49 -5.93 9.58
C GLN B 19 -1.28 -5.42 10.41
N LEU B 20 -0.18 -5.11 9.73
CA LEU B 20 1.01 -4.55 10.39
C LEU B 20 0.79 -3.10 10.80
N VAL B 21 0.33 -2.24 9.87
CA VAL B 21 0.03 -0.87 10.20
C VAL B 21 -1.13 -0.81 11.24
N ALA B 22 -1.98 -1.81 11.21
CA ALA B 22 -3.09 -1.91 12.13
C ALA B 22 -2.58 -2.14 13.54
N ARG B 23 -1.68 -3.13 13.69
CA ARG B 23 -1.12 -3.47 15.01
C ARG B 23 -0.19 -2.38 15.55
N HIS B 24 0.08 -1.38 14.72
CA HIS B 24 0.77 -0.19 15.18
C HIS B 24 -0.10 0.49 16.23
N GLY B 25 -1.35 0.62 15.90
CA GLY B 25 -2.28 1.24 16.78
C GLY B 25 -3.31 2.02 16.03
N LEU B 26 -3.82 1.45 14.95
CA LEU B 26 -4.87 2.11 14.22
C LEU B 26 -6.19 1.78 14.81
N ASP B 27 -6.96 2.81 15.00
CA ASP B 27 -8.26 2.76 15.67
C ASP B 27 -9.39 2.24 14.83
N HIS B 28 -9.11 1.16 14.15
CA HIS B 28 -10.03 0.42 13.31
C HIS B 28 -10.47 1.19 12.05
N ASP B 29 -10.99 2.41 12.24
CA ASP B 29 -11.47 3.26 11.14
C ASP B 29 -10.30 3.52 10.21
N LYS B 30 -9.16 3.72 10.82
CA LYS B 30 -7.91 3.96 10.14
C LYS B 30 -7.55 2.76 9.27
N VAL B 31 -7.75 1.56 9.79
CA VAL B 31 -7.46 0.32 9.07
C VAL B 31 -8.40 0.19 7.87
N LEU B 32 -9.67 0.50 8.09
CA LEU B 32 -10.70 0.41 7.05
C LEU B 32 -10.45 1.40 5.93
N LEU B 33 -10.15 2.63 6.29
CA LEU B 33 -9.91 3.67 5.31
C LEU B 33 -8.60 3.40 4.56
N PHE B 34 -7.61 2.93 5.28
CA PHE B 34 -6.31 2.62 4.72
C PHE B 34 -6.40 1.50 3.70
N SER B 35 -7.00 0.39 4.11
CA SER B 35 -7.09 -0.79 3.26
C SER B 35 -7.80 -0.50 1.94
N ARG B 36 -8.88 0.27 2.02
CA ARG B 36 -9.67 0.55 0.87
C ARG B 36 -9.00 1.57 -0.06
N ASP B 37 -8.19 2.47 0.49
CA ASP B 37 -7.52 3.43 -0.39
C ASP B 37 -6.29 2.81 -0.99
N LEU B 38 -5.70 1.92 -0.24
CA LEU B 38 -4.56 1.17 -0.68
C LEU B 38 -4.94 0.28 -1.85
N ASP B 39 -6.14 -0.28 -1.80
CA ASP B 39 -6.68 -1.05 -2.90
C ASP B 39 -6.80 -0.17 -4.13
N LYS B 40 -7.34 1.04 -3.94
CA LYS B 40 -7.47 2.04 -5.01
C LYS B 40 -6.12 2.32 -5.64
N LEU B 41 -5.12 2.58 -4.79
CA LEU B 41 -3.77 2.88 -5.23
C LEU B 41 -3.17 1.72 -6.03
N ILE B 42 -3.38 0.52 -5.54
CA ILE B 42 -2.90 -0.66 -6.22
C ILE B 42 -3.58 -0.83 -7.57
N ASN B 43 -4.90 -0.82 -7.60
CA ASN B 43 -5.68 -0.96 -8.85
C ASN B 43 -5.27 0.09 -9.85
N LYS B 44 -5.08 1.30 -9.34
CA LYS B 44 -4.63 2.46 -10.09
C LYS B 44 -3.34 2.14 -10.86
N PHE B 45 -2.48 1.41 -10.23
CA PHE B 45 -1.21 1.02 -10.78
C PHE B 45 -1.22 -0.33 -11.47
N MET B 46 -2.26 -1.11 -11.26
CA MET B 46 -2.34 -2.43 -11.89
C MET B 46 -2.98 -2.31 -13.27
N ASN B 47 -3.14 -1.07 -13.68
CA ASN B 47 -3.67 -0.68 -14.97
C ASN B 47 -5.18 -0.82 -15.07
N VAL B 48 -5.86 0.01 -14.33
CA VAL B 48 -7.27 0.16 -14.47
C VAL B 48 -7.48 1.56 -14.98
N LYS B 49 -8.37 1.71 -15.89
CA LYS B 49 -8.60 2.98 -16.45
C LYS B 49 -9.94 3.49 -16.06
N ASP B 50 -9.95 4.19 -14.97
CA ASP B 50 -11.16 4.79 -14.47
C ASP B 50 -11.19 6.20 -15.05
N LYS B 51 -12.33 6.82 -15.05
CA LYS B 51 -12.50 8.12 -15.68
C LYS B 51 -11.96 9.23 -14.81
N VAL B 52 -11.57 8.88 -13.64
CA VAL B 52 -10.98 9.81 -12.71
C VAL B 52 -9.51 10.04 -13.04
N HIS B 53 -8.96 9.19 -13.91
CA HIS B 53 -7.59 9.33 -14.37
C HIS B 53 -7.56 10.20 -15.61
N LYS B 54 -8.74 10.35 -16.21
CA LYS B 54 -8.95 10.99 -17.50
C LYS B 54 -8.01 10.42 -18.54
N LEU B 55 -8.38 9.25 -18.99
CA LEU B 55 -7.58 8.47 -19.90
C LEU B 55 -7.41 9.14 -21.25
N GLU B 56 -6.23 9.01 -21.79
CA GLU B 56 -5.96 9.46 -23.12
C GLU B 56 -5.91 8.24 -23.97
N HIS B 57 -6.96 7.94 -24.65
CA HIS B 57 -6.98 6.75 -25.44
C HIS B 57 -7.57 7.01 -26.81
N HIS B 58 -8.91 7.15 -26.86
CA HIS B 58 -9.67 7.34 -28.11
C HIS B 58 -9.59 6.06 -28.94
N HIS B 59 -10.09 6.10 -30.16
CA HIS B 59 -9.93 4.97 -31.05
C HIS B 59 -8.66 5.13 -31.82
N HIS B 60 -8.42 6.41 -32.23
CA HIS B 60 -7.20 6.91 -32.95
C HIS B 60 -6.83 6.22 -34.29
N HIS B 61 -7.23 4.99 -34.44
CA HIS B 61 -7.01 4.25 -35.65
C HIS B 61 -8.14 4.54 -36.60
N HIS B 62 -7.80 5.09 -37.72
CA HIS B 62 -8.76 5.41 -38.73
C HIS B 62 -8.28 4.88 -40.05
N MET A 1 6.57 -5.09 21.96
CA MET A 1 6.10 -3.87 21.32
C MET A 1 7.26 -2.93 21.12
N GLU A 2 7.64 -2.74 19.88
CA GLU A 2 8.77 -1.92 19.53
C GLU A 2 8.53 -1.40 18.10
N MET A 3 8.45 -0.09 17.97
CA MET A 3 8.15 0.57 16.71
C MET A 3 9.22 0.35 15.63
N GLY A 4 10.45 0.15 16.03
CA GLY A 4 11.52 -0.10 15.08
C GLY A 4 11.30 -1.43 14.39
N GLN A 5 11.04 -2.46 15.18
CA GLN A 5 10.71 -3.78 14.65
C GLN A 5 9.48 -3.68 13.77
N LEU A 6 8.47 -2.99 14.29
CA LEU A 6 7.20 -2.79 13.61
C LEU A 6 7.40 -2.11 12.24
N LYS A 7 8.15 -1.02 12.21
CA LYS A 7 8.44 -0.32 10.96
C LYS A 7 9.24 -1.17 10.02
N ASN A 8 10.15 -1.94 10.55
CA ASN A 8 10.97 -2.83 9.75
C ASN A 8 10.11 -3.91 9.08
N LYS A 9 9.12 -4.41 9.82
CA LYS A 9 8.15 -5.37 9.28
C LYS A 9 7.38 -4.71 8.14
N ILE A 10 6.89 -3.50 8.42
CA ILE A 10 6.13 -2.72 7.45
C ILE A 10 6.93 -2.48 6.19
N GLU A 11 8.16 -2.01 6.35
CA GLU A 11 9.04 -1.77 5.22
C GLU A 11 9.19 -2.99 4.36
N ASN A 12 9.56 -4.09 4.98
CA ASN A 12 9.76 -5.35 4.28
C ASN A 12 8.49 -5.81 3.58
N LYS A 13 7.37 -5.74 4.28
CA LYS A 13 6.09 -6.20 3.75
C LYS A 13 5.63 -5.32 2.58
N LYS A 14 5.72 -4.03 2.78
CA LYS A 14 5.39 -3.03 1.78
C LYS A 14 6.24 -3.25 0.55
N LYS A 15 7.53 -3.41 0.77
CA LYS A 15 8.48 -3.66 -0.31
C LYS A 15 8.20 -4.97 -1.02
N GLU A 16 7.79 -6.01 -0.27
CA GLU A 16 7.36 -7.29 -0.88
C GLU A 16 6.21 -7.03 -1.84
N LEU A 17 5.28 -6.24 -1.39
CA LEU A 17 4.12 -5.90 -2.15
C LEU A 17 4.45 -5.05 -3.36
N ILE A 18 5.33 -4.07 -3.18
CA ILE A 18 5.69 -3.19 -4.28
C ILE A 18 6.27 -4.01 -5.43
N GLN A 19 7.12 -4.97 -5.07
CA GLN A 19 7.71 -5.89 -6.04
C GLN A 19 6.62 -6.70 -6.76
N LEU A 20 5.56 -7.00 -6.03
CA LEU A 20 4.45 -7.77 -6.58
C LEU A 20 3.62 -6.94 -7.55
N VAL A 21 3.24 -5.71 -7.18
CA VAL A 21 2.54 -4.86 -8.12
C VAL A 21 3.45 -4.50 -9.32
N ALA A 22 4.75 -4.39 -9.07
CA ALA A 22 5.72 -4.06 -10.10
C ALA A 22 5.74 -5.11 -11.20
N ARG A 23 5.89 -6.36 -10.79
CA ARG A 23 5.95 -7.51 -11.72
C ARG A 23 4.66 -7.68 -12.51
N HIS A 24 3.57 -7.08 -11.99
CA HIS A 24 2.29 -7.09 -12.68
C HIS A 24 2.43 -6.47 -14.07
N GLY A 25 3.19 -5.41 -14.17
CA GLY A 25 3.32 -4.75 -15.45
C GLY A 25 3.70 -3.30 -15.35
N LEU A 26 3.81 -2.79 -14.14
CA LEU A 26 4.24 -1.43 -13.89
C LEU A 26 5.60 -1.12 -14.46
N ASP A 27 5.74 0.11 -14.87
CA ASP A 27 7.00 0.63 -15.37
C ASP A 27 7.85 0.93 -14.17
N HIS A 28 9.14 1.10 -14.37
CA HIS A 28 10.05 1.46 -13.27
C HIS A 28 9.56 2.77 -12.62
N ASP A 29 9.11 3.68 -13.48
CA ASP A 29 8.52 4.96 -13.09
C ASP A 29 7.34 4.76 -12.19
N LYS A 30 6.51 3.80 -12.53
CA LYS A 30 5.32 3.50 -11.79
C LYS A 30 5.66 2.94 -10.43
N VAL A 31 6.68 2.10 -10.39
CA VAL A 31 7.13 1.51 -9.15
C VAL A 31 7.64 2.59 -8.22
N LEU A 32 8.36 3.54 -8.77
CA LEU A 32 8.88 4.68 -8.02
C LEU A 32 7.76 5.51 -7.44
N LEU A 33 6.80 5.82 -8.26
CA LEU A 33 5.66 6.63 -7.84
C LEU A 33 4.81 5.88 -6.83
N PHE A 34 4.56 4.62 -7.11
CA PHE A 34 3.75 3.80 -6.24
C PHE A 34 4.40 3.65 -4.87
N SER A 35 5.68 3.28 -4.85
CA SER A 35 6.37 3.01 -3.60
C SER A 35 6.37 4.23 -2.67
N ARG A 36 6.60 5.39 -3.24
CA ARG A 36 6.66 6.59 -2.46
C ARG A 36 5.26 7.05 -2.02
N ASP A 37 4.26 6.91 -2.90
CA ASP A 37 2.90 7.33 -2.57
C ASP A 37 2.33 6.40 -1.52
N LEU A 38 2.69 5.14 -1.64
CA LEU A 38 2.33 4.11 -0.69
C LEU A 38 2.94 4.41 0.66
N ASP A 39 4.23 4.69 0.67
CA ASP A 39 4.96 5.03 1.91
C ASP A 39 4.29 6.20 2.60
N LYS A 40 4.00 7.23 1.82
CA LYS A 40 3.39 8.43 2.25
C LYS A 40 1.96 8.20 2.76
N LEU A 41 1.24 7.26 2.14
CA LEU A 41 -0.11 6.91 2.59
C LEU A 41 -0.01 6.27 3.96
N ILE A 42 1.00 5.45 4.11
CA ILE A 42 1.22 4.76 5.36
C ILE A 42 1.59 5.76 6.44
N ASN A 43 2.61 6.57 6.15
CA ASN A 43 3.09 7.66 7.05
C ASN A 43 1.97 8.57 7.47
N LYS A 44 1.02 8.80 6.58
CA LYS A 44 -0.14 9.64 6.87
C LYS A 44 -0.99 9.03 7.97
N PHE A 45 -1.25 7.74 7.85
CA PHE A 45 -2.04 7.02 8.83
C PHE A 45 -1.24 6.71 10.09
N MET A 46 0.05 6.51 9.95
CA MET A 46 0.92 6.26 11.10
C MET A 46 1.10 7.56 11.89
N ASN A 47 1.11 8.67 11.15
CA ASN A 47 1.35 10.03 11.64
C ASN A 47 2.76 10.27 12.09
N VAL A 48 3.57 9.26 11.98
CA VAL A 48 4.93 9.37 12.40
C VAL A 48 5.82 9.92 11.33
N LYS A 49 5.76 11.18 11.25
CA LYS A 49 6.60 11.94 10.37
C LYS A 49 7.76 12.42 11.22
N ASP A 50 7.54 12.22 12.47
CA ASP A 50 8.36 12.51 13.59
C ASP A 50 7.49 12.14 14.76
N LYS A 51 8.01 12.22 15.93
CA LYS A 51 7.30 12.02 17.20
C LYS A 51 6.43 13.27 17.49
N VAL A 52 5.77 13.75 16.45
CA VAL A 52 4.98 14.99 16.37
C VAL A 52 4.16 15.33 17.62
N HIS A 53 4.76 16.11 18.48
CA HIS A 53 4.10 16.60 19.69
C HIS A 53 4.30 18.09 19.80
N LYS A 54 5.15 18.63 18.94
CA LYS A 54 5.47 20.03 18.97
C LYS A 54 4.51 20.84 18.11
N LEU A 55 4.82 22.10 17.95
CA LEU A 55 3.99 23.03 17.20
C LEU A 55 3.98 22.68 15.72
N GLU A 56 2.85 22.90 15.10
CA GLU A 56 2.65 22.68 13.69
C GLU A 56 1.79 23.82 13.15
N HIS A 57 0.62 23.96 13.74
CA HIS A 57 -0.32 25.02 13.35
C HIS A 57 0.15 26.33 13.95
N HIS A 58 0.71 26.23 15.13
CA HIS A 58 1.24 27.37 15.81
C HIS A 58 2.68 27.52 15.40
N HIS A 59 3.10 28.72 15.17
CA HIS A 59 4.43 28.97 14.71
C HIS A 59 5.34 29.26 15.87
N HIS A 60 6.60 28.91 15.73
CA HIS A 60 7.58 29.16 16.78
C HIS A 60 7.92 30.64 16.84
N HIS A 61 7.78 31.29 15.71
CA HIS A 61 8.02 32.72 15.62
C HIS A 61 6.78 33.49 16.03
N HIS A 62 6.89 34.21 17.11
CA HIS A 62 5.84 35.06 17.62
C HIS A 62 6.42 36.05 18.62
N MET B 1 -5.09 -13.74 -19.57
CA MET B 1 -5.11 -15.08 -18.96
C MET B 1 -4.20 -15.08 -17.77
N GLU B 2 -4.56 -15.87 -16.75
CA GLU B 2 -3.85 -15.92 -15.46
C GLU B 2 -3.90 -14.54 -14.79
N MET B 3 -2.87 -14.22 -14.00
CA MET B 3 -2.73 -12.92 -13.29
C MET B 3 -3.60 -12.84 -12.05
N GLY B 4 -4.61 -13.69 -11.98
CA GLY B 4 -5.46 -13.75 -10.81
C GLY B 4 -4.68 -14.28 -9.65
N GLN B 5 -3.78 -15.21 -9.94
CA GLN B 5 -2.94 -15.81 -8.91
C GLN B 5 -1.94 -14.76 -8.42
N LEU B 6 -1.53 -13.91 -9.34
CA LEU B 6 -0.58 -12.84 -9.03
C LEU B 6 -1.28 -11.81 -8.13
N LYS B 7 -2.50 -11.45 -8.49
CA LYS B 7 -3.30 -10.57 -7.68
C LYS B 7 -3.58 -11.16 -6.32
N ASN B 8 -3.77 -12.46 -6.28
CA ASN B 8 -3.98 -13.20 -5.05
C ASN B 8 -2.80 -12.99 -4.09
N LYS B 9 -1.58 -13.08 -4.64
CA LYS B 9 -0.35 -12.84 -3.86
C LYS B 9 -0.37 -11.43 -3.32
N ILE B 10 -0.70 -10.49 -4.19
CA ILE B 10 -0.78 -9.09 -3.87
C ILE B 10 -1.78 -8.84 -2.76
N GLU B 11 -2.98 -9.37 -2.91
CA GLU B 11 -4.04 -9.26 -1.91
C GLU B 11 -3.54 -9.74 -0.57
N ASN B 12 -2.97 -10.91 -0.56
CA ASN B 12 -2.43 -11.53 0.65
C ASN B 12 -1.34 -10.68 1.29
N LYS B 13 -0.39 -10.23 0.50
CA LYS B 13 0.75 -9.47 0.99
C LYS B 13 0.29 -8.07 1.48
N LYS B 14 -0.66 -7.50 0.76
CA LYS B 14 -1.29 -6.25 1.08
C LYS B 14 -1.97 -6.35 2.44
N LYS B 15 -2.73 -7.44 2.64
CA LYS B 15 -3.46 -7.67 3.89
C LYS B 15 -2.50 -7.90 5.05
N GLU B 16 -1.34 -8.47 4.77
CA GLU B 16 -0.31 -8.63 5.79
C GLU B 16 0.17 -7.25 6.22
N LEU B 17 0.34 -6.38 5.25
CA LEU B 17 0.79 -5.04 5.46
C LEU B 17 -0.25 -4.21 6.19
N ILE B 18 -1.50 -4.30 5.75
CA ILE B 18 -2.60 -3.54 6.33
C ILE B 18 -2.64 -3.76 7.82
N GLN B 19 -2.51 -5.00 8.21
CA GLN B 19 -2.56 -5.38 9.60
C GLN B 19 -1.30 -4.95 10.35
N LEU B 20 -0.22 -4.76 9.62
CA LEU B 20 1.00 -4.24 10.23
C LEU B 20 0.84 -2.75 10.51
N VAL B 21 0.36 -1.98 9.52
CA VAL B 21 0.03 -0.56 9.75
C VAL B 21 -1.05 -0.44 10.85
N ALA B 22 -1.96 -1.39 10.87
CA ALA B 22 -3.03 -1.44 11.84
C ALA B 22 -2.49 -1.59 13.26
N ARG B 23 -1.64 -2.59 13.45
CA ARG B 23 -1.08 -2.89 14.76
C ARG B 23 -0.08 -1.83 15.23
N HIS B 24 0.21 -0.87 14.36
CA HIS B 24 1.01 0.28 14.72
C HIS B 24 0.26 1.10 15.76
N GLY B 25 -1.04 1.18 15.60
CA GLY B 25 -1.84 1.95 16.52
C GLY B 25 -3.03 2.57 15.84
N LEU B 26 -3.56 1.88 14.85
CA LEU B 26 -4.72 2.38 14.16
C LEU B 26 -5.98 1.87 14.78
N ASP B 27 -7.00 2.67 14.65
CA ASP B 27 -8.35 2.29 15.03
C ASP B 27 -8.83 1.41 13.90
N HIS B 28 -9.85 0.62 14.13
CA HIS B 28 -10.36 -0.21 13.04
C HIS B 28 -10.87 0.63 11.88
N ASP B 29 -11.35 1.83 12.17
CA ASP B 29 -11.77 2.77 11.14
C ASP B 29 -10.60 3.21 10.31
N LYS B 30 -9.48 3.48 10.97
CA LYS B 30 -8.24 3.86 10.30
C LYS B 30 -7.83 2.76 9.32
N VAL B 31 -7.87 1.51 9.80
CA VAL B 31 -7.54 0.32 9.03
C VAL B 31 -8.43 0.25 7.79
N LEU B 32 -9.72 0.49 7.99
CA LEU B 32 -10.70 0.46 6.89
C LEU B 32 -10.38 1.49 5.84
N LEU B 33 -10.16 2.71 6.28
CA LEU B 33 -9.86 3.81 5.38
C LEU B 33 -8.55 3.56 4.65
N PHE B 34 -7.56 3.05 5.38
CA PHE B 34 -6.27 2.74 4.82
C PHE B 34 -6.39 1.61 3.81
N SER B 35 -6.98 0.50 4.21
CA SER B 35 -7.08 -0.68 3.37
C SER B 35 -7.80 -0.42 2.06
N ARG B 36 -8.84 0.40 2.10
CA ARG B 36 -9.58 0.67 0.90
C ARG B 36 -8.85 1.67 0.02
N ASP B 37 -8.18 2.66 0.61
CA ASP B 37 -7.44 3.65 -0.18
C ASP B 37 -6.23 2.96 -0.81
N LEU B 38 -5.60 2.10 -0.02
CA LEU B 38 -4.48 1.28 -0.45
C LEU B 38 -4.90 0.36 -1.59
N ASP B 39 -6.07 -0.25 -1.44
CA ASP B 39 -6.61 -1.14 -2.46
C ASP B 39 -6.78 -0.41 -3.76
N LYS B 40 -7.27 0.83 -3.65
CA LYS B 40 -7.43 1.67 -4.81
C LYS B 40 -6.10 2.07 -5.38
N LEU B 41 -5.17 2.50 -4.52
CA LEU B 41 -3.82 2.91 -4.95
C LEU B 41 -3.13 1.81 -5.73
N ILE B 42 -3.27 0.60 -5.25
CA ILE B 42 -2.70 -0.54 -5.92
C ILE B 42 -3.36 -0.75 -7.26
N ASN B 43 -4.67 -0.96 -7.27
CA ASN B 43 -5.43 -1.24 -8.50
C ASN B 43 -5.28 -0.11 -9.53
N LYS B 44 -5.13 1.10 -9.02
CA LYS B 44 -4.89 2.31 -9.80
C LYS B 44 -3.61 2.15 -10.61
N PHE B 45 -2.55 1.78 -9.92
CA PHE B 45 -1.25 1.60 -10.54
C PHE B 45 -1.17 0.35 -11.37
N MET B 46 -1.87 -0.69 -10.96
CA MET B 46 -1.92 -1.94 -11.71
C MET B 46 -2.59 -1.67 -13.04
N ASN B 47 -3.49 -0.67 -13.02
CA ASN B 47 -4.27 -0.23 -14.16
C ASN B 47 -5.17 -1.38 -14.58
N VAL B 48 -5.83 -1.95 -13.59
CA VAL B 48 -6.71 -3.05 -13.84
C VAL B 48 -8.05 -2.61 -14.35
N LYS B 49 -8.18 -2.78 -15.62
CA LYS B 49 -9.39 -2.48 -16.34
C LYS B 49 -9.91 -3.81 -16.86
N ASP B 50 -9.50 -4.82 -16.15
CA ASP B 50 -9.81 -6.19 -16.38
C ASP B 50 -11.16 -6.51 -15.74
N LYS B 51 -11.94 -7.37 -16.35
CA LYS B 51 -13.29 -7.64 -15.84
C LYS B 51 -13.47 -9.06 -15.32
N VAL B 52 -12.39 -9.75 -15.09
CA VAL B 52 -12.50 -11.11 -14.63
C VAL B 52 -12.02 -11.26 -13.19
N HIS B 53 -12.41 -12.36 -12.60
CA HIS B 53 -12.00 -12.75 -11.26
C HIS B 53 -12.35 -14.21 -11.10
N LYS B 54 -13.50 -14.52 -11.57
CA LYS B 54 -13.96 -15.88 -11.69
C LYS B 54 -14.11 -16.14 -13.17
N LEU B 55 -13.89 -17.36 -13.61
CA LEU B 55 -13.96 -17.63 -15.03
C LEU B 55 -15.03 -18.61 -15.40
N GLU B 56 -16.21 -18.07 -15.58
CA GLU B 56 -17.43 -18.76 -16.06
C GLU B 56 -17.92 -19.97 -15.24
N HIS B 57 -17.09 -20.93 -15.12
CA HIS B 57 -17.42 -22.17 -14.47
C HIS B 57 -16.97 -22.14 -13.04
N HIS B 58 -17.21 -23.24 -12.35
CA HIS B 58 -16.75 -23.35 -10.99
C HIS B 58 -15.23 -23.58 -10.98
N HIS B 59 -14.75 -24.18 -12.06
CA HIS B 59 -13.34 -24.43 -12.23
C HIS B 59 -12.74 -23.21 -12.92
N HIS B 60 -11.44 -23.00 -12.81
CA HIS B 60 -10.83 -21.80 -13.39
C HIS B 60 -9.79 -22.14 -14.43
N HIS B 61 -9.45 -21.12 -15.23
CA HIS B 61 -8.54 -21.21 -16.41
C HIS B 61 -9.20 -21.98 -17.54
N HIS B 62 -9.50 -23.23 -17.27
CA HIS B 62 -10.18 -24.15 -18.15
C HIS B 62 -10.23 -25.47 -17.40
N MET A 1 9.90 -6.37 19.81
CA MET A 1 8.52 -5.93 19.56
C MET A 1 8.44 -4.40 19.49
N GLU A 2 9.59 -3.75 19.31
CA GLU A 2 9.65 -2.30 19.28
C GLU A 2 8.91 -1.78 18.06
N MET A 3 8.31 -0.61 18.17
CA MET A 3 7.56 -0.04 17.07
C MET A 3 8.46 0.33 15.89
N GLY A 4 9.73 0.57 16.15
CA GLY A 4 10.69 0.80 15.08
C GLY A 4 10.89 -0.48 14.27
N GLN A 5 10.90 -1.60 14.98
CA GLN A 5 11.04 -2.91 14.37
C GLN A 5 9.77 -3.24 13.59
N LEU A 6 8.65 -2.82 14.16
CA LEU A 6 7.36 -2.96 13.54
C LEU A 6 7.34 -2.18 12.22
N LYS A 7 7.86 -0.95 12.26
CA LYS A 7 7.99 -0.14 11.06
C LYS A 7 8.89 -0.78 10.04
N ASN A 8 9.94 -1.42 10.52
CA ASN A 8 10.85 -2.14 9.65
C ASN A 8 10.11 -3.29 8.95
N LYS A 9 9.21 -3.95 9.68
CA LYS A 9 8.36 -5.01 9.11
C LYS A 9 7.42 -4.42 8.08
N ILE A 10 6.89 -3.24 8.37
CA ILE A 10 6.01 -2.54 7.47
C ILE A 10 6.71 -2.19 6.17
N GLU A 11 7.90 -1.62 6.29
CA GLU A 11 8.70 -1.29 5.12
C GLU A 11 9.03 -2.56 4.36
N ASN A 12 9.38 -3.59 5.10
CA ASN A 12 9.72 -4.91 4.55
C ASN A 12 8.57 -5.47 3.72
N LYS A 13 7.39 -5.52 4.34
CA LYS A 13 6.20 -6.11 3.75
C LYS A 13 5.70 -5.27 2.57
N LYS A 14 5.76 -3.95 2.74
CA LYS A 14 5.42 -2.99 1.71
C LYS A 14 6.27 -3.26 0.48
N LYS A 15 7.57 -3.43 0.70
CA LYS A 15 8.51 -3.68 -0.37
C LYS A 15 8.28 -5.02 -1.04
N GLU A 16 7.88 -6.03 -0.26
CA GLU A 16 7.49 -7.34 -0.81
C GLU A 16 6.37 -7.15 -1.80
N LEU A 17 5.41 -6.35 -1.38
CA LEU A 17 4.24 -6.06 -2.14
C LEU A 17 4.58 -5.24 -3.37
N ILE A 18 5.39 -4.21 -3.20
CA ILE A 18 5.77 -3.34 -4.29
C ILE A 18 6.37 -4.16 -5.42
N GLN A 19 7.18 -5.14 -5.06
CA GLN A 19 7.79 -6.04 -6.02
C GLN A 19 6.73 -6.86 -6.74
N LEU A 20 5.71 -7.31 -6.01
CA LEU A 20 4.62 -8.08 -6.58
C LEU A 20 3.83 -7.23 -7.57
N VAL A 21 3.49 -6.02 -7.14
CA VAL A 21 2.85 -5.05 -8.02
C VAL A 21 3.73 -4.77 -9.25
N ALA A 22 5.01 -4.56 -9.01
CA ALA A 22 5.99 -4.28 -10.04
C ALA A 22 6.05 -5.38 -11.09
N ARG A 23 6.16 -6.63 -10.64
CA ARG A 23 6.22 -7.79 -11.52
C ARG A 23 4.91 -8.03 -12.28
N HIS A 24 3.82 -7.43 -11.80
CA HIS A 24 2.53 -7.52 -12.47
C HIS A 24 2.62 -6.92 -13.90
N GLY A 25 3.48 -5.94 -14.08
CA GLY A 25 3.63 -5.34 -15.39
C GLY A 25 4.12 -3.91 -15.35
N LEU A 26 4.11 -3.30 -14.17
CA LEU A 26 4.55 -1.94 -13.98
C LEU A 26 5.92 -1.63 -14.53
N ASP A 27 6.08 -0.40 -14.94
CA ASP A 27 7.35 0.10 -15.42
C ASP A 27 8.14 0.61 -14.25
N HIS A 28 9.32 1.11 -14.50
CA HIS A 28 10.22 1.56 -13.43
C HIS A 28 9.64 2.80 -12.76
N ASP A 29 9.18 3.73 -13.58
CA ASP A 29 8.55 4.96 -13.11
C ASP A 29 7.30 4.62 -12.31
N LYS A 30 6.58 3.61 -12.77
CA LYS A 30 5.38 3.14 -12.10
C LYS A 30 5.71 2.66 -10.69
N VAL A 31 6.80 1.91 -10.55
CA VAL A 31 7.24 1.41 -9.25
C VAL A 31 7.65 2.58 -8.34
N LEU A 32 8.30 3.57 -8.93
CA LEU A 32 8.71 4.77 -8.19
C LEU A 32 7.50 5.51 -7.67
N LEU A 33 6.54 5.73 -8.56
CA LEU A 33 5.30 6.41 -8.21
C LEU A 33 4.53 5.60 -7.17
N PHE A 34 4.38 4.31 -7.43
CA PHE A 34 3.65 3.40 -6.56
C PHE A 34 4.22 3.40 -5.17
N SER A 35 5.52 3.18 -5.07
CA SER A 35 6.17 3.05 -3.78
C SER A 35 6.04 4.33 -2.95
N ARG A 36 6.22 5.48 -3.56
CA ARG A 36 6.15 6.74 -2.84
C ARG A 36 4.71 7.13 -2.49
N ASP A 37 3.77 6.78 -3.36
CA ASP A 37 2.35 7.11 -3.16
C ASP A 37 1.81 6.27 -2.03
N LEU A 38 2.32 5.07 -1.97
CA LEU A 38 2.03 4.09 -0.96
C LEU A 38 2.71 4.44 0.35
N ASP A 39 3.97 4.80 0.28
CA ASP A 39 4.76 5.17 1.46
C ASP A 39 4.12 6.34 2.20
N LYS A 40 3.61 7.29 1.42
CA LYS A 40 2.99 8.46 2.00
C LYS A 40 1.68 8.08 2.70
N LEU A 41 0.98 7.12 2.12
CA LEU A 41 -0.32 6.71 2.59
C LEU A 41 -0.19 6.02 3.92
N ILE A 42 0.88 5.30 4.05
CA ILE A 42 1.13 4.53 5.23
C ILE A 42 1.45 5.46 6.37
N ASN A 43 2.47 6.27 6.19
CA ASN A 43 2.93 7.21 7.21
C ASN A 43 1.82 8.19 7.61
N LYS A 44 0.95 8.49 6.66
CA LYS A 44 -0.23 9.34 6.88
C LYS A 44 -1.15 8.71 7.93
N PHE A 45 -1.45 7.44 7.74
CA PHE A 45 -2.33 6.74 8.62
C PHE A 45 -1.67 6.35 9.91
N MET A 46 -0.38 6.05 9.84
CA MET A 46 0.36 5.67 11.03
C MET A 46 0.41 6.83 11.99
N ASN A 47 0.36 8.05 11.43
CA ASN A 47 0.28 9.29 12.18
C ASN A 47 1.62 9.56 12.90
N VAL A 48 2.65 8.94 12.37
CA VAL A 48 3.98 9.10 12.87
C VAL A 48 4.84 9.60 11.74
N LYS A 49 5.94 10.16 12.08
CA LYS A 49 6.82 10.71 11.09
C LYS A 49 8.19 10.08 11.25
N ASP A 50 8.20 8.96 11.97
CA ASP A 50 9.42 8.20 12.21
C ASP A 50 9.78 7.39 10.99
N LYS A 51 10.34 8.05 10.02
CA LYS A 51 10.83 7.39 8.83
C LYS A 51 12.32 7.22 8.94
N VAL A 52 12.82 7.84 9.97
CA VAL A 52 14.22 7.84 10.28
C VAL A 52 14.56 6.76 11.30
N HIS A 53 14.46 5.56 10.85
CA HIS A 53 14.79 4.43 11.65
C HIS A 53 15.86 3.65 10.92
N LYS A 54 16.73 3.02 11.67
CA LYS A 54 17.87 2.29 11.14
C LYS A 54 18.82 3.18 10.33
N LEU A 55 19.56 3.96 11.05
CA LEU A 55 20.62 4.73 10.47
C LEU A 55 21.87 3.97 10.81
N GLU A 56 22.52 3.48 9.82
CA GLU A 56 23.64 2.61 10.01
C GLU A 56 24.89 3.35 10.39
N HIS A 57 25.56 2.84 11.38
CA HIS A 57 26.79 3.41 11.86
C HIS A 57 27.89 2.88 10.99
N HIS A 58 27.98 3.47 9.84
CA HIS A 58 28.87 3.00 8.83
C HIS A 58 30.30 3.47 9.03
N HIS A 59 31.02 2.70 9.78
CA HIS A 59 32.42 2.91 10.01
C HIS A 59 33.18 1.85 9.27
N HIS A 60 34.47 1.82 9.38
CA HIS A 60 35.22 0.80 8.69
C HIS A 60 35.18 -0.53 9.38
N HIS A 61 34.23 -1.31 8.97
CA HIS A 61 34.16 -2.69 9.37
C HIS A 61 34.83 -3.47 8.24
N HIS A 62 34.80 -2.81 7.08
CA HIS A 62 35.47 -3.20 5.88
C HIS A 62 36.00 -1.91 5.26
N MET B 1 1.97 -19.32 -15.05
CA MET B 1 1.99 -18.11 -14.21
C MET B 1 0.74 -17.29 -14.46
N GLU B 2 -0.19 -17.44 -13.57
CA GLU B 2 -1.49 -16.86 -13.70
C GLU B 2 -1.55 -15.52 -12.97
N MET B 3 -2.00 -14.52 -13.67
CA MET B 3 -2.02 -13.16 -13.15
C MET B 3 -3.11 -12.95 -12.13
N GLY B 4 -4.15 -13.77 -12.17
CA GLY B 4 -5.18 -13.70 -11.16
C GLY B 4 -4.62 -14.09 -9.81
N GLN B 5 -3.77 -15.09 -9.81
CA GLN B 5 -3.13 -15.54 -8.60
C GLN B 5 -2.02 -14.60 -8.20
N LEU B 6 -1.44 -13.92 -9.18
CA LEU B 6 -0.45 -12.89 -8.90
C LEU B 6 -1.11 -11.77 -8.12
N LYS B 7 -2.27 -11.33 -8.59
CA LYS B 7 -3.02 -10.26 -7.95
C LYS B 7 -3.52 -10.75 -6.59
N ASN B 8 -3.76 -12.03 -6.48
CA ASN B 8 -4.20 -12.63 -5.23
C ASN B 8 -3.05 -12.62 -4.21
N LYS B 9 -1.81 -12.77 -4.70
CA LYS B 9 -0.62 -12.66 -3.84
C LYS B 9 -0.47 -11.20 -3.41
N ILE B 10 -0.81 -10.31 -4.32
CA ILE B 10 -0.82 -8.89 -4.07
C ILE B 10 -1.81 -8.57 -2.96
N GLU B 11 -3.02 -9.11 -3.07
CA GLU B 11 -4.05 -8.99 -2.04
C GLU B 11 -3.53 -9.54 -0.73
N ASN B 12 -2.96 -10.71 -0.82
CA ASN B 12 -2.35 -11.41 0.31
C ASN B 12 -1.32 -10.53 1.03
N LYS B 13 -0.40 -9.99 0.28
CA LYS B 13 0.70 -9.21 0.81
C LYS B 13 0.21 -7.86 1.34
N LYS B 14 -0.72 -7.26 0.60
CA LYS B 14 -1.40 -6.03 0.97
C LYS B 14 -2.03 -6.23 2.35
N LYS B 15 -2.76 -7.32 2.49
CA LYS B 15 -3.44 -7.65 3.72
C LYS B 15 -2.47 -7.92 4.87
N GLU B 16 -1.32 -8.53 4.58
CA GLU B 16 -0.29 -8.74 5.61
C GLU B 16 0.21 -7.40 6.12
N LEU B 17 0.29 -6.45 5.20
CA LEU B 17 0.76 -5.12 5.50
C LEU B 17 -0.27 -4.31 6.25
N ILE B 18 -1.53 -4.40 5.84
CA ILE B 18 -2.59 -3.64 6.48
C ILE B 18 -2.63 -4.00 7.96
N GLN B 19 -2.48 -5.29 8.23
CA GLN B 19 -2.42 -5.80 9.59
C GLN B 19 -1.27 -5.14 10.36
N LEU B 20 -0.13 -4.98 9.69
CA LEU B 20 1.05 -4.38 10.29
C LEU B 20 0.83 -2.92 10.66
N VAL B 21 0.36 -2.09 9.71
CA VAL B 21 0.08 -0.72 10.03
C VAL B 21 -1.04 -0.60 11.08
N ALA B 22 -1.97 -1.54 11.04
CA ALA B 22 -3.10 -1.54 11.94
C ALA B 22 -2.69 -1.83 13.36
N ARG B 23 -1.84 -2.83 13.52
CA ARG B 23 -1.38 -3.23 14.85
C ARG B 23 -0.38 -2.23 15.42
N HIS B 24 0.02 -1.26 14.61
CA HIS B 24 0.89 -0.20 15.07
C HIS B 24 0.09 0.78 15.92
N GLY B 25 -1.21 0.76 15.74
CA GLY B 25 -2.06 1.60 16.53
C GLY B 25 -3.17 2.25 15.75
N LEU B 26 -3.76 1.52 14.81
CA LEU B 26 -4.88 2.07 14.09
C LEU B 26 -6.17 1.56 14.62
N ASP B 27 -7.09 2.45 14.71
CA ASP B 27 -8.45 2.17 15.06
C ASP B 27 -9.07 1.49 13.87
N HIS B 28 -10.18 0.79 14.07
CA HIS B 28 -10.89 0.11 12.98
C HIS B 28 -11.12 1.06 11.81
N ASP B 29 -11.39 2.33 12.13
CA ASP B 29 -11.61 3.40 11.14
C ASP B 29 -10.40 3.59 10.27
N LYS B 30 -9.26 3.67 10.90
CA LYS B 30 -8.02 3.91 10.22
C LYS B 30 -7.66 2.75 9.32
N VAL B 31 -7.92 1.55 9.79
CA VAL B 31 -7.69 0.36 9.01
C VAL B 31 -8.60 0.36 7.78
N LEU B 32 -9.86 0.73 7.98
CA LEU B 32 -10.85 0.79 6.88
C LEU B 32 -10.45 1.80 5.84
N LEU B 33 -10.13 3.00 6.29
CA LEU B 33 -9.75 4.07 5.39
C LEU B 33 -8.46 3.75 4.66
N PHE B 34 -7.50 3.19 5.38
CA PHE B 34 -6.22 2.83 4.80
C PHE B 34 -6.38 1.75 3.74
N SER B 35 -7.07 0.67 4.10
CA SER B 35 -7.24 -0.46 3.20
C SER B 35 -7.94 -0.07 1.91
N ARG B 36 -8.98 0.75 2.02
CA ARG B 36 -9.75 1.14 0.85
C ARG B 36 -8.94 2.04 -0.10
N ASP B 37 -8.13 2.94 0.48
CA ASP B 37 -7.32 3.84 -0.35
C ASP B 37 -6.17 3.06 -0.97
N LEU B 38 -5.55 2.21 -0.15
CA LEU B 38 -4.46 1.33 -0.56
C LEU B 38 -4.88 0.43 -1.71
N ASP B 39 -6.04 -0.15 -1.57
CA ASP B 39 -6.57 -1.03 -2.58
C ASP B 39 -6.77 -0.29 -3.90
N LYS B 40 -7.25 0.94 -3.83
CA LYS B 40 -7.42 1.75 -5.03
C LYS B 40 -6.09 2.22 -5.58
N LEU B 41 -5.12 2.41 -4.69
CA LEU B 41 -3.76 2.80 -5.08
C LEU B 41 -3.19 1.67 -5.93
N ILE B 42 -3.43 0.46 -5.51
CA ILE B 42 -3.00 -0.71 -6.23
C ILE B 42 -3.76 -0.81 -7.55
N ASN B 43 -5.08 -0.62 -7.53
CA ASN B 43 -5.91 -0.64 -8.77
C ASN B 43 -5.41 0.39 -9.78
N LYS B 44 -4.96 1.53 -9.27
CA LYS B 44 -4.38 2.61 -10.07
C LYS B 44 -3.22 2.08 -10.90
N PHE B 45 -2.33 1.35 -10.25
CA PHE B 45 -1.14 0.85 -10.88
C PHE B 45 -1.31 -0.49 -11.57
N MET B 46 -2.35 -1.23 -11.18
CA MET B 46 -2.66 -2.52 -11.84
C MET B 46 -3.01 -2.27 -13.28
N ASN B 47 -3.50 -1.05 -13.54
CA ASN B 47 -3.93 -0.61 -14.84
C ASN B 47 -5.14 -1.40 -15.27
N VAL B 48 -6.26 -1.04 -14.70
CA VAL B 48 -7.50 -1.72 -14.97
C VAL B 48 -8.21 -1.04 -16.09
N LYS B 49 -8.06 -1.62 -17.23
CA LYS B 49 -8.66 -1.16 -18.44
C LYS B 49 -9.22 -2.38 -19.17
N ASP B 50 -9.66 -3.34 -18.36
CA ASP B 50 -10.21 -4.64 -18.75
C ASP B 50 -9.19 -5.51 -19.45
N LYS B 51 -8.74 -6.55 -18.79
CA LYS B 51 -7.71 -7.43 -19.33
C LYS B 51 -8.18 -8.86 -19.42
N VAL B 52 -9.48 -9.06 -19.45
CA VAL B 52 -10.02 -10.41 -19.53
C VAL B 52 -10.03 -10.91 -20.97
N HIS B 53 -9.68 -12.13 -21.14
CA HIS B 53 -9.64 -12.72 -22.45
C HIS B 53 -10.65 -13.83 -22.47
N LYS B 54 -11.22 -14.10 -23.62
CA LYS B 54 -12.24 -15.12 -23.70
C LYS B 54 -11.64 -16.49 -23.73
N LEU B 55 -11.54 -17.04 -22.56
CA LEU B 55 -10.97 -18.32 -22.36
C LEU B 55 -12.07 -19.35 -22.26
N GLU B 56 -12.04 -20.28 -23.16
CA GLU B 56 -12.94 -21.39 -23.15
C GLU B 56 -12.14 -22.58 -22.70
N HIS B 57 -12.71 -23.34 -21.83
CA HIS B 57 -11.99 -24.40 -21.16
C HIS B 57 -12.39 -25.75 -21.68
N HIS B 58 -11.47 -26.65 -21.70
CA HIS B 58 -11.76 -28.01 -22.02
C HIS B 58 -12.03 -28.71 -20.69
N HIS B 59 -13.19 -29.36 -20.59
CA HIS B 59 -13.74 -29.98 -19.35
C HIS B 59 -14.36 -28.89 -18.48
N HIS B 60 -13.63 -27.79 -18.33
CA HIS B 60 -13.99 -26.61 -17.56
C HIS B 60 -13.97 -26.91 -16.08
N HIS B 61 -12.84 -26.71 -15.51
CA HIS B 61 -12.63 -26.88 -14.11
C HIS B 61 -11.79 -25.72 -13.63
N HIS B 62 -11.86 -25.41 -12.38
CA HIS B 62 -11.13 -24.31 -11.81
C HIS B 62 -10.74 -24.64 -10.39
N MET A 1 5.04 -4.32 20.25
CA MET A 1 6.25 -5.05 20.63
C MET A 1 7.44 -4.13 20.60
N GLU A 2 7.82 -3.69 19.42
CA GLU A 2 8.99 -2.85 19.28
C GLU A 2 8.79 -2.01 18.02
N MET A 3 8.84 -0.70 18.18
CA MET A 3 8.61 0.27 17.10
C MET A 3 9.57 0.13 15.93
N GLY A 4 10.81 -0.22 16.20
CA GLY A 4 11.78 -0.39 15.15
C GLY A 4 11.43 -1.58 14.32
N GLN A 5 11.21 -2.69 15.00
CA GLN A 5 10.82 -3.94 14.37
C GLN A 5 9.53 -3.77 13.61
N LEU A 6 8.58 -3.10 14.24
CA LEU A 6 7.26 -2.83 13.66
C LEU A 6 7.40 -2.06 12.36
N LYS A 7 8.16 -0.98 12.37
CA LYS A 7 8.34 -0.19 11.19
C LYS A 7 9.14 -0.89 10.14
N ASN A 8 10.08 -1.69 10.57
CA ASN A 8 10.89 -2.46 9.66
C ASN A 8 10.03 -3.50 8.93
N LYS A 9 9.11 -4.12 9.67
CA LYS A 9 8.15 -5.07 9.10
C LYS A 9 7.32 -4.39 8.03
N ILE A 10 6.78 -3.23 8.39
CA ILE A 10 5.98 -2.41 7.47
C ILE A 10 6.77 -2.09 6.21
N GLU A 11 8.01 -1.64 6.38
CA GLU A 11 8.86 -1.31 5.25
C GLU A 11 9.09 -2.53 4.37
N ASN A 12 9.48 -3.63 5.01
CA ASN A 12 9.74 -4.88 4.33
C ASN A 12 8.51 -5.38 3.58
N LYS A 13 7.37 -5.34 4.24
CA LYS A 13 6.12 -5.86 3.70
C LYS A 13 5.68 -5.02 2.51
N LYS A 14 5.77 -3.71 2.68
CA LYS A 14 5.49 -2.74 1.65
C LYS A 14 6.36 -3.06 0.44
N LYS A 15 7.65 -3.23 0.68
CA LYS A 15 8.62 -3.53 -0.36
C LYS A 15 8.38 -4.90 -1.01
N GLU A 16 7.91 -5.88 -0.23
CA GLU A 16 7.53 -7.19 -0.77
C GLU A 16 6.39 -7.02 -1.78
N LEU A 17 5.45 -6.18 -1.40
CA LEU A 17 4.28 -5.87 -2.21
C LEU A 17 4.66 -5.10 -3.46
N ILE A 18 5.52 -4.11 -3.31
CA ILE A 18 5.92 -3.27 -4.42
C ILE A 18 6.52 -4.13 -5.54
N GLN A 19 7.31 -5.11 -5.13
CA GLN A 19 7.90 -6.08 -6.06
C GLN A 19 6.82 -6.88 -6.78
N LEU A 20 5.73 -7.13 -6.08
CA LEU A 20 4.63 -7.89 -6.63
C LEU A 20 3.83 -7.08 -7.66
N VAL A 21 3.43 -5.85 -7.33
CA VAL A 21 2.77 -5.01 -8.32
C VAL A 21 3.69 -4.71 -9.50
N ALA A 22 4.98 -4.63 -9.22
CA ALA A 22 5.96 -4.36 -10.24
C ALA A 22 6.00 -5.48 -11.26
N ARG A 23 6.06 -6.73 -10.78
CA ARG A 23 6.09 -7.89 -11.65
C ARG A 23 4.75 -8.10 -12.36
N HIS A 24 3.68 -7.49 -11.82
CA HIS A 24 2.37 -7.49 -12.48
C HIS A 24 2.51 -6.90 -13.88
N GLY A 25 3.31 -5.87 -13.99
CA GLY A 25 3.55 -5.27 -15.26
C GLY A 25 3.71 -3.78 -15.19
N LEU A 26 4.49 -3.31 -14.25
CA LEU A 26 4.72 -1.88 -14.15
C LEU A 26 5.96 -1.46 -14.88
N ASP A 27 5.94 -0.22 -15.31
CA ASP A 27 7.10 0.43 -15.87
C ASP A 27 8.00 0.70 -14.68
N HIS A 28 9.28 0.87 -14.89
CA HIS A 28 10.20 1.13 -13.78
C HIS A 28 9.79 2.41 -13.03
N ASP A 29 9.34 3.40 -13.79
CA ASP A 29 8.85 4.67 -13.23
C ASP A 29 7.61 4.45 -12.37
N LYS A 30 6.77 3.51 -12.78
CA LYS A 30 5.54 3.19 -12.06
C LYS A 30 5.85 2.68 -10.69
N VAL A 31 6.80 1.76 -10.62
CA VAL A 31 7.23 1.16 -9.37
C VAL A 31 7.71 2.25 -8.39
N LEU A 32 8.44 3.20 -8.93
CA LEU A 32 8.96 4.32 -8.16
C LEU A 32 7.84 5.23 -7.69
N LEU A 33 7.00 5.65 -8.60
CA LEU A 33 5.89 6.55 -8.28
C LEU A 33 4.93 5.89 -7.30
N PHE A 34 4.67 4.63 -7.51
CA PHE A 34 3.79 3.84 -6.67
C PHE A 34 4.33 3.75 -5.24
N SER A 35 5.58 3.36 -5.10
CA SER A 35 6.18 3.19 -3.80
C SER A 35 6.20 4.48 -2.97
N ARG A 36 6.52 5.58 -3.64
CA ARG A 36 6.58 6.90 -3.00
C ARG A 36 5.20 7.31 -2.49
N ASP A 37 4.19 7.07 -3.29
CA ASP A 37 2.82 7.47 -2.98
C ASP A 37 2.24 6.57 -1.89
N LEU A 38 2.46 5.28 -2.03
CA LEU A 38 1.96 4.31 -1.06
C LEU A 38 2.58 4.58 0.31
N ASP A 39 3.85 4.94 0.29
CA ASP A 39 4.59 5.27 1.50
C ASP A 39 3.96 6.44 2.24
N LYS A 40 3.44 7.43 1.49
CA LYS A 40 2.84 8.58 2.14
C LYS A 40 1.49 8.23 2.74
N LEU A 41 0.79 7.33 2.07
CA LEU A 41 -0.52 6.87 2.51
C LEU A 41 -0.40 6.14 3.83
N ILE A 42 0.69 5.43 3.99
CA ILE A 42 0.92 4.68 5.21
C ILE A 42 1.15 5.63 6.35
N ASN A 43 2.13 6.49 6.19
CA ASN A 43 2.49 7.49 7.20
C ASN A 43 1.30 8.38 7.57
N LYS A 44 0.45 8.66 6.60
CA LYS A 44 -0.77 9.45 6.81
C LYS A 44 -1.63 8.79 7.88
N PHE A 45 -1.86 7.51 7.72
CA PHE A 45 -2.71 6.77 8.60
C PHE A 45 -2.06 6.42 9.90
N MET A 46 -0.75 6.20 9.86
CA MET A 46 -0.03 5.83 11.07
C MET A 46 -0.09 6.95 12.09
N ASN A 47 -0.14 8.20 11.56
CA ASN A 47 -0.24 9.46 12.34
C ASN A 47 1.10 9.82 13.00
N VAL A 48 2.03 8.97 12.80
CA VAL A 48 3.33 9.18 13.34
C VAL A 48 4.21 9.73 12.29
N LYS A 49 5.02 10.63 12.70
CA LYS A 49 5.99 11.22 11.86
C LYS A 49 7.29 10.80 12.43
N ASP A 50 7.75 9.68 11.92
CA ASP A 50 8.85 8.93 12.49
C ASP A 50 10.11 9.72 12.67
N LYS A 51 10.86 9.30 13.65
CA LYS A 51 12.13 9.86 14.10
C LYS A 51 13.27 9.61 13.08
N VAL A 52 12.99 9.83 11.83
CA VAL A 52 13.98 9.71 10.80
C VAL A 52 14.84 10.97 10.71
N HIS A 53 15.64 11.15 11.73
CA HIS A 53 16.55 12.25 11.83
C HIS A 53 17.88 11.85 11.22
N LYS A 54 18.95 12.53 11.60
CA LYS A 54 20.27 12.20 11.10
C LYS A 54 20.77 10.89 11.70
N LEU A 55 20.25 9.82 11.18
CA LEU A 55 20.62 8.48 11.55
C LEU A 55 21.66 8.03 10.58
N GLU A 56 22.62 7.29 11.05
CA GLU A 56 23.68 6.82 10.20
C GLU A 56 23.24 5.56 9.44
N HIS A 57 22.17 5.73 8.70
CA HIS A 57 21.59 4.69 7.87
C HIS A 57 22.10 4.90 6.45
N HIS A 58 22.60 6.08 6.22
CA HIS A 58 23.16 6.44 4.95
C HIS A 58 24.68 6.36 5.13
N HIS A 59 25.33 5.67 4.23
CA HIS A 59 26.76 5.40 4.36
C HIS A 59 27.63 6.50 3.78
N HIS A 60 27.00 7.49 3.20
CA HIS A 60 27.73 8.61 2.65
C HIS A 60 27.65 9.74 3.64
N HIS A 61 28.68 10.57 3.67
CA HIS A 61 28.72 11.68 4.60
C HIS A 61 27.87 12.83 4.11
N HIS A 62 27.35 13.57 5.03
CA HIS A 62 26.48 14.68 4.76
C HIS A 62 27.23 15.97 5.08
N MET B 1 0.03 -20.83 -14.59
CA MET B 1 0.50 -19.60 -13.94
C MET B 1 -0.41 -18.48 -14.38
N GLU B 2 -1.35 -18.15 -13.53
CA GLU B 2 -2.37 -17.18 -13.86
C GLU B 2 -2.02 -15.84 -13.22
N MET B 3 -2.59 -14.76 -13.72
CA MET B 3 -2.34 -13.45 -13.11
C MET B 3 -3.17 -13.31 -11.84
N GLY B 4 -4.24 -14.12 -11.76
CA GLY B 4 -5.09 -14.11 -10.58
C GLY B 4 -4.32 -14.54 -9.35
N GLN B 5 -3.42 -15.50 -9.53
CA GLN B 5 -2.58 -16.02 -8.44
C GLN B 5 -1.65 -14.91 -7.96
N LEU B 6 -1.05 -14.22 -8.92
CA LEU B 6 -0.16 -13.12 -8.66
C LEU B 6 -0.91 -12.00 -7.94
N LYS B 7 -2.09 -11.68 -8.44
CA LYS B 7 -2.90 -10.63 -7.85
C LYS B 7 -3.34 -11.05 -6.44
N ASN B 8 -3.58 -12.34 -6.25
CA ASN B 8 -3.93 -12.90 -4.94
C ASN B 8 -2.77 -12.72 -3.97
N LYS B 9 -1.55 -12.88 -4.46
CA LYS B 9 -0.34 -12.65 -3.66
C LYS B 9 -0.25 -11.18 -3.28
N ILE B 10 -0.53 -10.33 -4.25
CA ILE B 10 -0.54 -8.88 -4.06
C ILE B 10 -1.54 -8.50 -2.99
N GLU B 11 -2.75 -9.01 -3.12
CA GLU B 11 -3.79 -8.81 -2.13
C GLU B 11 -3.34 -9.27 -0.77
N ASN B 12 -2.82 -10.48 -0.70
CA ASN B 12 -2.33 -11.07 0.55
C ASN B 12 -1.23 -10.24 1.18
N LYS B 13 -0.30 -9.80 0.37
CA LYS B 13 0.84 -9.04 0.84
C LYS B 13 0.39 -7.67 1.37
N LYS B 14 -0.50 -7.04 0.61
CA LYS B 14 -1.14 -5.82 0.99
C LYS B 14 -1.84 -6.01 2.33
N LYS B 15 -2.60 -7.08 2.43
CA LYS B 15 -3.33 -7.44 3.64
C LYS B 15 -2.40 -7.70 4.83
N GLU B 16 -1.26 -8.35 4.57
CA GLU B 16 -0.21 -8.52 5.59
C GLU B 16 0.25 -7.16 6.10
N LEU B 17 0.45 -6.25 5.16
CA LEU B 17 0.91 -4.92 5.47
C LEU B 17 -0.13 -4.16 6.26
N ILE B 18 -1.38 -4.32 5.88
CA ILE B 18 -2.45 -3.65 6.57
C ILE B 18 -2.45 -4.07 8.04
N GLN B 19 -2.22 -5.37 8.28
CA GLN B 19 -2.10 -5.90 9.64
C GLN B 19 -0.97 -5.20 10.38
N LEU B 20 0.12 -4.99 9.67
CA LEU B 20 1.29 -4.34 10.20
C LEU B 20 1.01 -2.88 10.59
N VAL B 21 0.45 -2.08 9.69
CA VAL B 21 0.13 -0.73 10.05
C VAL B 21 -0.99 -0.68 11.12
N ALA B 22 -1.85 -1.69 11.14
CA ALA B 22 -2.95 -1.75 12.07
C ALA B 22 -2.47 -2.11 13.47
N ARG B 23 -1.48 -3.01 13.56
CA ARG B 23 -0.94 -3.44 14.85
C ARG B 23 -0.09 -2.32 15.44
N HIS B 24 0.24 -1.35 14.62
CA HIS B 24 0.91 -0.15 15.07
C HIS B 24 0.00 0.58 16.05
N GLY B 25 -1.28 0.57 15.74
CA GLY B 25 -2.23 1.20 16.60
C GLY B 25 -3.23 2.03 15.85
N LEU B 26 -3.82 1.46 14.80
CA LEU B 26 -4.83 2.19 14.07
C LEU B 26 -6.18 1.96 14.64
N ASP B 27 -7.03 2.94 14.44
CA ASP B 27 -8.42 2.86 14.84
C ASP B 27 -9.08 1.88 13.89
N HIS B 28 -10.27 1.44 14.20
CA HIS B 28 -10.97 0.49 13.35
C HIS B 28 -11.20 1.13 11.97
N ASP B 29 -11.56 2.40 12.00
CA ASP B 29 -11.83 3.17 10.79
C ASP B 29 -10.55 3.41 10.01
N LYS B 30 -9.44 3.62 10.72
CA LYS B 30 -8.13 3.85 10.08
C LYS B 30 -7.78 2.68 9.19
N VAL B 31 -7.93 1.48 9.71
CA VAL B 31 -7.63 0.25 8.97
C VAL B 31 -8.53 0.17 7.71
N LEU B 32 -9.79 0.53 7.85
CA LEU B 32 -10.77 0.50 6.76
C LEU B 32 -10.41 1.52 5.68
N LEU B 33 -10.23 2.76 6.11
CA LEU B 33 -9.94 3.85 5.19
C LEU B 33 -8.61 3.62 4.49
N PHE B 34 -7.62 3.18 5.25
CA PHE B 34 -6.31 2.89 4.71
C PHE B 34 -6.38 1.78 3.69
N SER B 35 -6.96 0.65 4.07
CA SER B 35 -7.01 -0.52 3.20
C SER B 35 -7.69 -0.23 1.87
N ARG B 36 -8.75 0.56 1.91
CA ARG B 36 -9.48 0.86 0.71
C ARG B 36 -8.76 1.86 -0.20
N ASP B 37 -8.12 2.88 0.39
CA ASP B 37 -7.39 3.88 -0.43
C ASP B 37 -6.10 3.26 -0.95
N LEU B 38 -5.55 2.36 -0.14
CA LEU B 38 -4.39 1.56 -0.50
C LEU B 38 -4.73 0.67 -1.68
N ASP B 39 -5.83 -0.04 -1.55
CA ASP B 39 -6.34 -0.92 -2.58
C ASP B 39 -6.55 -0.15 -3.88
N LYS B 40 -7.14 1.00 -3.76
CA LYS B 40 -7.41 1.94 -4.80
C LYS B 40 -6.11 2.36 -5.51
N LEU B 41 -5.14 2.80 -4.72
CA LEU B 41 -3.84 3.20 -5.22
C LEU B 41 -3.17 2.06 -5.98
N ILE B 42 -3.33 0.88 -5.45
CA ILE B 42 -2.77 -0.28 -6.07
C ILE B 42 -3.47 -0.58 -7.40
N ASN B 43 -4.80 -0.70 -7.35
CA ASN B 43 -5.64 -0.96 -8.56
C ASN B 43 -5.40 0.07 -9.65
N LYS B 44 -5.07 1.28 -9.26
CA LYS B 44 -4.73 2.34 -10.19
C LYS B 44 -3.49 1.97 -11.00
N PHE B 45 -2.47 1.52 -10.32
CA PHE B 45 -1.25 1.15 -10.98
C PHE B 45 -1.34 -0.21 -11.67
N MET B 46 -2.20 -1.06 -11.18
CA MET B 46 -2.33 -2.40 -11.75
C MET B 46 -3.20 -2.37 -12.99
N ASN B 47 -4.27 -1.58 -12.92
CA ASN B 47 -5.33 -1.66 -13.90
C ASN B 47 -5.71 -0.30 -14.46
N VAL B 48 -6.40 0.41 -13.67
CA VAL B 48 -6.94 1.72 -14.05
C VAL B 48 -5.98 2.86 -13.84
N LYS B 49 -5.22 3.07 -14.84
CA LYS B 49 -4.15 4.03 -14.84
C LYS B 49 -4.66 5.40 -15.30
N ASP B 50 -5.94 5.47 -15.45
CA ASP B 50 -6.60 6.67 -15.88
C ASP B 50 -6.67 7.67 -14.74
N LYS B 51 -6.38 8.92 -15.03
CA LYS B 51 -6.40 9.98 -14.03
C LYS B 51 -7.80 10.61 -13.97
N VAL B 52 -8.78 9.81 -14.36
CA VAL B 52 -10.15 10.24 -14.42
C VAL B 52 -10.79 10.34 -13.02
N HIS B 53 -10.77 11.54 -12.51
CA HIS B 53 -11.39 11.89 -11.24
C HIS B 53 -12.13 13.19 -11.43
N LYS B 54 -12.32 13.54 -12.69
CA LYS B 54 -12.98 14.77 -13.10
C LYS B 54 -13.83 14.43 -14.30
N LEU B 55 -15.10 14.81 -14.27
CA LEU B 55 -16.07 14.58 -15.35
C LEU B 55 -16.29 13.09 -15.64
N GLU B 56 -17.44 12.60 -15.27
CA GLU B 56 -17.76 11.20 -15.47
C GLU B 56 -18.97 11.09 -16.39
N HIS B 57 -18.71 10.64 -17.63
CA HIS B 57 -19.73 10.45 -18.66
C HIS B 57 -20.45 11.74 -19.02
N HIS B 58 -21.54 12.01 -18.35
CA HIS B 58 -22.28 13.23 -18.59
C HIS B 58 -22.23 14.07 -17.34
N HIS B 59 -22.36 13.39 -16.22
CA HIS B 59 -22.33 13.96 -14.89
C HIS B 59 -23.57 14.84 -14.63
N HIS B 60 -23.54 16.09 -15.09
CA HIS B 60 -24.62 17.08 -14.87
C HIS B 60 -24.95 17.26 -13.38
N HIS B 61 -25.83 16.45 -12.86
CA HIS B 61 -26.20 16.50 -11.47
C HIS B 61 -25.48 15.38 -10.75
N HIS B 62 -24.95 15.69 -9.60
CA HIS B 62 -24.20 14.73 -8.84
C HIS B 62 -24.87 14.55 -7.50
N MET A 1 10.86 -4.61 20.80
CA MET A 1 10.32 -4.61 19.43
C MET A 1 10.23 -3.20 18.96
N GLU A 2 9.39 -2.41 19.64
CA GLU A 2 9.25 -0.98 19.40
C GLU A 2 8.62 -0.71 18.04
N MET A 3 8.45 0.54 17.72
CA MET A 3 7.80 0.91 16.48
C MET A 3 8.78 0.84 15.33
N GLY A 4 10.04 0.84 15.65
CA GLY A 4 11.08 0.79 14.65
C GLY A 4 11.09 -0.53 13.94
N GLN A 5 11.14 -1.61 14.71
CA GLN A 5 11.11 -2.95 14.14
C GLN A 5 9.76 -3.28 13.55
N LEU A 6 8.74 -2.67 14.08
CA LEU A 6 7.40 -2.82 13.57
C LEU A 6 7.34 -2.18 12.18
N LYS A 7 7.90 -0.98 12.06
CA LYS A 7 7.99 -0.27 10.79
C LYS A 7 8.88 -1.02 9.82
N ASN A 8 9.90 -1.63 10.36
CA ASN A 8 10.84 -2.42 9.58
C ASN A 8 10.10 -3.58 8.89
N LYS A 9 9.14 -4.15 9.60
CA LYS A 9 8.31 -5.22 9.05
C LYS A 9 7.25 -4.67 8.10
N ILE A 10 6.72 -3.48 8.41
CA ILE A 10 5.78 -2.77 7.53
C ILE A 10 6.44 -2.55 6.17
N GLU A 11 7.65 -2.01 6.20
CA GLU A 11 8.47 -1.77 5.02
C GLU A 11 8.67 -3.04 4.23
N ASN A 12 9.04 -4.08 4.93
CA ASN A 12 9.30 -5.40 4.35
C ASN A 12 8.07 -5.89 3.59
N LYS A 13 6.94 -5.90 4.25
CA LYS A 13 5.71 -6.43 3.69
C LYS A 13 5.18 -5.53 2.55
N LYS A 14 5.37 -4.23 2.72
CA LYS A 14 5.06 -3.22 1.73
C LYS A 14 5.82 -3.52 0.45
N LYS A 15 7.12 -3.76 0.59
CA LYS A 15 7.99 -4.05 -0.54
C LYS A 15 7.65 -5.37 -1.19
N GLU A 16 7.24 -6.35 -0.38
CA GLU A 16 6.77 -7.65 -0.88
C GLU A 16 5.64 -7.40 -1.87
N LEU A 17 4.76 -6.53 -1.48
CA LEU A 17 3.63 -6.17 -2.28
C LEU A 17 4.05 -5.35 -3.48
N ILE A 18 4.95 -4.40 -3.28
CA ILE A 18 5.39 -3.55 -4.36
C ILE A 18 6.02 -4.39 -5.47
N GLN A 19 6.85 -5.36 -5.07
CA GLN A 19 7.48 -6.26 -6.02
C GLN A 19 6.43 -7.10 -6.77
N LEU A 20 5.35 -7.42 -6.07
CA LEU A 20 4.22 -8.12 -6.66
C LEU A 20 3.50 -7.26 -7.71
N VAL A 21 3.05 -6.04 -7.35
CA VAL A 21 2.42 -5.20 -8.34
C VAL A 21 3.38 -4.85 -9.49
N ALA A 22 4.65 -4.74 -9.18
CA ALA A 22 5.67 -4.42 -10.15
C ALA A 22 5.76 -5.48 -11.24
N ARG A 23 5.82 -6.73 -10.83
CA ARG A 23 5.91 -7.85 -11.76
C ARG A 23 4.66 -8.03 -12.60
N HIS A 24 3.55 -7.45 -12.13
CA HIS A 24 2.29 -7.43 -12.89
C HIS A 24 2.52 -6.81 -14.28
N GLY A 25 3.37 -5.81 -14.35
CA GLY A 25 3.61 -5.18 -15.62
C GLY A 25 4.07 -3.75 -15.49
N LEU A 26 4.01 -3.22 -14.27
CA LEU A 26 4.47 -1.89 -13.98
C LEU A 26 5.89 -1.64 -14.40
N ASP A 27 6.10 -0.48 -14.90
CA ASP A 27 7.42 -0.01 -15.27
C ASP A 27 8.17 0.38 -14.04
N HIS A 28 9.45 0.51 -14.17
CA HIS A 28 10.32 0.90 -13.07
C HIS A 28 9.91 2.26 -12.52
N ASP A 29 9.53 3.15 -13.42
CA ASP A 29 9.07 4.48 -13.07
C ASP A 29 7.77 4.41 -12.32
N LYS A 30 6.93 3.45 -12.71
CA LYS A 30 5.65 3.22 -12.05
C LYS A 30 5.86 2.72 -10.65
N VAL A 31 6.86 1.86 -10.48
CA VAL A 31 7.18 1.30 -9.18
C VAL A 31 7.64 2.40 -8.23
N LEU A 32 8.41 3.35 -8.77
CA LEU A 32 8.85 4.53 -8.00
C LEU A 32 7.67 5.33 -7.53
N LEU A 33 6.75 5.58 -8.42
CA LEU A 33 5.55 6.33 -8.14
C LEU A 33 4.68 5.60 -7.12
N PHE A 34 4.49 4.32 -7.34
CA PHE A 34 3.68 3.50 -6.47
C PHE A 34 4.29 3.42 -5.07
N SER A 35 5.57 3.11 -4.99
CA SER A 35 6.24 2.93 -3.72
C SER A 35 6.20 4.19 -2.86
N ARG A 36 6.38 5.35 -3.48
CA ARG A 36 6.38 6.60 -2.74
C ARG A 36 4.97 6.99 -2.31
N ASP A 37 4.00 6.79 -3.20
CA ASP A 37 2.59 7.14 -2.94
C ASP A 37 2.05 6.27 -1.80
N LEU A 38 2.47 5.02 -1.84
CA LEU A 38 2.13 4.01 -0.84
C LEU A 38 2.78 4.37 0.49
N ASP A 39 4.02 4.77 0.43
CA ASP A 39 4.78 5.14 1.62
C ASP A 39 4.12 6.31 2.32
N LYS A 40 3.68 7.27 1.52
CA LYS A 40 2.98 8.45 2.02
C LYS A 40 1.64 8.09 2.65
N LEU A 41 0.93 7.15 2.04
CA LEU A 41 -0.36 6.68 2.56
C LEU A 41 -0.18 6.04 3.93
N ILE A 42 0.87 5.26 4.08
CA ILE A 42 1.15 4.60 5.35
C ILE A 42 1.47 5.64 6.42
N ASN A 43 2.48 6.47 6.14
CA ASN A 43 2.94 7.54 7.05
C ASN A 43 1.80 8.46 7.48
N LYS A 44 0.85 8.67 6.58
CA LYS A 44 -0.35 9.45 6.84
C LYS A 44 -1.13 8.86 8.01
N PHE A 45 -1.36 7.58 7.95
CA PHE A 45 -2.16 6.88 8.94
C PHE A 45 -1.37 6.53 10.18
N MET A 46 -0.07 6.55 10.06
CA MET A 46 0.77 6.26 11.21
C MET A 46 0.84 7.49 12.12
N ASN A 47 0.46 8.64 11.56
CA ASN A 47 0.46 9.96 12.26
C ASN A 47 1.90 10.44 12.50
N VAL A 48 2.83 9.73 11.93
CA VAL A 48 4.22 10.02 12.11
C VAL A 48 4.62 11.10 11.16
N LYS A 49 5.12 12.15 11.68
CA LYS A 49 5.52 13.26 10.90
C LYS A 49 7.02 13.31 10.82
N ASP A 50 7.51 12.46 9.93
CA ASP A 50 8.92 12.16 9.70
C ASP A 50 9.51 11.48 10.95
N LYS A 51 10.77 11.25 10.95
CA LYS A 51 11.44 10.58 12.03
C LYS A 51 12.24 11.58 12.84
N VAL A 52 12.22 12.78 12.35
CA VAL A 52 12.94 13.87 12.95
C VAL A 52 12.04 14.72 13.83
N HIS A 53 11.70 14.14 14.97
CA HIS A 53 10.86 14.75 15.98
C HIS A 53 10.76 13.73 17.09
N LYS A 54 10.61 14.17 18.30
CA LYS A 54 10.45 13.26 19.39
C LYS A 54 8.98 13.00 19.61
N LEU A 55 8.45 12.03 18.90
CA LEU A 55 7.04 11.66 19.02
C LEU A 55 6.84 10.90 20.31
N GLU A 56 6.28 11.60 21.30
CA GLU A 56 6.03 11.07 22.65
C GLU A 56 7.35 10.77 23.38
N HIS A 57 7.95 9.67 23.03
CA HIS A 57 9.18 9.20 23.62
C HIS A 57 9.69 8.12 22.73
N HIS A 58 10.93 8.18 22.39
CA HIS A 58 11.52 7.15 21.58
C HIS A 58 12.70 6.54 22.34
N HIS A 59 12.93 5.26 22.13
CA HIS A 59 13.98 4.53 22.84
C HIS A 59 15.39 4.98 22.44
N HIS A 60 16.26 4.97 23.41
CA HIS A 60 17.67 5.26 23.20
C HIS A 60 18.38 3.95 22.98
N HIS A 61 18.17 3.02 23.89
CA HIS A 61 18.77 1.71 23.85
C HIS A 61 17.83 0.73 24.50
N HIS A 62 17.43 -0.27 23.77
CA HIS A 62 16.52 -1.26 24.26
C HIS A 62 16.72 -2.52 23.43
N MET B 1 2.23 -17.71 -18.29
CA MET B 1 2.72 -16.98 -17.13
C MET B 1 1.60 -16.90 -16.13
N GLU B 2 1.92 -17.09 -14.88
CA GLU B 2 0.93 -17.08 -13.86
C GLU B 2 0.74 -15.66 -13.31
N MET B 3 -0.25 -14.98 -13.83
CA MET B 3 -0.54 -13.64 -13.38
C MET B 3 -1.84 -13.61 -12.56
N GLY B 4 -2.45 -14.77 -12.43
CA GLY B 4 -3.67 -14.88 -11.65
C GLY B 4 -3.32 -15.03 -10.19
N GLN B 5 -2.42 -15.99 -9.90
CA GLN B 5 -1.94 -16.18 -8.53
C GLN B 5 -1.18 -14.96 -8.07
N LEU B 6 -0.62 -14.25 -9.02
CA LEU B 6 0.12 -13.04 -8.77
C LEU B 6 -0.79 -11.99 -8.11
N LYS B 7 -1.97 -11.79 -8.67
CA LYS B 7 -2.91 -10.82 -8.14
C LYS B 7 -3.49 -11.31 -6.81
N ASN B 8 -3.65 -12.61 -6.70
CA ASN B 8 -4.12 -13.25 -5.47
C ASN B 8 -3.13 -12.96 -4.35
N LYS B 9 -1.84 -13.09 -4.65
CA LYS B 9 -0.79 -12.77 -3.70
C LYS B 9 -0.78 -11.28 -3.37
N ILE B 10 -0.93 -10.43 -4.38
CA ILE B 10 -1.08 -8.97 -4.20
C ILE B 10 -2.14 -8.62 -3.15
N GLU B 11 -3.35 -9.16 -3.33
CA GLU B 11 -4.44 -8.92 -2.38
C GLU B 11 -4.07 -9.43 -1.00
N ASN B 12 -3.48 -10.60 -0.97
CA ASN B 12 -3.03 -11.25 0.25
C ASN B 12 -1.99 -10.39 0.98
N LYS B 13 -1.04 -9.89 0.23
CA LYS B 13 0.09 -9.15 0.76
C LYS B 13 -0.36 -7.77 1.24
N LYS B 14 -1.26 -7.16 0.47
CA LYS B 14 -1.90 -5.91 0.78
C LYS B 14 -2.52 -6.02 2.17
N LYS B 15 -3.30 -7.07 2.37
CA LYS B 15 -3.99 -7.34 3.62
C LYS B 15 -3.01 -7.64 4.75
N GLU B 16 -1.90 -8.30 4.43
CA GLU B 16 -0.85 -8.56 5.40
C GLU B 16 -0.29 -7.23 5.90
N LEU B 17 -0.10 -6.33 4.97
CA LEU B 17 0.43 -5.02 5.26
C LEU B 17 -0.57 -4.18 6.03
N ILE B 18 -1.83 -4.23 5.62
CA ILE B 18 -2.88 -3.45 6.27
C ILE B 18 -2.90 -3.76 7.75
N GLN B 19 -2.76 -5.02 8.06
CA GLN B 19 -2.74 -5.51 9.42
C GLN B 19 -1.50 -5.06 10.19
N LEU B 20 -0.43 -4.77 9.47
CA LEU B 20 0.78 -4.27 10.09
C LEU B 20 0.63 -2.80 10.41
N VAL B 21 0.13 -2.03 9.45
CA VAL B 21 -0.17 -0.62 9.72
C VAL B 21 -1.25 -0.52 10.82
N ALA B 22 -2.18 -1.44 10.80
CA ALA B 22 -3.27 -1.48 11.77
C ALA B 22 -2.76 -1.71 13.21
N ARG B 23 -1.88 -2.70 13.37
CA ARG B 23 -1.35 -3.07 14.70
C ARG B 23 -0.37 -2.03 15.23
N HIS B 24 -0.07 -1.04 14.40
CA HIS B 24 0.75 0.09 14.79
C HIS B 24 -0.01 0.96 15.81
N GLY B 25 -1.32 0.92 15.75
CA GLY B 25 -2.10 1.73 16.66
C GLY B 25 -3.33 2.32 16.02
N LEU B 26 -3.55 1.99 14.78
CA LEU B 26 -4.70 2.39 14.06
C LEU B 26 -6.01 1.91 14.66
N ASP B 27 -6.95 2.79 14.64
CA ASP B 27 -8.32 2.53 15.06
C ASP B 27 -9.00 1.70 13.99
N HIS B 28 -10.18 1.20 14.25
CA HIS B 28 -10.89 0.40 13.22
C HIS B 28 -11.19 1.21 11.99
N ASP B 29 -11.64 2.42 12.20
CA ASP B 29 -11.92 3.35 11.10
C ASP B 29 -10.67 3.62 10.31
N LYS B 30 -9.54 3.75 11.01
CA LYS B 30 -8.25 3.95 10.38
C LYS B 30 -7.97 2.84 9.38
N VAL B 31 -8.18 1.60 9.82
CA VAL B 31 -7.93 0.43 9.02
C VAL B 31 -8.84 0.44 7.79
N LEU B 32 -10.10 0.81 8.00
CA LEU B 32 -11.09 0.87 6.92
C LEU B 32 -10.70 1.92 5.88
N LEU B 33 -10.32 3.08 6.36
CA LEU B 33 -9.91 4.17 5.48
C LEU B 33 -8.63 3.81 4.73
N PHE B 34 -7.67 3.27 5.46
CA PHE B 34 -6.40 2.90 4.89
C PHE B 34 -6.56 1.80 3.85
N SER B 35 -7.26 0.74 4.20
CA SER B 35 -7.44 -0.40 3.32
C SER B 35 -8.12 -0.02 2.02
N ARG B 36 -9.08 0.90 2.11
CA ARG B 36 -9.82 1.28 0.95
C ARG B 36 -9.00 2.19 0.04
N ASP B 37 -8.20 3.09 0.63
CA ASP B 37 -7.39 3.99 -0.19
C ASP B 37 -6.20 3.25 -0.74
N LEU B 38 -5.74 2.27 0.01
CA LEU B 38 -4.68 1.37 -0.44
C LEU B 38 -5.15 0.55 -1.61
N ASP B 39 -6.37 0.05 -1.51
CA ASP B 39 -6.96 -0.71 -2.60
C ASP B 39 -7.08 0.19 -3.83
N LYS B 40 -7.51 1.44 -3.59
CA LYS B 40 -7.57 2.45 -4.65
C LYS B 40 -6.20 2.64 -5.27
N LEU B 41 -5.19 2.80 -4.42
CA LEU B 41 -3.81 3.03 -4.85
C LEU B 41 -3.27 1.87 -5.67
N ILE B 42 -3.55 0.68 -5.22
CA ILE B 42 -3.15 -0.47 -5.97
C ILE B 42 -3.85 -0.51 -7.31
N ASN B 43 -5.17 -0.32 -7.34
CA ASN B 43 -5.88 -0.27 -8.63
C ASN B 43 -5.42 0.89 -9.50
N LYS B 44 -4.96 1.96 -8.85
CA LYS B 44 -4.45 3.18 -9.50
C LYS B 44 -3.25 2.83 -10.38
N PHE B 45 -2.55 1.80 -10.02
CA PHE B 45 -1.40 1.34 -10.75
C PHE B 45 -1.62 0.01 -11.46
N MET B 46 -2.51 -0.78 -10.93
CA MET B 46 -2.78 -2.12 -11.45
C MET B 46 -3.77 -2.08 -12.58
N ASN B 47 -4.65 -1.12 -12.55
CA ASN B 47 -5.69 -1.02 -13.59
C ASN B 47 -5.66 0.30 -14.28
N VAL B 48 -5.31 1.27 -13.56
CA VAL B 48 -5.41 2.62 -13.99
C VAL B 48 -4.19 3.07 -14.71
N LYS B 49 -4.41 3.22 -15.93
CA LYS B 49 -3.57 3.80 -16.85
C LYS B 49 -4.42 4.03 -18.08
N ASP B 50 -4.98 5.23 -18.13
CA ASP B 50 -5.95 5.67 -19.14
C ASP B 50 -5.74 5.07 -20.51
N LYS B 51 -6.63 4.15 -20.86
CA LYS B 51 -6.55 3.46 -22.13
C LYS B 51 -7.29 4.23 -23.19
N VAL B 52 -7.80 5.34 -22.80
CA VAL B 52 -8.51 6.23 -23.67
C VAL B 52 -7.53 7.15 -24.37
N HIS B 53 -7.49 7.05 -25.70
CA HIS B 53 -6.58 7.82 -26.59
C HIS B 53 -5.12 7.43 -26.34
N LYS B 54 -4.95 6.31 -25.69
CA LYS B 54 -3.65 5.78 -25.34
C LYS B 54 -3.05 5.13 -26.56
N LEU B 55 -1.76 5.22 -26.72
CA LEU B 55 -1.11 4.50 -27.77
C LEU B 55 -1.04 3.05 -27.36
N GLU B 56 -1.93 2.26 -27.91
CA GLU B 56 -2.00 0.87 -27.61
C GLU B 56 -1.57 0.12 -28.82
N HIS B 57 -0.35 -0.33 -28.80
CA HIS B 57 0.24 -0.98 -29.92
C HIS B 57 -0.16 -2.43 -29.95
N HIS B 58 -0.90 -2.79 -30.94
CA HIS B 58 -1.32 -4.15 -31.13
C HIS B 58 -0.77 -4.64 -32.46
N HIS B 59 0.44 -5.11 -32.42
CA HIS B 59 1.11 -5.61 -33.60
C HIS B 59 0.87 -7.09 -33.70
N HIS B 60 0.55 -7.66 -32.58
CA HIS B 60 0.28 -9.05 -32.41
C HIS B 60 -0.39 -9.14 -31.06
N HIS B 61 -0.55 -10.30 -30.51
CA HIS B 61 -1.11 -10.41 -29.20
C HIS B 61 -0.02 -10.13 -28.17
N HIS B 62 0.00 -8.91 -27.68
CA HIS B 62 0.96 -8.50 -26.69
C HIS B 62 0.49 -8.96 -25.33
N MET A 1 4.99 -3.93 21.98
CA MET A 1 5.91 -4.39 20.93
C MET A 1 6.82 -3.25 20.57
N GLU A 2 8.09 -3.54 20.31
CA GLU A 2 9.06 -2.52 19.93
C GLU A 2 8.59 -1.94 18.58
N MET A 3 8.30 -0.65 18.55
CA MET A 3 7.67 -0.02 17.39
C MET A 3 8.63 0.22 16.24
N GLY A 4 9.91 0.32 16.51
CA GLY A 4 10.87 0.56 15.45
C GLY A 4 11.00 -0.64 14.57
N GLN A 5 11.21 -1.79 15.20
CA GLN A 5 11.31 -3.05 14.50
C GLN A 5 9.96 -3.49 13.95
N LEU A 6 8.91 -2.90 14.47
CA LEU A 6 7.57 -3.12 13.96
C LEU A 6 7.41 -2.34 12.66
N LYS A 7 7.87 -1.09 12.67
CA LYS A 7 7.82 -0.22 11.50
C LYS A 7 8.70 -0.84 10.40
N ASN A 8 9.73 -1.51 10.87
CA ASN A 8 10.67 -2.27 10.05
C ASN A 8 9.94 -3.34 9.25
N LYS A 9 8.98 -4.00 9.88
CA LYS A 9 8.22 -5.07 9.24
C LYS A 9 7.21 -4.49 8.27
N ILE A 10 6.68 -3.34 8.63
CA ILE A 10 5.74 -2.60 7.78
C ILE A 10 6.42 -2.24 6.46
N GLU A 11 7.61 -1.65 6.56
CA GLU A 11 8.43 -1.32 5.39
C GLU A 11 8.73 -2.56 4.57
N ASN A 12 9.19 -3.58 5.27
CA ASN A 12 9.57 -4.86 4.66
C ASN A 12 8.42 -5.45 3.84
N LYS A 13 7.25 -5.56 4.46
CA LYS A 13 6.10 -6.19 3.83
C LYS A 13 5.54 -5.31 2.69
N LYS A 14 5.61 -4.00 2.88
CA LYS A 14 5.23 -3.01 1.89
C LYS A 14 6.05 -3.22 0.64
N LYS A 15 7.35 -3.39 0.82
CA LYS A 15 8.26 -3.56 -0.29
C LYS A 15 8.04 -4.90 -0.97
N GLU A 16 7.70 -5.94 -0.18
CA GLU A 16 7.32 -7.23 -0.74
C GLU A 16 6.14 -7.06 -1.68
N LEU A 17 5.19 -6.26 -1.25
CA LEU A 17 4.00 -5.96 -2.02
C LEU A 17 4.32 -5.14 -3.25
N ILE A 18 5.16 -4.13 -3.09
CA ILE A 18 5.50 -3.27 -4.22
C ILE A 18 6.13 -4.10 -5.34
N GLN A 19 7.01 -5.02 -4.96
CA GLN A 19 7.62 -5.93 -5.91
C GLN A 19 6.55 -6.79 -6.59
N LEU A 20 5.51 -7.12 -5.84
CA LEU A 20 4.40 -7.92 -6.37
C LEU A 20 3.61 -7.15 -7.43
N VAL A 21 3.16 -5.93 -7.12
CA VAL A 21 2.50 -5.13 -8.12
C VAL A 21 3.44 -4.82 -9.30
N ALA A 22 4.72 -4.68 -9.00
CA ALA A 22 5.72 -4.38 -10.00
C ALA A 22 5.88 -5.52 -11.00
N ARG A 23 6.07 -6.74 -10.47
CA ARG A 23 6.27 -7.96 -11.27
C ARG A 23 5.06 -8.26 -12.14
N HIS A 24 3.93 -7.65 -11.79
CA HIS A 24 2.72 -7.70 -12.61
C HIS A 24 3.05 -7.21 -14.04
N GLY A 25 3.87 -6.18 -14.16
CA GLY A 25 4.22 -5.66 -15.47
C GLY A 25 4.37 -4.16 -15.53
N LEU A 26 4.44 -3.52 -14.37
CA LEU A 26 4.63 -2.10 -14.27
C LEU A 26 5.94 -1.60 -14.83
N ASP A 27 5.89 -0.37 -15.31
CA ASP A 27 7.06 0.35 -15.77
C ASP A 27 7.90 0.66 -14.54
N HIS A 28 9.17 0.90 -14.70
CA HIS A 28 10.05 1.18 -13.55
C HIS A 28 9.61 2.46 -12.85
N ASP A 29 9.18 3.43 -13.64
CA ASP A 29 8.67 4.71 -13.15
C ASP A 29 7.41 4.50 -12.32
N LYS A 30 6.58 3.58 -12.77
CA LYS A 30 5.34 3.24 -12.10
C LYS A 30 5.61 2.68 -10.72
N VAL A 31 6.63 1.84 -10.62
CA VAL A 31 7.02 1.22 -9.36
C VAL A 31 7.45 2.31 -8.37
N LEU A 32 8.19 3.27 -8.88
CA LEU A 32 8.68 4.39 -8.09
C LEU A 32 7.51 5.24 -7.61
N LEU A 33 6.61 5.58 -8.52
CA LEU A 33 5.43 6.38 -8.20
C LEU A 33 4.57 5.68 -7.15
N PHE A 34 4.32 4.40 -7.38
CA PHE A 34 3.52 3.60 -6.47
C PHE A 34 4.16 3.51 -5.11
N SER A 35 5.44 3.16 -5.07
CA SER A 35 6.14 2.97 -3.81
C SER A 35 6.16 4.24 -2.97
N ARG A 36 6.38 5.38 -3.61
CA ARG A 36 6.44 6.62 -2.87
C ARG A 36 5.06 7.09 -2.43
N ASP A 37 4.03 6.84 -3.25
CA ASP A 37 2.68 7.26 -2.86
C ASP A 37 2.15 6.37 -1.77
N LEU A 38 2.54 5.11 -1.85
CA LEU A 38 2.19 4.13 -0.85
C LEU A 38 2.90 4.45 0.45
N ASP A 39 4.14 4.88 0.34
CA ASP A 39 4.90 5.31 1.50
C ASP A 39 4.17 6.49 2.14
N LYS A 40 3.76 7.43 1.31
CA LYS A 40 2.96 8.58 1.74
C LYS A 40 1.69 8.13 2.46
N LEU A 41 0.97 7.22 1.83
CA LEU A 41 -0.29 6.69 2.35
C LEU A 41 -0.09 6.06 3.73
N ILE A 42 0.92 5.24 3.85
CA ILE A 42 1.20 4.59 5.11
C ILE A 42 1.56 5.62 6.18
N ASN A 43 2.57 6.46 5.92
CA ASN A 43 3.00 7.52 6.87
C ASN A 43 1.84 8.43 7.28
N LYS A 44 0.92 8.65 6.34
CA LYS A 44 -0.28 9.47 6.54
C LYS A 44 -1.11 8.91 7.69
N PHE A 45 -1.23 7.61 7.72
CA PHE A 45 -2.00 6.94 8.72
C PHE A 45 -1.22 6.67 9.99
N MET A 46 0.08 6.47 9.86
CA MET A 46 0.91 6.13 11.03
C MET A 46 1.12 7.36 11.87
N ASN A 47 1.29 8.48 11.17
CA ASN A 47 1.62 9.77 11.73
C ASN A 47 2.97 9.72 12.44
N VAL A 48 4.00 9.77 11.63
CA VAL A 48 5.36 9.77 12.05
C VAL A 48 6.03 10.89 11.31
N LYS A 49 7.23 11.25 11.66
CA LYS A 49 7.81 12.44 11.06
C LYS A 49 9.11 12.18 10.33
N ASP A 50 9.53 10.96 10.29
CA ASP A 50 10.74 10.65 9.58
C ASP A 50 10.48 9.68 8.44
N LYS A 51 10.42 10.23 7.26
CA LYS A 51 10.26 9.47 6.04
C LYS A 51 11.19 10.04 4.99
N VAL A 52 12.20 10.73 5.50
CA VAL A 52 13.17 11.45 4.67
C VAL A 52 14.06 10.51 3.90
N HIS A 53 14.50 10.96 2.75
CA HIS A 53 15.42 10.21 1.93
C HIS A 53 16.82 10.47 2.42
N LYS A 54 17.01 11.69 2.84
CA LYS A 54 18.26 12.13 3.37
C LYS A 54 18.17 12.07 4.87
N LEU A 55 18.91 11.16 5.47
CA LEU A 55 18.85 11.00 6.92
C LEU A 55 19.55 12.12 7.64
N GLU A 56 19.03 12.49 8.79
CA GLU A 56 19.61 13.58 9.56
C GLU A 56 20.32 13.06 10.80
N HIS A 57 20.74 11.84 10.74
CA HIS A 57 21.43 11.23 11.87
C HIS A 57 22.92 11.35 11.66
N HIS A 58 23.67 11.45 12.77
CA HIS A 58 25.13 11.57 12.78
C HIS A 58 25.55 12.97 12.27
N HIS A 59 25.53 13.92 13.17
CA HIS A 59 25.84 15.31 12.83
C HIS A 59 26.54 16.00 14.03
N HIS A 60 26.94 15.20 14.99
CA HIS A 60 27.52 15.73 16.22
C HIS A 60 28.96 16.14 16.01
N HIS A 61 29.14 17.41 15.76
CA HIS A 61 30.43 18.02 15.51
C HIS A 61 30.99 18.64 16.79
N HIS A 62 30.54 18.12 17.91
CA HIS A 62 30.95 18.60 19.20
C HIS A 62 31.80 17.55 19.87
N MET B 1 1.37 -15.12 -18.14
CA MET B 1 1.18 -14.04 -17.19
C MET B 1 0.15 -14.47 -16.19
N GLU B 2 0.61 -14.85 -15.03
CA GLU B 2 -0.23 -15.42 -14.02
C GLU B 2 -0.75 -14.34 -13.13
N MET B 3 -1.51 -13.49 -13.73
CA MET B 3 -2.06 -12.30 -13.12
C MET B 3 -3.03 -12.61 -12.00
N GLY B 4 -3.77 -13.69 -12.14
CA GLY B 4 -4.72 -14.09 -11.12
C GLY B 4 -4.03 -14.49 -9.84
N GLN B 5 -3.03 -15.34 -9.98
CA GLN B 5 -2.25 -15.82 -8.84
C GLN B 5 -1.37 -14.72 -8.27
N LEU B 6 -0.85 -13.90 -9.15
CA LEU B 6 -0.02 -12.79 -8.76
C LEU B 6 -0.83 -11.80 -7.93
N LYS B 7 -2.01 -11.48 -8.39
CA LYS B 7 -2.88 -10.55 -7.68
C LYS B 7 -3.36 -11.19 -6.36
N ASN B 8 -3.44 -12.53 -6.35
CA ASN B 8 -3.78 -13.30 -5.14
C ASN B 8 -2.69 -13.08 -4.08
N LYS B 9 -1.44 -13.12 -4.53
CA LYS B 9 -0.29 -12.86 -3.65
C LYS B 9 -0.33 -11.43 -3.16
N ILE B 10 -0.71 -10.53 -4.06
CA ILE B 10 -0.85 -9.12 -3.76
C ILE B 10 -1.88 -8.87 -2.67
N GLU B 11 -3.08 -9.44 -2.85
CA GLU B 11 -4.15 -9.35 -1.85
C GLU B 11 -3.66 -9.83 -0.50
N ASN B 12 -3.02 -10.98 -0.51
CA ASN B 12 -2.49 -11.54 0.72
C ASN B 12 -1.41 -10.65 1.36
N LYS B 13 -0.44 -10.20 0.56
CA LYS B 13 0.67 -9.42 1.09
C LYS B 13 0.16 -8.07 1.62
N LYS B 14 -0.77 -7.49 0.87
CA LYS B 14 -1.47 -6.26 1.21
C LYS B 14 -2.08 -6.40 2.59
N LYS B 15 -2.85 -7.46 2.77
CA LYS B 15 -3.53 -7.74 4.03
C LYS B 15 -2.52 -7.97 5.15
N GLU B 16 -1.43 -8.65 4.83
CA GLU B 16 -0.36 -8.86 5.81
C GLU B 16 0.23 -7.54 6.28
N LEU B 17 0.39 -6.64 5.34
CA LEU B 17 0.90 -5.33 5.64
C LEU B 17 -0.08 -4.55 6.47
N ILE B 18 -1.34 -4.59 6.08
CA ILE B 18 -2.38 -3.85 6.78
C ILE B 18 -2.40 -4.27 8.25
N GLN B 19 -2.29 -5.57 8.49
CA GLN B 19 -2.25 -6.14 9.84
C GLN B 19 -1.07 -5.57 10.65
N LEU B 20 0.02 -5.27 9.96
CA LEU B 20 1.22 -4.74 10.59
C LEU B 20 1.05 -3.25 10.87
N VAL B 21 0.66 -2.47 9.87
CA VAL B 21 0.45 -1.05 10.09
C VAL B 21 -0.76 -0.77 11.04
N ALA B 22 -1.72 -1.69 11.05
CA ALA B 22 -2.86 -1.61 11.96
C ALA B 22 -2.42 -1.75 13.42
N ARG B 23 -1.56 -2.72 13.68
CA ARG B 23 -1.10 -3.00 15.05
C ARG B 23 -0.11 -1.94 15.53
N HIS B 24 0.36 -1.12 14.60
CA HIS B 24 1.26 -0.01 14.91
C HIS B 24 0.52 1.02 15.77
N GLY B 25 -0.77 1.16 15.53
CA GLY B 25 -1.52 2.13 16.27
C GLY B 25 -2.80 2.51 15.60
N LEU B 26 -2.89 2.25 14.30
CA LEU B 26 -4.06 2.50 13.53
C LEU B 26 -5.31 1.95 14.15
N ASP B 27 -6.25 2.82 14.34
CA ASP B 27 -7.54 2.50 14.88
C ASP B 27 -8.34 1.78 13.81
N HIS B 28 -9.46 1.18 14.17
CA HIS B 28 -10.29 0.48 13.21
C HIS B 28 -10.72 1.37 12.06
N ASP B 29 -10.92 2.68 12.32
CA ASP B 29 -11.34 3.58 11.25
C ASP B 29 -10.20 3.74 10.26
N LYS B 30 -9.01 3.75 10.81
CA LYS B 30 -7.79 3.90 10.06
C LYS B 30 -7.57 2.68 9.20
N VAL B 31 -7.78 1.51 9.77
CA VAL B 31 -7.59 0.25 9.06
C VAL B 31 -8.56 0.16 7.88
N LEU B 32 -9.79 0.60 8.11
CA LEU B 32 -10.81 0.62 7.06
C LEU B 32 -10.39 1.54 5.94
N LEU B 33 -10.14 2.77 6.27
CA LEU B 33 -9.77 3.79 5.29
C LEU B 33 -8.48 3.42 4.56
N PHE B 34 -7.51 2.93 5.31
CA PHE B 34 -6.24 2.54 4.75
C PHE B 34 -6.40 1.39 3.77
N SER B 35 -7.11 0.33 4.18
CA SER B 35 -7.25 -0.84 3.32
C SER B 35 -7.99 -0.49 2.03
N ARG B 36 -8.96 0.41 2.13
CA ARG B 36 -9.71 0.90 0.98
C ARG B 36 -8.81 1.63 0.00
N ASP B 37 -8.07 2.59 0.52
CA ASP B 37 -7.25 3.45 -0.32
C ASP B 37 -6.02 2.72 -0.84
N LEU B 38 -5.52 1.80 -0.03
CA LEU B 38 -4.42 0.94 -0.44
C LEU B 38 -4.88 0.06 -1.59
N ASP B 39 -6.09 -0.46 -1.47
CA ASP B 39 -6.68 -1.29 -2.52
C ASP B 39 -6.86 -0.45 -3.78
N LYS B 40 -7.26 0.80 -3.59
CA LYS B 40 -7.41 1.76 -4.68
C LYS B 40 -6.08 2.01 -5.37
N LEU B 41 -5.05 2.28 -4.57
CA LEU B 41 -3.70 2.59 -5.06
C LEU B 41 -3.21 1.42 -5.92
N ILE B 42 -3.39 0.23 -5.41
CA ILE B 42 -2.98 -0.96 -6.09
C ILE B 42 -3.72 -1.12 -7.41
N ASN B 43 -5.06 -1.15 -7.38
CA ASN B 43 -5.89 -1.26 -8.61
C ASN B 43 -5.55 -0.20 -9.64
N LYS B 44 -5.21 0.99 -9.15
CA LYS B 44 -4.81 2.12 -9.98
C LYS B 44 -3.59 1.70 -10.82
N PHE B 45 -2.57 1.24 -10.13
CA PHE B 45 -1.32 0.85 -10.75
C PHE B 45 -1.36 -0.51 -11.42
N MET B 46 -2.28 -1.35 -11.02
CA MET B 46 -2.43 -2.66 -11.63
C MET B 46 -3.19 -2.55 -12.95
N ASN B 47 -3.52 -1.31 -13.31
CA ASN B 47 -4.25 -0.98 -14.51
C ASN B 47 -5.62 -1.63 -14.53
N VAL B 48 -6.19 -1.82 -13.34
CA VAL B 48 -7.51 -2.40 -13.23
C VAL B 48 -8.50 -1.31 -13.40
N LYS B 49 -8.76 -1.07 -14.60
CA LYS B 49 -9.68 -0.08 -15.02
C LYS B 49 -10.52 -0.66 -16.14
N ASP B 50 -10.35 -1.93 -16.33
CA ASP B 50 -11.01 -2.65 -17.39
C ASP B 50 -11.68 -3.85 -16.79
N LYS B 51 -12.96 -3.73 -16.59
CA LYS B 51 -13.74 -4.84 -16.06
C LYS B 51 -14.79 -5.23 -17.05
N VAL B 52 -14.58 -4.77 -18.26
CA VAL B 52 -15.48 -4.99 -19.36
C VAL B 52 -14.90 -6.07 -20.27
N HIS B 53 -15.66 -6.41 -21.27
CA HIS B 53 -15.19 -7.34 -22.27
C HIS B 53 -14.23 -6.62 -23.17
N LYS B 54 -13.10 -7.21 -23.42
CA LYS B 54 -12.06 -6.56 -24.18
C LYS B 54 -12.40 -6.49 -25.65
N LEU B 55 -12.73 -5.31 -26.07
CA LEU B 55 -12.96 -5.00 -27.44
C LEU B 55 -11.91 -4.00 -27.81
N GLU B 56 -11.93 -3.51 -29.01
CA GLU B 56 -11.01 -2.49 -29.36
C GLU B 56 -11.51 -1.16 -28.83
N HIS B 57 -10.90 -0.72 -27.76
CA HIS B 57 -11.25 0.53 -27.13
C HIS B 57 -10.65 1.64 -27.95
N HIS B 58 -9.58 1.31 -28.60
CA HIS B 58 -8.98 2.15 -29.58
C HIS B 58 -9.57 1.74 -30.91
N HIS B 59 -10.69 2.33 -31.25
CA HIS B 59 -11.42 1.92 -32.42
C HIS B 59 -10.85 2.57 -33.67
N HIS B 60 -9.82 1.94 -34.14
CA HIS B 60 -9.06 2.27 -35.32
C HIS B 60 -7.98 1.21 -35.34
N HIS B 61 -7.70 0.62 -36.49
CA HIS B 61 -6.75 -0.49 -36.56
C HIS B 61 -5.36 -0.05 -36.11
N HIS B 62 -4.78 0.91 -36.79
CA HIS B 62 -3.49 1.40 -36.37
C HIS B 62 -3.54 2.91 -36.37
N MET A 1 5.92 -5.10 20.71
CA MET A 1 6.13 -4.03 21.71
C MET A 1 7.00 -2.95 21.09
N GLU A 2 7.97 -3.41 20.32
CA GLU A 2 8.93 -2.60 19.63
C GLU A 2 8.26 -1.98 18.40
N MET A 3 8.19 -0.69 18.34
CA MET A 3 7.51 -0.05 17.21
C MET A 3 8.46 0.16 16.04
N GLY A 4 9.74 0.28 16.34
CA GLY A 4 10.74 0.46 15.30
C GLY A 4 10.92 -0.80 14.50
N GLN A 5 11.01 -1.93 15.19
CA GLN A 5 11.12 -3.24 14.54
C GLN A 5 9.84 -3.55 13.78
N LEU A 6 8.73 -3.07 14.31
CA LEU A 6 7.42 -3.20 13.68
C LEU A 6 7.43 -2.39 12.36
N LYS A 7 7.98 -1.20 12.42
CA LYS A 7 8.13 -0.34 11.25
C LYS A 7 9.06 -0.97 10.23
N ASN A 8 10.04 -1.72 10.70
CA ASN A 8 10.96 -2.44 9.81
C ASN A 8 10.20 -3.51 9.04
N LYS A 9 9.32 -4.22 9.75
CA LYS A 9 8.46 -5.23 9.15
C LYS A 9 7.53 -4.59 8.13
N ILE A 10 6.93 -3.47 8.49
CA ILE A 10 6.10 -2.67 7.58
C ILE A 10 6.86 -2.29 6.32
N GLU A 11 8.07 -1.77 6.48
CA GLU A 11 8.90 -1.41 5.33
C GLU A 11 9.11 -2.61 4.44
N ASN A 12 9.48 -3.71 5.06
CA ASN A 12 9.71 -4.95 4.37
C ASN A 12 8.46 -5.44 3.66
N LYS A 13 7.34 -5.40 4.34
CA LYS A 13 6.06 -5.89 3.82
C LYS A 13 5.62 -5.07 2.62
N LYS A 14 5.73 -3.76 2.77
CA LYS A 14 5.44 -2.79 1.75
C LYS A 14 6.30 -3.12 0.53
N LYS A 15 7.59 -3.31 0.77
CA LYS A 15 8.54 -3.65 -0.27
C LYS A 15 8.23 -5.00 -0.92
N GLU A 16 7.86 -6.00 -0.10
CA GLU A 16 7.43 -7.32 -0.60
C GLU A 16 6.28 -7.15 -1.58
N LEU A 17 5.34 -6.30 -1.20
CA LEU A 17 4.18 -6.03 -2.00
C LEU A 17 4.54 -5.33 -3.27
N ILE A 18 5.40 -4.34 -3.17
CA ILE A 18 5.81 -3.58 -4.34
C ILE A 18 6.40 -4.52 -5.36
N GLN A 19 7.15 -5.51 -4.90
CA GLN A 19 7.71 -6.53 -5.76
C GLN A 19 6.60 -7.26 -6.54
N LEU A 20 5.50 -7.62 -5.87
CA LEU A 20 4.38 -8.29 -6.57
C LEU A 20 3.71 -7.35 -7.57
N VAL A 21 3.31 -6.16 -7.13
CA VAL A 21 2.64 -5.23 -8.03
C VAL A 21 3.56 -4.71 -9.16
N ALA A 22 4.83 -4.57 -8.88
CA ALA A 22 5.82 -4.14 -9.87
C ALA A 22 5.87 -5.11 -11.03
N ARG A 23 5.97 -6.40 -10.71
CA ARG A 23 6.08 -7.44 -11.73
C ARG A 23 4.78 -7.62 -12.49
N HIS A 24 3.67 -7.14 -11.89
CA HIS A 24 2.35 -7.17 -12.53
C HIS A 24 2.42 -6.56 -13.92
N GLY A 25 2.89 -5.34 -13.99
CA GLY A 25 2.99 -4.66 -15.27
C GLY A 25 3.38 -3.22 -15.14
N LEU A 26 3.91 -2.86 -13.99
CA LEU A 26 4.37 -1.54 -13.76
C LEU A 26 5.71 -1.30 -14.40
N ASP A 27 5.89 -0.10 -14.85
CA ASP A 27 7.13 0.33 -15.44
C ASP A 27 8.04 0.73 -14.30
N HIS A 28 9.27 1.06 -14.61
CA HIS A 28 10.24 1.51 -13.61
C HIS A 28 9.71 2.77 -12.91
N ASP A 29 9.18 3.67 -13.73
CA ASP A 29 8.61 4.92 -13.27
C ASP A 29 7.40 4.68 -12.42
N LYS A 30 6.64 3.65 -12.77
CA LYS A 30 5.46 3.28 -12.02
C LYS A 30 5.79 2.77 -10.66
N VAL A 31 6.83 1.97 -10.56
CA VAL A 31 7.25 1.43 -9.29
C VAL A 31 7.70 2.56 -8.38
N LEU A 32 8.38 3.53 -8.96
CA LEU A 32 8.83 4.71 -8.23
C LEU A 32 7.63 5.54 -7.78
N LEU A 33 6.71 5.79 -8.71
CA LEU A 33 5.50 6.56 -8.42
C LEU A 33 4.65 5.87 -7.38
N PHE A 34 4.49 4.56 -7.53
CA PHE A 34 3.71 3.77 -6.63
C PHE A 34 4.29 3.79 -5.25
N SER A 35 5.56 3.45 -5.12
CA SER A 35 6.19 3.36 -3.82
C SER A 35 6.15 4.67 -3.05
N ARG A 36 6.32 5.79 -3.75
CA ARG A 36 6.30 7.09 -3.10
C ARG A 36 4.87 7.49 -2.70
N ASP A 37 3.89 7.16 -3.55
CA ASP A 37 2.48 7.54 -3.31
C ASP A 37 1.93 6.64 -2.21
N LEU A 38 2.31 5.38 -2.28
CA LEU A 38 2.02 4.35 -1.28
C LEU A 38 2.60 4.74 0.06
N ASP A 39 3.88 5.09 0.06
CA ASP A 39 4.59 5.47 1.28
C ASP A 39 3.92 6.67 1.96
N LYS A 40 3.48 7.64 1.15
CA LYS A 40 2.79 8.82 1.68
C LYS A 40 1.47 8.44 2.34
N LEU A 41 0.75 7.54 1.70
CA LEU A 41 -0.52 7.05 2.22
C LEU A 41 -0.30 6.33 3.55
N ILE A 42 0.72 5.51 3.59
CA ILE A 42 1.06 4.78 4.78
C ILE A 42 1.44 5.74 5.91
N ASN A 43 2.40 6.61 5.65
CA ASN A 43 2.88 7.62 6.64
C ASN A 43 1.72 8.48 7.16
N LYS A 44 0.73 8.68 6.32
CA LYS A 44 -0.44 9.46 6.66
C LYS A 44 -1.23 8.76 7.76
N PHE A 45 -1.42 7.47 7.61
CA PHE A 45 -2.15 6.68 8.56
C PHE A 45 -1.32 6.31 9.77
N MET A 46 -0.02 6.10 9.57
CA MET A 46 0.88 5.73 10.68
C MET A 46 1.04 6.90 11.64
N ASN A 47 0.72 8.07 11.12
CA ASN A 47 0.81 9.36 11.79
C ASN A 47 2.26 9.82 11.88
N VAL A 48 2.80 10.09 10.72
CA VAL A 48 4.13 10.66 10.59
C VAL A 48 3.91 12.06 10.17
N LYS A 49 4.33 12.96 10.99
CA LYS A 49 4.04 14.35 10.76
C LYS A 49 5.14 15.03 9.98
N ASP A 50 6.09 14.25 9.59
CA ASP A 50 7.21 14.72 8.81
C ASP A 50 6.87 14.63 7.35
N LYS A 51 6.64 15.77 6.76
CA LYS A 51 6.36 15.84 5.33
C LYS A 51 7.58 16.38 4.61
N VAL A 52 8.69 16.35 5.30
CA VAL A 52 9.95 16.83 4.75
C VAL A 52 10.53 15.81 3.79
N HIS A 53 11.16 16.32 2.77
CA HIS A 53 11.81 15.50 1.77
C HIS A 53 13.25 15.95 1.63
N LYS A 54 14.04 15.20 0.91
CA LYS A 54 15.41 15.57 0.65
C LYS A 54 15.45 16.40 -0.62
N LEU A 55 15.91 17.63 -0.51
CA LEU A 55 15.94 18.51 -1.64
C LEU A 55 17.18 18.31 -2.50
N GLU A 56 16.98 18.22 -3.78
CA GLU A 56 18.05 18.16 -4.74
C GLU A 56 17.94 19.37 -5.65
N HIS A 57 16.96 19.34 -6.54
CA HIS A 57 16.68 20.44 -7.43
C HIS A 57 15.20 20.47 -7.66
N HIS A 58 14.51 21.22 -6.87
CA HIS A 58 13.09 21.21 -6.95
C HIS A 58 12.58 22.44 -7.64
N HIS A 59 12.21 22.27 -8.88
CA HIS A 59 11.66 23.33 -9.70
C HIS A 59 10.86 22.69 -10.83
N HIS A 60 11.45 21.68 -11.46
CA HIS A 60 10.78 20.92 -12.53
C HIS A 60 9.73 20.04 -11.89
N HIS A 61 10.06 19.61 -10.71
CA HIS A 61 9.27 18.76 -9.90
C HIS A 61 9.60 19.12 -8.48
N HIS A 62 8.61 19.16 -7.65
CA HIS A 62 8.80 19.47 -6.27
C HIS A 62 8.50 18.24 -5.47
N MET B 1 1.54 -17.12 -17.26
CA MET B 1 0.64 -18.00 -16.54
C MET B 1 -0.46 -17.16 -15.94
N GLU B 2 -1.21 -17.71 -15.00
CA GLU B 2 -2.31 -17.00 -14.39
C GLU B 2 -1.87 -15.72 -13.71
N MET B 3 -2.57 -14.67 -13.98
CA MET B 3 -2.33 -13.43 -13.29
C MET B 3 -3.17 -13.39 -12.04
N GLY B 4 -4.17 -14.27 -11.98
CA GLY B 4 -5.02 -14.38 -10.80
C GLY B 4 -4.21 -14.71 -9.57
N GLN B 5 -3.25 -15.61 -9.74
CA GLN B 5 -2.36 -16.01 -8.65
C GLN B 5 -1.41 -14.88 -8.27
N LEU B 6 -0.96 -14.15 -9.28
CA LEU B 6 -0.06 -13.04 -9.08
C LEU B 6 -0.78 -11.93 -8.33
N LYS B 7 -1.99 -11.66 -8.75
CA LYS B 7 -2.80 -10.64 -8.16
C LYS B 7 -3.18 -11.05 -6.74
N ASN B 8 -3.34 -12.35 -6.54
CA ASN B 8 -3.68 -12.91 -5.25
C ASN B 8 -2.56 -12.68 -4.24
N LYS B 9 -1.31 -12.81 -4.69
CA LYS B 9 -0.17 -12.55 -3.83
C LYS B 9 -0.08 -11.07 -3.48
N ILE B 10 -0.45 -10.23 -4.45
CA ILE B 10 -0.52 -8.78 -4.25
C ILE B 10 -1.52 -8.48 -3.14
N GLU B 11 -2.71 -9.05 -3.29
CA GLU B 11 -3.79 -8.94 -2.32
C GLU B 11 -3.33 -9.37 -0.96
N ASN B 12 -2.80 -10.57 -0.88
CA ASN B 12 -2.37 -11.15 0.37
C ASN B 12 -1.26 -10.35 1.06
N LYS B 13 -0.26 -9.91 0.29
CA LYS B 13 0.86 -9.18 0.86
C LYS B 13 0.39 -7.80 1.37
N LYS B 14 -0.50 -7.19 0.61
CA LYS B 14 -1.17 -5.95 0.94
C LYS B 14 -1.87 -6.14 2.29
N LYS B 15 -2.64 -7.20 2.39
CA LYS B 15 -3.38 -7.57 3.59
C LYS B 15 -2.46 -7.80 4.79
N GLU B 16 -1.31 -8.46 4.55
CA GLU B 16 -0.29 -8.66 5.58
C GLU B 16 0.21 -7.31 6.10
N LEU B 17 0.39 -6.38 5.18
CA LEU B 17 0.84 -5.03 5.49
C LEU B 17 -0.21 -4.26 6.28
N ILE B 18 -1.44 -4.38 5.87
CA ILE B 18 -2.52 -3.66 6.53
C ILE B 18 -2.59 -4.06 7.99
N GLN B 19 -2.39 -5.35 8.25
CA GLN B 19 -2.35 -5.89 9.60
C GLN B 19 -1.24 -5.22 10.40
N LEU B 20 -0.10 -5.02 9.76
CA LEU B 20 1.04 -4.37 10.37
C LEU B 20 0.77 -2.90 10.72
N VAL B 21 0.34 -2.07 9.76
CA VAL B 21 0.04 -0.69 10.06
C VAL B 21 -1.12 -0.57 11.09
N ALA B 22 -1.99 -1.54 11.10
CA ALA B 22 -3.12 -1.56 12.00
C ALA B 22 -2.66 -1.77 13.43
N ARG B 23 -1.78 -2.75 13.63
CA ARG B 23 -1.27 -3.07 14.95
C ARG B 23 -0.29 -2.01 15.43
N HIS B 24 0.12 -1.12 14.52
CA HIS B 24 0.94 0.03 14.87
C HIS B 24 0.17 0.92 15.85
N GLY B 25 -1.13 1.05 15.59
CA GLY B 25 -1.97 1.84 16.45
C GLY B 25 -3.11 2.50 15.70
N LEU B 26 -3.67 1.81 14.73
CA LEU B 26 -4.80 2.37 14.02
C LEU B 26 -6.09 2.04 14.67
N ASP B 27 -7.02 2.93 14.46
CA ASP B 27 -8.38 2.73 14.89
C ASP B 27 -8.98 1.80 13.86
N HIS B 28 -10.09 1.16 14.15
CA HIS B 28 -10.66 0.21 13.19
C HIS B 28 -11.03 0.91 11.89
N ASP B 29 -11.56 2.12 12.01
CA ASP B 29 -11.92 2.92 10.86
C ASP B 29 -10.71 3.34 10.07
N LYS B 30 -9.57 3.46 10.74
CA LYS B 30 -8.32 3.79 10.08
C LYS B 30 -7.90 2.63 9.21
N VAL B 31 -8.00 1.43 9.75
CA VAL B 31 -7.68 0.20 9.02
C VAL B 31 -8.57 0.10 7.78
N LEU B 32 -9.86 0.39 7.95
CA LEU B 32 -10.84 0.37 6.86
C LEU B 32 -10.49 1.38 5.80
N LEU B 33 -10.32 2.63 6.20
CA LEU B 33 -10.02 3.71 5.26
C LEU B 33 -8.68 3.49 4.56
N PHE B 34 -7.70 3.01 5.30
CA PHE B 34 -6.40 2.71 4.74
C PHE B 34 -6.48 1.57 3.74
N SER B 35 -7.05 0.45 4.16
CA SER B 35 -7.10 -0.74 3.32
C SER B 35 -7.79 -0.50 1.99
N ARG B 36 -8.85 0.29 2.00
CA ARG B 36 -9.57 0.59 0.79
C ARG B 36 -8.80 1.56 -0.10
N ASP B 37 -8.22 2.61 0.49
CA ASP B 37 -7.50 3.58 -0.34
C ASP B 37 -6.22 2.98 -0.85
N LEU B 38 -5.66 2.07 -0.07
CA LEU B 38 -4.48 1.30 -0.46
C LEU B 38 -4.79 0.41 -1.64
N ASP B 39 -5.90 -0.30 -1.54
CA ASP B 39 -6.36 -1.19 -2.62
C ASP B 39 -6.57 -0.40 -3.89
N LYS B 40 -7.18 0.74 -3.71
CA LYS B 40 -7.47 1.69 -4.73
C LYS B 40 -6.19 2.28 -5.33
N LEU B 41 -5.22 2.57 -4.46
CA LEU B 41 -3.92 3.08 -4.85
C LEU B 41 -3.25 2.06 -5.73
N ILE B 42 -3.38 0.83 -5.34
CA ILE B 42 -2.77 -0.26 -6.06
C ILE B 42 -3.44 -0.42 -7.41
N ASN B 43 -4.77 -0.48 -7.40
CA ASN B 43 -5.58 -0.58 -8.63
C ASN B 43 -5.27 0.52 -9.62
N LYS B 44 -4.89 1.69 -9.10
CA LYS B 44 -4.48 2.84 -9.91
C LYS B 44 -3.30 2.45 -10.80
N PHE B 45 -2.41 1.70 -10.23
CA PHE B 45 -1.20 1.32 -10.89
C PHE B 45 -1.32 0.03 -11.65
N MET B 46 -2.27 -0.79 -11.29
CA MET B 46 -2.43 -2.07 -11.93
C MET B 46 -3.25 -1.96 -13.18
N ASN B 47 -4.28 -1.15 -13.13
CA ASN B 47 -5.27 -1.19 -14.18
C ASN B 47 -5.90 0.13 -14.45
N VAL B 48 -6.42 0.67 -13.45
CA VAL B 48 -7.17 1.92 -13.52
C VAL B 48 -6.23 3.08 -13.44
N LYS B 49 -5.72 3.40 -14.54
CA LYS B 49 -4.70 4.38 -14.67
C LYS B 49 -5.28 5.80 -14.67
N ASP B 50 -5.55 6.31 -13.48
CA ASP B 50 -6.05 7.69 -13.24
C ASP B 50 -7.29 8.00 -14.08
N LYS B 51 -8.47 7.72 -13.54
CA LYS B 51 -9.69 7.93 -14.33
C LYS B 51 -10.45 9.13 -13.85
N VAL B 52 -9.85 9.88 -12.99
CA VAL B 52 -10.48 11.06 -12.43
C VAL B 52 -10.50 12.23 -13.41
N HIS B 53 -11.46 12.21 -14.32
CA HIS B 53 -11.62 13.33 -15.23
C HIS B 53 -12.52 14.36 -14.57
N LYS B 54 -13.33 13.89 -13.67
CA LYS B 54 -14.10 14.73 -12.79
C LYS B 54 -13.32 14.81 -11.52
N LEU B 55 -13.21 15.98 -10.97
CA LEU B 55 -12.41 16.16 -9.79
C LEU B 55 -13.09 15.60 -8.55
N GLU B 56 -12.31 15.31 -7.56
CA GLU B 56 -12.84 14.83 -6.31
C GLU B 56 -13.29 16.00 -5.49
N HIS B 57 -14.55 16.34 -5.63
CA HIS B 57 -15.15 17.42 -4.91
C HIS B 57 -16.63 17.18 -4.75
N HIS B 58 -17.31 18.16 -4.23
CA HIS B 58 -18.70 18.02 -4.00
C HIS B 58 -19.47 18.47 -5.23
N HIS B 59 -19.70 17.55 -6.12
CA HIS B 59 -20.53 17.75 -7.28
C HIS B 59 -21.10 16.43 -7.67
N HIS B 60 -22.35 16.25 -7.35
CA HIS B 60 -23.00 15.03 -7.63
C HIS B 60 -24.11 15.28 -8.60
N HIS B 61 -24.32 14.36 -9.51
CA HIS B 61 -25.40 14.48 -10.45
C HIS B 61 -26.69 14.10 -9.77
N HIS B 62 -26.57 13.28 -8.75
CA HIS B 62 -27.68 12.89 -7.94
C HIS B 62 -27.20 12.75 -6.51
N MET A 1 9.43 -5.97 19.96
CA MET A 1 8.61 -5.15 20.86
C MET A 1 8.67 -3.71 20.39
N GLU A 2 9.88 -3.27 20.13
CA GLU A 2 10.22 -1.93 19.72
C GLU A 2 9.51 -1.59 18.43
N MET A 3 9.03 -0.37 18.34
CA MET A 3 8.28 0.08 17.18
C MET A 3 9.17 0.13 15.94
N GLY A 4 10.47 0.19 16.14
CA GLY A 4 11.42 0.17 15.05
C GLY A 4 11.36 -1.13 14.26
N GLN A 5 11.25 -2.25 14.97
CA GLN A 5 11.15 -3.55 14.30
C GLN A 5 9.77 -3.71 13.66
N LEU A 6 8.77 -3.16 14.32
CA LEU A 6 7.41 -3.14 13.81
C LEU A 6 7.36 -2.35 12.50
N LYS A 7 8.03 -1.20 12.50
CA LYS A 7 8.13 -0.33 11.35
C LYS A 7 8.85 -1.04 10.21
N ASN A 8 9.85 -1.84 10.57
CA ASN A 8 10.58 -2.66 9.60
C ASN A 8 9.67 -3.67 8.95
N LYS A 9 8.80 -4.27 9.73
CA LYS A 9 7.83 -5.23 9.22
C LYS A 9 6.86 -4.55 8.29
N ILE A 10 6.44 -3.34 8.65
CA ILE A 10 5.58 -2.52 7.79
C ILE A 10 6.31 -2.25 6.49
N GLU A 11 7.54 -1.79 6.60
CA GLU A 11 8.37 -1.50 5.45
C GLU A 11 8.52 -2.69 4.56
N ASN A 12 8.94 -3.79 5.13
CA ASN A 12 9.24 -4.97 4.36
C ASN A 12 8.01 -5.55 3.70
N LYS A 13 6.90 -5.56 4.42
CA LYS A 13 5.68 -6.13 3.89
C LYS A 13 5.16 -5.28 2.72
N LYS A 14 5.21 -3.97 2.92
CA LYS A 14 4.87 -2.99 1.91
C LYS A 14 5.81 -3.15 0.72
N LYS A 15 7.09 -3.32 0.99
CA LYS A 15 8.10 -3.53 -0.03
C LYS A 15 7.86 -4.82 -0.80
N GLU A 16 7.51 -5.90 -0.08
CA GLU A 16 7.14 -7.18 -0.71
C GLU A 16 5.97 -6.96 -1.67
N LEU A 17 5.06 -6.11 -1.25
CA LEU A 17 3.89 -5.79 -2.04
C LEU A 17 4.27 -4.97 -3.26
N ILE A 18 5.13 -3.99 -3.09
CA ILE A 18 5.56 -3.13 -4.19
C ILE A 18 6.16 -3.99 -5.28
N GLN A 19 6.92 -4.98 -4.88
CA GLN A 19 7.55 -5.92 -5.79
C GLN A 19 6.50 -6.76 -6.53
N LEU A 20 5.40 -7.03 -5.86
CA LEU A 20 4.30 -7.77 -6.45
C LEU A 20 3.58 -6.89 -7.48
N VAL A 21 3.23 -5.66 -7.09
CA VAL A 21 2.61 -4.73 -8.05
C VAL A 21 3.60 -4.44 -9.21
N ALA A 22 4.88 -4.44 -8.91
CA ALA A 22 5.92 -4.21 -9.88
C ALA A 22 6.02 -5.34 -10.90
N ARG A 23 6.03 -6.59 -10.42
CA ARG A 23 6.14 -7.77 -11.30
C ARG A 23 4.91 -7.94 -12.17
N HIS A 24 3.81 -7.31 -11.74
CA HIS A 24 2.58 -7.25 -12.50
C HIS A 24 2.83 -6.63 -13.89
N GLY A 25 3.81 -5.75 -13.95
CA GLY A 25 4.15 -5.15 -15.21
C GLY A 25 4.26 -3.67 -15.14
N LEU A 26 4.83 -3.16 -14.07
CA LEU A 26 5.03 -1.74 -13.95
C LEU A 26 6.40 -1.35 -14.40
N ASP A 27 6.48 -0.17 -14.95
CA ASP A 27 7.76 0.40 -15.35
C ASP A 27 8.48 0.81 -14.11
N HIS A 28 9.74 1.14 -14.25
CA HIS A 28 10.53 1.63 -13.13
C HIS A 28 9.87 2.89 -12.56
N ASP A 29 9.42 3.78 -13.46
CA ASP A 29 8.74 5.01 -13.07
C ASP A 29 7.46 4.70 -12.33
N LYS A 30 6.74 3.69 -12.79
CA LYS A 30 5.48 3.28 -12.16
C LYS A 30 5.71 2.77 -10.74
N VAL A 31 6.71 1.91 -10.58
CA VAL A 31 7.07 1.37 -9.28
C VAL A 31 7.44 2.50 -8.33
N LEU A 32 8.19 3.47 -8.83
CA LEU A 32 8.63 4.60 -8.03
C LEU A 32 7.45 5.47 -7.62
N LEU A 33 6.58 5.77 -8.56
CA LEU A 33 5.39 6.56 -8.29
C LEU A 33 4.50 5.85 -7.29
N PHE A 34 4.29 4.57 -7.51
CA PHE A 34 3.48 3.75 -6.63
C PHE A 34 4.08 3.69 -5.23
N SER A 35 5.34 3.32 -5.14
CA SER A 35 6.00 3.15 -3.86
C SER A 35 6.01 4.43 -3.03
N ARG A 36 6.28 5.56 -3.66
CA ARG A 36 6.35 6.81 -2.93
C ARG A 36 4.96 7.27 -2.49
N ASP A 37 3.95 7.06 -3.33
CA ASP A 37 2.58 7.46 -3.00
C ASP A 37 2.06 6.56 -1.89
N LEU A 38 2.38 5.29 -2.02
CA LEU A 38 2.05 4.26 -1.05
C LEU A 38 2.69 4.54 0.29
N ASP A 39 3.98 4.86 0.25
CA ASP A 39 4.75 5.18 1.45
C ASP A 39 4.10 6.32 2.20
N LYS A 40 3.80 7.38 1.47
CA LYS A 40 3.15 8.54 2.03
C LYS A 40 1.72 8.26 2.51
N LEU A 41 1.03 7.34 1.85
CA LEU A 41 -0.31 6.94 2.28
C LEU A 41 -0.21 6.24 3.62
N ILE A 42 0.75 5.38 3.73
CA ILE A 42 0.96 4.63 4.94
C ILE A 42 1.39 5.55 6.06
N ASN A 43 2.36 6.41 5.78
CA ASN A 43 2.86 7.37 6.78
C ASN A 43 1.74 8.27 7.26
N LYS A 44 0.81 8.57 6.37
CA LYS A 44 -0.39 9.36 6.71
C LYS A 44 -1.16 8.68 7.82
N PHE A 45 -1.39 7.39 7.66
CA PHE A 45 -2.09 6.63 8.65
C PHE A 45 -1.21 6.31 9.85
N MET A 46 0.11 6.42 9.67
CA MET A 46 1.07 6.24 10.76
C MET A 46 1.14 7.51 11.62
N ASN A 47 0.20 8.39 11.33
CA ASN A 47 -0.10 9.63 12.05
C ASN A 47 0.82 10.78 11.62
N VAL A 48 1.50 10.60 10.50
CA VAL A 48 2.28 11.68 9.90
C VAL A 48 1.30 12.51 9.15
N LYS A 49 1.04 13.65 9.65
CA LYS A 49 -0.01 14.43 9.14
C LYS A 49 0.42 15.46 8.12
N ASP A 50 0.32 15.08 6.87
CA ASP A 50 0.42 16.00 5.78
C ASP A 50 -0.99 16.24 5.32
N LYS A 51 -1.69 17.03 6.08
CA LYS A 51 -3.10 17.25 5.85
C LYS A 51 -3.33 18.54 5.11
N VAL A 52 -2.31 18.96 4.41
CA VAL A 52 -2.36 20.13 3.54
C VAL A 52 -2.57 19.67 2.11
N HIS A 53 -2.82 18.38 1.95
CA HIS A 53 -3.13 17.82 0.66
C HIS A 53 -4.63 17.95 0.45
N LYS A 54 -4.99 18.93 -0.35
CA LYS A 54 -6.36 19.36 -0.54
C LYS A 54 -6.88 20.00 0.71
N LEU A 55 -6.53 21.24 0.85
CA LEU A 55 -7.00 22.02 1.96
C LEU A 55 -8.17 22.85 1.51
N GLU A 56 -8.75 23.60 2.44
CA GLU A 56 -9.97 24.37 2.22
C GLU A 56 -11.16 23.40 2.13
N HIS A 57 -11.91 23.35 3.19
CA HIS A 57 -12.98 22.39 3.31
C HIS A 57 -14.33 23.02 2.99
N HIS A 58 -14.35 24.32 2.76
CA HIS A 58 -15.58 25.02 2.46
C HIS A 58 -15.93 24.77 1.01
N HIS A 59 -17.14 24.34 0.76
CA HIS A 59 -17.56 24.06 -0.58
C HIS A 59 -18.04 25.32 -1.29
N HIS A 60 -17.10 26.02 -1.86
CA HIS A 60 -17.38 27.27 -2.56
C HIS A 60 -17.43 27.02 -4.06
N HIS A 61 -16.32 26.57 -4.60
CA HIS A 61 -16.21 26.26 -6.02
C HIS A 61 -16.35 24.75 -6.21
N HIS A 62 -15.92 24.03 -5.22
CA HIS A 62 -16.00 22.60 -5.20
C HIS A 62 -16.78 22.25 -3.98
N MET B 1 1.82 -15.37 -18.91
CA MET B 1 1.92 -14.99 -17.51
C MET B 1 0.55 -14.99 -16.90
N GLU B 2 0.44 -15.47 -15.69
CA GLU B 2 -0.84 -15.48 -15.03
C GLU B 2 -1.01 -14.22 -14.21
N MET B 3 -2.23 -13.75 -14.07
CA MET B 3 -2.48 -12.61 -13.22
C MET B 3 -3.50 -12.91 -12.14
N GLY B 4 -4.06 -14.11 -12.20
CA GLY B 4 -5.11 -14.49 -11.28
C GLY B 4 -4.58 -14.75 -9.91
N GLN B 5 -3.50 -15.48 -9.82
CA GLN B 5 -2.89 -15.79 -8.55
C GLN B 5 -2.02 -14.64 -8.15
N LEU B 6 -1.49 -13.95 -9.15
CA LEU B 6 -0.71 -12.73 -8.94
C LEU B 6 -1.55 -11.70 -8.15
N LYS B 7 -2.80 -11.50 -8.56
CA LYS B 7 -3.70 -10.60 -7.83
C LYS B 7 -3.93 -11.09 -6.42
N ASN B 8 -4.07 -12.39 -6.26
CA ASN B 8 -4.30 -13.01 -4.95
C ASN B 8 -3.11 -12.75 -4.02
N LYS B 9 -1.90 -12.88 -4.57
CA LYS B 9 -0.65 -12.62 -3.84
C LYS B 9 -0.62 -11.16 -3.39
N ILE B 10 -0.99 -10.27 -4.31
CA ILE B 10 -1.05 -8.85 -4.04
C ILE B 10 -2.04 -8.57 -2.91
N GLU B 11 -3.24 -9.12 -3.04
CA GLU B 11 -4.28 -8.97 -2.02
C GLU B 11 -3.79 -9.46 -0.68
N ASN B 12 -3.25 -10.66 -0.66
CA ASN B 12 -2.74 -11.28 0.55
C ASN B 12 -1.61 -10.49 1.19
N LYS B 13 -0.66 -10.06 0.38
CA LYS B 13 0.49 -9.32 0.89
C LYS B 13 0.05 -7.95 1.40
N LYS B 14 -0.88 -7.35 0.68
CA LYS B 14 -1.50 -6.07 1.03
C LYS B 14 -2.11 -6.18 2.43
N LYS B 15 -2.86 -7.24 2.62
CA LYS B 15 -3.54 -7.52 3.88
C LYS B 15 -2.57 -7.78 5.01
N GLU B 16 -1.48 -8.50 4.71
CA GLU B 16 -0.43 -8.73 5.71
C GLU B 16 0.12 -7.39 6.18
N LEU B 17 0.29 -6.46 5.24
CA LEU B 17 0.79 -5.15 5.53
C LEU B 17 -0.18 -4.36 6.36
N ILE B 18 -1.46 -4.42 5.96
CA ILE B 18 -2.52 -3.72 6.67
C ILE B 18 -2.50 -4.13 8.11
N GLN B 19 -2.27 -5.41 8.35
CA GLN B 19 -2.14 -5.94 9.68
C GLN B 19 -1.01 -5.24 10.48
N LEU B 20 0.13 -4.98 9.83
CA LEU B 20 1.22 -4.27 10.50
C LEU B 20 0.85 -2.80 10.73
N VAL B 21 0.34 -2.13 9.69
CA VAL B 21 -0.02 -0.71 9.80
C VAL B 21 -1.16 -0.52 10.83
N ALA B 22 -2.06 -1.47 10.89
CA ALA B 22 -3.18 -1.44 11.80
C ALA B 22 -2.73 -1.57 13.25
N ARG B 23 -1.82 -2.53 13.51
CA ARG B 23 -1.34 -2.77 14.86
C ARG B 23 -0.36 -1.69 15.31
N HIS B 24 -0.02 -0.79 14.39
CA HIS B 24 0.75 0.37 14.71
C HIS B 24 -0.09 1.30 15.58
N GLY B 25 -1.37 1.39 15.25
CA GLY B 25 -2.24 2.25 16.00
C GLY B 25 -3.40 2.75 15.18
N LEU B 26 -3.95 1.92 14.33
CA LEU B 26 -5.12 2.33 13.59
C LEU B 26 -6.34 1.86 14.25
N ASP B 27 -7.12 2.79 14.63
CA ASP B 27 -8.35 2.56 15.36
C ASP B 27 -9.50 2.12 14.50
N HIS B 28 -9.36 0.94 13.94
CA HIS B 28 -10.39 0.22 13.13
C HIS B 28 -10.87 0.97 11.89
N ASP B 29 -11.43 2.16 12.07
CA ASP B 29 -11.95 2.97 10.98
C ASP B 29 -10.80 3.41 10.14
N LYS B 30 -9.68 3.63 10.83
CA LYS B 30 -8.43 3.94 10.20
C LYS B 30 -7.97 2.79 9.30
N VAL B 31 -8.13 1.55 9.79
CA VAL B 31 -7.75 0.35 9.06
C VAL B 31 -8.59 0.25 7.80
N LEU B 32 -9.89 0.47 7.97
CA LEU B 32 -10.84 0.43 6.87
C LEU B 32 -10.47 1.43 5.81
N LEU B 33 -10.36 2.68 6.19
CA LEU B 33 -10.05 3.75 5.25
C LEU B 33 -8.70 3.53 4.58
N PHE B 34 -7.75 3.04 5.35
CA PHE B 34 -6.44 2.74 4.84
C PHE B 34 -6.53 1.66 3.76
N SER B 35 -7.17 0.54 4.10
CA SER B 35 -7.28 -0.57 3.19
C SER B 35 -8.01 -0.19 1.90
N ARG B 36 -9.01 0.68 2.02
CA ARG B 36 -9.80 1.13 0.88
C ARG B 36 -8.97 1.96 -0.08
N ASP B 37 -8.20 2.88 0.48
CA ASP B 37 -7.40 3.79 -0.34
C ASP B 37 -6.20 3.03 -0.91
N LEU B 38 -5.65 2.14 -0.09
CA LEU B 38 -4.57 1.27 -0.50
C LEU B 38 -5.01 0.38 -1.65
N ASP B 39 -6.20 -0.18 -1.51
CA ASP B 39 -6.79 -1.06 -2.51
C ASP B 39 -6.94 -0.32 -3.83
N LYS B 40 -7.36 0.94 -3.75
CA LYS B 40 -7.60 1.72 -4.94
C LYS B 40 -6.32 2.17 -5.57
N LEU B 41 -5.32 2.45 -4.75
CA LEU B 41 -4.01 2.85 -5.23
C LEU B 41 -3.38 1.73 -6.03
N ILE B 42 -3.59 0.53 -5.56
CA ILE B 42 -3.02 -0.63 -6.21
C ILE B 42 -3.70 -0.88 -7.51
N ASN B 43 -5.00 -1.09 -7.46
CA ASN B 43 -5.84 -1.35 -8.65
C ASN B 43 -5.68 -0.25 -9.70
N LYS B 44 -5.44 0.98 -9.24
CA LYS B 44 -5.19 2.12 -10.12
C LYS B 44 -3.96 1.87 -10.96
N PHE B 45 -2.86 1.59 -10.30
CA PHE B 45 -1.59 1.31 -10.99
C PHE B 45 -1.61 -0.01 -11.74
N MET B 46 -2.43 -0.93 -11.29
CA MET B 46 -2.56 -2.20 -11.98
C MET B 46 -3.32 -1.98 -13.28
N ASN B 47 -4.37 -1.16 -13.19
CA ASN B 47 -5.26 -0.82 -14.32
C ASN B 47 -6.01 -2.08 -14.78
N VAL B 48 -6.24 -2.98 -13.84
CA VAL B 48 -6.92 -4.21 -14.11
C VAL B 48 -8.42 -4.02 -14.20
N LYS B 49 -8.89 -4.09 -15.38
CA LYS B 49 -10.28 -3.93 -15.66
C LYS B 49 -10.83 -5.27 -16.10
N ASP B 50 -11.30 -6.02 -15.14
CA ASP B 50 -11.82 -7.35 -15.41
C ASP B 50 -13.21 -7.25 -16.02
N LYS B 51 -13.74 -8.35 -16.48
CA LYS B 51 -15.06 -8.47 -17.11
C LYS B 51 -16.21 -8.28 -16.10
N VAL B 52 -15.88 -7.71 -14.96
CA VAL B 52 -16.81 -7.47 -13.89
C VAL B 52 -17.97 -6.62 -14.38
N HIS B 53 -19.14 -7.15 -14.22
CA HIS B 53 -20.30 -6.49 -14.71
C HIS B 53 -20.77 -5.47 -13.71
N LYS B 54 -21.34 -4.43 -14.22
CA LYS B 54 -22.00 -3.51 -13.37
C LYS B 54 -23.39 -4.02 -13.26
N LEU B 55 -24.01 -3.83 -12.13
CA LEU B 55 -25.33 -4.36 -11.91
C LEU B 55 -26.32 -3.82 -12.94
N GLU B 56 -26.81 -4.75 -13.75
CA GLU B 56 -27.69 -4.55 -14.91
C GLU B 56 -28.82 -3.56 -14.68
N HIS B 57 -29.30 -3.46 -13.44
CA HIS B 57 -30.45 -2.66 -13.02
C HIS B 57 -31.74 -3.12 -13.70
N HIS B 58 -32.86 -2.54 -13.28
CA HIS B 58 -34.20 -2.94 -13.74
C HIS B 58 -34.56 -4.31 -13.17
N HIS B 59 -35.56 -4.33 -12.37
CA HIS B 59 -35.95 -5.55 -11.71
C HIS B 59 -36.96 -6.30 -12.53
N HIS B 60 -36.59 -7.49 -12.89
CA HIS B 60 -37.40 -8.34 -13.71
C HIS B 60 -38.34 -9.16 -12.86
N HIS B 61 -39.47 -8.60 -12.60
CA HIS B 61 -40.47 -9.22 -11.75
C HIS B 61 -41.47 -10.06 -12.54
N HIS B 62 -41.27 -10.17 -13.83
CA HIS B 62 -42.17 -10.95 -14.63
C HIS B 62 -41.39 -12.07 -15.28
N MET A 1 8.83 -3.01 23.51
CA MET A 1 8.31 -1.84 22.81
C MET A 1 9.34 -1.31 21.87
N GLU A 2 9.19 -1.63 20.63
CA GLU A 2 10.06 -1.19 19.61
C GLU A 2 9.25 -0.97 18.37
N MET A 3 9.10 0.25 17.98
CA MET A 3 8.33 0.53 16.79
C MET A 3 9.19 0.44 15.56
N GLY A 4 10.51 0.44 15.78
CA GLY A 4 11.43 0.31 14.68
C GLY A 4 11.31 -1.04 14.03
N GLN A 5 11.05 -2.06 14.84
CA GLN A 5 10.93 -3.42 14.35
C GLN A 5 9.60 -3.62 13.67
N LEU A 6 8.58 -2.98 14.21
CA LEU A 6 7.24 -3.09 13.68
C LEU A 6 7.19 -2.40 12.33
N LYS A 7 7.77 -1.22 12.27
CA LYS A 7 7.88 -0.47 11.05
C LYS A 7 8.76 -1.17 10.03
N ASN A 8 9.78 -1.85 10.49
CA ASN A 8 10.68 -2.59 9.60
C ASN A 8 9.94 -3.74 8.94
N LYS A 9 9.05 -4.39 9.71
CA LYS A 9 8.20 -5.45 9.18
C LYS A 9 7.28 -4.86 8.11
N ILE A 10 6.68 -3.72 8.45
CA ILE A 10 5.84 -2.95 7.52
C ILE A 10 6.61 -2.60 6.26
N GLU A 11 7.81 -2.08 6.39
CA GLU A 11 8.63 -1.74 5.24
C GLU A 11 8.86 -2.95 4.37
N ASN A 12 9.31 -4.02 4.99
CA ASN A 12 9.60 -5.27 4.29
C ASN A 12 8.35 -5.81 3.59
N LYS A 13 7.23 -5.77 4.27
CA LYS A 13 5.96 -6.28 3.75
C LYS A 13 5.47 -5.43 2.58
N LYS A 14 5.47 -4.14 2.78
CA LYS A 14 5.12 -3.16 1.79
C LYS A 14 6.00 -3.33 0.55
N LYS A 15 7.30 -3.52 0.78
CA LYS A 15 8.26 -3.75 -0.31
C LYS A 15 7.98 -5.05 -1.04
N GLU A 16 7.60 -6.10 -0.29
CA GLU A 16 7.20 -7.39 -0.89
C GLU A 16 6.07 -7.16 -1.88
N LEU A 17 5.16 -6.31 -1.48
CA LEU A 17 4.01 -5.99 -2.25
C LEU A 17 4.37 -5.15 -3.46
N ILE A 18 5.22 -4.15 -3.26
CA ILE A 18 5.60 -3.28 -4.35
C ILE A 18 6.24 -4.10 -5.46
N GLN A 19 7.09 -5.04 -5.07
CA GLN A 19 7.73 -5.92 -6.02
C GLN A 19 6.70 -6.81 -6.73
N LEU A 20 5.64 -7.16 -6.02
CA LEU A 20 4.55 -7.95 -6.60
C LEU A 20 3.80 -7.15 -7.67
N VAL A 21 3.31 -5.94 -7.35
CA VAL A 21 2.66 -5.13 -8.36
C VAL A 21 3.63 -4.76 -9.50
N ALA A 22 4.90 -4.62 -9.15
CA ALA A 22 5.93 -4.27 -10.11
C ALA A 22 6.13 -5.37 -11.14
N ARG A 23 6.21 -6.61 -10.65
CA ARG A 23 6.45 -7.78 -11.51
C ARG A 23 5.25 -8.03 -12.44
N HIS A 24 4.10 -7.46 -12.07
CA HIS A 24 2.89 -7.52 -12.88
C HIS A 24 3.14 -6.86 -14.24
N GLY A 25 4.04 -5.91 -14.26
CA GLY A 25 4.36 -5.24 -15.48
C GLY A 25 4.38 -3.75 -15.34
N LEU A 26 4.92 -3.25 -14.25
CA LEU A 26 5.07 -1.84 -14.10
C LEU A 26 6.38 -1.37 -14.62
N ASP A 27 6.40 -0.15 -15.07
CA ASP A 27 7.64 0.51 -15.48
C ASP A 27 8.38 0.82 -14.22
N HIS A 28 9.65 1.13 -14.30
CA HIS A 28 10.41 1.54 -13.13
C HIS A 28 9.75 2.79 -12.56
N ASP A 29 9.29 3.63 -13.49
CA ASP A 29 8.52 4.83 -13.23
C ASP A 29 7.28 4.52 -12.40
N LYS A 30 6.58 3.48 -12.78
CA LYS A 30 5.35 3.09 -12.14
C LYS A 30 5.62 2.58 -10.75
N VAL A 31 6.68 1.82 -10.60
CA VAL A 31 7.10 1.31 -9.32
C VAL A 31 7.43 2.48 -8.39
N LEU A 32 8.12 3.48 -8.93
CA LEU A 32 8.49 4.66 -8.17
C LEU A 32 7.26 5.45 -7.76
N LEU A 33 6.37 5.71 -8.70
CA LEU A 33 5.13 6.45 -8.45
C LEU A 33 4.29 5.74 -7.40
N PHE A 34 4.17 4.43 -7.55
CA PHE A 34 3.40 3.64 -6.63
C PHE A 34 4.01 3.66 -5.24
N SER A 35 5.31 3.38 -5.14
CA SER A 35 5.98 3.30 -3.86
C SER A 35 6.00 4.63 -3.12
N ARG A 36 6.12 5.73 -3.86
CA ARG A 36 6.16 7.03 -3.23
C ARG A 36 4.78 7.43 -2.70
N ASP A 37 3.73 7.19 -3.48
CA ASP A 37 2.35 7.54 -3.05
C ASP A 37 1.96 6.66 -1.87
N LEU A 38 2.27 5.38 -2.02
CA LEU A 38 2.01 4.35 -1.02
C LEU A 38 2.65 4.68 0.32
N ASP A 39 3.89 5.11 0.28
CA ASP A 39 4.62 5.39 1.50
C ASP A 39 4.02 6.57 2.24
N LYS A 40 3.60 7.59 1.50
CA LYS A 40 2.93 8.74 2.10
C LYS A 40 1.57 8.35 2.68
N LEU A 41 0.87 7.47 1.97
CA LEU A 41 -0.40 6.93 2.44
C LEU A 41 -0.19 6.21 3.77
N ILE A 42 0.84 5.41 3.83
CA ILE A 42 1.19 4.72 5.03
C ILE A 42 1.58 5.70 6.13
N ASN A 43 2.44 6.68 5.80
CA ASN A 43 2.87 7.70 6.79
C ASN A 43 1.67 8.40 7.41
N LYS A 44 0.67 8.65 6.57
CA LYS A 44 -0.57 9.31 6.96
C LYS A 44 -1.28 8.52 8.07
N PHE A 45 -1.41 7.25 7.88
CA PHE A 45 -2.09 6.40 8.83
C PHE A 45 -1.21 6.03 10.01
N MET A 46 0.08 5.92 9.75
CA MET A 46 1.05 5.61 10.80
C MET A 46 1.24 6.83 11.70
N ASN A 47 0.76 7.97 11.20
CA ASN A 47 0.73 9.27 11.87
C ASN A 47 2.16 9.84 11.98
N VAL A 48 3.04 9.27 11.20
CA VAL A 48 4.41 9.69 11.21
C VAL A 48 4.66 10.76 10.17
N LYS A 49 5.05 11.89 10.64
CA LYS A 49 5.31 13.03 9.81
C LYS A 49 6.80 13.26 9.75
N ASP A 50 7.54 12.15 9.95
CA ASP A 50 9.00 12.05 9.85
C ASP A 50 9.73 12.83 10.95
N LYS A 51 10.77 12.24 11.50
CA LYS A 51 11.42 12.84 12.65
C LYS A 51 12.70 13.60 12.32
N VAL A 52 12.96 13.85 11.07
CA VAL A 52 14.10 14.68 10.74
C VAL A 52 13.64 16.13 10.69
N HIS A 53 14.57 17.04 10.53
CA HIS A 53 14.23 18.46 10.44
C HIS A 53 13.26 18.69 9.29
N LYS A 54 12.21 19.43 9.55
CA LYS A 54 11.23 19.72 8.54
C LYS A 54 11.69 20.93 7.74
N LEU A 55 11.25 21.02 6.51
CA LEU A 55 11.58 22.07 5.62
C LEU A 55 11.16 23.41 6.20
N GLU A 56 12.06 24.35 6.15
CA GLU A 56 11.85 25.67 6.67
C GLU A 56 10.74 26.41 5.93
N HIS A 57 10.02 27.20 6.65
CA HIS A 57 9.00 28.06 6.06
C HIS A 57 9.63 29.39 5.75
N HIS A 58 10.60 29.72 6.55
CA HIS A 58 11.36 30.92 6.38
C HIS A 58 12.82 30.52 6.34
N HIS A 59 13.41 30.63 5.19
CA HIS A 59 14.80 30.29 5.03
C HIS A 59 15.61 31.47 5.53
N HIS A 60 16.58 31.22 6.36
CA HIS A 60 17.41 32.30 6.94
C HIS A 60 18.55 32.69 6.02
N HIS A 61 18.34 32.52 4.75
CA HIS A 61 19.32 32.84 3.74
C HIS A 61 18.60 33.16 2.44
N HIS A 62 19.08 34.13 1.73
CA HIS A 62 18.55 34.45 0.43
C HIS A 62 19.65 35.05 -0.43
N MET B 1 3.49 -16.22 -16.10
CA MET B 1 2.80 -16.26 -14.80
C MET B 1 1.34 -15.91 -15.04
N GLU B 2 0.45 -16.43 -14.23
CA GLU B 2 -0.95 -16.09 -14.37
C GLU B 2 -1.28 -14.94 -13.46
N MET B 3 -1.81 -13.87 -14.02
CA MET B 3 -2.08 -12.67 -13.26
C MET B 3 -3.13 -12.84 -12.18
N GLY B 4 -4.03 -13.81 -12.37
CA GLY B 4 -5.04 -14.07 -11.36
C GLY B 4 -4.42 -14.61 -10.09
N GLN B 5 -3.44 -15.50 -10.24
CA GLN B 5 -2.72 -16.08 -9.11
C GLN B 5 -1.83 -15.02 -8.48
N LEU B 6 -1.21 -14.23 -9.34
CA LEU B 6 -0.32 -13.13 -8.95
C LEU B 6 -1.08 -12.09 -8.11
N LYS B 7 -2.25 -11.68 -8.58
CA LYS B 7 -3.06 -10.67 -7.90
C LYS B 7 -3.52 -11.22 -6.55
N ASN B 8 -3.78 -12.51 -6.51
CA ASN B 8 -4.21 -13.20 -5.30
C ASN B 8 -3.12 -13.11 -4.21
N LYS B 9 -1.87 -13.20 -4.64
CA LYS B 9 -0.72 -13.08 -3.73
C LYS B 9 -0.60 -11.63 -3.27
N ILE B 10 -0.86 -10.71 -4.18
CA ILE B 10 -0.84 -9.29 -3.90
C ILE B 10 -1.85 -8.95 -2.83
N GLU B 11 -3.04 -9.51 -2.97
CA GLU B 11 -4.09 -9.36 -1.98
C GLU B 11 -3.60 -9.74 -0.60
N ASN B 12 -3.10 -10.94 -0.49
CA ASN B 12 -2.55 -11.45 0.75
C ASN B 12 -1.46 -10.54 1.31
N LYS B 13 -0.55 -10.13 0.46
CA LYS B 13 0.59 -9.32 0.87
C LYS B 13 0.14 -7.95 1.38
N LYS B 14 -0.77 -7.36 0.63
CA LYS B 14 -1.40 -6.09 0.94
C LYS B 14 -2.03 -6.17 2.32
N LYS B 15 -2.76 -7.24 2.52
CA LYS B 15 -3.49 -7.50 3.74
C LYS B 15 -2.55 -7.81 4.91
N GLU B 16 -1.47 -8.54 4.64
CA GLU B 16 -0.41 -8.75 5.65
C GLU B 16 0.08 -7.39 6.15
N LEU B 17 0.30 -6.48 5.21
CA LEU B 17 0.79 -5.15 5.50
C LEU B 17 -0.21 -4.36 6.33
N ILE B 18 -1.46 -4.43 5.93
CA ILE B 18 -2.51 -3.69 6.60
C ILE B 18 -2.58 -4.10 8.06
N GLN B 19 -2.52 -5.39 8.32
CA GLN B 19 -2.52 -5.92 9.67
C GLN B 19 -1.34 -5.37 10.48
N LEU B 20 -0.21 -5.19 9.80
CA LEU B 20 0.98 -4.61 10.40
C LEU B 20 0.77 -3.13 10.76
N VAL B 21 0.35 -2.29 9.80
CA VAL B 21 0.14 -0.89 10.10
C VAL B 21 -1.04 -0.71 11.09
N ALA B 22 -1.96 -1.65 11.08
CA ALA B 22 -3.11 -1.62 11.96
C ALA B 22 -2.71 -1.92 13.38
N ARG B 23 -1.88 -2.96 13.57
CA ARG B 23 -1.45 -3.38 14.90
C ARG B 23 -0.56 -2.33 15.56
N HIS B 24 -0.07 -1.41 14.74
CA HIS B 24 0.65 -0.23 15.19
C HIS B 24 -0.24 0.57 16.17
N GLY B 25 -1.52 0.53 15.91
CA GLY B 25 -2.44 1.22 16.75
C GLY B 25 -3.44 2.01 15.97
N LEU B 26 -3.93 1.46 14.88
CA LEU B 26 -4.94 2.15 14.12
C LEU B 26 -6.29 2.00 14.71
N ASP B 27 -7.05 3.05 14.56
CA ASP B 27 -8.46 3.06 14.92
C ASP B 27 -9.14 2.16 13.91
N HIS B 28 -10.35 1.72 14.20
CA HIS B 28 -11.07 0.83 13.28
C HIS B 28 -11.23 1.48 11.92
N ASP B 29 -11.58 2.77 11.92
CA ASP B 29 -11.76 3.53 10.69
C ASP B 29 -10.47 3.64 9.93
N LYS B 30 -9.37 3.75 10.66
CA LYS B 30 -8.06 3.91 10.06
C LYS B 30 -7.71 2.69 9.22
N VAL B 31 -7.96 1.52 9.76
CA VAL B 31 -7.68 0.28 9.06
C VAL B 31 -8.55 0.19 7.79
N LEU B 32 -9.81 0.55 7.95
CA LEU B 32 -10.77 0.51 6.88
C LEU B 32 -10.45 1.51 5.78
N LEU B 33 -10.14 2.73 6.17
CA LEU B 33 -9.81 3.77 5.23
C LEU B 33 -8.50 3.48 4.53
N PHE B 34 -7.53 2.99 5.29
CA PHE B 34 -6.23 2.65 4.74
C PHE B 34 -6.36 1.53 3.73
N SER B 35 -7.01 0.44 4.11
CA SER B 35 -7.14 -0.73 3.26
C SER B 35 -7.79 -0.41 1.91
N ARG B 36 -8.87 0.36 1.93
CA ARG B 36 -9.58 0.69 0.71
C ARG B 36 -8.81 1.70 -0.16
N ASP B 37 -8.05 2.59 0.47
CA ASP B 37 -7.28 3.60 -0.30
C ASP B 37 -6.07 2.92 -0.89
N LEU B 38 -5.46 2.06 -0.10
CA LEU B 38 -4.35 1.23 -0.54
C LEU B 38 -4.79 0.35 -1.69
N ASP B 39 -5.93 -0.26 -1.54
CA ASP B 39 -6.48 -1.13 -2.55
C ASP B 39 -6.70 -0.40 -3.86
N LYS B 40 -7.27 0.79 -3.78
CA LYS B 40 -7.56 1.54 -4.98
C LYS B 40 -6.28 2.02 -5.65
N LEU B 41 -5.28 2.32 -4.85
CA LEU B 41 -3.98 2.74 -5.33
C LEU B 41 -3.33 1.60 -6.08
N ILE B 42 -3.54 0.40 -5.56
CA ILE B 42 -2.98 -0.78 -6.17
C ILE B 42 -3.68 -1.02 -7.49
N ASN B 43 -5.00 -1.09 -7.45
CA ASN B 43 -5.84 -1.27 -8.65
C ASN B 43 -5.50 -0.26 -9.74
N LYS B 44 -5.21 0.97 -9.33
CA LYS B 44 -4.81 2.03 -10.23
C LYS B 44 -3.59 1.59 -11.04
N PHE B 45 -2.56 1.20 -10.33
CA PHE B 45 -1.32 0.81 -10.97
C PHE B 45 -1.41 -0.55 -11.62
N MET B 46 -2.32 -1.38 -11.15
CA MET B 46 -2.52 -2.71 -11.73
C MET B 46 -3.36 -2.64 -13.00
N ASN B 47 -3.79 -1.42 -13.35
CA ASN B 47 -4.56 -1.12 -14.56
C ASN B 47 -5.97 -1.75 -14.44
N VAL B 48 -6.47 -1.81 -13.22
CA VAL B 48 -7.77 -2.34 -12.98
C VAL B 48 -8.75 -1.21 -12.93
N LYS B 49 -9.53 -1.17 -13.93
CA LYS B 49 -10.53 -0.16 -14.12
C LYS B 49 -11.80 -0.81 -14.58
N ASP B 50 -11.90 -2.09 -14.27
CA ASP B 50 -13.06 -2.87 -14.61
C ASP B 50 -14.11 -2.70 -13.55
N LYS B 51 -15.01 -1.78 -13.80
CA LYS B 51 -16.07 -1.42 -12.86
C LYS B 51 -17.24 -2.37 -12.91
N VAL B 52 -17.10 -3.37 -13.70
CA VAL B 52 -18.16 -4.31 -13.94
C VAL B 52 -18.15 -5.46 -12.93
N HIS B 53 -18.97 -5.33 -11.91
CA HIS B 53 -19.16 -6.39 -10.95
C HIS B 53 -20.26 -7.30 -11.44
N LYS B 54 -21.08 -6.72 -12.26
CA LYS B 54 -22.13 -7.41 -12.97
C LYS B 54 -21.82 -7.28 -14.44
N LEU B 55 -22.58 -7.93 -15.29
CA LEU B 55 -22.36 -7.76 -16.69
C LEU B 55 -23.07 -6.52 -17.20
N GLU B 56 -22.50 -5.95 -18.22
CA GLU B 56 -23.05 -4.80 -18.93
C GLU B 56 -22.28 -4.75 -20.20
N HIS B 57 -20.96 -4.89 -20.06
CA HIS B 57 -20.12 -5.16 -21.20
C HIS B 57 -20.45 -6.57 -21.59
N HIS B 58 -20.51 -6.84 -22.83
CA HIS B 58 -20.90 -8.13 -23.25
C HIS B 58 -19.79 -9.14 -23.13
N HIS B 59 -19.79 -9.81 -22.00
CA HIS B 59 -18.92 -10.96 -21.75
C HIS B 59 -19.59 -12.15 -22.45
N HIS B 60 -20.87 -11.95 -22.69
CA HIS B 60 -21.76 -12.81 -23.42
C HIS B 60 -23.10 -12.09 -23.38
N HIS B 61 -24.00 -12.46 -24.23
CA HIS B 61 -25.32 -11.91 -24.20
C HIS B 61 -26.31 -13.05 -24.32
N HIS B 62 -26.71 -13.56 -23.18
CA HIS B 62 -27.62 -14.69 -23.09
C HIS B 62 -28.72 -14.33 -22.15
N MET A 1 5.47 -4.25 19.81
CA MET A 1 6.37 -4.07 20.97
C MET A 1 7.29 -2.87 20.80
N GLU A 2 8.06 -2.85 19.74
CA GLU A 2 8.97 -1.76 19.50
C GLU A 2 8.60 -1.17 18.15
N MET A 3 8.15 0.09 18.17
CA MET A 3 7.63 0.76 16.98
C MET A 3 8.66 0.92 15.88
N GLY A 4 9.92 1.01 16.24
CA GLY A 4 10.96 1.12 15.25
C GLY A 4 11.08 -0.18 14.48
N GLN A 5 11.07 -1.29 15.22
CA GLN A 5 11.15 -2.60 14.60
C GLN A 5 9.93 -2.83 13.75
N LEU A 6 8.78 -2.45 14.29
CA LEU A 6 7.50 -2.53 13.62
C LEU A 6 7.54 -1.76 12.29
N LYS A 7 8.10 -0.56 12.32
CA LYS A 7 8.24 0.28 11.13
C LYS A 7 9.06 -0.43 10.07
N ASN A 8 10.15 -1.02 10.50
CA ASN A 8 11.03 -1.76 9.59
C ASN A 8 10.33 -3.00 9.02
N LYS A 9 9.50 -3.64 9.84
CA LYS A 9 8.68 -4.78 9.37
C LYS A 9 7.72 -4.31 8.29
N ILE A 10 7.13 -3.14 8.53
CA ILE A 10 6.25 -2.50 7.57
C ILE A 10 6.99 -2.23 6.29
N GLU A 11 8.19 -1.64 6.40
CA GLU A 11 9.05 -1.37 5.26
C GLU A 11 9.26 -2.62 4.44
N ASN A 12 9.68 -3.68 5.11
CA ASN A 12 9.96 -4.95 4.45
C ASN A 12 8.73 -5.52 3.76
N LYS A 13 7.60 -5.55 4.45
CA LYS A 13 6.37 -6.12 3.90
C LYS A 13 5.85 -5.27 2.73
N LYS A 14 6.00 -3.96 2.86
CA LYS A 14 5.68 -2.98 1.84
C LYS A 14 6.52 -3.25 0.61
N LYS A 15 7.81 -3.48 0.83
CA LYS A 15 8.75 -3.76 -0.23
C LYS A 15 8.42 -5.08 -0.92
N GLU A 16 8.05 -6.10 -0.13
CA GLU A 16 7.60 -7.38 -0.69
C GLU A 16 6.44 -7.16 -1.64
N LEU A 17 5.56 -6.28 -1.24
CA LEU A 17 4.42 -5.92 -2.01
C LEU A 17 4.82 -5.15 -3.25
N ILE A 18 5.69 -4.18 -3.09
CA ILE A 18 6.18 -3.38 -4.20
C ILE A 18 6.74 -4.32 -5.28
N GLN A 19 7.49 -5.33 -4.84
CA GLN A 19 8.04 -6.37 -5.71
C GLN A 19 6.92 -7.07 -6.48
N LEU A 20 5.86 -7.40 -5.78
CA LEU A 20 4.71 -8.08 -6.38
C LEU A 20 4.01 -7.19 -7.39
N VAL A 21 3.78 -5.93 -7.02
CA VAL A 21 3.21 -4.96 -7.96
C VAL A 21 4.15 -4.78 -9.18
N ALA A 22 5.44 -4.73 -8.92
CA ALA A 22 6.46 -4.56 -9.95
C ALA A 22 6.46 -5.71 -10.95
N ARG A 23 6.49 -6.95 -10.43
CA ARG A 23 6.50 -8.15 -11.27
C ARG A 23 5.21 -8.31 -12.06
N HIS A 24 4.15 -7.63 -11.62
CA HIS A 24 2.88 -7.63 -12.35
C HIS A 24 3.10 -7.08 -13.77
N GLY A 25 4.06 -6.19 -13.93
CA GLY A 25 4.34 -5.67 -15.25
C GLY A 25 4.70 -4.22 -15.27
N LEU A 26 4.66 -3.58 -14.12
CA LEU A 26 5.00 -2.19 -13.97
C LEU A 26 6.43 -1.86 -14.35
N ASP A 27 6.58 -0.67 -14.90
CA ASP A 27 7.89 -0.10 -15.22
C ASP A 27 8.47 0.49 -13.97
N HIS A 28 9.78 0.72 -13.97
CA HIS A 28 10.49 1.30 -12.85
C HIS A 28 9.82 2.58 -12.38
N ASP A 29 9.34 3.41 -13.33
CA ASP A 29 8.71 4.68 -12.96
C ASP A 29 7.42 4.44 -12.23
N LYS A 30 6.69 3.46 -12.71
CA LYS A 30 5.43 3.08 -12.13
C LYS A 30 5.64 2.54 -10.72
N VAL A 31 6.65 1.69 -10.57
CA VAL A 31 6.99 1.11 -9.29
C VAL A 31 7.39 2.20 -8.31
N LEU A 32 8.18 3.15 -8.77
CA LEU A 32 8.62 4.26 -7.95
C LEU A 32 7.44 5.12 -7.52
N LEU A 33 6.63 5.57 -8.48
CA LEU A 33 5.47 6.43 -8.19
C LEU A 33 4.52 5.76 -7.24
N PHE A 34 4.30 4.47 -7.47
CA PHE A 34 3.46 3.67 -6.63
C PHE A 34 3.99 3.63 -5.20
N SER A 35 5.26 3.31 -5.06
CA SER A 35 5.85 3.14 -3.75
C SER A 35 5.92 4.48 -2.98
N ARG A 36 6.08 5.58 -3.71
CA ARG A 36 6.13 6.91 -3.10
C ARG A 36 4.75 7.28 -2.55
N ASP A 37 3.73 6.93 -3.30
CA ASP A 37 2.35 7.20 -2.89
C ASP A 37 2.00 6.29 -1.72
N LEU A 38 2.38 5.02 -1.88
CA LEU A 38 2.20 3.97 -0.88
C LEU A 38 2.86 4.32 0.44
N ASP A 39 4.12 4.74 0.38
CA ASP A 39 4.88 5.10 1.57
C ASP A 39 4.19 6.21 2.32
N LYS A 40 3.79 7.23 1.59
CA LYS A 40 3.09 8.37 2.15
C LYS A 40 1.73 7.99 2.70
N LEU A 41 1.08 7.03 2.06
CA LEU A 41 -0.21 6.53 2.54
C LEU A 41 -0.05 5.90 3.89
N ILE A 42 1.02 5.17 4.05
CA ILE A 42 1.34 4.54 5.31
C ILE A 42 1.64 5.61 6.34
N ASN A 43 2.59 6.49 6.03
CA ASN A 43 3.02 7.61 6.92
C ASN A 43 1.82 8.46 7.35
N LYS A 44 0.86 8.58 6.44
CA LYS A 44 -0.39 9.31 6.66
C LYS A 44 -1.19 8.68 7.79
N PHE A 45 -1.35 7.37 7.73
CA PHE A 45 -2.12 6.66 8.72
C PHE A 45 -1.34 6.37 9.98
N MET A 46 -0.03 6.26 9.86
CA MET A 46 0.80 6.06 11.03
C MET A 46 0.84 7.38 11.81
N ASN A 47 0.74 8.46 11.03
CA ASN A 47 0.81 9.83 11.47
C ASN A 47 2.16 10.12 12.06
N VAL A 48 3.13 10.31 11.19
CA VAL A 48 4.48 10.51 11.61
C VAL A 48 4.82 11.96 11.58
N LYS A 49 4.85 12.51 12.75
CA LYS A 49 5.23 13.87 12.98
C LYS A 49 6.19 13.88 14.14
N ASP A 50 6.82 12.74 14.35
CA ASP A 50 7.76 12.54 15.44
C ASP A 50 9.07 13.24 15.06
N LYS A 51 10.04 13.22 15.93
CA LYS A 51 11.30 13.92 15.74
C LYS A 51 12.37 12.98 15.18
N VAL A 52 11.92 11.96 14.47
CA VAL A 52 12.79 10.96 13.87
C VAL A 52 13.58 11.52 12.68
N HIS A 53 13.21 12.68 12.19
CA HIS A 53 13.91 13.28 11.09
C HIS A 53 14.49 14.64 11.50
N LYS A 54 15.67 14.60 12.04
CA LYS A 54 16.37 15.79 12.45
C LYS A 54 17.74 15.68 11.80
N LEU A 55 17.78 16.04 10.50
CA LEU A 55 18.93 15.83 9.63
C LEU A 55 19.34 14.36 9.64
N GLU A 56 20.50 14.06 9.13
CA GLU A 56 20.98 12.72 9.20
C GLU A 56 22.41 12.72 9.70
N HIS A 57 22.52 12.82 10.99
CA HIS A 57 23.78 12.79 11.69
C HIS A 57 23.81 11.56 12.55
N HIS A 58 24.93 11.35 13.26
CA HIS A 58 25.14 10.20 14.16
C HIS A 58 25.32 8.90 13.36
N HIS A 59 24.34 8.57 12.58
CA HIS A 59 24.31 7.37 11.79
C HIS A 59 24.98 7.64 10.45
N HIS A 60 26.05 6.97 10.18
CA HIS A 60 26.74 7.11 8.93
C HIS A 60 26.95 5.74 8.30
N HIS A 61 26.56 5.61 7.05
CA HIS A 61 26.65 4.37 6.29
C HIS A 61 26.29 4.65 4.86
N HIS A 62 26.63 3.77 3.97
CA HIS A 62 26.24 3.91 2.58
C HIS A 62 25.71 2.60 2.09
N MET B 1 1.21 -18.33 -16.46
CA MET B 1 1.49 -16.93 -16.13
C MET B 1 0.23 -16.11 -15.94
N GLU B 2 -0.86 -16.78 -15.56
CA GLU B 2 -2.12 -16.12 -15.29
C GLU B 2 -1.91 -15.12 -14.15
N MET B 3 -2.15 -13.85 -14.42
CA MET B 3 -1.85 -12.79 -13.47
C MET B 3 -2.93 -12.61 -12.42
N GLY B 4 -4.00 -13.37 -12.55
CA GLY B 4 -5.07 -13.30 -11.57
C GLY B 4 -4.59 -13.77 -10.22
N GLN B 5 -3.88 -14.89 -10.22
CA GLN B 5 -3.29 -15.44 -9.01
C GLN B 5 -2.26 -14.47 -8.45
N LEU B 6 -1.52 -13.83 -9.34
CA LEU B 6 -0.52 -12.84 -9.00
C LEU B 6 -1.18 -11.67 -8.24
N LYS B 7 -2.32 -11.22 -8.74
CA LYS B 7 -3.06 -10.13 -8.12
C LYS B 7 -3.54 -10.54 -6.74
N ASN B 8 -3.93 -11.80 -6.61
CA ASN B 8 -4.39 -12.32 -5.33
C ASN B 8 -3.25 -12.40 -4.31
N LYS B 9 -2.04 -12.58 -4.80
CA LYS B 9 -0.85 -12.59 -3.94
C LYS B 9 -0.51 -11.16 -3.53
N ILE B 10 -0.79 -10.24 -4.43
CA ILE B 10 -0.67 -8.82 -4.15
C ILE B 10 -1.66 -8.44 -3.06
N GLU B 11 -2.90 -8.95 -3.21
CA GLU B 11 -3.94 -8.78 -2.20
C GLU B 11 -3.44 -9.30 -0.87
N ASN B 12 -2.90 -10.49 -0.91
CA ASN B 12 -2.34 -11.19 0.24
C ASN B 12 -1.30 -10.33 0.97
N LYS B 13 -0.33 -9.84 0.21
CA LYS B 13 0.76 -9.05 0.76
C LYS B 13 0.27 -7.72 1.30
N LYS B 14 -0.65 -7.12 0.55
CA LYS B 14 -1.33 -5.89 0.91
C LYS B 14 -1.96 -6.08 2.29
N LYS B 15 -2.69 -7.17 2.43
CA LYS B 15 -3.38 -7.54 3.67
C LYS B 15 -2.39 -7.75 4.81
N GLU B 16 -1.27 -8.43 4.52
CA GLU B 16 -0.20 -8.63 5.50
C GLU B 16 0.30 -7.29 6.04
N LEU B 17 0.51 -6.37 5.13
CA LEU B 17 0.99 -5.06 5.45
C LEU B 17 -0.05 -4.25 6.22
N ILE B 18 -1.29 -4.34 5.82
CA ILE B 18 -2.34 -3.57 6.48
C ILE B 18 -2.39 -3.95 7.95
N GLN B 19 -2.26 -5.23 8.23
CA GLN B 19 -2.25 -5.74 9.60
C GLN B 19 -1.06 -5.17 10.38
N LEU B 20 0.01 -4.86 9.67
CA LEU B 20 1.17 -4.27 10.30
C LEU B 20 0.94 -2.81 10.64
N VAL B 21 0.46 -1.99 9.67
CA VAL B 21 0.19 -0.60 10.00
C VAL B 21 -0.98 -0.50 11.02
N ALA B 22 -1.87 -1.49 11.01
CA ALA B 22 -3.00 -1.53 11.90
C ALA B 22 -2.53 -1.76 13.33
N ARG B 23 -1.60 -2.69 13.52
CA ARG B 23 -1.11 -3.01 14.87
C ARG B 23 -0.22 -1.91 15.44
N HIS B 24 0.09 -0.95 14.59
CA HIS B 24 0.79 0.26 15.00
C HIS B 24 -0.12 1.07 15.95
N GLY B 25 -1.42 0.88 15.82
CA GLY B 25 -2.34 1.53 16.69
C GLY B 25 -3.51 2.17 15.97
N LEU B 26 -4.02 1.51 14.94
CA LEU B 26 -5.17 2.05 14.24
C LEU B 26 -6.45 1.50 14.76
N ASP B 27 -7.47 2.28 14.63
CA ASP B 27 -8.82 1.87 14.96
C ASP B 27 -9.32 1.11 13.76
N HIS B 28 -10.40 0.35 13.92
CA HIS B 28 -10.98 -0.41 12.79
C HIS B 28 -11.24 0.51 11.61
N ASP B 29 -11.70 1.71 11.92
CA ASP B 29 -11.99 2.73 10.93
C ASP B 29 -10.76 3.10 10.13
N LYS B 30 -9.68 3.32 10.83
CA LYS B 30 -8.43 3.69 10.23
C LYS B 30 -7.90 2.58 9.34
N VAL B 31 -8.06 1.34 9.80
CA VAL B 31 -7.67 0.17 9.04
C VAL B 31 -8.50 0.09 7.74
N LEU B 32 -9.80 0.33 7.88
CA LEU B 32 -10.72 0.29 6.74
C LEU B 32 -10.38 1.35 5.72
N LEU B 33 -10.11 2.54 6.20
CA LEU B 33 -9.76 3.66 5.35
C LEU B 33 -8.42 3.44 4.65
N PHE B 34 -7.47 2.89 5.38
CA PHE B 34 -6.16 2.62 4.82
C PHE B 34 -6.28 1.55 3.75
N SER B 35 -6.96 0.46 4.07
CA SER B 35 -7.08 -0.66 3.17
C SER B 35 -7.78 -0.30 1.86
N ARG B 36 -8.79 0.55 1.94
CA ARG B 36 -9.53 0.93 0.74
C ARG B 36 -8.73 1.90 -0.14
N ASP B 37 -7.97 2.81 0.46
CA ASP B 37 -7.16 3.76 -0.33
C ASP B 37 -6.04 3.00 -1.00
N LEU B 38 -5.45 2.08 -0.23
CA LEU B 38 -4.38 1.20 -0.68
C LEU B 38 -4.88 0.26 -1.78
N ASP B 39 -6.07 -0.25 -1.60
CA ASP B 39 -6.70 -1.14 -2.57
C ASP B 39 -6.85 -0.44 -3.91
N LYS B 40 -7.39 0.76 -3.85
CA LYS B 40 -7.57 1.56 -5.04
C LYS B 40 -6.26 1.98 -5.64
N LEU B 41 -5.27 2.26 -4.80
CA LEU B 41 -3.93 2.63 -5.25
C LEU B 41 -3.33 1.48 -6.04
N ILE B 42 -3.47 0.30 -5.52
CA ILE B 42 -2.95 -0.87 -6.15
C ILE B 42 -3.69 -1.17 -7.42
N ASN B 43 -5.01 -1.22 -7.35
CA ASN B 43 -5.84 -1.53 -8.53
C ASN B 43 -5.66 -0.48 -9.61
N LYS B 44 -5.33 0.73 -9.20
CA LYS B 44 -5.01 1.84 -10.09
C LYS B 44 -3.79 1.45 -10.92
N PHE B 45 -2.72 1.08 -10.24
CA PHE B 45 -1.46 0.70 -10.89
C PHE B 45 -1.52 -0.69 -11.53
N MET B 46 -2.46 -1.51 -11.10
CA MET B 46 -2.72 -2.81 -11.73
C MET B 46 -3.43 -2.56 -13.04
N ASN B 47 -3.98 -1.34 -13.17
CA ASN B 47 -4.74 -0.88 -14.33
C ASN B 47 -6.03 -1.69 -14.47
N VAL B 48 -6.45 -2.30 -13.35
CA VAL B 48 -7.63 -3.13 -13.30
C VAL B 48 -8.80 -2.28 -12.97
N LYS B 49 -9.49 -1.98 -13.96
CA LYS B 49 -10.63 -1.12 -13.92
C LYS B 49 -11.71 -1.78 -14.72
N ASP B 50 -11.59 -3.10 -14.87
CA ASP B 50 -12.46 -3.90 -15.71
C ASP B 50 -13.92 -3.73 -15.40
N LYS B 51 -14.71 -3.78 -16.45
CA LYS B 51 -16.14 -3.62 -16.35
C LYS B 51 -16.84 -4.97 -16.31
N VAL B 52 -16.04 -6.00 -16.20
CA VAL B 52 -16.53 -7.36 -16.14
C VAL B 52 -16.53 -7.80 -14.69
N HIS B 53 -16.98 -8.99 -14.42
CA HIS B 53 -16.96 -9.51 -13.07
C HIS B 53 -15.51 -9.79 -12.66
N LYS B 54 -15.05 -9.02 -11.74
CA LYS B 54 -13.69 -9.08 -11.23
C LYS B 54 -13.70 -9.83 -9.93
N LEU B 55 -12.60 -9.77 -9.21
CA LEU B 55 -12.54 -10.34 -7.88
C LEU B 55 -13.54 -9.62 -7.00
N GLU B 56 -14.25 -10.38 -6.22
CA GLU B 56 -15.15 -9.85 -5.25
C GLU B 56 -14.29 -9.31 -4.13
N HIS B 57 -13.97 -8.05 -4.22
CA HIS B 57 -13.03 -7.44 -3.30
C HIS B 57 -13.72 -6.62 -2.25
N HIS B 58 -13.38 -6.92 -1.03
CA HIS B 58 -13.89 -6.27 0.14
C HIS B 58 -12.91 -6.60 1.26
N HIS B 59 -13.03 -5.98 2.39
CA HIS B 59 -12.19 -6.31 3.50
C HIS B 59 -12.73 -7.56 4.18
N HIS B 60 -11.84 -8.40 4.64
CA HIS B 60 -12.26 -9.57 5.36
C HIS B 60 -12.39 -9.18 6.81
N HIS B 61 -13.59 -9.16 7.28
CA HIS B 61 -13.88 -8.75 8.63
C HIS B 61 -13.49 -9.83 9.62
N HIS B 62 -12.85 -9.42 10.68
CA HIS B 62 -12.44 -10.31 11.72
C HIS B 62 -13.03 -9.77 13.00
N MET A 1 6.71 -4.58 21.33
CA MET A 1 6.80 -4.64 19.87
C MET A 1 7.80 -3.63 19.34
N GLU A 2 7.77 -2.42 19.92
CA GLU A 2 8.71 -1.32 19.61
C GLU A 2 8.52 -0.79 18.20
N MET A 3 8.14 0.49 18.11
CA MET A 3 7.79 1.12 16.82
C MET A 3 8.93 1.04 15.82
N GLY A 4 10.17 1.03 16.32
CA GLY A 4 11.33 0.93 15.45
C GLY A 4 11.33 -0.35 14.62
N GLN A 5 11.13 -1.47 15.30
CA GLN A 5 11.10 -2.78 14.64
C GLN A 5 9.81 -2.92 13.84
N LEU A 6 8.73 -2.49 14.45
CA LEU A 6 7.39 -2.52 13.85
C LEU A 6 7.38 -1.80 12.50
N LYS A 7 7.95 -0.60 12.46
CA LYS A 7 8.00 0.21 11.27
C LYS A 7 8.79 -0.52 10.19
N ASN A 8 9.87 -1.14 10.58
CA ASN A 8 10.72 -1.87 9.65
C ASN A 8 10.02 -3.08 9.06
N LYS A 9 9.19 -3.74 9.86
CA LYS A 9 8.43 -4.89 9.38
C LYS A 9 7.38 -4.42 8.38
N ILE A 10 6.76 -3.27 8.68
CA ILE A 10 5.81 -2.63 7.77
C ILE A 10 6.50 -2.36 6.45
N GLU A 11 7.65 -1.70 6.52
CA GLU A 11 8.49 -1.42 5.36
C GLU A 11 8.74 -2.66 4.54
N ASN A 12 9.19 -3.70 5.22
CA ASN A 12 9.53 -4.96 4.59
C ASN A 12 8.36 -5.59 3.84
N LYS A 13 7.21 -5.67 4.51
CA LYS A 13 6.03 -6.31 3.94
C LYS A 13 5.48 -5.49 2.78
N LYS A 14 5.52 -4.17 2.95
CA LYS A 14 5.13 -3.21 1.93
C LYS A 14 6.01 -3.40 0.67
N LYS A 15 7.30 -3.57 0.90
CA LYS A 15 8.27 -3.77 -0.16
C LYS A 15 8.08 -5.11 -0.87
N GLU A 16 7.73 -6.15 -0.10
CA GLU A 16 7.38 -7.45 -0.69
C GLU A 16 6.23 -7.28 -1.68
N LEU A 17 5.29 -6.42 -1.29
CA LEU A 17 4.12 -6.13 -2.09
C LEU A 17 4.49 -5.36 -3.33
N ILE A 18 5.33 -4.33 -3.18
CA ILE A 18 5.75 -3.50 -4.31
C ILE A 18 6.35 -4.35 -5.39
N GLN A 19 7.18 -5.30 -4.98
CA GLN A 19 7.80 -6.22 -5.90
C GLN A 19 6.73 -7.08 -6.63
N LEU A 20 5.64 -7.39 -5.93
CA LEU A 20 4.54 -8.15 -6.53
C LEU A 20 3.76 -7.28 -7.51
N VAL A 21 3.37 -6.09 -7.07
CA VAL A 21 2.66 -5.13 -7.92
C VAL A 21 3.51 -4.78 -9.16
N ALA A 22 4.81 -4.66 -8.95
CA ALA A 22 5.75 -4.37 -10.00
C ALA A 22 5.84 -5.51 -11.02
N ARG A 23 6.07 -6.73 -10.52
CA ARG A 23 6.24 -7.91 -11.39
C ARG A 23 4.95 -8.23 -12.14
N HIS A 24 3.83 -7.72 -11.64
CA HIS A 24 2.53 -7.88 -12.29
C HIS A 24 2.61 -7.33 -13.71
N GLY A 25 3.25 -6.19 -13.85
CA GLY A 25 3.41 -5.61 -15.14
C GLY A 25 3.53 -4.12 -15.09
N LEU A 26 4.22 -3.60 -14.10
CA LEU A 26 4.43 -2.18 -14.02
C LEU A 26 5.70 -1.80 -14.69
N ASP A 27 5.70 -0.62 -15.21
CA ASP A 27 6.89 -0.03 -15.75
C ASP A 27 7.68 0.46 -14.56
N HIS A 28 8.97 0.66 -14.72
CA HIS A 28 9.83 1.15 -13.65
C HIS A 28 9.27 2.47 -13.09
N ASP A 29 8.68 3.26 -13.96
CA ASP A 29 8.08 4.54 -13.58
C ASP A 29 6.92 4.30 -12.61
N LYS A 30 6.07 3.34 -12.96
CA LYS A 30 4.93 2.94 -12.15
C LYS A 30 5.38 2.48 -10.76
N VAL A 31 6.43 1.67 -10.71
CA VAL A 31 7.00 1.18 -9.45
C VAL A 31 7.48 2.35 -8.58
N LEU A 32 8.14 3.32 -9.21
CA LEU A 32 8.65 4.50 -8.50
C LEU A 32 7.53 5.30 -7.91
N LEU A 33 6.52 5.53 -8.69
CA LEU A 33 5.36 6.27 -8.24
C LEU A 33 4.62 5.51 -7.17
N PHE A 34 4.40 4.24 -7.41
CA PHE A 34 3.67 3.38 -6.50
C PHE A 34 4.36 3.28 -5.16
N SER A 35 5.65 3.00 -5.17
CA SER A 35 6.41 2.83 -3.95
C SER A 35 6.32 4.06 -3.05
N ARG A 36 6.51 5.24 -3.64
CA ARG A 36 6.49 6.47 -2.86
C ARG A 36 5.08 6.86 -2.41
N ASP A 37 4.09 6.51 -3.23
CA ASP A 37 2.70 6.87 -2.93
C ASP A 37 2.20 5.97 -1.82
N LEU A 38 2.47 4.69 -1.97
CA LEU A 38 2.13 3.67 -0.98
C LEU A 38 2.81 4.00 0.34
N ASP A 39 4.05 4.38 0.24
CA ASP A 39 4.84 4.77 1.41
C ASP A 39 4.19 5.95 2.12
N LYS A 40 3.62 6.88 1.37
CA LYS A 40 3.03 8.04 1.99
C LYS A 40 1.66 7.71 2.53
N LEU A 41 0.97 6.78 1.88
CA LEU A 41 -0.36 6.35 2.28
C LEU A 41 -0.26 5.73 3.67
N ILE A 42 0.81 5.04 3.90
CA ILE A 42 1.05 4.41 5.19
C ILE A 42 1.31 5.50 6.24
N ASN A 43 2.29 6.34 5.96
CA ASN A 43 2.67 7.49 6.83
C ASN A 43 1.47 8.42 7.09
N LYS A 44 0.55 8.47 6.14
CA LYS A 44 -0.70 9.20 6.24
C LYS A 44 -1.52 8.67 7.42
N PHE A 45 -1.63 7.36 7.49
CA PHE A 45 -2.38 6.71 8.53
C PHE A 45 -1.60 6.55 9.81
N MET A 46 -0.29 6.44 9.69
CA MET A 46 0.57 6.32 10.87
C MET A 46 0.56 7.65 11.62
N ASN A 47 0.36 8.72 10.86
CA ASN A 47 0.39 10.09 11.34
C ASN A 47 1.78 10.46 11.82
N VAL A 48 2.72 9.80 11.20
CA VAL A 48 4.12 9.99 11.46
C VAL A 48 4.74 10.39 10.17
N LYS A 49 5.55 11.40 10.21
CA LYS A 49 6.23 11.86 9.02
C LYS A 49 7.72 11.94 9.29
N ASP A 50 8.12 11.42 10.42
CA ASP A 50 9.50 11.49 10.83
C ASP A 50 10.29 10.33 10.29
N LYS A 51 10.61 10.38 9.03
CA LYS A 51 11.52 9.41 8.45
C LYS A 51 12.83 10.10 8.19
N VAL A 52 12.90 11.30 8.68
CA VAL A 52 14.07 12.13 8.58
C VAL A 52 14.90 11.89 9.82
N HIS A 53 16.04 12.51 9.90
CA HIS A 53 16.89 12.32 11.04
C HIS A 53 16.90 13.60 11.85
N LYS A 54 16.03 13.66 12.80
CA LYS A 54 15.88 14.82 13.62
C LYS A 54 16.38 14.54 15.03
N LEU A 55 17.63 14.84 15.24
CA LEU A 55 18.21 14.76 16.55
C LEU A 55 18.28 16.15 17.10
N GLU A 56 18.08 16.28 18.38
CA GLU A 56 18.02 17.57 19.01
C GLU A 56 19.38 17.99 19.51
N HIS A 57 19.67 19.25 19.36
CA HIS A 57 20.90 19.84 19.82
C HIS A 57 20.60 20.71 21.01
N HIS A 58 20.98 20.28 22.17
CA HIS A 58 20.64 21.03 23.37
C HIS A 58 21.71 22.04 23.77
N HIS A 59 22.85 21.98 23.10
CA HIS A 59 23.90 22.95 23.35
C HIS A 59 24.18 23.70 22.04
N HIS A 60 23.24 24.53 21.69
CA HIS A 60 23.30 25.38 20.53
C HIS A 60 23.68 26.79 20.99
N HIS A 61 23.28 27.10 22.19
CA HIS A 61 23.60 28.36 22.83
C HIS A 61 24.05 28.08 24.26
N HIS A 62 24.49 29.10 24.92
CA HIS A 62 24.93 29.02 26.29
C HIS A 62 24.48 30.26 26.98
N MET B 1 0.86 -19.07 -17.16
CA MET B 1 1.34 -17.72 -16.89
C MET B 1 0.30 -16.98 -16.12
N GLU B 2 0.70 -16.21 -15.14
CA GLU B 2 -0.26 -15.61 -14.25
C GLU B 2 -0.23 -14.13 -14.13
N MET B 3 -1.36 -13.64 -13.70
CA MET B 3 -1.56 -12.26 -13.31
C MET B 3 -2.68 -12.21 -12.30
N GLY B 4 -3.65 -13.11 -12.46
CA GLY B 4 -4.75 -13.21 -11.52
C GLY B 4 -4.30 -13.81 -10.22
N GLN B 5 -3.58 -14.92 -10.29
CA GLN B 5 -3.05 -15.57 -9.10
C GLN B 5 -1.95 -14.72 -8.49
N LEU B 6 -1.35 -13.89 -9.32
CA LEU B 6 -0.35 -12.96 -8.88
C LEU B 6 -1.03 -11.85 -8.08
N LYS B 7 -2.13 -11.34 -8.61
CA LYS B 7 -2.90 -10.28 -7.96
C LYS B 7 -3.50 -10.82 -6.65
N ASN B 8 -3.80 -12.12 -6.65
CA ASN B 8 -4.25 -12.84 -5.45
C ASN B 8 -3.18 -12.73 -4.35
N LYS B 9 -1.92 -12.93 -4.72
CA LYS B 9 -0.82 -12.81 -3.79
C LYS B 9 -0.60 -11.36 -3.39
N ILE B 10 -0.86 -10.46 -4.33
CA ILE B 10 -0.82 -9.03 -4.07
C ILE B 10 -1.82 -8.69 -2.97
N GLU B 11 -3.04 -9.20 -3.11
CA GLU B 11 -4.07 -9.03 -2.09
C GLU B 11 -3.55 -9.48 -0.75
N ASN B 12 -3.08 -10.72 -0.70
CA ASN B 12 -2.51 -11.30 0.51
C ASN B 12 -1.42 -10.40 1.12
N LYS B 13 -0.46 -9.99 0.31
CA LYS B 13 0.69 -9.24 0.80
C LYS B 13 0.27 -7.85 1.27
N LYS B 14 -0.56 -7.21 0.49
CA LYS B 14 -1.13 -5.90 0.78
C LYS B 14 -1.86 -5.95 2.11
N LYS B 15 -2.62 -7.00 2.29
CA LYS B 15 -3.40 -7.21 3.49
C LYS B 15 -2.52 -7.57 4.68
N GLU B 16 -1.42 -8.29 4.41
CA GLU B 16 -0.42 -8.57 5.45
C GLU B 16 0.13 -7.26 5.97
N LEU B 17 0.36 -6.34 5.05
CA LEU B 17 0.86 -5.03 5.38
C LEU B 17 -0.18 -4.24 6.15
N ILE B 18 -1.40 -4.29 5.70
CA ILE B 18 -2.51 -3.60 6.35
C ILE B 18 -2.59 -3.98 7.81
N GLN B 19 -2.45 -5.27 8.06
CA GLN B 19 -2.46 -5.78 9.41
C GLN B 19 -1.24 -5.28 10.22
N LEU B 20 -0.14 -5.03 9.53
CA LEU B 20 1.05 -4.49 10.18
C LEU B 20 0.86 -3.01 10.49
N VAL B 21 0.40 -2.24 9.51
CA VAL B 21 0.11 -0.81 9.71
C VAL B 21 -1.00 -0.67 10.77
N ALA B 22 -1.89 -1.63 10.82
CA ALA B 22 -2.96 -1.67 11.79
C ALA B 22 -2.40 -1.88 13.20
N ARG B 23 -1.45 -2.82 13.34
CA ARG B 23 -0.89 -3.13 14.65
C ARG B 23 0.12 -2.07 15.10
N HIS B 24 0.30 -1.06 14.26
CA HIS B 24 1.04 0.14 14.62
C HIS B 24 0.22 0.90 15.67
N GLY B 25 -1.08 0.70 15.63
CA GLY B 25 -1.95 1.34 16.56
C GLY B 25 -3.06 2.08 15.89
N LEU B 26 -3.51 1.58 14.74
CA LEU B 26 -4.60 2.22 14.06
C LEU B 26 -5.91 1.93 14.71
N ASP B 27 -6.78 2.88 14.62
CA ASP B 27 -8.14 2.72 15.02
C ASP B 27 -8.82 1.83 14.02
N HIS B 28 -9.92 1.24 14.39
CA HIS B 28 -10.65 0.32 13.55
C HIS B 28 -10.99 1.01 12.21
N ASP B 29 -11.43 2.26 12.31
CA ASP B 29 -11.79 3.07 11.15
C ASP B 29 -10.58 3.33 10.26
N LYS B 30 -9.43 3.48 10.88
CA LYS B 30 -8.19 3.72 10.16
C LYS B 30 -7.81 2.54 9.30
N VAL B 31 -7.91 1.35 9.85
CA VAL B 31 -7.61 0.14 9.11
C VAL B 31 -8.55 0.03 7.91
N LEU B 32 -9.84 0.29 8.14
CA LEU B 32 -10.86 0.28 7.10
C LEU B 32 -10.52 1.26 5.99
N LEU B 33 -10.31 2.50 6.37
CA LEU B 33 -10.00 3.56 5.41
C LEU B 33 -8.69 3.25 4.68
N PHE B 34 -7.69 2.77 5.42
CA PHE B 34 -6.40 2.42 4.86
C PHE B 34 -6.55 1.31 3.83
N SER B 35 -7.25 0.24 4.19
CA SER B 35 -7.44 -0.89 3.30
C SER B 35 -8.16 -0.49 2.01
N ARG B 36 -9.05 0.49 2.11
CA ARG B 36 -9.78 1.00 0.98
C ARG B 36 -8.90 1.86 0.10
N ASP B 37 -8.25 2.82 0.73
CA ASP B 37 -7.42 3.83 0.05
C ASP B 37 -6.28 3.15 -0.67
N LEU B 38 -5.73 2.17 0.01
CA LEU B 38 -4.64 1.38 -0.50
C LEU B 38 -5.09 0.45 -1.60
N ASP B 39 -6.28 -0.10 -1.47
CA ASP B 39 -6.80 -1.00 -2.49
C ASP B 39 -6.96 -0.23 -3.78
N LYS B 40 -7.51 0.96 -3.66
CA LYS B 40 -7.69 1.85 -4.80
C LYS B 40 -6.37 2.32 -5.37
N LEU B 41 -5.42 2.61 -4.49
CA LEU B 41 -4.09 3.04 -4.89
C LEU B 41 -3.45 1.95 -5.75
N ILE B 42 -3.62 0.72 -5.33
CA ILE B 42 -3.10 -0.40 -6.07
C ILE B 42 -3.89 -0.63 -7.35
N ASN B 43 -5.22 -0.57 -7.27
CA ASN B 43 -6.10 -0.75 -8.47
C ASN B 43 -5.77 0.27 -9.55
N LYS B 44 -5.37 1.45 -9.10
CA LYS B 44 -4.95 2.54 -9.95
C LYS B 44 -3.70 2.13 -10.74
N PHE B 45 -2.71 1.59 -10.03
CA PHE B 45 -1.47 1.16 -10.65
C PHE B 45 -1.61 -0.16 -11.40
N MET B 46 -2.53 -1.00 -10.95
CA MET B 46 -2.85 -2.25 -11.65
C MET B 46 -3.52 -1.90 -12.96
N ASN B 47 -4.02 -0.66 -13.03
CA ASN B 47 -4.77 -0.14 -14.14
C ASN B 47 -5.95 -1.03 -14.42
N VAL B 48 -6.80 -1.18 -13.41
CA VAL B 48 -7.97 -2.01 -13.52
C VAL B 48 -8.96 -1.34 -14.41
N LYS B 49 -9.07 -1.87 -15.57
CA LYS B 49 -9.95 -1.36 -16.57
C LYS B 49 -11.19 -2.22 -16.63
N ASP B 50 -11.22 -3.21 -15.78
CA ASP B 50 -12.35 -4.12 -15.68
C ASP B 50 -13.41 -3.46 -14.85
N LYS B 51 -14.50 -3.12 -15.47
CA LYS B 51 -15.61 -2.46 -14.79
C LYS B 51 -16.62 -3.47 -14.33
N VAL B 52 -16.26 -4.71 -14.46
CA VAL B 52 -17.12 -5.82 -14.12
C VAL B 52 -16.66 -6.50 -12.85
N HIS B 53 -17.63 -7.07 -12.14
CA HIS B 53 -17.44 -7.77 -10.86
C HIS B 53 -17.15 -6.80 -9.72
N LYS B 54 -17.71 -7.12 -8.54
CA LYS B 54 -17.60 -6.32 -7.31
C LYS B 54 -18.43 -5.04 -7.35
N LEU B 55 -19.44 -4.99 -6.53
CA LEU B 55 -20.27 -3.81 -6.45
C LEU B 55 -19.73 -2.93 -5.34
N GLU B 56 -18.85 -2.02 -5.72
CA GLU B 56 -18.13 -1.12 -4.80
C GLU B 56 -17.16 -1.93 -3.90
N HIS B 57 -17.71 -2.66 -2.95
CA HIS B 57 -16.95 -3.51 -2.05
C HIS B 57 -17.73 -4.81 -1.78
N HIS B 58 -18.94 -4.89 -2.33
CA HIS B 58 -19.78 -6.05 -2.12
C HIS B 58 -19.39 -7.12 -3.10
N HIS B 59 -19.43 -8.37 -2.65
CA HIS B 59 -19.04 -9.53 -3.45
C HIS B 59 -17.57 -9.43 -3.80
N HIS B 60 -16.79 -9.10 -2.78
CA HIS B 60 -15.36 -8.96 -2.89
C HIS B 60 -14.68 -10.31 -2.95
N HIS B 61 -13.41 -10.30 -3.37
CA HIS B 61 -12.59 -11.50 -3.61
C HIS B 61 -12.99 -12.20 -4.88
N HIS B 62 -12.04 -12.66 -5.61
CA HIS B 62 -12.28 -13.35 -6.84
C HIS B 62 -11.03 -14.12 -7.14
N MET A 1 7.15 -4.85 21.33
CA MET A 1 8.05 -4.50 20.21
C MET A 1 8.12 -2.99 20.06
N GLU A 2 9.22 -2.51 19.52
CA GLU A 2 9.41 -1.09 19.29
C GLU A 2 8.85 -0.70 17.94
N MET A 3 8.29 0.50 17.87
CA MET A 3 7.66 1.04 16.66
C MET A 3 8.62 1.02 15.48
N GLY A 4 9.89 1.26 15.75
CA GLY A 4 10.90 1.26 14.71
C GLY A 4 11.10 -0.12 14.10
N GLN A 5 10.98 -1.14 14.92
CA GLN A 5 11.16 -2.51 14.47
C GLN A 5 9.89 -3.04 13.88
N LEU A 6 8.78 -2.48 14.31
CA LEU A 6 7.49 -2.77 13.73
C LEU A 6 7.48 -2.17 12.32
N LYS A 7 8.05 -0.98 12.21
CA LYS A 7 8.25 -0.30 10.95
C LYS A 7 9.09 -1.12 10.03
N ASN A 8 10.08 -1.77 10.58
CA ASN A 8 10.98 -2.62 9.80
C ASN A 8 10.19 -3.75 9.11
N LYS A 9 9.22 -4.32 9.84
CA LYS A 9 8.34 -5.34 9.28
C LYS A 9 7.49 -4.73 8.18
N ILE A 10 6.91 -3.57 8.49
CA ILE A 10 6.08 -2.83 7.55
C ILE A 10 6.84 -2.51 6.28
N GLU A 11 8.04 -1.96 6.42
CA GLU A 11 8.87 -1.60 5.28
C GLU A 11 9.08 -2.79 4.38
N ASN A 12 9.51 -3.90 4.96
CA ASN A 12 9.75 -5.11 4.18
C ASN A 12 8.47 -5.61 3.51
N LYS A 13 7.38 -5.67 4.29
CA LYS A 13 6.10 -6.20 3.80
C LYS A 13 5.56 -5.29 2.66
N LYS A 14 5.72 -3.99 2.85
CA LYS A 14 5.37 -2.96 1.88
C LYS A 14 6.12 -3.21 0.57
N LYS A 15 7.42 -3.36 0.69
CA LYS A 15 8.31 -3.55 -0.44
C LYS A 15 8.05 -4.88 -1.13
N GLU A 16 7.68 -5.90 -0.37
CA GLU A 16 7.30 -7.17 -0.95
C GLU A 16 6.08 -7.00 -1.84
N LEU A 17 5.12 -6.23 -1.34
CA LEU A 17 3.92 -5.94 -2.07
C LEU A 17 4.25 -5.15 -3.32
N ILE A 18 5.09 -4.14 -3.14
CA ILE A 18 5.51 -3.28 -4.24
C ILE A 18 6.08 -4.11 -5.37
N GLN A 19 6.93 -5.07 -5.01
CA GLN A 19 7.52 -5.99 -5.97
C GLN A 19 6.44 -6.76 -6.73
N LEU A 20 5.41 -7.18 -6.02
CA LEU A 20 4.31 -7.92 -6.60
C LEU A 20 3.49 -7.04 -7.53
N VAL A 21 3.13 -5.84 -7.09
CA VAL A 21 2.41 -4.90 -7.92
C VAL A 21 3.27 -4.50 -9.14
N ALA A 22 4.57 -4.37 -8.92
CA ALA A 22 5.51 -3.98 -9.95
C ALA A 22 5.63 -5.04 -11.05
N ARG A 23 5.84 -6.30 -10.66
CA ARG A 23 6.02 -7.41 -11.61
C ARG A 23 4.78 -7.62 -12.48
N HIS A 24 3.65 -7.09 -12.01
CA HIS A 24 2.39 -7.11 -12.72
C HIS A 24 2.52 -6.44 -14.11
N GLY A 25 3.44 -5.48 -14.24
CA GLY A 25 3.61 -4.84 -15.52
C GLY A 25 4.08 -3.42 -15.43
N LEU A 26 4.22 -2.92 -14.22
CA LEU A 26 4.67 -1.58 -13.98
C LEU A 26 6.05 -1.27 -14.52
N ASP A 27 6.20 -0.04 -14.87
CA ASP A 27 7.44 0.51 -15.36
C ASP A 27 8.24 0.97 -14.16
N HIS A 28 9.44 1.44 -14.37
CA HIS A 28 10.29 1.87 -13.25
C HIS A 28 9.70 3.09 -12.55
N ASP A 29 9.24 4.06 -13.35
CA ASP A 29 8.63 5.28 -12.82
C ASP A 29 7.38 4.97 -12.05
N LYS A 30 6.71 3.93 -12.48
CA LYS A 30 5.49 3.47 -11.86
C LYS A 30 5.76 2.97 -10.46
N VAL A 31 6.79 2.17 -10.31
CA VAL A 31 7.17 1.60 -9.03
C VAL A 31 7.56 2.72 -8.08
N LEU A 32 8.27 3.71 -8.59
CA LEU A 32 8.66 4.88 -7.82
C LEU A 32 7.44 5.64 -7.33
N LEU A 33 6.56 5.99 -8.25
CA LEU A 33 5.34 6.74 -7.92
C LEU A 33 4.43 5.97 -6.98
N PHE A 34 4.29 4.69 -7.22
CA PHE A 34 3.48 3.82 -6.40
C PHE A 34 4.04 3.75 -4.99
N SER A 35 5.32 3.43 -4.88
CA SER A 35 5.93 3.24 -3.59
C SER A 35 5.97 4.53 -2.78
N ARG A 36 6.24 5.65 -3.43
CA ARG A 36 6.29 6.92 -2.72
C ARG A 36 4.93 7.35 -2.21
N ASP A 37 3.86 7.04 -2.94
CA ASP A 37 2.52 7.38 -2.45
C ASP A 37 2.18 6.45 -1.30
N LEU A 38 2.42 5.16 -1.54
CA LEU A 38 2.18 4.09 -0.58
C LEU A 38 2.87 4.34 0.73
N ASP A 39 4.15 4.64 0.66
CA ASP A 39 4.97 4.90 1.82
C ASP A 39 4.41 6.04 2.65
N LYS A 40 4.10 7.15 1.98
CA LYS A 40 3.54 8.30 2.65
C LYS A 40 2.16 7.99 3.22
N LEU A 41 1.40 7.19 2.49
CA LEU A 41 0.06 6.76 2.91
C LEU A 41 0.15 5.98 4.22
N ILE A 42 1.10 5.08 4.28
CA ILE A 42 1.29 4.24 5.46
C ILE A 42 1.68 5.11 6.64
N ASN A 43 2.75 5.84 6.47
CA ASN A 43 3.29 6.74 7.50
C ASN A 43 2.24 7.77 7.97
N LYS A 44 1.31 8.12 7.06
CA LYS A 44 0.19 9.01 7.37
C LYS A 44 -0.73 8.35 8.39
N PHE A 45 -1.08 7.11 8.13
CA PHE A 45 -1.97 6.37 8.99
C PHE A 45 -1.29 5.92 10.24
N MET A 46 -0.02 5.63 10.16
CA MET A 46 0.75 5.23 11.32
C MET A 46 0.87 6.40 12.28
N ASN A 47 1.11 7.57 11.69
CA ASN A 47 1.43 8.80 12.40
C ASN A 47 2.90 8.76 12.80
N VAL A 48 3.73 9.00 11.81
CA VAL A 48 5.17 9.00 11.97
C VAL A 48 5.63 10.42 11.87
N LYS A 49 6.45 10.82 12.79
CA LYS A 49 6.93 12.19 12.84
C LYS A 49 8.43 12.12 12.99
N ASP A 50 8.90 10.92 12.88
CA ASP A 50 10.26 10.54 13.12
C ASP A 50 11.03 10.63 11.83
N LYS A 51 11.57 11.79 11.56
CA LYS A 51 12.27 12.01 10.31
C LYS A 51 13.74 11.63 10.40
N VAL A 52 14.12 11.21 11.57
CA VAL A 52 15.45 10.66 11.79
C VAL A 52 15.46 9.18 11.37
N HIS A 53 14.27 8.70 11.05
CA HIS A 53 14.07 7.36 10.53
C HIS A 53 13.63 7.44 9.08
N LYS A 54 13.64 8.62 8.51
CA LYS A 54 13.09 8.76 7.18
C LYS A 54 13.91 9.73 6.34
N LEU A 55 14.51 9.21 5.30
CA LEU A 55 15.29 10.01 4.41
C LEU A 55 14.74 9.92 2.99
N GLU A 56 14.12 10.97 2.55
CA GLU A 56 13.56 11.06 1.21
C GLU A 56 14.13 12.26 0.51
N HIS A 57 13.75 13.43 1.04
CA HIS A 57 14.14 14.75 0.56
C HIS A 57 13.52 15.08 -0.78
N HIS A 58 12.78 16.16 -0.80
CA HIS A 58 12.09 16.56 -1.99
C HIS A 58 12.97 17.28 -3.03
N HIS A 59 13.86 16.52 -3.62
CA HIS A 59 14.72 17.03 -4.69
C HIS A 59 14.19 16.56 -6.03
N HIS A 60 13.04 15.88 -5.97
CA HIS A 60 12.32 15.28 -7.13
C HIS A 60 13.06 14.07 -7.67
N HIS A 61 14.34 14.22 -7.85
CA HIS A 61 15.21 13.17 -8.32
C HIS A 61 15.54 12.29 -7.13
N HIS A 62 15.17 11.05 -7.20
CA HIS A 62 15.40 10.11 -6.14
C HIS A 62 15.57 8.75 -6.76
N MET B 1 0.15 -18.47 -17.78
CA MET B 1 0.24 -18.23 -16.34
C MET B 1 -1.01 -17.50 -15.91
N GLU B 2 -1.62 -17.92 -14.83
CA GLU B 2 -2.82 -17.29 -14.35
C GLU B 2 -2.47 -16.06 -13.52
N MET B 3 -3.13 -14.96 -13.80
CA MET B 3 -2.88 -13.71 -13.09
C MET B 3 -3.61 -13.71 -11.77
N GLY B 4 -4.56 -14.62 -11.64
CA GLY B 4 -5.27 -14.82 -10.41
C GLY B 4 -4.33 -15.13 -9.26
N GLN B 5 -3.26 -15.88 -9.54
CA GLN B 5 -2.30 -16.24 -8.50
C GLN B 5 -1.45 -15.03 -8.14
N LEU B 6 -1.18 -14.19 -9.13
CA LEU B 6 -0.38 -13.00 -8.95
C LEU B 6 -1.17 -12.01 -8.08
N LYS B 7 -2.43 -11.83 -8.42
CA LYS B 7 -3.31 -10.96 -7.66
C LYS B 7 -3.50 -11.50 -6.27
N ASN B 8 -3.56 -12.81 -6.14
CA ASN B 8 -3.68 -13.45 -4.84
C ASN B 8 -2.49 -13.10 -3.96
N LYS B 9 -1.29 -13.12 -4.55
CA LYS B 9 -0.07 -12.77 -3.82
C LYS B 9 -0.17 -11.33 -3.35
N ILE B 10 -0.58 -10.46 -4.28
CA ILE B 10 -0.75 -9.04 -3.99
C ILE B 10 -1.73 -8.85 -2.84
N GLU B 11 -2.90 -9.50 -2.93
CA GLU B 11 -3.92 -9.41 -1.89
C GLU B 11 -3.38 -9.86 -0.56
N ASN B 12 -2.81 -11.04 -0.54
CA ASN B 12 -2.27 -11.65 0.67
C ASN B 12 -1.22 -10.74 1.32
N LYS B 13 -0.28 -10.28 0.51
CA LYS B 13 0.82 -9.45 0.98
C LYS B 13 0.31 -8.10 1.50
N LYS B 14 -0.55 -7.48 0.72
CA LYS B 14 -1.20 -6.23 1.03
C LYS B 14 -1.96 -6.35 2.36
N LYS B 15 -2.72 -7.43 2.53
CA LYS B 15 -3.47 -7.65 3.76
C LYS B 15 -2.52 -7.91 4.94
N GLU B 16 -1.42 -8.61 4.69
CA GLU B 16 -0.38 -8.81 5.70
C GLU B 16 0.19 -7.48 6.16
N LEU B 17 0.30 -6.57 5.24
CA LEU B 17 0.77 -5.25 5.52
C LEU B 17 -0.26 -4.45 6.30
N ILE B 18 -1.51 -4.52 5.85
CA ILE B 18 -2.60 -3.78 6.49
C ILE B 18 -2.66 -4.09 7.97
N GLN B 19 -2.53 -5.37 8.29
CA GLN B 19 -2.48 -5.85 9.67
C GLN B 19 -1.34 -5.22 10.44
N LEU B 20 -0.19 -5.06 9.78
CA LEU B 20 0.98 -4.44 10.41
C LEU B 20 0.72 -2.96 10.70
N VAL B 21 0.23 -2.23 9.70
CA VAL B 21 -0.12 -0.82 9.89
C VAL B 21 -1.20 -0.69 10.98
N ALA B 22 -2.18 -1.58 10.93
CA ALA B 22 -3.31 -1.58 11.85
C ALA B 22 -2.86 -1.76 13.30
N ARG B 23 -2.02 -2.76 13.54
CA ARG B 23 -1.55 -3.08 14.90
C ARG B 23 -0.61 -2.01 15.44
N HIS B 24 -0.20 -1.10 14.59
CA HIS B 24 0.62 0.02 15.00
C HIS B 24 -0.17 0.95 15.94
N GLY B 25 -1.48 1.01 15.76
CA GLY B 25 -2.28 1.87 16.61
C GLY B 25 -3.50 2.45 15.94
N LEU B 26 -3.75 2.03 14.73
CA LEU B 26 -4.90 2.43 13.98
C LEU B 26 -6.20 1.99 14.62
N ASP B 27 -7.20 2.77 14.38
CA ASP B 27 -8.56 2.45 14.78
C ASP B 27 -9.16 1.60 13.68
N HIS B 28 -10.30 1.01 13.92
CA HIS B 28 -10.95 0.17 12.90
C HIS B 28 -11.25 0.99 11.65
N ASP B 29 -11.68 2.22 11.85
CA ASP B 29 -11.97 3.14 10.74
C ASP B 29 -10.71 3.43 9.97
N LYS B 30 -9.62 3.60 10.70
CA LYS B 30 -8.31 3.85 10.11
C LYS B 30 -7.91 2.71 9.17
N VAL B 31 -8.14 1.48 9.61
CA VAL B 31 -7.82 0.30 8.83
C VAL B 31 -8.64 0.30 7.54
N LEU B 32 -9.94 0.59 7.69
CA LEU B 32 -10.88 0.61 6.56
C LEU B 32 -10.50 1.67 5.53
N LEU B 33 -10.14 2.84 6.02
CA LEU B 33 -9.76 3.94 5.14
C LEU B 33 -8.43 3.67 4.48
N PHE B 34 -7.51 3.09 5.24
CA PHE B 34 -6.20 2.77 4.75
C PHE B 34 -6.26 1.71 3.67
N SER B 35 -6.93 0.61 3.96
CA SER B 35 -6.98 -0.51 3.05
C SER B 35 -7.61 -0.14 1.72
N ARG B 36 -8.63 0.70 1.73
CA ARG B 36 -9.30 1.08 0.51
C ARG B 36 -8.45 2.02 -0.33
N ASP B 37 -7.71 2.92 0.33
CA ASP B 37 -6.84 3.84 -0.41
C ASP B 37 -5.69 3.05 -1.00
N LEU B 38 -5.12 2.19 -0.18
CA LEU B 38 -4.04 1.29 -0.56
C LEU B 38 -4.46 0.44 -1.75
N ASP B 39 -5.62 -0.18 -1.63
CA ASP B 39 -6.16 -1.04 -2.67
C ASP B 39 -6.36 -0.27 -3.96
N LYS B 40 -6.85 0.97 -3.85
CA LYS B 40 -7.13 1.77 -5.04
C LYS B 40 -5.83 2.21 -5.70
N LEU B 41 -4.81 2.45 -4.89
CA LEU B 41 -3.50 2.85 -5.38
C LEU B 41 -2.93 1.75 -6.23
N ILE B 42 -3.19 0.54 -5.77
CA ILE B 42 -2.74 -0.63 -6.45
C ILE B 42 -3.49 -0.74 -7.76
N ASN B 43 -4.81 -0.74 -7.68
CA ASN B 43 -5.70 -0.82 -8.86
C ASN B 43 -5.33 0.23 -9.90
N LYS B 44 -5.04 1.44 -9.42
CA LYS B 44 -4.62 2.57 -10.26
C LYS B 44 -3.37 2.22 -11.06
N PHE B 45 -2.38 1.67 -10.39
CA PHE B 45 -1.14 1.32 -11.03
C PHE B 45 -1.19 0.01 -11.79
N MET B 46 -2.10 -0.88 -11.40
CA MET B 46 -2.30 -2.14 -12.12
C MET B 46 -2.90 -1.82 -13.49
N ASN B 47 -3.53 -0.63 -13.59
CA ASN B 47 -4.16 -0.12 -14.83
C ASN B 47 -5.38 -1.00 -15.14
N VAL B 48 -5.92 -1.59 -14.10
CA VAL B 48 -7.05 -2.47 -14.22
C VAL B 48 -8.31 -1.67 -14.30
N LYS B 49 -9.21 -2.16 -15.09
CA LYS B 49 -10.47 -1.50 -15.32
C LYS B 49 -11.54 -2.53 -15.12
N ASP B 50 -11.16 -3.53 -14.38
CA ASP B 50 -11.95 -4.69 -14.13
C ASP B 50 -13.00 -4.41 -13.11
N LYS B 51 -14.12 -4.02 -13.61
CA LYS B 51 -15.30 -3.69 -12.86
C LYS B 51 -16.43 -4.52 -13.44
N VAL B 52 -16.10 -5.80 -13.61
CA VAL B 52 -16.98 -6.80 -14.19
C VAL B 52 -18.36 -6.86 -13.53
N HIS B 53 -19.32 -7.13 -14.34
CA HIS B 53 -20.70 -7.22 -13.96
C HIS B 53 -21.21 -8.59 -14.34
N LYS B 54 -22.10 -9.15 -13.54
CA LYS B 54 -22.62 -10.50 -13.75
C LYS B 54 -21.49 -11.52 -13.57
N LEU B 55 -21.22 -11.88 -12.34
CA LEU B 55 -20.16 -12.84 -12.08
C LEU B 55 -20.68 -14.24 -12.30
N GLU B 56 -20.63 -14.63 -13.52
CA GLU B 56 -21.11 -15.89 -13.95
C GLU B 56 -19.93 -16.83 -14.12
N HIS B 57 -18.83 -16.24 -14.61
CA HIS B 57 -17.58 -16.94 -14.87
C HIS B 57 -17.79 -17.96 -15.97
N HIS B 58 -16.81 -18.78 -16.23
CA HIS B 58 -17.00 -19.81 -17.19
C HIS B 58 -17.35 -21.14 -16.52
N HIS B 59 -18.53 -21.15 -15.94
CA HIS B 59 -19.06 -22.32 -15.26
C HIS B 59 -19.36 -23.37 -16.30
N HIS B 60 -20.01 -22.95 -17.33
CA HIS B 60 -20.31 -23.80 -18.44
C HIS B 60 -19.29 -23.48 -19.54
N HIS B 61 -18.09 -23.91 -19.31
CA HIS B 61 -17.01 -23.66 -20.23
C HIS B 61 -16.95 -24.75 -21.27
N HIS B 62 -16.38 -24.44 -22.38
CA HIS B 62 -16.24 -25.38 -23.46
C HIS B 62 -14.77 -25.55 -23.71
N MET A 1 5.18 -3.11 21.30
CA MET A 1 6.37 -3.19 22.16
C MET A 1 7.45 -2.27 21.63
N GLU A 2 7.97 -2.58 20.46
CA GLU A 2 9.02 -1.80 19.86
C GLU A 2 8.56 -1.47 18.46
N MET A 3 8.27 -0.22 18.20
CA MET A 3 7.70 0.18 16.93
C MET A 3 8.73 0.29 15.81
N GLY A 4 9.99 0.27 16.15
CA GLY A 4 11.04 0.32 15.17
C GLY A 4 11.07 -0.97 14.36
N GLN A 5 11.17 -2.10 15.06
CA GLN A 5 11.18 -3.41 14.39
C GLN A 5 9.81 -3.69 13.74
N LEU A 6 8.80 -2.97 14.20
CA LEU A 6 7.45 -3.05 13.67
C LEU A 6 7.41 -2.32 12.31
N LYS A 7 7.92 -1.08 12.29
CA LYS A 7 8.01 -0.27 11.06
C LYS A 7 8.87 -1.01 10.05
N ASN A 8 9.85 -1.70 10.59
CA ASN A 8 10.80 -2.53 9.85
C ASN A 8 10.07 -3.59 9.03
N LYS A 9 9.05 -4.20 9.65
CA LYS A 9 8.27 -5.23 9.00
C LYS A 9 7.34 -4.61 7.99
N ILE A 10 6.88 -3.41 8.28
CA ILE A 10 5.97 -2.72 7.41
C ILE A 10 6.68 -2.34 6.13
N GLU A 11 7.89 -1.83 6.27
CA GLU A 11 8.71 -1.47 5.12
C GLU A 11 8.94 -2.69 4.26
N ASN A 12 9.37 -3.76 4.87
CA ASN A 12 9.66 -5.01 4.18
C ASN A 12 8.42 -5.56 3.46
N LYS A 13 7.31 -5.65 4.17
CA LYS A 13 6.08 -6.24 3.65
C LYS A 13 5.52 -5.40 2.49
N LYS A 14 5.56 -4.10 2.68
CA LYS A 14 5.18 -3.13 1.69
C LYS A 14 6.06 -3.29 0.44
N LYS A 15 7.36 -3.45 0.64
CA LYS A 15 8.30 -3.63 -0.47
C LYS A 15 8.05 -4.93 -1.20
N GLU A 16 7.70 -5.99 -0.45
CA GLU A 16 7.32 -7.28 -1.05
C GLU A 16 6.13 -7.07 -1.99
N LEU A 17 5.19 -6.25 -1.53
CA LEU A 17 4.02 -5.92 -2.31
C LEU A 17 4.40 -5.16 -3.54
N ILE A 18 5.26 -4.16 -3.35
CA ILE A 18 5.67 -3.32 -4.46
C ILE A 18 6.30 -4.17 -5.55
N GLN A 19 7.11 -5.14 -5.16
CA GLN A 19 7.73 -6.07 -6.08
C GLN A 19 6.67 -6.90 -6.82
N LEU A 20 5.63 -7.30 -6.10
CA LEU A 20 4.54 -8.08 -6.68
C LEU A 20 3.71 -7.24 -7.65
N VAL A 21 3.29 -6.05 -7.22
CA VAL A 21 2.54 -5.18 -8.11
C VAL A 21 3.41 -4.69 -9.29
N ALA A 22 4.70 -4.53 -9.05
CA ALA A 22 5.64 -4.16 -10.10
C ALA A 22 5.66 -5.22 -11.21
N ARG A 23 5.83 -6.47 -10.81
CA ARG A 23 5.89 -7.59 -11.75
C ARG A 23 4.56 -7.85 -12.47
N HIS A 24 3.48 -7.30 -11.91
CA HIS A 24 2.16 -7.35 -12.56
C HIS A 24 2.24 -6.77 -13.98
N GLY A 25 2.98 -5.69 -14.13
CA GLY A 25 3.05 -5.05 -15.41
C GLY A 25 3.49 -3.62 -15.33
N LEU A 26 3.61 -3.11 -14.12
CA LEU A 26 4.09 -1.78 -13.89
C LEU A 26 5.46 -1.52 -14.47
N ASP A 27 5.62 -0.32 -14.93
CA ASP A 27 6.87 0.15 -15.47
C ASP A 27 7.75 0.47 -14.27
N HIS A 28 9.04 0.52 -14.46
CA HIS A 28 9.93 0.86 -13.34
C HIS A 28 9.71 2.28 -12.84
N ASP A 29 9.22 3.14 -13.72
CA ASP A 29 8.82 4.51 -13.37
C ASP A 29 7.58 4.46 -12.48
N LYS A 30 6.66 3.55 -12.83
CA LYS A 30 5.44 3.34 -12.05
C LYS A 30 5.79 2.90 -10.64
N VAL A 31 6.82 2.07 -10.54
CA VAL A 31 7.25 1.52 -9.26
C VAL A 31 7.77 2.64 -8.37
N LEU A 32 8.48 3.59 -8.98
CA LEU A 32 8.99 4.76 -8.27
C LEU A 32 7.88 5.62 -7.76
N LEU A 33 6.92 5.88 -8.60
CA LEU A 33 5.76 6.71 -8.26
C LEU A 33 4.92 6.03 -7.21
N PHE A 34 4.68 4.75 -7.42
CA PHE A 34 3.88 3.96 -6.54
C PHE A 34 4.49 3.89 -5.15
N SER A 35 5.76 3.53 -5.08
CA SER A 35 6.42 3.33 -3.80
C SER A 35 6.50 4.61 -2.98
N ARG A 36 6.70 5.74 -3.64
CA ARG A 36 6.82 7.01 -2.93
C ARG A 36 5.46 7.48 -2.41
N ASP A 37 4.42 7.32 -3.22
CA ASP A 37 3.08 7.75 -2.84
C ASP A 37 2.56 6.83 -1.73
N LEU A 38 2.76 5.54 -1.95
CA LEU A 38 2.37 4.47 -1.02
C LEU A 38 2.98 4.70 0.35
N ASP A 39 4.27 4.94 0.38
CA ASP A 39 5.04 5.12 1.61
C ASP A 39 4.43 6.23 2.46
N LYS A 40 4.16 7.35 1.82
CA LYS A 40 3.59 8.51 2.49
C LYS A 40 2.17 8.24 2.97
N LEU A 41 1.42 7.46 2.21
CA LEU A 41 0.04 7.13 2.56
C LEU A 41 0.01 6.28 3.82
N ILE A 42 0.95 5.35 3.90
CA ILE A 42 1.05 4.46 5.02
C ILE A 42 1.41 5.24 6.27
N ASN A 43 2.51 5.94 6.20
CA ASN A 43 3.03 6.72 7.32
C ASN A 43 2.03 7.77 7.81
N LYS A 44 1.21 8.27 6.87
CA LYS A 44 0.15 9.22 7.17
C LYS A 44 -0.81 8.61 8.20
N PHE A 45 -1.24 7.39 7.92
CA PHE A 45 -2.15 6.68 8.79
C PHE A 45 -1.49 6.18 10.04
N MET A 46 -0.21 5.81 9.91
CA MET A 46 0.57 5.33 11.04
C MET A 46 0.73 6.41 12.09
N ASN A 47 0.61 7.67 11.65
CA ASN A 47 0.74 8.87 12.49
C ASN A 47 2.23 9.16 12.75
N VAL A 48 3.07 8.48 12.02
CA VAL A 48 4.48 8.69 12.10
C VAL A 48 4.95 9.24 10.79
N LYS A 49 5.46 10.41 10.83
CA LYS A 49 5.90 11.08 9.63
C LYS A 49 7.41 11.20 9.64
N ASP A 50 7.99 10.28 10.37
CA ASP A 50 9.41 10.05 10.48
C ASP A 50 9.55 8.57 10.47
N LYS A 51 10.69 8.05 10.09
CA LYS A 51 10.84 6.60 10.02
C LYS A 51 11.44 6.03 11.29
N VAL A 52 11.59 6.88 12.25
CA VAL A 52 12.15 6.53 13.51
C VAL A 52 11.23 6.99 14.62
N HIS A 53 11.42 6.44 15.81
CA HIS A 53 10.58 6.76 16.96
C HIS A 53 10.87 8.18 17.47
N LYS A 54 12.01 8.72 17.06
CA LYS A 54 12.45 10.07 17.36
C LYS A 54 12.81 10.23 18.81
N LEU A 55 13.99 9.81 19.13
CA LEU A 55 14.48 9.96 20.48
C LEU A 55 15.30 11.23 20.57
N GLU A 56 14.80 12.16 21.33
CA GLU A 56 15.45 13.45 21.53
C GLU A 56 16.78 13.26 22.25
N HIS A 57 16.74 12.50 23.32
CA HIS A 57 17.90 12.21 24.13
C HIS A 57 17.93 10.74 24.44
N HIS A 58 18.87 10.07 23.86
CA HIS A 58 19.02 8.67 24.11
C HIS A 58 20.25 8.42 24.93
N HIS A 59 20.01 8.03 26.14
CA HIS A 59 21.05 7.70 27.12
C HIS A 59 20.76 6.30 27.61
N HIS A 60 20.14 5.57 26.72
CA HIS A 60 19.70 4.23 26.90
C HIS A 60 19.88 3.58 25.55
N HIS A 61 20.28 2.30 25.52
CA HIS A 61 20.52 1.54 24.27
C HIS A 61 21.85 1.95 23.64
N HIS A 62 21.97 3.20 23.34
CA HIS A 62 23.15 3.78 22.78
C HIS A 62 23.29 5.16 23.36
N MET B 1 2.00 -19.58 -13.50
CA MET B 1 1.84 -18.15 -13.32
C MET B 1 0.56 -17.73 -13.94
N GLU B 2 -0.38 -17.46 -13.09
CA GLU B 2 -1.67 -17.06 -13.48
C GLU B 2 -1.79 -15.62 -13.10
N MET B 3 -2.27 -14.78 -13.99
CA MET B 3 -2.36 -13.35 -13.69
C MET B 3 -3.35 -13.07 -12.56
N GLY B 4 -4.37 -13.90 -12.46
CA GLY B 4 -5.34 -13.76 -11.38
C GLY B 4 -4.72 -14.15 -10.05
N GLN B 5 -3.87 -15.16 -10.06
CA GLN B 5 -3.19 -15.59 -8.84
C GLN B 5 -2.07 -14.64 -8.49
N LEU B 6 -1.45 -14.06 -9.49
CA LEU B 6 -0.45 -13.03 -9.30
C LEU B 6 -1.10 -11.84 -8.61
N LYS B 7 -2.26 -11.47 -9.11
CA LYS B 7 -3.06 -10.39 -8.59
C LYS B 7 -3.50 -10.74 -7.17
N ASN B 8 -3.75 -12.02 -6.96
CA ASN B 8 -4.14 -12.57 -5.65
C ASN B 8 -2.99 -12.41 -4.65
N LYS B 9 -1.76 -12.64 -5.11
CA LYS B 9 -0.56 -12.47 -4.27
C LYS B 9 -0.39 -11.00 -3.90
N ILE B 10 -0.69 -10.13 -4.84
CA ILE B 10 -0.65 -8.69 -4.63
C ILE B 10 -1.62 -8.31 -3.52
N GLU B 11 -2.84 -8.83 -3.60
CA GLU B 11 -3.86 -8.62 -2.56
C GLU B 11 -3.34 -9.17 -1.25
N ASN B 12 -2.87 -10.39 -1.32
CA ASN B 12 -2.36 -11.14 -0.20
C ASN B 12 -1.31 -10.36 0.60
N LYS B 13 -0.32 -9.86 -0.11
CA LYS B 13 0.80 -9.16 0.49
C LYS B 13 0.36 -7.79 1.02
N LYS B 14 -0.53 -7.14 0.26
CA LYS B 14 -1.14 -5.87 0.65
C LYS B 14 -1.82 -6.03 2.01
N LYS B 15 -2.63 -7.06 2.10
CA LYS B 15 -3.37 -7.40 3.32
C LYS B 15 -2.43 -7.67 4.48
N GLU B 16 -1.32 -8.37 4.20
CA GLU B 16 -0.30 -8.63 5.22
C GLU B 16 0.22 -7.32 5.79
N LEU B 17 0.43 -6.36 4.92
CA LEU B 17 0.93 -5.05 5.27
C LEU B 17 -0.08 -4.31 6.12
N ILE B 18 -1.32 -4.35 5.69
CA ILE B 18 -2.40 -3.64 6.36
C ILE B 18 -2.49 -4.08 7.82
N GLN B 19 -2.38 -5.37 8.04
CA GLN B 19 -2.40 -5.94 9.39
C GLN B 19 -1.24 -5.42 10.22
N LEU B 20 -0.15 -5.09 9.56
CA LEU B 20 1.02 -4.57 10.24
C LEU B 20 0.84 -3.10 10.60
N VAL B 21 0.38 -2.27 9.65
CA VAL B 21 0.14 -0.88 9.95
C VAL B 21 -1.02 -0.74 10.99
N ALA B 22 -1.92 -1.73 10.98
CA ALA B 22 -3.03 -1.77 11.89
C ALA B 22 -2.57 -2.02 13.32
N ARG B 23 -1.67 -2.98 13.49
CA ARG B 23 -1.17 -3.33 14.83
C ARG B 23 -0.18 -2.29 15.35
N HIS B 24 0.07 -1.28 14.54
CA HIS B 24 0.84 -0.13 14.95
C HIS B 24 0.00 0.73 15.93
N GLY B 25 -1.31 0.71 15.79
CA GLY B 25 -2.14 1.49 16.69
C GLY B 25 -3.43 1.98 16.07
N LEU B 26 -3.58 1.76 14.77
CA LEU B 26 -4.77 2.12 14.05
C LEU B 26 -6.03 1.48 14.61
N ASP B 27 -7.07 2.27 14.60
CA ASP B 27 -8.41 1.84 14.95
C ASP B 27 -8.94 1.02 13.80
N HIS B 28 -10.11 0.46 13.93
CA HIS B 28 -10.65 -0.36 12.85
C HIS B 28 -11.01 0.48 11.63
N ASP B 29 -11.55 1.68 11.86
CA ASP B 29 -11.88 2.60 10.77
C ASP B 29 -10.64 3.09 10.08
N LYS B 30 -9.57 3.22 10.86
CA LYS B 30 -8.28 3.59 10.31
C LYS B 30 -7.86 2.56 9.29
N VAL B 31 -8.01 1.30 9.67
CA VAL B 31 -7.67 0.17 8.83
C VAL B 31 -8.53 0.20 7.57
N LEU B 32 -9.81 0.45 7.75
CA LEU B 32 -10.77 0.55 6.66
C LEU B 32 -10.41 1.67 5.69
N LEU B 33 -10.21 2.85 6.22
CA LEU B 33 -9.90 4.02 5.41
C LEU B 33 -8.56 3.85 4.71
N PHE B 34 -7.60 3.28 5.42
CA PHE B 34 -6.31 3.02 4.85
C PHE B 34 -6.38 1.98 3.75
N SER B 35 -6.98 0.83 4.05
CA SER B 35 -7.04 -0.27 3.12
C SER B 35 -7.74 0.11 1.82
N ARG B 36 -8.80 0.88 1.91
CA ARG B 36 -9.51 1.28 0.71
C ARG B 36 -8.74 2.34 -0.10
N ASP B 37 -8.05 3.25 0.59
CA ASP B 37 -7.25 4.30 -0.06
C ASP B 37 -6.05 3.63 -0.73
N LEU B 38 -5.49 2.67 -0.01
CA LEU B 38 -4.39 1.83 -0.46
C LEU B 38 -4.80 1.04 -1.70
N ASP B 39 -5.95 0.40 -1.59
CA ASP B 39 -6.50 -0.43 -2.67
C ASP B 39 -6.68 0.40 -3.92
N LYS B 40 -7.23 1.59 -3.73
CA LYS B 40 -7.48 2.56 -4.74
C LYS B 40 -6.19 2.91 -5.48
N LEU B 41 -5.14 3.16 -4.70
CA LEU B 41 -3.83 3.52 -5.24
C LEU B 41 -3.24 2.37 -6.03
N ILE B 42 -3.40 1.18 -5.51
CA ILE B 42 -2.86 0.02 -6.17
C ILE B 42 -3.58 -0.26 -7.48
N ASN B 43 -4.90 -0.33 -7.43
CA ASN B 43 -5.74 -0.60 -8.63
C ASN B 43 -5.45 0.41 -9.72
N LYS B 44 -5.18 1.62 -9.30
CA LYS B 44 -4.84 2.72 -10.17
C LYS B 44 -3.59 2.40 -11.00
N PHE B 45 -2.59 1.87 -10.35
CA PHE B 45 -1.34 1.54 -10.98
C PHE B 45 -1.40 0.24 -11.75
N MET B 46 -2.19 -0.70 -11.27
CA MET B 46 -2.33 -2.02 -11.90
C MET B 46 -2.95 -1.88 -13.28
N ASN B 47 -3.80 -0.85 -13.42
CA ASN B 47 -4.52 -0.55 -14.65
C ASN B 47 -5.59 -1.57 -14.96
N VAL B 48 -5.94 -2.34 -13.96
CA VAL B 48 -6.95 -3.33 -14.06
C VAL B 48 -7.89 -3.21 -12.90
N LYS B 49 -9.15 -3.24 -13.20
CA LYS B 49 -10.15 -3.25 -12.20
C LYS B 49 -10.77 -4.62 -12.24
N ASP B 50 -10.35 -5.48 -11.34
CA ASP B 50 -10.87 -6.82 -11.32
C ASP B 50 -12.28 -6.85 -10.75
N LYS B 51 -13.21 -6.77 -11.66
CA LYS B 51 -14.62 -6.85 -11.39
C LYS B 51 -15.07 -8.23 -11.73
N VAL B 52 -14.17 -9.19 -11.51
CA VAL B 52 -14.34 -10.58 -11.86
C VAL B 52 -15.33 -11.33 -10.96
N HIS B 53 -16.54 -10.86 -10.97
CA HIS B 53 -17.62 -11.55 -10.32
C HIS B 53 -18.07 -12.61 -11.27
N LYS B 54 -18.46 -13.75 -10.75
CA LYS B 54 -18.70 -14.95 -11.56
C LYS B 54 -17.39 -15.36 -12.19
N LEU B 55 -16.57 -16.09 -11.45
CA LEU B 55 -15.31 -16.53 -12.00
C LEU B 55 -15.57 -17.50 -13.14
N GLU B 56 -14.78 -17.41 -14.18
CA GLU B 56 -14.97 -18.23 -15.38
C GLU B 56 -14.32 -19.60 -15.20
N HIS B 57 -14.20 -20.01 -13.93
CA HIS B 57 -13.52 -21.23 -13.52
C HIS B 57 -12.10 -21.24 -14.02
N HIS B 58 -11.26 -20.56 -13.32
CA HIS B 58 -9.92 -20.36 -13.76
C HIS B 58 -9.01 -21.48 -13.31
N HIS B 59 -9.45 -22.22 -12.31
CA HIS B 59 -8.65 -23.30 -11.82
C HIS B 59 -9.02 -24.59 -12.52
N HIS B 60 -8.69 -24.62 -13.78
CA HIS B 60 -8.90 -25.77 -14.64
C HIS B 60 -7.65 -25.95 -15.46
N HIS B 61 -7.25 -24.84 -16.09
CA HIS B 61 -5.99 -24.69 -16.86
C HIS B 61 -5.94 -25.62 -18.07
N HIS B 62 -5.52 -26.85 -17.85
CA HIS B 62 -5.36 -27.85 -18.87
C HIS B 62 -5.23 -29.21 -18.19
N MET A 1 4.25 -3.63 19.77
CA MET A 1 5.58 -4.16 19.50
C MET A 1 6.49 -3.00 19.21
N GLU A 2 7.78 -3.15 19.52
CA GLU A 2 8.79 -2.09 19.35
C GLU A 2 8.68 -1.44 17.97
N MET A 3 8.41 -0.12 17.98
CA MET A 3 8.17 0.64 16.75
C MET A 3 9.30 0.53 15.74
N GLY A 4 10.54 0.44 16.23
CA GLY A 4 11.69 0.33 15.36
C GLY A 4 11.64 -0.94 14.51
N GLN A 5 11.12 -1.99 15.10
CA GLN A 5 10.97 -3.26 14.41
C GLN A 5 9.65 -3.32 13.69
N LEU A 6 8.62 -2.80 14.32
CA LEU A 6 7.27 -2.83 13.79
C LEU A 6 7.20 -2.09 12.43
N LYS A 7 7.71 -0.86 12.39
CA LYS A 7 7.71 -0.07 11.15
C LYS A 7 8.65 -0.71 10.13
N ASN A 8 9.67 -1.40 10.63
CA ASN A 8 10.63 -2.10 9.79
C ASN A 8 9.97 -3.27 9.07
N LYS A 9 9.10 -4.00 9.79
CA LYS A 9 8.37 -5.11 9.19
C LYS A 9 7.36 -4.57 8.19
N ILE A 10 6.77 -3.43 8.54
CA ILE A 10 5.86 -2.72 7.64
C ILE A 10 6.57 -2.39 6.34
N GLU A 11 7.75 -1.77 6.43
CA GLU A 11 8.57 -1.44 5.27
C GLU A 11 8.79 -2.64 4.39
N ASN A 12 9.28 -3.70 5.00
CA ASN A 12 9.62 -4.92 4.30
C ASN A 12 8.40 -5.52 3.59
N LYS A 13 7.29 -5.63 4.29
CA LYS A 13 6.10 -6.25 3.74
C LYS A 13 5.49 -5.39 2.62
N LYS A 14 5.51 -4.09 2.84
CA LYS A 14 5.07 -3.11 1.86
C LYS A 14 5.91 -3.25 0.58
N LYS A 15 7.20 -3.37 0.76
CA LYS A 15 8.15 -3.54 -0.35
C LYS A 15 7.88 -4.83 -1.10
N GLU A 16 7.60 -5.91 -0.37
CA GLU A 16 7.24 -7.19 -0.97
C GLU A 16 6.03 -7.03 -1.88
N LEU A 17 5.09 -6.23 -1.42
CA LEU A 17 3.90 -5.96 -2.17
C LEU A 17 4.22 -5.18 -3.43
N ILE A 18 5.05 -4.16 -3.28
CA ILE A 18 5.45 -3.31 -4.40
C ILE A 18 6.08 -4.16 -5.48
N GLN A 19 6.93 -5.08 -5.07
CA GLN A 19 7.58 -6.02 -5.98
C GLN A 19 6.53 -6.82 -6.72
N LEU A 20 5.51 -7.24 -6.00
CA LEU A 20 4.44 -8.01 -6.57
C LEU A 20 3.62 -7.19 -7.58
N VAL A 21 3.19 -5.96 -7.23
CA VAL A 21 2.47 -5.14 -8.18
C VAL A 21 3.39 -4.75 -9.37
N ALA A 22 4.68 -4.60 -9.09
CA ALA A 22 5.66 -4.24 -10.09
C ALA A 22 5.83 -5.34 -11.13
N ARG A 23 6.00 -6.57 -10.65
CA ARG A 23 6.19 -7.72 -11.53
C ARG A 23 4.93 -8.05 -12.32
N HIS A 24 3.78 -7.53 -11.85
CA HIS A 24 2.52 -7.61 -12.58
C HIS A 24 2.70 -7.03 -13.98
N GLY A 25 3.44 -5.94 -14.04
CA GLY A 25 3.69 -5.30 -15.29
C GLY A 25 3.75 -3.80 -15.16
N LEU A 26 4.46 -3.31 -14.17
CA LEU A 26 4.62 -1.88 -14.05
C LEU A 26 5.87 -1.42 -14.70
N ASP A 27 5.80 -0.21 -15.20
CA ASP A 27 6.98 0.47 -15.71
C ASP A 27 7.86 0.71 -14.52
N HIS A 28 9.12 0.94 -14.72
CA HIS A 28 10.00 1.24 -13.61
C HIS A 28 9.59 2.54 -12.94
N ASP A 29 9.09 3.47 -13.76
CA ASP A 29 8.51 4.72 -13.28
C ASP A 29 7.27 4.49 -12.45
N LYS A 30 6.48 3.49 -12.84
CA LYS A 30 5.26 3.13 -12.12
C LYS A 30 5.59 2.68 -10.72
N VAL A 31 6.62 1.82 -10.61
CA VAL A 31 7.09 1.31 -9.32
C VAL A 31 7.49 2.47 -8.41
N LEU A 32 8.21 3.43 -8.98
CA LEU A 32 8.65 4.63 -8.27
C LEU A 32 7.45 5.43 -7.78
N LEU A 33 6.55 5.73 -8.69
CA LEU A 33 5.37 6.52 -8.37
C LEU A 33 4.47 5.82 -7.37
N PHE A 34 4.35 4.52 -7.51
CA PHE A 34 3.55 3.72 -6.60
C PHE A 34 4.15 3.73 -5.20
N SER A 35 5.43 3.46 -5.10
CA SER A 35 6.08 3.38 -3.80
C SER A 35 6.09 4.73 -3.06
N ARG A 36 6.22 5.83 -3.82
CA ARG A 36 6.20 7.17 -3.22
C ARG A 36 4.83 7.50 -2.67
N ASP A 37 3.82 7.17 -3.44
CA ASP A 37 2.44 7.48 -3.08
C ASP A 37 1.98 6.57 -1.94
N LEU A 38 2.36 5.31 -2.05
CA LEU A 38 2.06 4.29 -1.04
C LEU A 38 2.66 4.66 0.29
N ASP A 39 3.90 5.10 0.27
CA ASP A 39 4.60 5.43 1.50
C ASP A 39 3.97 6.63 2.19
N LYS A 40 3.46 7.60 1.41
CA LYS A 40 2.86 8.80 1.99
C LYS A 40 1.55 8.45 2.68
N LEU A 41 0.84 7.47 2.11
CA LEU A 41 -0.41 6.99 2.64
C LEU A 41 -0.14 6.33 3.97
N ILE A 42 0.96 5.65 4.04
CA ILE A 42 1.33 4.96 5.23
C ILE A 42 1.77 5.95 6.28
N ASN A 43 2.59 6.92 5.89
CA ASN A 43 3.06 7.97 6.82
C ASN A 43 1.89 8.71 7.44
N LYS A 44 0.86 8.91 6.63
CA LYS A 44 -0.38 9.55 7.04
C LYS A 44 -1.08 8.76 8.14
N PHE A 45 -1.21 7.47 7.92
CA PHE A 45 -1.89 6.61 8.85
C PHE A 45 -1.02 6.21 10.04
N MET A 46 0.29 6.18 9.85
CA MET A 46 1.24 5.96 10.94
C MET A 46 1.18 7.18 11.84
N ASN A 47 0.87 8.31 11.20
CA ASN A 47 0.79 9.63 11.79
C ASN A 47 2.17 10.02 12.32
N VAL A 48 3.17 9.56 11.60
CA VAL A 48 4.53 9.83 11.99
C VAL A 48 4.92 11.22 11.63
N LYS A 49 4.94 12.02 12.61
CA LYS A 49 5.34 13.37 12.51
C LYS A 49 6.70 13.42 13.10
N ASP A 50 7.69 13.42 12.24
CA ASP A 50 9.07 13.33 12.68
C ASP A 50 9.54 14.60 13.38
N LYS A 51 10.69 14.48 13.98
CA LYS A 51 11.33 15.59 14.65
C LYS A 51 12.72 15.80 14.07
N VAL A 52 12.90 15.35 12.84
CA VAL A 52 14.17 15.48 12.17
C VAL A 52 14.12 16.66 11.21
N HIS A 53 12.92 16.99 10.78
CA HIS A 53 12.69 18.17 9.99
C HIS A 53 12.51 19.34 10.93
N LYS A 54 12.69 20.52 10.42
CA LYS A 54 12.61 21.69 11.23
C LYS A 54 11.21 22.23 11.28
N LEU A 55 10.64 22.15 12.44
CA LEU A 55 9.33 22.65 12.68
C LEU A 55 9.46 24.06 13.24
N GLU A 56 8.36 24.66 13.61
CA GLU A 56 8.38 25.99 14.16
C GLU A 56 8.97 25.95 15.57
N HIS A 57 9.34 27.09 16.08
CA HIS A 57 9.90 27.16 17.42
C HIS A 57 8.79 27.25 18.45
N HIS A 58 8.09 26.17 18.59
CA HIS A 58 7.05 26.08 19.58
C HIS A 58 7.61 25.40 20.80
N HIS A 59 8.45 24.40 20.54
CA HIS A 59 9.10 23.58 21.54
C HIS A 59 8.10 22.78 22.34
N HIS A 60 7.56 21.77 21.68
CA HIS A 60 6.58 20.89 22.28
C HIS A 60 7.24 19.56 22.62
N HIS A 61 7.97 19.04 21.66
CA HIS A 61 8.64 17.78 21.84
C HIS A 61 10.05 18.05 22.34
N HIS A 62 10.64 19.05 21.74
CA HIS A 62 11.95 19.51 22.06
C HIS A 62 11.92 21.02 22.00
N MET B 1 2.74 -19.68 -12.39
CA MET B 1 2.66 -19.01 -13.71
C MET B 1 1.34 -18.25 -13.83
N GLU B 2 0.29 -18.81 -13.23
CA GLU B 2 -1.03 -18.21 -13.23
C GLU B 2 -0.95 -16.88 -12.45
N MET B 3 -1.13 -15.76 -13.13
CA MET B 3 -0.97 -14.46 -12.49
C MET B 3 -2.18 -14.02 -11.69
N GLY B 4 -3.22 -14.82 -11.71
CA GLY B 4 -4.34 -14.60 -10.82
C GLY B 4 -3.89 -14.92 -9.42
N GLN B 5 -3.00 -15.90 -9.33
CA GLN B 5 -2.35 -16.25 -8.08
C GLN B 5 -1.40 -15.15 -7.66
N LEU B 6 -0.77 -14.55 -8.65
CA LEU B 6 0.10 -13.39 -8.44
C LEU B 6 -0.75 -12.25 -7.83
N LYS B 7 -1.93 -12.03 -8.41
CA LYS B 7 -2.87 -11.01 -7.92
C LYS B 7 -3.35 -11.39 -6.51
N ASN B 8 -3.56 -12.67 -6.30
CA ASN B 8 -3.96 -13.23 -5.01
C ASN B 8 -2.87 -12.95 -3.96
N LYS B 9 -1.63 -13.12 -4.37
CA LYS B 9 -0.49 -12.84 -3.52
C LYS B 9 -0.38 -11.35 -3.25
N ILE B 10 -0.68 -10.54 -4.27
CA ILE B 10 -0.72 -9.09 -4.14
C ILE B 10 -1.74 -8.71 -3.08
N GLU B 11 -2.94 -9.25 -3.23
CA GLU B 11 -4.01 -9.01 -2.26
C GLU B 11 -3.55 -9.40 -0.87
N ASN B 12 -3.04 -10.61 -0.76
CA ASN B 12 -2.56 -11.14 0.50
C ASN B 12 -1.45 -10.29 1.11
N LYS B 13 -0.49 -9.88 0.30
CA LYS B 13 0.66 -9.16 0.81
C LYS B 13 0.27 -7.76 1.24
N LYS B 14 -0.60 -7.15 0.46
CA LYS B 14 -1.19 -5.86 0.75
C LYS B 14 -1.91 -5.94 2.10
N LYS B 15 -2.69 -6.98 2.27
CA LYS B 15 -3.46 -7.21 3.48
C LYS B 15 -2.54 -7.49 4.67
N GLU B 16 -1.49 -8.30 4.46
CA GLU B 16 -0.49 -8.54 5.50
C GLU B 16 0.13 -7.24 5.96
N LEU B 17 0.32 -6.33 5.02
CA LEU B 17 0.83 -5.03 5.35
C LEU B 17 -0.19 -4.25 6.15
N ILE B 18 -1.42 -4.25 5.67
CA ILE B 18 -2.53 -3.56 6.33
C ILE B 18 -2.63 -3.99 7.78
N GLN B 19 -2.54 -5.28 8.01
CA GLN B 19 -2.57 -5.85 9.35
C GLN B 19 -1.40 -5.33 10.20
N LEU B 20 -0.26 -5.08 9.57
CA LEU B 20 0.91 -4.53 10.25
C LEU B 20 0.69 -3.04 10.55
N VAL B 21 0.23 -2.29 9.55
CA VAL B 21 -0.11 -0.88 9.72
C VAL B 21 -1.20 -0.73 10.82
N ALA B 22 -2.13 -1.66 10.84
CA ALA B 22 -3.22 -1.69 11.79
C ALA B 22 -2.73 -1.94 13.21
N ARG B 23 -1.89 -2.95 13.39
CA ARG B 23 -1.37 -3.33 14.72
C ARG B 23 -0.39 -2.29 15.28
N HIS B 24 -0.07 -1.30 14.46
CA HIS B 24 0.75 -0.19 14.88
C HIS B 24 -0.01 0.67 15.90
N GLY B 25 -1.30 0.80 15.72
CA GLY B 25 -2.07 1.63 16.61
C GLY B 25 -3.34 2.15 15.98
N LEU B 26 -3.49 1.87 14.70
CA LEU B 26 -4.68 2.22 13.96
C LEU B 26 -5.91 1.59 14.53
N ASP B 27 -6.97 2.34 14.51
CA ASP B 27 -8.26 1.84 14.96
C ASP B 27 -8.94 1.21 13.78
N HIS B 28 -10.11 0.61 13.98
CA HIS B 28 -10.81 -0.10 12.90
C HIS B 28 -11.07 0.84 11.72
N ASP B 29 -11.42 2.07 12.04
CA ASP B 29 -11.65 3.16 11.06
C ASP B 29 -10.45 3.33 10.18
N LYS B 30 -9.32 3.37 10.81
CA LYS B 30 -8.08 3.57 10.15
C LYS B 30 -7.75 2.42 9.23
N VAL B 31 -8.07 1.22 9.66
CA VAL B 31 -7.81 0.02 8.87
C VAL B 31 -8.71 0.03 7.63
N LEU B 32 -9.95 0.47 7.84
CA LEU B 32 -10.92 0.59 6.77
C LEU B 32 -10.47 1.59 5.74
N LEU B 33 -10.24 2.80 6.18
CA LEU B 33 -9.89 3.88 5.28
C LEU B 33 -8.57 3.62 4.57
N PHE B 34 -7.63 3.01 5.29
CA PHE B 34 -6.34 2.68 4.73
C PHE B 34 -6.49 1.62 3.64
N SER B 35 -7.20 0.53 3.94
CA SER B 35 -7.35 -0.57 2.99
C SER B 35 -8.04 -0.12 1.69
N ARG B 36 -9.02 0.75 1.83
CA ARG B 36 -9.77 1.31 0.69
C ARG B 36 -8.87 2.16 -0.19
N ASP B 37 -8.19 3.11 0.43
CA ASP B 37 -7.38 4.08 -0.30
C ASP B 37 -6.18 3.37 -0.92
N LEU B 38 -5.65 2.41 -0.20
CA LEU B 38 -4.56 1.57 -0.65
C LEU B 38 -5.00 0.71 -1.84
N ASP B 39 -6.18 0.13 -1.72
CA ASP B 39 -6.72 -0.73 -2.77
C ASP B 39 -6.86 0.04 -4.07
N LYS B 40 -7.46 1.22 -3.97
CA LYS B 40 -7.64 2.11 -5.13
C LYS B 40 -6.30 2.47 -5.76
N LEU B 41 -5.31 2.76 -4.92
CA LEU B 41 -3.97 3.13 -5.38
C LEU B 41 -3.36 1.99 -6.18
N ILE B 42 -3.49 0.80 -5.67
CA ILE B 42 -2.94 -0.36 -6.31
C ILE B 42 -3.65 -0.62 -7.62
N ASN B 43 -4.97 -0.65 -7.58
CA ASN B 43 -5.81 -0.88 -8.78
C ASN B 43 -5.48 0.11 -9.88
N LYS B 44 -5.19 1.34 -9.47
CA LYS B 44 -4.78 2.40 -10.37
C LYS B 44 -3.53 1.98 -11.15
N PHE B 45 -2.51 1.53 -10.42
CA PHE B 45 -1.27 1.13 -11.03
C PHE B 45 -1.38 -0.20 -11.75
N MET B 46 -2.22 -1.10 -11.24
CA MET B 46 -2.44 -2.42 -11.86
C MET B 46 -3.21 -2.25 -13.17
N ASN B 47 -3.70 -1.03 -13.38
CA ASN B 47 -4.45 -0.57 -14.56
C ASN B 47 -5.83 -1.22 -14.57
N VAL B 48 -6.46 -1.19 -13.45
CA VAL B 48 -7.80 -1.67 -13.30
C VAL B 48 -8.70 -0.50 -13.29
N LYS B 49 -9.42 -0.36 -14.32
CA LYS B 49 -10.34 0.72 -14.46
C LYS B 49 -11.70 0.26 -13.99
N ASP B 50 -12.07 0.60 -12.78
CA ASP B 50 -13.36 0.18 -12.28
C ASP B 50 -14.27 1.32 -11.90
N LYS B 51 -15.34 1.37 -12.63
CA LYS B 51 -16.48 2.19 -12.35
C LYS B 51 -17.69 1.40 -12.82
N VAL B 52 -17.46 0.10 -12.94
CA VAL B 52 -18.44 -0.82 -13.47
C VAL B 52 -19.16 -1.54 -12.36
N HIS B 53 -18.53 -1.59 -11.19
CA HIS B 53 -19.18 -2.19 -10.02
C HIS B 53 -19.92 -1.13 -9.23
N LYS B 54 -19.54 0.11 -9.46
CA LYS B 54 -20.11 1.24 -8.75
C LYS B 54 -19.95 2.54 -9.55
N LEU B 55 -21.10 3.19 -9.80
CA LEU B 55 -21.21 4.49 -10.46
C LEU B 55 -20.60 4.58 -11.85
N GLU B 56 -21.49 4.52 -12.85
CA GLU B 56 -21.11 4.59 -14.26
C GLU B 56 -20.48 5.94 -14.56
N HIS B 57 -21.16 6.99 -14.19
CA HIS B 57 -20.62 8.30 -14.39
C HIS B 57 -19.91 8.80 -13.16
N HIS B 58 -18.74 8.28 -12.98
CA HIS B 58 -17.91 8.66 -11.89
C HIS B 58 -16.48 8.53 -12.32
N HIS B 59 -15.91 9.62 -12.69
CA HIS B 59 -14.52 9.68 -13.07
C HIS B 59 -14.05 11.08 -12.83
N HIS B 60 -14.85 12.02 -13.29
CA HIS B 60 -14.63 13.45 -13.13
C HIS B 60 -15.81 14.15 -13.78
N HIS B 61 -16.31 15.18 -13.15
CA HIS B 61 -17.43 15.90 -13.72
C HIS B 61 -17.15 17.36 -13.67
N HIS B 62 -17.92 18.09 -14.41
CA HIS B 62 -17.88 19.51 -14.37
C HIS B 62 -19.07 19.97 -13.54
N MET A 1 7.38 -5.61 21.85
CA MET A 1 8.03 -5.29 20.60
C MET A 1 8.06 -3.81 20.41
N GLU A 2 9.14 -3.31 19.85
CA GLU A 2 9.31 -1.90 19.67
C GLU A 2 8.86 -1.47 18.29
N MET A 3 8.48 -0.20 18.17
CA MET A 3 7.94 0.34 16.93
C MET A 3 8.99 0.39 15.85
N GLY A 4 10.25 0.44 16.26
CA GLY A 4 11.34 0.46 15.30
C GLY A 4 11.36 -0.79 14.43
N GLN A 5 11.20 -1.94 15.06
CA GLN A 5 11.21 -3.20 14.32
C GLN A 5 9.86 -3.42 13.66
N LEU A 6 8.82 -2.88 14.27
CA LEU A 6 7.46 -2.95 13.74
C LEU A 6 7.41 -2.18 12.42
N LYS A 7 8.02 -1.00 12.41
CA LYS A 7 8.14 -0.20 11.22
C LYS A 7 8.88 -0.93 10.13
N ASN A 8 9.92 -1.66 10.52
CA ASN A 8 10.72 -2.45 9.58
C ASN A 8 9.84 -3.53 8.94
N LYS A 9 8.99 -4.17 9.75
CA LYS A 9 8.05 -5.19 9.25
C LYS A 9 7.15 -4.59 8.19
N ILE A 10 6.58 -3.43 8.52
CA ILE A 10 5.71 -2.69 7.64
C ILE A 10 6.41 -2.35 6.35
N GLU A 11 7.62 -1.81 6.47
CA GLU A 11 8.43 -1.46 5.32
C GLU A 11 8.72 -2.68 4.47
N ASN A 12 9.20 -3.73 5.09
CA ASN A 12 9.56 -4.97 4.41
C ASN A 12 8.36 -5.57 3.68
N LYS A 13 7.22 -5.60 4.35
CA LYS A 13 6.01 -6.17 3.78
C LYS A 13 5.52 -5.31 2.60
N LYS A 14 5.61 -3.99 2.78
CA LYS A 14 5.33 -3.00 1.76
C LYS A 14 6.23 -3.25 0.55
N LYS A 15 7.52 -3.46 0.81
CA LYS A 15 8.50 -3.70 -0.23
C LYS A 15 8.25 -5.01 -0.94
N GLU A 16 7.81 -6.04 -0.19
CA GLU A 16 7.42 -7.32 -0.82
C GLU A 16 6.28 -7.09 -1.78
N LEU A 17 5.41 -6.19 -1.39
CA LEU A 17 4.27 -5.84 -2.17
C LEU A 17 4.67 -5.04 -3.39
N ILE A 18 5.55 -4.06 -3.21
CA ILE A 18 5.99 -3.23 -4.32
C ILE A 18 6.61 -4.13 -5.40
N GLN A 19 7.37 -5.11 -4.95
CA GLN A 19 7.99 -6.09 -5.81
C GLN A 19 6.93 -6.95 -6.53
N LEU A 20 5.81 -7.20 -5.85
CA LEU A 20 4.69 -7.92 -6.45
C LEU A 20 4.00 -7.07 -7.51
N VAL A 21 3.65 -5.83 -7.17
CA VAL A 21 3.03 -4.93 -8.14
C VAL A 21 4.00 -4.67 -9.33
N ALA A 22 5.28 -4.63 -9.04
CA ALA A 22 6.31 -4.42 -10.04
C ALA A 22 6.42 -5.59 -11.02
N ARG A 23 6.53 -6.83 -10.47
CA ARG A 23 6.67 -8.05 -11.29
C ARG A 23 5.46 -8.29 -12.18
N HIS A 24 4.36 -7.66 -11.82
CA HIS A 24 3.14 -7.67 -12.61
C HIS A 24 3.43 -7.19 -14.04
N GLY A 25 4.25 -6.18 -14.15
CA GLY A 25 4.55 -5.63 -15.43
C GLY A 25 4.58 -4.14 -15.39
N LEU A 26 5.08 -3.59 -14.30
CA LEU A 26 5.19 -2.16 -14.20
C LEU A 26 6.42 -1.66 -14.86
N ASP A 27 6.29 -0.46 -15.35
CA ASP A 27 7.40 0.26 -15.92
C ASP A 27 8.23 0.71 -14.74
N HIS A 28 9.47 1.07 -14.96
CA HIS A 28 10.37 1.48 -13.88
C HIS A 28 9.78 2.69 -13.16
N ASP A 29 9.22 3.58 -13.95
CA ASP A 29 8.59 4.80 -13.47
C ASP A 29 7.37 4.49 -12.64
N LYS A 30 6.75 3.38 -12.90
CA LYS A 30 5.53 3.00 -12.21
C LYS A 30 5.86 2.52 -10.83
N VAL A 31 6.88 1.68 -10.75
CA VAL A 31 7.34 1.15 -9.48
C VAL A 31 7.76 2.30 -8.57
N LEU A 32 8.47 3.28 -9.13
CA LEU A 32 8.94 4.40 -8.37
C LEU A 32 7.80 5.33 -7.93
N LEU A 33 6.84 5.57 -8.81
CA LEU A 33 5.71 6.42 -8.47
C LEU A 33 4.82 5.76 -7.45
N PHE A 34 4.65 4.47 -7.61
CA PHE A 34 3.84 3.68 -6.70
C PHE A 34 4.44 3.67 -5.31
N SER A 35 5.72 3.31 -5.22
CA SER A 35 6.40 3.17 -3.94
C SER A 35 6.40 4.47 -3.13
N ARG A 36 6.55 5.60 -3.80
CA ARG A 36 6.60 6.87 -3.10
C ARG A 36 5.22 7.31 -2.61
N ASP A 37 4.18 7.03 -3.39
CA ASP A 37 2.83 7.43 -2.99
C ASP A 37 2.34 6.48 -1.89
N LEU A 38 2.61 5.19 -2.09
CA LEU A 38 2.28 4.13 -1.14
C LEU A 38 2.86 4.42 0.22
N ASP A 39 4.14 4.75 0.25
CA ASP A 39 4.86 5.01 1.50
C ASP A 39 4.23 6.19 2.23
N LYS A 40 3.81 7.20 1.49
CA LYS A 40 3.19 8.36 2.09
C LYS A 40 1.79 8.08 2.60
N LEU A 41 1.05 7.25 1.88
CA LEU A 41 -0.29 6.81 2.31
C LEU A 41 -0.18 6.11 3.67
N ILE A 42 0.84 5.28 3.79
CA ILE A 42 1.08 4.54 5.00
C ILE A 42 1.41 5.50 6.15
N ASN A 43 2.44 6.31 5.96
CA ASN A 43 2.91 7.30 6.97
C ASN A 43 1.78 8.17 7.45
N LYS A 44 0.93 8.56 6.51
CA LYS A 44 -0.22 9.41 6.78
C LYS A 44 -1.14 8.77 7.81
N PHE A 45 -1.49 7.52 7.57
CA PHE A 45 -2.35 6.78 8.48
C PHE A 45 -1.65 6.43 9.77
N MET A 46 -0.38 6.09 9.70
CA MET A 46 0.39 5.71 10.89
C MET A 46 0.50 6.89 11.82
N ASN A 47 0.74 8.04 11.20
CA ASN A 47 1.02 9.30 11.87
C ASN A 47 2.39 9.22 12.50
N VAL A 48 3.36 9.09 11.63
CA VAL A 48 4.74 9.10 12.00
C VAL A 48 5.33 10.39 11.54
N LYS A 49 6.06 11.04 12.37
CA LYS A 49 6.51 12.35 12.07
C LYS A 49 8.03 12.43 11.99
N ASP A 50 8.65 11.29 12.08
CA ASP A 50 10.09 11.20 11.93
C ASP A 50 10.37 10.52 10.60
N LYS A 51 10.79 11.31 9.66
CA LYS A 51 11.14 10.80 8.34
C LYS A 51 12.62 10.99 8.10
N VAL A 52 13.27 11.39 9.15
CA VAL A 52 14.68 11.65 9.17
C VAL A 52 15.20 11.23 10.52
N HIS A 53 16.49 11.11 10.63
CA HIS A 53 17.11 10.75 11.89
C HIS A 53 17.58 11.99 12.61
N LYS A 54 16.64 12.87 12.86
CA LYS A 54 16.84 14.08 13.62
C LYS A 54 15.61 14.30 14.45
N LEU A 55 15.58 13.71 15.62
CA LEU A 55 14.46 13.88 16.53
C LEU A 55 14.51 15.27 17.14
N GLU A 56 13.36 15.73 17.61
CA GLU A 56 13.21 17.07 18.18
C GLU A 56 13.30 18.15 17.11
N HIS A 57 12.15 18.65 16.74
CA HIS A 57 12.06 19.68 15.72
C HIS A 57 12.19 21.03 16.38
N HIS A 58 11.92 22.09 15.65
CA HIS A 58 12.12 23.41 16.19
C HIS A 58 10.84 23.93 16.84
N HIS A 59 10.80 23.81 18.16
CA HIS A 59 9.72 24.28 19.03
C HIS A 59 8.42 23.51 18.87
N HIS A 60 8.01 22.89 19.94
CA HIS A 60 6.74 22.18 19.97
C HIS A 60 5.93 22.70 21.14
N HIS A 61 4.73 22.20 21.32
CA HIS A 61 3.89 22.63 22.40
C HIS A 61 4.28 21.90 23.68
N HIS A 62 4.77 22.65 24.62
CA HIS A 62 5.14 22.14 25.91
C HIS A 62 4.85 23.22 26.94
N MET B 1 2.90 -16.44 -16.87
CA MET B 1 2.53 -15.65 -15.70
C MET B 1 1.08 -15.89 -15.37
N GLU B 2 0.79 -16.08 -14.10
CA GLU B 2 -0.57 -16.24 -13.64
C GLU B 2 -0.96 -14.96 -12.97
N MET B 3 -1.65 -14.12 -13.68
CA MET B 3 -1.96 -12.79 -13.15
C MET B 3 -3.08 -12.79 -12.14
N GLY B 4 -3.93 -13.80 -12.19
CA GLY B 4 -4.98 -13.92 -11.21
C GLY B 4 -4.41 -14.29 -9.86
N GLN B 5 -3.51 -15.28 -9.85
CA GLN B 5 -2.82 -15.70 -8.63
C GLN B 5 -1.90 -14.59 -8.15
N LEU B 6 -1.26 -13.91 -9.09
CA LEU B 6 -0.38 -12.78 -8.81
C LEU B 6 -1.15 -11.70 -8.06
N LYS B 7 -2.34 -11.40 -8.54
CA LYS B 7 -3.21 -10.43 -7.88
C LYS B 7 -3.54 -10.88 -6.48
N ASN B 8 -3.78 -12.17 -6.29
CA ASN B 8 -4.10 -12.70 -4.96
C ASN B 8 -2.89 -12.63 -4.03
N LYS B 9 -1.69 -12.81 -4.60
CA LYS B 9 -0.43 -12.64 -3.85
C LYS B 9 -0.39 -11.22 -3.33
N ILE B 10 -0.69 -10.30 -4.23
CA ILE B 10 -0.75 -8.90 -3.94
C ILE B 10 -1.78 -8.61 -2.88
N GLU B 11 -2.96 -9.18 -3.04
CA GLU B 11 -4.03 -9.05 -2.07
C GLU B 11 -3.57 -9.50 -0.70
N ASN B 12 -2.98 -10.67 -0.65
CA ASN B 12 -2.44 -11.22 0.60
C ASN B 12 -1.40 -10.30 1.21
N LYS B 13 -0.46 -9.85 0.38
CA LYS B 13 0.64 -9.03 0.84
C LYS B 13 0.12 -7.66 1.33
N LYS B 14 -0.79 -7.08 0.55
CA LYS B 14 -1.50 -5.86 0.87
C LYS B 14 -2.17 -6.02 2.22
N LYS B 15 -2.92 -7.10 2.37
CA LYS B 15 -3.65 -7.40 3.61
C LYS B 15 -2.69 -7.62 4.78
N GLU B 16 -1.56 -8.30 4.54
CA GLU B 16 -0.52 -8.49 5.57
C GLU B 16 -0.04 -7.15 6.07
N LEU B 17 0.21 -6.26 5.14
CA LEU B 17 0.69 -4.94 5.43
C LEU B 17 -0.35 -4.15 6.19
N ILE B 18 -1.58 -4.25 5.77
CA ILE B 18 -2.65 -3.50 6.42
C ILE B 18 -2.72 -3.90 7.90
N GLN B 19 -2.59 -5.20 8.15
CA GLN B 19 -2.58 -5.72 9.51
C GLN B 19 -1.40 -5.16 10.30
N LEU B 20 -0.31 -4.90 9.61
CA LEU B 20 0.88 -4.36 10.22
C LEU B 20 0.70 -2.89 10.58
N VAL B 21 0.23 -2.05 9.65
CA VAL B 21 -0.04 -0.67 10.00
C VAL B 21 -1.17 -0.58 11.06
N ALA B 22 -2.04 -1.58 11.09
CA ALA B 22 -3.13 -1.65 12.03
C ALA B 22 -2.64 -1.92 13.44
N ARG B 23 -1.70 -2.87 13.58
CA ARG B 23 -1.15 -3.25 14.89
C ARG B 23 -0.23 -2.15 15.44
N HIS B 24 0.03 -1.15 14.62
CA HIS B 24 0.74 0.06 15.02
C HIS B 24 -0.16 0.83 16.01
N GLY B 25 -1.46 0.67 15.84
CA GLY B 25 -2.38 1.32 16.72
C GLY B 25 -3.38 2.18 16.00
N LEU B 26 -3.93 1.67 14.93
CA LEU B 26 -4.97 2.40 14.22
C LEU B 26 -6.32 2.09 14.79
N ASP B 27 -7.25 3.01 14.59
CA ASP B 27 -8.65 2.76 14.89
C ASP B 27 -9.08 1.72 13.89
N HIS B 28 -10.12 1.00 14.17
CA HIS B 28 -10.63 0.02 13.22
C HIS B 28 -11.04 0.75 11.93
N ASP B 29 -11.58 1.94 12.12
CA ASP B 29 -11.97 2.83 11.05
C ASP B 29 -10.79 3.22 10.19
N LYS B 30 -9.65 3.47 10.83
CA LYS B 30 -8.42 3.83 10.13
C LYS B 30 -8.00 2.67 9.24
N VAL B 31 -8.08 1.46 9.78
CA VAL B 31 -7.75 0.25 9.04
C VAL B 31 -8.68 0.13 7.82
N LEU B 32 -9.96 0.39 8.03
CA LEU B 32 -10.97 0.34 6.98
C LEU B 32 -10.68 1.36 5.88
N LEU B 33 -10.36 2.57 6.28
CA LEU B 33 -10.09 3.65 5.33
C LEU B 33 -8.78 3.41 4.60
N PHE B 34 -7.81 2.88 5.30
CA PHE B 34 -6.53 2.60 4.74
C PHE B 34 -6.62 1.47 3.72
N SER B 35 -7.26 0.37 4.11
CA SER B 35 -7.38 -0.80 3.26
C SER B 35 -8.06 -0.49 1.93
N ARG B 36 -9.19 0.22 1.99
CA ARG B 36 -9.93 0.54 0.78
C ARG B 36 -9.14 1.52 -0.11
N ASP B 37 -8.40 2.44 0.50
CA ASP B 37 -7.64 3.43 -0.26
C ASP B 37 -6.46 2.73 -0.94
N LEU B 38 -5.77 1.90 -0.16
CA LEU B 38 -4.63 1.13 -0.61
C LEU B 38 -5.03 0.22 -1.78
N ASP B 39 -6.20 -0.37 -1.67
CA ASP B 39 -6.75 -1.24 -2.71
C ASP B 39 -6.81 -0.49 -4.03
N LYS B 40 -7.33 0.71 -4.00
CA LYS B 40 -7.48 1.55 -5.18
C LYS B 40 -6.15 2.04 -5.72
N LEU B 41 -5.20 2.27 -4.86
CA LEU B 41 -3.88 2.71 -5.30
C LEU B 41 -3.17 1.58 -6.04
N ILE B 42 -3.29 0.38 -5.50
CA ILE B 42 -2.67 -0.76 -6.12
C ILE B 42 -3.37 -1.12 -7.40
N ASN B 43 -4.70 -1.23 -7.36
CA ASN B 43 -5.50 -1.59 -8.54
C ASN B 43 -5.32 -0.58 -9.67
N LYS B 44 -4.98 0.64 -9.29
CA LYS B 44 -4.69 1.71 -10.23
C LYS B 44 -3.45 1.34 -11.05
N PHE B 45 -2.36 1.05 -10.35
CA PHE B 45 -1.11 0.68 -10.99
C PHE B 45 -1.18 -0.69 -11.64
N MET B 46 -2.05 -1.53 -11.10
CA MET B 46 -2.30 -2.87 -11.65
C MET B 46 -3.03 -2.78 -12.96
N ASN B 47 -3.56 -1.59 -13.26
CA ASN B 47 -4.19 -1.27 -14.54
C ASN B 47 -5.50 -2.06 -14.70
N VAL B 48 -6.01 -2.52 -13.58
CA VAL B 48 -7.22 -3.29 -13.56
C VAL B 48 -8.38 -2.39 -13.44
N LYS B 49 -9.15 -2.40 -14.46
CA LYS B 49 -10.21 -1.47 -14.55
C LYS B 49 -11.51 -2.05 -14.11
N ASP B 50 -11.93 -1.54 -12.99
CA ASP B 50 -13.29 -1.75 -12.47
C ASP B 50 -14.30 -1.52 -13.60
N LYS B 51 -14.82 -2.61 -14.10
CA LYS B 51 -15.68 -2.64 -15.28
C LYS B 51 -17.14 -2.78 -14.87
N VAL B 52 -17.40 -2.53 -13.64
CA VAL B 52 -18.70 -2.73 -13.08
C VAL B 52 -19.15 -1.49 -12.34
N HIS B 53 -20.38 -1.51 -11.94
CA HIS B 53 -20.90 -0.54 -11.03
C HIS B 53 -21.27 -1.32 -9.80
N LYS B 54 -20.34 -1.46 -8.91
CA LYS B 54 -20.52 -2.32 -7.79
C LYS B 54 -20.16 -1.56 -6.54
N LEU B 55 -20.87 -1.79 -5.49
CA LEU B 55 -20.58 -1.16 -4.23
C LEU B 55 -19.60 -2.01 -3.47
N GLU B 56 -19.10 -1.49 -2.35
CA GLU B 56 -18.09 -2.16 -1.53
C GLU B 56 -18.61 -3.39 -0.80
N HIS B 57 -19.85 -3.76 -1.09
CA HIS B 57 -20.42 -5.03 -0.67
C HIS B 57 -19.55 -6.11 -1.29
N HIS B 58 -19.17 -5.86 -2.51
CA HIS B 58 -18.27 -6.69 -3.23
C HIS B 58 -16.98 -5.90 -3.35
N HIS B 59 -16.09 -6.12 -2.43
CA HIS B 59 -14.86 -5.38 -2.40
C HIS B 59 -13.67 -6.24 -2.77
N HIS B 60 -12.55 -5.57 -3.09
CA HIS B 60 -11.32 -6.20 -3.58
C HIS B 60 -11.58 -6.76 -4.97
N HIS B 61 -11.35 -5.94 -5.96
CA HIS B 61 -11.67 -6.30 -7.32
C HIS B 61 -10.41 -6.37 -8.17
N HIS B 62 -10.62 -6.56 -9.45
CA HIS B 62 -9.60 -6.54 -10.45
C HIS B 62 -10.19 -5.89 -11.70
N MET A 1 4.24 -1.73 20.44
CA MET A 1 5.44 -2.37 20.99
C MET A 1 6.58 -2.25 20.01
N GLU A 2 7.50 -1.32 20.28
CA GLU A 2 8.67 -1.03 19.46
C GLU A 2 8.31 -0.76 18.02
N MET A 3 7.96 0.49 17.76
CA MET A 3 7.49 0.91 16.46
C MET A 3 8.60 0.91 15.42
N GLY A 4 9.84 0.82 15.88
CA GLY A 4 10.95 0.72 14.97
C GLY A 4 10.94 -0.61 14.25
N GLN A 5 10.83 -1.68 15.01
CA GLN A 5 10.79 -3.03 14.45
C GLN A 5 9.51 -3.22 13.66
N LEU A 6 8.44 -2.69 14.20
CA LEU A 6 7.13 -2.73 13.57
C LEU A 6 7.18 -2.03 12.20
N LYS A 7 7.79 -0.85 12.16
CA LYS A 7 7.96 -0.09 10.92
C LYS A 7 8.76 -0.86 9.92
N ASN A 8 9.79 -1.54 10.38
CA ASN A 8 10.62 -2.32 9.50
C ASN A 8 9.89 -3.50 8.90
N LYS A 9 8.99 -4.11 9.67
CA LYS A 9 8.16 -5.18 9.15
C LYS A 9 7.25 -4.64 8.07
N ILE A 10 6.66 -3.49 8.37
CA ILE A 10 5.85 -2.73 7.41
C ILE A 10 6.65 -2.45 6.16
N GLU A 11 7.88 -1.97 6.32
CA GLU A 11 8.76 -1.71 5.20
C GLU A 11 8.92 -2.93 4.35
N ASN A 12 9.29 -4.03 4.97
CA ASN A 12 9.52 -5.28 4.26
C ASN A 12 8.27 -5.75 3.51
N LYS A 13 7.16 -5.73 4.20
CA LYS A 13 5.93 -6.24 3.65
C LYS A 13 5.44 -5.34 2.50
N LYS A 14 5.60 -4.03 2.69
CA LYS A 14 5.30 -3.02 1.70
C LYS A 14 6.17 -3.27 0.46
N LYS A 15 7.45 -3.47 0.68
CA LYS A 15 8.41 -3.70 -0.39
C LYS A 15 8.11 -4.98 -1.13
N GLU A 16 7.79 -6.06 -0.40
CA GLU A 16 7.39 -7.33 -1.02
C GLU A 16 6.18 -7.10 -1.94
N LEU A 17 5.28 -6.26 -1.48
CA LEU A 17 4.09 -5.91 -2.21
C LEU A 17 4.42 -5.07 -3.43
N ILE A 18 5.27 -4.06 -3.25
CA ILE A 18 5.64 -3.15 -4.34
C ILE A 18 6.17 -3.96 -5.51
N GLN A 19 6.99 -4.95 -5.20
CA GLN A 19 7.58 -5.84 -6.18
C GLN A 19 6.48 -6.63 -6.91
N LEU A 20 5.45 -7.02 -6.17
CA LEU A 20 4.33 -7.77 -6.72
C LEU A 20 3.49 -6.90 -7.64
N VAL A 21 3.14 -5.69 -7.19
CA VAL A 21 2.43 -4.75 -8.06
C VAL A 21 3.29 -4.41 -9.29
N ALA A 22 4.57 -4.21 -9.06
CA ALA A 22 5.53 -3.86 -10.11
C ALA A 22 5.57 -4.91 -11.22
N ARG A 23 5.74 -6.15 -10.82
CA ARG A 23 5.86 -7.28 -11.75
C ARG A 23 4.57 -7.52 -12.54
N HIS A 24 3.46 -6.97 -12.03
CA HIS A 24 2.16 -7.03 -12.69
C HIS A 24 2.22 -6.39 -14.10
N GLY A 25 3.08 -5.39 -14.27
CA GLY A 25 3.17 -4.76 -15.58
C GLY A 25 3.66 -3.33 -15.54
N LEU A 26 3.95 -2.84 -14.35
CA LEU A 26 4.47 -1.51 -14.17
C LEU A 26 5.85 -1.36 -14.77
N ASP A 27 6.22 -0.13 -14.98
CA ASP A 27 7.55 0.20 -15.48
C ASP A 27 8.33 0.78 -14.33
N HIS A 28 9.60 1.06 -14.55
CA HIS A 28 10.49 1.58 -13.49
C HIS A 28 9.92 2.84 -12.82
N ASP A 29 9.49 3.77 -13.65
CA ASP A 29 8.89 5.03 -13.19
C ASP A 29 7.67 4.77 -12.33
N LYS A 30 6.90 3.78 -12.72
CA LYS A 30 5.69 3.41 -12.03
C LYS A 30 5.98 2.84 -10.66
N VAL A 31 7.03 2.03 -10.56
CA VAL A 31 7.42 1.43 -9.30
C VAL A 31 7.84 2.53 -8.33
N LEU A 32 8.57 3.50 -8.85
CA LEU A 32 9.02 4.66 -8.09
C LEU A 32 7.84 5.45 -7.58
N LEU A 33 6.93 5.77 -8.49
CA LEU A 33 5.72 6.53 -8.17
C LEU A 33 4.87 5.78 -7.15
N PHE A 34 4.67 4.50 -7.37
CA PHE A 34 3.88 3.68 -6.48
C PHE A 34 4.50 3.62 -5.10
N SER A 35 5.77 3.29 -5.02
CA SER A 35 6.45 3.12 -3.75
C SER A 35 6.50 4.42 -2.93
N ARG A 36 6.72 5.55 -3.59
CA ARG A 36 6.78 6.82 -2.88
C ARG A 36 5.40 7.26 -2.40
N ASP A 37 4.37 7.02 -3.21
CA ASP A 37 3.00 7.42 -2.85
C ASP A 37 2.52 6.53 -1.72
N LEU A 38 2.85 5.25 -1.85
CA LEU A 38 2.52 4.23 -0.87
C LEU A 38 3.17 4.52 0.46
N ASP A 39 4.43 4.92 0.43
CA ASP A 39 5.14 5.23 1.65
C ASP A 39 4.45 6.37 2.36
N LYS A 40 4.07 7.40 1.59
CA LYS A 40 3.35 8.55 2.15
C LYS A 40 1.98 8.15 2.70
N LEU A 41 1.31 7.24 2.00
CA LEU A 41 0.01 6.76 2.42
C LEU A 41 0.13 6.04 3.76
N ILE A 42 1.17 5.26 3.90
CA ILE A 42 1.42 4.56 5.13
C ILE A 42 1.82 5.55 6.22
N ASN A 43 2.73 6.48 5.89
CA ASN A 43 3.18 7.52 6.85
C ASN A 43 2.02 8.36 7.33
N LYS A 44 1.02 8.49 6.49
CA LYS A 44 -0.18 9.24 6.78
C LYS A 44 -1.00 8.58 7.88
N PHE A 45 -1.23 7.29 7.74
CA PHE A 45 -2.01 6.55 8.72
C PHE A 45 -1.21 6.23 9.96
N MET A 46 0.06 6.02 9.78
CA MET A 46 0.97 5.74 10.89
C MET A 46 1.21 7.01 11.67
N ASN A 47 1.17 8.11 10.95
CA ASN A 47 1.55 9.42 11.45
C ASN A 47 3.01 9.38 11.83
N VAL A 48 3.81 9.21 10.81
CA VAL A 48 5.24 9.17 10.96
C VAL A 48 5.69 10.56 10.96
N LYS A 49 6.30 10.94 12.00
CA LYS A 49 6.76 12.23 12.12
C LYS A 49 8.24 12.23 12.09
N ASP A 50 8.77 12.78 11.04
CA ASP A 50 10.18 13.10 11.03
C ASP A 50 10.34 14.08 12.14
N LYS A 51 11.14 13.73 13.11
CA LYS A 51 11.15 14.40 14.40
C LYS A 51 11.58 15.88 14.49
N VAL A 52 11.67 16.54 13.37
CA VAL A 52 11.87 17.97 13.37
C VAL A 52 10.58 18.68 12.96
N HIS A 53 9.63 17.92 12.45
CA HIS A 53 8.36 18.46 12.02
C HIS A 53 7.44 18.54 13.20
N LYS A 54 7.00 19.75 13.48
CA LYS A 54 6.18 20.06 14.65
C LYS A 54 4.74 19.58 14.49
N LEU A 55 3.91 19.99 15.41
CA LEU A 55 2.53 19.72 15.40
C LEU A 55 1.83 20.84 14.67
N GLU A 56 1.42 20.56 13.47
CA GLU A 56 0.75 21.55 12.65
C GLU A 56 0.00 20.87 11.49
N HIS A 57 0.65 19.88 10.89
CA HIS A 57 0.12 19.13 9.74
C HIS A 57 -1.30 18.56 9.96
N HIS A 58 -1.62 18.16 11.19
CA HIS A 58 -2.90 17.50 11.45
C HIS A 58 -3.98 18.56 11.73
N HIS A 59 -3.56 19.81 11.85
CA HIS A 59 -4.50 20.91 11.94
C HIS A 59 -4.92 21.25 10.55
N HIS A 60 -4.03 20.89 9.60
CA HIS A 60 -4.19 21.15 8.17
C HIS A 60 -4.02 22.65 7.90
N HIS A 61 -5.00 23.39 8.33
CA HIS A 61 -5.01 24.84 8.34
C HIS A 61 -5.81 25.23 9.56
N HIS A 62 -7.06 24.81 9.55
CA HIS A 62 -7.99 25.00 10.63
C HIS A 62 -9.27 24.31 10.25
N MET B 1 0.20 -18.78 -16.71
CA MET B 1 -0.03 -17.44 -17.27
C MET B 1 -1.22 -16.78 -16.61
N GLU B 2 -1.74 -17.40 -15.58
CA GLU B 2 -2.92 -16.93 -14.92
C GLU B 2 -2.50 -15.93 -13.85
N MET B 3 -2.91 -14.71 -14.03
CA MET B 3 -2.49 -13.60 -13.17
C MET B 3 -3.34 -13.51 -11.91
N GLY B 4 -4.28 -14.42 -11.77
CA GLY B 4 -5.14 -14.44 -10.62
C GLY B 4 -4.38 -14.82 -9.38
N GLN B 5 -3.44 -15.74 -9.52
CA GLN B 5 -2.61 -16.15 -8.40
C GLN B 5 -1.65 -15.04 -8.03
N LEU B 6 -1.23 -14.29 -9.03
CA LEU B 6 -0.38 -13.14 -8.84
C LEU B 6 -1.14 -12.08 -8.05
N LYS B 7 -2.38 -11.83 -8.45
CA LYS B 7 -3.23 -10.86 -7.79
C LYS B 7 -3.57 -11.34 -6.38
N ASN B 8 -3.71 -12.64 -6.22
CA ASN B 8 -3.97 -13.25 -4.92
C ASN B 8 -2.82 -12.99 -3.97
N LYS B 9 -1.59 -13.09 -4.47
CA LYS B 9 -0.44 -12.79 -3.66
C LYS B 9 -0.36 -11.31 -3.35
N ILE B 10 -0.73 -10.48 -4.32
CA ILE B 10 -0.81 -9.03 -4.12
C ILE B 10 -1.76 -8.72 -2.96
N GLU B 11 -2.96 -9.28 -3.04
CA GLU B 11 -3.97 -9.15 -2.00
C GLU B 11 -3.40 -9.64 -0.67
N ASN B 12 -2.84 -10.84 -0.69
CA ASN B 12 -2.24 -11.46 0.51
C ASN B 12 -1.19 -10.57 1.15
N LYS B 13 -0.29 -10.04 0.34
CA LYS B 13 0.81 -9.26 0.82
C LYS B 13 0.31 -7.94 1.38
N LYS B 14 -0.63 -7.35 0.68
CA LYS B 14 -1.33 -6.15 1.08
C LYS B 14 -1.95 -6.39 2.46
N LYS B 15 -2.68 -7.49 2.59
CA LYS B 15 -3.36 -7.88 3.82
C LYS B 15 -2.38 -8.13 4.95
N GLU B 16 -1.24 -8.71 4.64
CA GLU B 16 -0.18 -8.90 5.62
C GLU B 16 0.25 -7.55 6.17
N LEU B 17 0.43 -6.62 5.26
CA LEU B 17 0.85 -5.29 5.58
C LEU B 17 -0.22 -4.53 6.36
N ILE B 18 -1.46 -4.67 5.95
CA ILE B 18 -2.55 -3.95 6.60
C ILE B 18 -2.60 -4.30 8.08
N GLN B 19 -2.37 -5.56 8.39
CA GLN B 19 -2.33 -6.05 9.77
C GLN B 19 -1.16 -5.40 10.53
N LEU B 20 -0.06 -5.19 9.84
CA LEU B 20 1.11 -4.53 10.41
C LEU B 20 0.81 -3.07 10.75
N VAL B 21 0.27 -2.32 9.79
CA VAL B 21 -0.15 -0.93 10.06
C VAL B 21 -1.26 -0.89 11.14
N ALA B 22 -2.09 -1.91 11.16
CA ALA B 22 -3.17 -2.04 12.13
C ALA B 22 -2.65 -2.21 13.55
N ARG B 23 -1.69 -3.13 13.73
CA ARG B 23 -1.10 -3.44 15.05
C ARG B 23 -0.23 -2.29 15.56
N HIS B 24 0.01 -1.33 14.71
CA HIS B 24 0.68 -0.12 15.10
C HIS B 24 -0.20 0.62 16.14
N GLY B 25 -1.47 0.67 15.86
CA GLY B 25 -2.37 1.34 16.73
C GLY B 25 -3.42 2.10 15.98
N LEU B 26 -3.90 1.52 14.90
CA LEU B 26 -4.96 2.15 14.16
C LEU B 26 -6.28 1.81 14.74
N ASP B 27 -7.18 2.74 14.60
CA ASP B 27 -8.57 2.53 14.96
C ASP B 27 -9.10 1.50 14.00
N HIS B 28 -10.16 0.84 14.35
CA HIS B 28 -10.73 -0.15 13.46
C HIS B 28 -11.15 0.46 12.13
N ASP B 29 -11.60 1.71 12.19
CA ASP B 29 -11.97 2.46 10.99
C ASP B 29 -10.75 2.86 10.20
N LYS B 30 -9.65 3.15 10.90
CA LYS B 30 -8.39 3.52 10.25
C LYS B 30 -7.88 2.38 9.40
N VAL B 31 -7.97 1.17 9.91
CA VAL B 31 -7.56 -0.02 9.19
C VAL B 31 -8.42 -0.18 7.92
N LEU B 32 -9.71 0.06 8.08
CA LEU B 32 -10.67 -0.03 6.98
C LEU B 32 -10.37 1.00 5.92
N LEU B 33 -10.18 2.24 6.34
CA LEU B 33 -9.89 3.32 5.43
C LEU B 33 -8.54 3.13 4.77
N PHE B 34 -7.56 2.70 5.54
CA PHE B 34 -6.22 2.46 5.03
C PHE B 34 -6.22 1.37 3.97
N SER B 35 -6.83 0.24 4.28
CA SER B 35 -6.86 -0.90 3.39
C SER B 35 -7.48 -0.54 2.04
N ARG B 36 -8.58 0.19 2.08
CA ARG B 36 -9.27 0.56 0.87
C ARG B 36 -8.60 1.74 0.15
N ASP B 37 -7.79 2.50 0.85
CA ASP B 37 -7.12 3.62 0.20
C ASP B 37 -5.86 3.12 -0.47
N LEU B 38 -5.24 2.16 0.15
CA LEU B 38 -4.06 1.52 -0.40
C LEU B 38 -4.48 0.65 -1.57
N ASP B 39 -5.67 0.09 -1.47
CA ASP B 39 -6.26 -0.74 -2.52
C ASP B 39 -6.38 0.11 -3.79
N LYS B 40 -6.89 1.35 -3.61
CA LYS B 40 -7.02 2.33 -4.70
C LYS B 40 -5.70 2.51 -5.42
N LEU B 41 -4.66 2.68 -4.63
CA LEU B 41 -3.31 2.96 -5.12
C LEU B 41 -2.87 1.81 -6.02
N ILE B 42 -3.03 0.59 -5.53
CA ILE B 42 -2.64 -0.59 -6.26
C ILE B 42 -3.40 -0.68 -7.56
N ASN B 43 -4.73 -0.66 -7.47
CA ASN B 43 -5.61 -0.76 -8.66
C ASN B 43 -5.24 0.28 -9.70
N LYS B 44 -4.93 1.48 -9.22
CA LYS B 44 -4.54 2.60 -10.05
C LYS B 44 -3.35 2.24 -10.91
N PHE B 45 -2.35 1.70 -10.30
CA PHE B 45 -1.13 1.34 -10.99
C PHE B 45 -1.24 0.04 -11.75
N MET B 46 -2.18 -0.80 -11.37
CA MET B 46 -2.38 -2.05 -12.06
C MET B 46 -2.85 -1.79 -13.47
N ASN B 47 -3.86 -0.93 -13.60
CA ASN B 47 -4.41 -0.59 -14.94
C ASN B 47 -5.47 0.50 -14.88
N VAL B 48 -5.89 0.80 -13.71
CA VAL B 48 -6.97 1.75 -13.48
C VAL B 48 -6.35 3.09 -13.19
N LYS B 49 -5.82 3.63 -14.21
CA LYS B 49 -4.92 4.75 -14.11
C LYS B 49 -5.42 5.99 -14.80
N ASP B 50 -6.51 5.90 -15.45
CA ASP B 50 -7.01 7.01 -16.23
C ASP B 50 -8.24 7.63 -15.61
N LYS B 51 -8.01 8.45 -14.58
CA LYS B 51 -9.01 9.24 -13.82
C LYS B 51 -10.29 8.47 -13.42
N VAL B 52 -10.18 7.19 -13.35
CA VAL B 52 -11.27 6.35 -12.96
C VAL B 52 -11.01 5.78 -11.58
N HIS B 53 -11.99 5.92 -10.73
CA HIS B 53 -11.90 5.44 -9.37
C HIS B 53 -12.44 4.03 -9.33
N LYS B 54 -13.51 3.85 -10.03
CA LYS B 54 -14.17 2.59 -10.12
C LYS B 54 -13.54 1.73 -11.18
N LEU B 55 -13.06 0.58 -10.80
CA LEU B 55 -12.60 -0.34 -11.78
C LEU B 55 -13.77 -1.10 -12.30
N GLU B 56 -14.02 -1.00 -13.56
CA GLU B 56 -15.15 -1.65 -14.12
C GLU B 56 -14.73 -2.95 -14.76
N HIS B 57 -14.42 -3.87 -13.89
CA HIS B 57 -14.01 -5.22 -14.22
C HIS B 57 -14.57 -6.10 -13.13
N HIS B 58 -15.71 -6.67 -13.34
CA HIS B 58 -16.30 -7.47 -12.32
C HIS B 58 -16.29 -8.93 -12.74
N HIS B 59 -15.67 -9.75 -11.93
CA HIS B 59 -15.61 -11.17 -12.19
C HIS B 59 -16.87 -11.82 -11.67
N HIS B 60 -17.73 -12.24 -12.57
CA HIS B 60 -18.92 -12.94 -12.16
C HIS B 60 -18.66 -14.41 -12.04
N HIS B 61 -18.98 -14.93 -10.90
CA HIS B 61 -18.84 -16.34 -10.63
C HIS B 61 -20.21 -16.99 -10.71
N HIS B 62 -21.21 -16.24 -10.34
CA HIS B 62 -22.57 -16.70 -10.37
C HIS B 62 -23.33 -15.94 -11.43
N MET A 1 5.43 -3.51 21.45
CA MET A 1 6.28 -2.68 22.32
C MET A 1 7.17 -1.80 21.49
N GLU A 2 8.17 -2.39 20.87
CA GLU A 2 9.12 -1.64 20.09
C GLU A 2 8.53 -1.41 18.69
N MET A 3 8.20 -0.18 18.42
CA MET A 3 7.51 0.22 17.21
C MET A 3 8.47 0.43 16.04
N GLY A 4 9.75 0.58 16.32
CA GLY A 4 10.74 0.75 15.27
C GLY A 4 10.86 -0.51 14.45
N GLN A 5 11.00 -1.64 15.14
CA GLN A 5 11.04 -2.96 14.51
C GLN A 5 9.72 -3.24 13.78
N LEU A 6 8.64 -2.76 14.36
CA LEU A 6 7.32 -2.90 13.77
C LEU A 6 7.28 -2.13 12.44
N LYS A 7 7.78 -0.91 12.48
CA LYS A 7 7.89 -0.05 11.31
C LYS A 7 8.82 -0.64 10.27
N ASN A 8 9.87 -1.26 10.75
CA ASN A 8 10.87 -1.88 9.89
C ASN A 8 10.26 -3.06 9.13
N LYS A 9 9.36 -3.79 9.81
CA LYS A 9 8.62 -4.88 9.19
C LYS A 9 7.63 -4.35 8.18
N ILE A 10 7.07 -3.20 8.48
CA ILE A 10 6.16 -2.52 7.58
C ILE A 10 6.87 -2.16 6.29
N GLU A 11 8.07 -1.59 6.40
CA GLU A 11 8.91 -1.28 5.24
C GLU A 11 9.14 -2.53 4.41
N ASN A 12 9.50 -3.60 5.08
CA ASN A 12 9.78 -4.88 4.42
C ASN A 12 8.55 -5.42 3.70
N LYS A 13 7.41 -5.40 4.38
CA LYS A 13 6.17 -5.94 3.83
C LYS A 13 5.66 -5.07 2.67
N LYS A 14 5.81 -3.77 2.83
CA LYS A 14 5.51 -2.77 1.82
C LYS A 14 6.28 -3.11 0.54
N LYS A 15 7.58 -3.31 0.71
CA LYS A 15 8.48 -3.66 -0.39
C LYS A 15 8.12 -4.98 -0.99
N GLU A 16 7.75 -5.91 -0.14
CA GLU A 16 7.26 -7.20 -0.56
C GLU A 16 6.09 -7.03 -1.51
N LEU A 17 5.16 -6.20 -1.13
CA LEU A 17 3.99 -5.92 -1.92
C LEU A 17 4.36 -5.20 -3.20
N ILE A 18 5.23 -4.21 -3.11
CA ILE A 18 5.65 -3.43 -4.27
C ILE A 18 6.18 -4.37 -5.34
N GLN A 19 6.90 -5.39 -4.90
CA GLN A 19 7.42 -6.42 -5.77
C GLN A 19 6.28 -7.13 -6.52
N LEU A 20 5.17 -7.44 -5.82
CA LEU A 20 4.04 -8.08 -6.48
C LEU A 20 3.39 -7.15 -7.48
N VAL A 21 3.15 -5.90 -7.10
CA VAL A 21 2.57 -4.94 -8.04
C VAL A 21 3.53 -4.68 -9.24
N ALA A 22 4.81 -4.61 -8.97
CA ALA A 22 5.82 -4.34 -9.98
C ALA A 22 5.90 -5.47 -11.01
N ARG A 23 5.93 -6.72 -10.53
CA ARG A 23 6.01 -7.89 -11.40
C ARG A 23 4.75 -8.05 -12.25
N HIS A 24 3.67 -7.40 -11.83
CA HIS A 24 2.43 -7.36 -12.59
C HIS A 24 2.68 -6.78 -14.01
N GLY A 25 3.59 -5.82 -14.11
CA GLY A 25 3.91 -5.27 -15.41
C GLY A 25 4.21 -3.79 -15.41
N LEU A 26 4.28 -3.19 -14.23
CA LEU A 26 4.60 -1.78 -14.08
C LEU A 26 5.93 -1.38 -14.71
N ASP A 27 5.98 -0.13 -15.14
CA ASP A 27 7.20 0.48 -15.69
C ASP A 27 8.15 0.76 -14.54
N HIS A 28 9.36 1.19 -14.86
CA HIS A 28 10.36 1.49 -13.83
C HIS A 28 9.86 2.68 -13.02
N ASP A 29 9.31 3.65 -13.74
CA ASP A 29 8.80 4.87 -13.13
C ASP A 29 7.57 4.57 -12.32
N LYS A 30 6.78 3.59 -12.76
CA LYS A 30 5.57 3.21 -12.07
C LYS A 30 5.89 2.68 -10.68
N VAL A 31 6.93 1.85 -10.59
CA VAL A 31 7.33 1.27 -9.32
C VAL A 31 7.78 2.37 -8.37
N LEU A 32 8.45 3.36 -8.92
CA LEU A 32 8.92 4.50 -8.15
C LEU A 32 7.74 5.33 -7.66
N LEU A 33 6.83 5.67 -8.56
CA LEU A 33 5.64 6.44 -8.24
C LEU A 33 4.79 5.72 -7.20
N PHE A 34 4.60 4.44 -7.43
CA PHE A 34 3.81 3.61 -6.55
C PHE A 34 4.42 3.57 -5.16
N SER A 35 5.69 3.26 -5.07
CA SER A 35 6.35 3.11 -3.79
C SER A 35 6.34 4.40 -2.96
N ARG A 36 6.56 5.54 -3.62
CA ARG A 36 6.59 6.80 -2.90
C ARG A 36 5.19 7.26 -2.49
N ASP A 37 4.19 6.94 -3.29
CA ASP A 37 2.79 7.31 -2.97
C ASP A 37 2.32 6.41 -1.85
N LEU A 38 2.64 5.13 -1.98
CA LEU A 38 2.34 4.09 -1.00
C LEU A 38 2.93 4.43 0.35
N ASP A 39 4.18 4.87 0.34
CA ASP A 39 4.87 5.23 1.57
C ASP A 39 4.13 6.37 2.27
N LYS A 40 3.68 7.34 1.48
CA LYS A 40 2.93 8.48 2.01
C LYS A 40 1.57 8.04 2.56
N LEU A 41 0.88 7.16 1.83
CA LEU A 41 -0.43 6.63 2.25
C LEU A 41 -0.26 5.94 3.61
N ILE A 42 0.81 5.18 3.75
CA ILE A 42 1.12 4.50 4.99
C ILE A 42 1.36 5.51 6.10
N ASN A 43 2.32 6.42 5.91
CA ASN A 43 2.66 7.48 6.92
C ASN A 43 1.43 8.28 7.35
N LYS A 44 0.51 8.46 6.43
CA LYS A 44 -0.75 9.17 6.67
C LYS A 44 -1.54 8.46 7.77
N PHE A 45 -1.70 7.17 7.61
CA PHE A 45 -2.47 6.40 8.54
C PHE A 45 -1.72 6.07 9.82
N MET A 46 -0.42 5.96 9.74
CA MET A 46 0.41 5.64 10.91
C MET A 46 0.37 6.79 11.90
N ASN A 47 0.17 7.98 11.35
CA ASN A 47 0.18 9.25 12.08
C ASN A 47 1.58 9.51 12.58
N VAL A 48 2.42 9.83 11.65
CA VAL A 48 3.78 10.14 11.89
C VAL A 48 4.11 11.28 10.98
N LYS A 49 4.88 12.18 11.47
CA LYS A 49 5.24 13.35 10.75
C LYS A 49 6.69 13.69 11.03
N ASP A 50 7.55 12.92 10.45
CA ASP A 50 8.97 13.08 10.66
C ASP A 50 9.62 13.66 9.46
N LYS A 51 10.79 14.21 9.65
CA LYS A 51 11.50 14.83 8.54
C LYS A 51 12.57 13.90 8.02
N VAL A 52 12.67 12.77 8.63
CA VAL A 52 13.65 11.80 8.27
C VAL A 52 13.14 10.89 7.16
N HIS A 53 13.71 11.05 5.99
CA HIS A 53 13.39 10.19 4.88
C HIS A 53 14.17 8.92 5.06
N LYS A 54 13.50 7.84 5.28
CA LYS A 54 14.18 6.57 5.37
C LYS A 54 14.58 6.13 3.97
N LEU A 55 15.78 6.48 3.59
CA LEU A 55 16.29 6.13 2.31
C LEU A 55 16.81 4.73 2.33
N GLU A 56 15.87 3.87 2.24
CA GLU A 56 16.08 2.46 2.23
C GLU A 56 16.66 2.08 0.87
N HIS A 57 16.15 2.70 -0.15
CA HIS A 57 16.62 2.52 -1.49
C HIS A 57 17.12 3.84 -2.04
N HIS A 58 18.43 3.96 -2.08
CA HIS A 58 19.08 5.17 -2.55
C HIS A 58 20.52 4.84 -2.90
N HIS A 59 21.25 4.37 -1.91
CA HIS A 59 22.65 4.07 -2.09
C HIS A 59 22.81 2.61 -2.47
N HIS A 60 22.88 2.39 -3.73
CA HIS A 60 23.04 1.06 -4.28
C HIS A 60 24.49 0.85 -4.65
N HIS A 61 24.95 1.61 -5.61
CA HIS A 61 26.31 1.50 -6.10
C HIS A 61 26.76 2.81 -6.71
N HIS A 62 27.95 3.24 -6.35
CA HIS A 62 28.53 4.42 -6.93
C HIS A 62 29.73 3.99 -7.76
N MET B 1 -0.47 -16.04 -18.31
CA MET B 1 -0.10 -15.67 -16.94
C MET B 1 -1.35 -15.53 -16.13
N GLU B 2 -1.51 -16.36 -15.13
CA GLU B 2 -2.68 -16.29 -14.30
C GLU B 2 -2.57 -15.11 -13.35
N MET B 3 -3.22 -14.03 -13.72
CA MET B 3 -3.15 -12.81 -12.94
C MET B 3 -3.94 -12.93 -11.65
N GLY B 4 -4.81 -13.93 -11.55
CA GLY B 4 -5.58 -14.13 -10.34
C GLY B 4 -4.70 -14.54 -9.18
N GLN B 5 -3.74 -15.42 -9.45
CA GLN B 5 -2.82 -15.88 -8.43
C GLN B 5 -1.76 -14.83 -8.16
N LEU B 6 -1.56 -13.98 -9.14
CA LEU B 6 -0.67 -12.86 -9.01
C LEU B 6 -1.35 -11.84 -8.11
N LYS B 7 -2.63 -11.58 -8.40
CA LYS B 7 -3.47 -10.71 -7.60
C LYS B 7 -3.62 -11.21 -6.20
N ASN B 8 -3.74 -12.52 -6.06
CA ASN B 8 -3.87 -13.14 -4.76
C ASN B 8 -2.64 -12.82 -3.90
N LYS B 9 -1.46 -12.85 -4.51
CA LYS B 9 -0.23 -12.53 -3.81
C LYS B 9 -0.18 -11.06 -3.47
N ILE B 10 -0.65 -10.21 -4.40
CA ILE B 10 -0.75 -8.78 -4.17
C ILE B 10 -1.66 -8.52 -2.98
N GLU B 11 -2.85 -9.11 -3.03
CA GLU B 11 -3.82 -8.99 -1.97
C GLU B 11 -3.24 -9.47 -0.65
N ASN B 12 -2.70 -10.67 -0.66
CA ASN B 12 -2.11 -11.32 0.52
C ASN B 12 -1.02 -10.48 1.16
N LYS B 13 -0.08 -10.01 0.37
CA LYS B 13 1.04 -9.27 0.92
C LYS B 13 0.57 -7.90 1.44
N LYS B 14 -0.33 -7.27 0.70
CA LYS B 14 -0.98 -6.03 1.10
C LYS B 14 -1.69 -6.24 2.43
N LYS B 15 -2.47 -7.31 2.51
CA LYS B 15 -3.20 -7.69 3.72
C LYS B 15 -2.28 -7.91 4.90
N GLU B 16 -1.13 -8.53 4.67
CA GLU B 16 -0.15 -8.71 5.72
C GLU B 16 0.39 -7.36 6.20
N LEU B 17 0.60 -6.47 5.27
CA LEU B 17 1.05 -5.12 5.57
C LEU B 17 -0.02 -4.37 6.34
N ILE B 18 -1.24 -4.50 5.88
CA ILE B 18 -2.36 -3.84 6.51
C ILE B 18 -2.46 -4.28 7.96
N GLN B 19 -2.26 -5.57 8.20
CA GLN B 19 -2.24 -6.14 9.55
C GLN B 19 -1.10 -5.55 10.40
N LEU B 20 -0.06 -5.07 9.74
CA LEU B 20 1.07 -4.47 10.42
C LEU B 20 0.77 -3.02 10.77
N VAL B 21 0.33 -2.21 9.81
CA VAL B 21 -0.05 -0.85 10.13
C VAL B 21 -1.25 -0.80 11.12
N ALA B 22 -2.08 -1.83 11.06
CA ALA B 22 -3.23 -1.93 11.92
C ALA B 22 -2.82 -2.09 13.37
N ARG B 23 -1.79 -2.90 13.61
CA ARG B 23 -1.32 -3.14 14.96
C ARG B 23 -0.42 -2.01 15.43
N HIS B 24 -0.11 -1.09 14.53
CA HIS B 24 0.66 0.11 14.87
C HIS B 24 -0.16 1.02 15.80
N GLY B 25 -1.49 0.97 15.65
CA GLY B 25 -2.33 1.81 16.48
C GLY B 25 -3.64 2.13 15.83
N LEU B 26 -3.77 1.83 14.55
CA LEU B 26 -4.97 2.05 13.81
C LEU B 26 -6.20 1.39 14.41
N ASP B 27 -7.28 2.13 14.33
CA ASP B 27 -8.58 1.69 14.77
C ASP B 27 -9.13 0.80 13.65
N HIS B 28 -10.17 0.05 13.94
CA HIS B 28 -10.80 -0.84 12.94
C HIS B 28 -11.19 -0.03 11.69
N ASP B 29 -11.76 1.13 11.91
CA ASP B 29 -12.20 2.03 10.84
C ASP B 29 -11.01 2.49 10.00
N LYS B 30 -9.90 2.79 10.69
CA LYS B 30 -8.65 3.19 10.04
C LYS B 30 -8.20 2.11 9.07
N VAL B 31 -8.26 0.87 9.54
CA VAL B 31 -7.84 -0.29 8.79
C VAL B 31 -8.68 -0.41 7.51
N LEU B 32 -9.97 -0.22 7.65
CA LEU B 32 -10.90 -0.32 6.53
C LEU B 32 -10.64 0.76 5.50
N LEU B 33 -10.40 1.97 5.97
CA LEU B 33 -10.11 3.09 5.10
C LEU B 33 -8.78 2.90 4.39
N PHE B 34 -7.77 2.52 5.17
CA PHE B 34 -6.43 2.29 4.66
C PHE B 34 -6.43 1.23 3.58
N SER B 35 -7.00 0.09 3.90
CA SER B 35 -7.01 -1.05 3.01
C SER B 35 -7.66 -0.75 1.67
N ARG B 36 -8.77 -0.03 1.69
CA ARG B 36 -9.48 0.27 0.47
C ARG B 36 -8.79 1.36 -0.33
N ASP B 37 -8.17 2.32 0.35
CA ASP B 37 -7.47 3.43 -0.35
C ASP B 37 -6.24 2.87 -1.02
N LEU B 38 -5.60 1.98 -0.31
CA LEU B 38 -4.42 1.27 -0.77
C LEU B 38 -4.78 0.35 -1.95
N ASP B 39 -5.96 -0.23 -1.89
CA ASP B 39 -6.45 -1.08 -2.97
C ASP B 39 -6.58 -0.23 -4.23
N LYS B 40 -7.21 0.94 -4.07
CA LYS B 40 -7.39 1.93 -5.15
C LYS B 40 -6.06 2.31 -5.79
N LEU B 41 -5.04 2.51 -4.95
CA LEU B 41 -3.71 2.89 -5.42
C LEU B 41 -3.13 1.80 -6.30
N ILE B 42 -3.31 0.57 -5.88
CA ILE B 42 -2.84 -0.55 -6.64
C ILE B 42 -3.59 -0.63 -7.96
N ASN B 43 -4.92 -0.57 -7.88
CA ASN B 43 -5.84 -0.59 -9.04
C ASN B 43 -5.48 0.49 -10.06
N LYS B 44 -4.99 1.62 -9.57
CA LYS B 44 -4.55 2.72 -10.40
C LYS B 44 -3.39 2.25 -11.28
N PHE B 45 -2.40 1.66 -10.64
CA PHE B 45 -1.18 1.21 -11.31
C PHE B 45 -1.37 -0.09 -12.10
N MET B 46 -2.34 -0.90 -11.68
CA MET B 46 -2.67 -2.12 -12.41
C MET B 46 -3.50 -1.74 -13.61
N ASN B 47 -4.06 -0.56 -13.52
CA ASN B 47 -4.97 0.03 -14.49
C ASN B 47 -6.27 -0.77 -14.56
N VAL B 48 -6.96 -0.79 -13.47
CA VAL B 48 -8.24 -1.43 -13.38
C VAL B 48 -9.27 -0.36 -13.36
N LYS B 49 -9.83 -0.15 -14.49
CA LYS B 49 -10.85 0.84 -14.65
C LYS B 49 -12.19 0.17 -14.88
N ASP B 50 -12.12 -1.10 -15.06
CA ASP B 50 -13.29 -1.89 -15.37
C ASP B 50 -13.55 -2.94 -14.32
N LYS B 51 -14.60 -2.72 -13.58
CA LYS B 51 -15.10 -3.65 -12.61
C LYS B 51 -16.62 -3.53 -12.58
N VAL B 52 -17.16 -3.00 -13.65
CA VAL B 52 -18.58 -2.72 -13.74
C VAL B 52 -19.26 -3.77 -14.60
N HIS B 53 -20.59 -3.70 -14.64
CA HIS B 53 -21.42 -4.63 -15.40
C HIS B 53 -21.04 -4.68 -16.87
N LYS B 54 -20.82 -3.54 -17.42
CA LYS B 54 -20.51 -3.39 -18.82
C LYS B 54 -19.92 -2.03 -19.05
N LEU B 55 -18.89 -1.95 -19.85
CA LEU B 55 -18.35 -0.69 -20.26
C LEU B 55 -19.19 -0.20 -21.43
N GLU B 56 -19.78 0.96 -21.26
CA GLU B 56 -20.72 1.53 -22.23
C GLU B 56 -20.01 2.06 -23.47
N HIS B 57 -19.73 1.16 -24.39
CA HIS B 57 -19.11 1.52 -25.65
C HIS B 57 -20.03 1.17 -26.79
N HIS B 58 -19.73 1.71 -27.98
CA HIS B 58 -20.55 1.58 -29.21
C HIS B 58 -21.80 2.48 -29.05
N HIS B 59 -21.61 3.55 -28.32
CA HIS B 59 -22.67 4.53 -28.08
C HIS B 59 -22.62 5.59 -29.18
N HIS B 60 -21.52 5.61 -29.89
CA HIS B 60 -21.29 6.53 -30.97
C HIS B 60 -21.78 5.91 -32.26
N HIS B 61 -22.47 6.67 -33.06
CA HIS B 61 -22.92 6.21 -34.35
C HIS B 61 -22.26 7.05 -35.40
N HIS B 62 -21.42 6.45 -36.17
CA HIS B 62 -20.72 7.15 -37.19
C HIS B 62 -21.51 7.04 -38.48
N MET A 1 6.59 -5.93 20.30
CA MET A 1 6.79 -5.10 21.48
C MET A 1 7.61 -3.83 21.13
N GLU A 2 8.52 -3.93 20.19
CA GLU A 2 9.38 -2.83 19.82
C GLU A 2 8.78 -2.15 18.56
N MET A 3 8.43 -0.88 18.68
CA MET A 3 7.73 -0.15 17.60
C MET A 3 8.57 0.04 16.34
N GLY A 4 9.87 0.15 16.49
CA GLY A 4 10.74 0.38 15.36
C GLY A 4 10.79 -0.81 14.46
N GLN A 5 10.89 -1.99 15.03
CA GLN A 5 10.90 -3.22 14.25
C GLN A 5 9.55 -3.47 13.63
N LEU A 6 8.51 -3.01 14.29
CA LEU A 6 7.16 -3.09 13.74
C LEU A 6 7.10 -2.27 12.45
N LYS A 7 7.64 -1.06 12.53
CA LYS A 7 7.70 -0.18 11.37
C LYS A 7 8.61 -0.81 10.32
N ASN A 8 9.71 -1.40 10.77
CA ASN A 8 10.69 -2.05 9.89
C ASN A 8 10.05 -3.19 9.12
N LYS A 9 9.18 -3.94 9.78
CA LYS A 9 8.44 -5.01 9.13
C LYS A 9 7.45 -4.45 8.14
N ILE A 10 6.80 -3.35 8.51
CA ILE A 10 5.92 -2.62 7.58
C ILE A 10 6.69 -2.23 6.33
N GLU A 11 7.90 -1.70 6.53
CA GLU A 11 8.79 -1.34 5.44
C GLU A 11 9.06 -2.55 4.57
N ASN A 12 9.46 -3.62 5.21
CA ASN A 12 9.78 -4.87 4.54
C ASN A 12 8.57 -5.41 3.77
N LYS A 13 7.41 -5.38 4.40
CA LYS A 13 6.17 -5.90 3.83
C LYS A 13 5.71 -5.05 2.65
N LYS A 14 5.80 -3.74 2.82
CA LYS A 14 5.51 -2.75 1.80
C LYS A 14 6.35 -3.03 0.57
N LYS A 15 7.65 -3.23 0.80
CA LYS A 15 8.61 -3.51 -0.27
C LYS A 15 8.31 -4.85 -0.93
N GLU A 16 7.94 -5.85 -0.12
CA GLU A 16 7.52 -7.17 -0.65
C GLU A 16 6.37 -6.97 -1.63
N LEU A 17 5.43 -6.15 -1.24
CA LEU A 17 4.25 -5.87 -2.02
C LEU A 17 4.58 -5.11 -3.28
N ILE A 18 5.44 -4.13 -3.18
CA ILE A 18 5.80 -3.33 -4.33
C ILE A 18 6.36 -4.24 -5.40
N GLN A 19 7.14 -5.21 -4.98
CA GLN A 19 7.70 -6.20 -5.89
C GLN A 19 6.59 -7.00 -6.57
N LEU A 20 5.54 -7.38 -5.82
CA LEU A 20 4.42 -8.10 -6.42
C LEU A 20 3.71 -7.24 -7.47
N VAL A 21 3.34 -5.98 -7.14
CA VAL A 21 2.70 -5.16 -8.14
C VAL A 21 3.67 -4.81 -9.30
N ALA A 22 4.95 -4.68 -9.00
CA ALA A 22 5.94 -4.32 -10.00
C ALA A 22 6.12 -5.41 -11.05
N ARG A 23 6.05 -6.65 -10.61
CA ARG A 23 6.17 -7.77 -11.52
C ARG A 23 4.90 -7.97 -12.32
N HIS A 24 3.79 -7.40 -11.84
CA HIS A 24 2.50 -7.45 -12.57
C HIS A 24 2.68 -6.86 -13.97
N GLY A 25 3.31 -5.72 -14.04
CA GLY A 25 3.47 -5.09 -15.32
C GLY A 25 3.67 -3.61 -15.24
N LEU A 26 3.82 -3.09 -14.03
CA LEU A 26 4.14 -1.72 -13.81
C LEU A 26 5.41 -1.31 -14.52
N ASP A 27 5.36 -0.14 -15.06
CA ASP A 27 6.48 0.45 -15.76
C ASP A 27 7.50 0.89 -14.71
N HIS A 28 8.66 1.29 -15.15
CA HIS A 28 9.75 1.67 -14.24
C HIS A 28 9.33 2.84 -13.35
N ASP A 29 8.74 3.85 -13.99
CA ASP A 29 8.25 5.05 -13.31
C ASP A 29 7.13 4.71 -12.35
N LYS A 30 6.34 3.73 -12.74
CA LYS A 30 5.21 3.29 -11.96
C LYS A 30 5.64 2.72 -10.64
N VAL A 31 6.66 1.91 -10.66
CA VAL A 31 7.17 1.29 -9.44
C VAL A 31 7.64 2.38 -8.48
N LEU A 32 8.29 3.40 -9.03
CA LEU A 32 8.78 4.51 -8.23
C LEU A 32 7.63 5.28 -7.63
N LEU A 33 6.72 5.71 -8.48
CA LEU A 33 5.58 6.51 -8.05
C LEU A 33 4.71 5.76 -7.07
N PHE A 34 4.53 4.48 -7.32
CA PHE A 34 3.76 3.64 -6.44
C PHE A 34 4.41 3.56 -5.09
N SER A 35 5.71 3.25 -5.04
CA SER A 35 6.42 3.13 -3.77
C SER A 35 6.36 4.43 -2.96
N ARG A 36 6.44 5.55 -3.67
CA ARG A 36 6.41 6.88 -3.07
C ARG A 36 5.05 7.17 -2.46
N ASP A 37 4.01 6.93 -3.25
CA ASP A 37 2.64 7.24 -2.85
C ASP A 37 2.20 6.29 -1.74
N LEU A 38 2.57 5.02 -1.91
CA LEU A 38 2.28 3.97 -0.93
C LEU A 38 2.89 4.31 0.42
N ASP A 39 4.15 4.68 0.40
CA ASP A 39 4.87 5.03 1.63
C ASP A 39 4.22 6.22 2.29
N LYS A 40 3.86 7.21 1.49
CA LYS A 40 3.22 8.39 1.93
C LYS A 40 1.84 8.09 2.54
N LEU A 41 1.12 7.16 1.92
CA LEU A 41 -0.17 6.73 2.41
C LEU A 41 -0.02 6.05 3.76
N ILE A 42 1.02 5.26 3.87
CA ILE A 42 1.32 4.57 5.10
C ILE A 42 1.66 5.57 6.20
N ASN A 43 2.62 6.43 5.92
CA ASN A 43 3.07 7.49 6.85
C ASN A 43 1.93 8.37 7.30
N LYS A 44 0.97 8.60 6.40
CA LYS A 44 -0.22 9.40 6.69
C LYS A 44 -1.00 8.77 7.83
N PHE A 45 -1.23 7.48 7.70
CA PHE A 45 -2.00 6.75 8.69
C PHE A 45 -1.18 6.43 9.92
N MET A 46 0.11 6.21 9.74
CA MET A 46 0.97 5.89 10.87
C MET A 46 1.24 7.14 11.70
N ASN A 47 1.11 8.29 11.03
CA ASN A 47 1.32 9.62 11.62
C ASN A 47 2.81 9.85 11.93
N VAL A 48 3.65 8.98 11.37
CA VAL A 48 5.08 9.06 11.58
C VAL A 48 5.69 10.09 10.65
N LYS A 49 6.22 11.10 11.26
CA LYS A 49 6.78 12.22 10.53
C LYS A 49 8.13 12.55 11.17
N ASP A 50 8.58 11.62 11.98
CA ASP A 50 9.79 11.75 12.74
C ASP A 50 10.71 10.60 12.42
N LYS A 51 11.97 10.81 12.61
CA LYS A 51 12.98 9.82 12.31
C LYS A 51 13.91 9.64 13.50
N VAL A 52 13.31 9.57 14.68
CA VAL A 52 14.05 9.45 15.93
C VAL A 52 14.51 8.02 16.23
N HIS A 53 14.67 7.21 15.20
CA HIS A 53 15.20 5.87 15.38
C HIS A 53 16.64 5.97 15.85
N LYS A 54 17.33 6.85 15.23
CA LYS A 54 18.67 7.23 15.57
C LYS A 54 18.65 8.73 15.55
N LEU A 55 18.81 9.34 16.69
CA LEU A 55 18.69 10.76 16.78
C LEU A 55 19.96 11.46 16.39
N GLU A 56 20.04 11.79 15.13
CA GLU A 56 21.12 12.60 14.65
C GLU A 56 20.73 14.00 15.08
N HIS A 57 19.48 14.27 14.90
CA HIS A 57 18.88 15.49 15.36
C HIS A 57 18.27 15.17 16.70
N HIS A 58 18.91 15.61 17.73
CA HIS A 58 18.51 15.23 19.05
C HIS A 58 17.56 16.25 19.67
N HIS A 59 17.85 17.51 19.46
CA HIS A 59 17.03 18.56 20.05
C HIS A 59 15.77 18.72 19.23
N HIS A 60 15.93 19.10 17.99
CA HIS A 60 14.82 19.28 17.06
C HIS A 60 15.27 18.78 15.71
N HIS A 61 14.35 18.50 14.84
CA HIS A 61 14.69 18.11 13.49
C HIS A 61 15.04 19.35 12.69
N HIS A 62 15.99 19.23 11.81
CA HIS A 62 16.39 20.35 11.02
C HIS A 62 16.25 19.96 9.56
N MET B 1 0.89 -15.09 -18.41
CA MET B 1 -0.43 -14.54 -18.78
C MET B 1 -1.42 -14.66 -17.63
N GLU B 2 -1.44 -15.81 -16.97
CA GLU B 2 -2.31 -16.00 -15.84
C GLU B 2 -1.71 -15.28 -14.64
N MET B 3 -2.36 -14.22 -14.23
CA MET B 3 -1.90 -13.41 -13.11
C MET B 3 -2.91 -13.45 -11.98
N GLY B 4 -3.70 -14.50 -11.97
CA GLY B 4 -4.75 -14.64 -10.99
C GLY B 4 -4.18 -15.00 -9.64
N GLN B 5 -3.17 -15.85 -9.67
CA GLN B 5 -2.50 -16.26 -8.44
C GLN B 5 -1.62 -15.11 -7.98
N LEU B 6 -1.08 -14.38 -8.94
CA LEU B 6 -0.22 -13.25 -8.73
C LEU B 6 -0.98 -12.14 -7.97
N LYS B 7 -2.19 -11.84 -8.42
CA LYS B 7 -3.03 -10.87 -7.72
C LYS B 7 -3.38 -11.36 -6.34
N ASN B 8 -3.55 -12.65 -6.20
CA ASN B 8 -3.88 -13.25 -4.91
C ASN B 8 -2.71 -13.07 -3.92
N LYS B 9 -1.48 -13.07 -4.47
CA LYS B 9 -0.27 -12.79 -3.69
C LYS B 9 -0.24 -11.32 -3.29
N ILE B 10 -0.59 -10.47 -4.24
CA ILE B 10 -0.66 -9.02 -4.01
C ILE B 10 -1.67 -8.71 -2.93
N GLU B 11 -2.85 -9.30 -3.04
CA GLU B 11 -3.90 -9.16 -2.06
C GLU B 11 -3.40 -9.62 -0.71
N ASN B 12 -2.74 -10.77 -0.68
CA ASN B 12 -2.22 -11.35 0.56
C ASN B 12 -1.18 -10.44 1.20
N LYS B 13 -0.26 -9.94 0.40
CA LYS B 13 0.82 -9.10 0.89
C LYS B 13 0.27 -7.76 1.41
N LYS B 14 -0.65 -7.20 0.65
CA LYS B 14 -1.38 -6.00 1.00
C LYS B 14 -2.03 -6.19 2.37
N LYS B 15 -2.74 -7.30 2.51
CA LYS B 15 -3.44 -7.67 3.74
C LYS B 15 -2.48 -7.87 4.91
N GLU B 16 -1.29 -8.44 4.64
CA GLU B 16 -0.27 -8.60 5.67
C GLU B 16 0.16 -7.23 6.18
N LEU B 17 0.36 -6.32 5.25
CA LEU B 17 0.79 -4.98 5.55
C LEU B 17 -0.26 -4.20 6.30
N ILE B 18 -1.50 -4.30 5.87
CA ILE B 18 -2.58 -3.56 6.51
C ILE B 18 -2.66 -3.94 7.98
N GLN B 19 -2.47 -5.22 8.26
CA GLN B 19 -2.46 -5.73 9.61
C GLN B 19 -1.32 -5.12 10.42
N LEU B 20 -0.19 -4.92 9.78
CA LEU B 20 0.96 -4.29 10.42
C LEU B 20 0.69 -2.83 10.79
N VAL B 21 0.27 -2.00 9.82
CA VAL B 21 -0.04 -0.61 10.15
C VAL B 21 -1.19 -0.52 11.16
N ALA B 22 -2.09 -1.49 11.12
CA ALA B 22 -3.21 -1.53 12.01
C ALA B 22 -2.77 -1.76 13.45
N ARG B 23 -1.88 -2.73 13.64
CA ARG B 23 -1.39 -3.09 14.98
C ARG B 23 -0.43 -2.03 15.52
N HIS B 24 -0.05 -1.08 14.66
CA HIS B 24 0.70 0.09 15.09
C HIS B 24 -0.15 0.87 16.09
N GLY B 25 -1.43 0.92 15.82
CA GLY B 25 -2.33 1.60 16.67
C GLY B 25 -3.38 2.35 15.89
N LEU B 26 -3.84 1.77 14.80
CA LEU B 26 -4.89 2.41 14.04
C LEU B 26 -6.22 2.08 14.60
N ASP B 27 -7.10 3.02 14.46
CA ASP B 27 -8.47 2.83 14.82
C ASP B 27 -9.10 1.99 13.74
N HIS B 28 -10.22 1.37 14.05
CA HIS B 28 -10.94 0.51 13.10
C HIS B 28 -11.17 1.23 11.77
N ASP B 29 -11.56 2.50 11.87
CA ASP B 29 -11.81 3.35 10.70
C ASP B 29 -10.57 3.60 9.91
N LYS B 30 -9.46 3.79 10.62
CA LYS B 30 -8.17 4.04 9.98
C LYS B 30 -7.77 2.87 9.12
N VAL B 31 -7.93 1.67 9.67
CA VAL B 31 -7.60 0.44 8.97
C VAL B 31 -8.47 0.34 7.70
N LEU B 32 -9.74 0.70 7.82
CA LEU B 32 -10.68 0.67 6.71
C LEU B 32 -10.29 1.66 5.64
N LEU B 33 -10.14 2.91 6.03
CA LEU B 33 -9.82 3.98 5.10
C LEU B 33 -8.48 3.74 4.41
N PHE B 34 -7.54 3.19 5.15
CA PHE B 34 -6.24 2.85 4.61
C PHE B 34 -6.35 1.73 3.58
N SER B 35 -7.00 0.64 3.95
CA SER B 35 -7.11 -0.53 3.09
C SER B 35 -7.86 -0.23 1.79
N ARG B 36 -8.85 0.64 1.88
CA ARG B 36 -9.63 1.06 0.71
C ARG B 36 -8.76 1.84 -0.25
N ASP B 37 -8.08 2.86 0.28
CA ASP B 37 -7.23 3.75 -0.52
C ASP B 37 -6.10 2.95 -1.13
N LEU B 38 -5.51 2.09 -0.32
CA LEU B 38 -4.44 1.18 -0.71
C LEU B 38 -4.89 0.25 -1.84
N ASP B 39 -6.08 -0.30 -1.69
CA ASP B 39 -6.64 -1.22 -2.70
C ASP B 39 -6.79 -0.49 -4.03
N LYS B 40 -7.32 0.72 -3.95
CA LYS B 40 -7.51 1.58 -5.11
C LYS B 40 -6.17 1.93 -5.75
N LEU B 41 -5.24 2.37 -4.91
CA LEU B 41 -3.90 2.79 -5.35
C LEU B 41 -3.20 1.66 -6.08
N ILE B 42 -3.29 0.46 -5.53
CA ILE B 42 -2.68 -0.69 -6.14
C ILE B 42 -3.29 -0.96 -7.49
N ASN B 43 -4.58 -1.20 -7.53
CA ASN B 43 -5.32 -1.54 -8.76
C ASN B 43 -5.12 -0.47 -9.83
N LYS B 44 -5.02 0.79 -9.40
CA LYS B 44 -4.78 1.93 -10.28
C LYS B 44 -3.50 1.72 -11.07
N PHE B 45 -2.43 1.41 -10.35
CA PHE B 45 -1.13 1.20 -10.94
C PHE B 45 -1.04 -0.08 -11.72
N MET B 46 -1.77 -1.08 -11.26
CA MET B 46 -1.81 -2.37 -11.93
C MET B 46 -2.46 -2.20 -13.30
N ASN B 47 -3.36 -1.22 -13.37
CA ASN B 47 -4.09 -0.82 -14.58
C ASN B 47 -5.19 -1.85 -14.91
N VAL B 48 -5.57 -2.59 -13.90
CA VAL B 48 -6.61 -3.56 -14.00
C VAL B 48 -7.74 -3.10 -13.13
N LYS B 49 -8.90 -3.09 -13.67
CA LYS B 49 -10.00 -2.54 -12.97
C LYS B 49 -10.76 -3.56 -12.15
N ASP B 50 -10.19 -3.79 -10.97
CA ASP B 50 -10.73 -4.64 -9.91
C ASP B 50 -10.96 -6.11 -10.36
N LYS B 51 -11.66 -6.86 -9.56
CA LYS B 51 -11.89 -8.27 -9.73
C LYS B 51 -13.15 -8.52 -10.55
N VAL B 52 -13.65 -7.48 -11.13
CA VAL B 52 -14.83 -7.56 -11.96
C VAL B 52 -14.44 -7.96 -13.38
N HIS B 53 -14.32 -9.25 -13.55
CA HIS B 53 -13.96 -9.86 -14.81
C HIS B 53 -14.77 -11.13 -14.97
N LYS B 54 -14.55 -11.82 -16.06
CA LYS B 54 -15.22 -13.09 -16.34
C LYS B 54 -14.80 -14.13 -15.30
N LEU B 55 -15.57 -15.17 -15.18
CA LEU B 55 -15.21 -16.25 -14.29
C LEU B 55 -14.05 -17.01 -14.90
N GLU B 56 -13.06 -17.35 -14.09
CA GLU B 56 -11.86 -18.03 -14.56
C GLU B 56 -12.24 -19.36 -15.18
N HIS B 57 -11.83 -19.58 -16.42
CA HIS B 57 -12.10 -20.85 -17.07
C HIS B 57 -11.22 -21.89 -16.43
N HIS B 58 -11.81 -22.76 -15.67
CA HIS B 58 -11.07 -23.78 -14.98
C HIS B 58 -11.29 -25.14 -15.65
N HIS B 59 -12.13 -25.16 -16.67
CA HIS B 59 -12.46 -26.41 -17.34
C HIS B 59 -11.84 -26.47 -18.72
N HIS B 60 -10.86 -27.32 -18.87
CA HIS B 60 -10.22 -27.56 -20.15
C HIS B 60 -10.17 -29.05 -20.36
N HIS B 61 -9.59 -29.71 -19.37
CA HIS B 61 -9.46 -31.15 -19.29
C HIS B 61 -8.68 -31.44 -18.02
N HIS B 62 -7.58 -30.75 -17.87
CA HIS B 62 -6.80 -30.79 -16.65
C HIS B 62 -6.57 -29.37 -16.19
N MET A 1 7.62 -4.95 22.35
CA MET A 1 8.26 -4.97 21.04
C MET A 1 8.86 -3.63 20.75
N GLU A 2 9.57 -3.54 19.67
CA GLU A 2 10.23 -2.33 19.31
C GLU A 2 9.52 -1.74 18.07
N MET A 3 9.04 -0.51 18.20
CA MET A 3 8.25 0.18 17.18
C MET A 3 9.03 0.41 15.89
N GLY A 4 10.32 0.56 16.00
CA GLY A 4 11.15 0.74 14.85
C GLY A 4 11.17 -0.52 14.01
N GLN A 5 11.36 -1.65 14.68
CA GLN A 5 11.29 -2.96 14.03
C GLN A 5 9.90 -3.23 13.48
N LEU A 6 8.90 -2.68 14.15
CA LEU A 6 7.52 -2.76 13.69
C LEU A 6 7.40 -2.00 12.36
N LYS A 7 7.89 -0.76 12.33
CA LYS A 7 7.89 0.06 11.12
C LYS A 7 8.74 -0.59 10.04
N ASN A 8 9.79 -1.25 10.45
CA ASN A 8 10.72 -1.94 9.56
C ASN A 8 9.98 -3.12 8.89
N LYS A 9 9.17 -3.84 9.67
CA LYS A 9 8.34 -4.94 9.13
C LYS A 9 7.30 -4.38 8.16
N ILE A 10 6.81 -3.19 8.48
CA ILE A 10 5.87 -2.50 7.62
C ILE A 10 6.53 -2.15 6.29
N GLU A 11 7.75 -1.61 6.38
CA GLU A 11 8.56 -1.31 5.20
C GLU A 11 8.77 -2.57 4.41
N ASN A 12 9.13 -3.61 5.11
CA ASN A 12 9.40 -4.92 4.57
C ASN A 12 8.21 -5.44 3.75
N LYS A 13 7.05 -5.43 4.37
CA LYS A 13 5.84 -5.98 3.77
C LYS A 13 5.40 -5.12 2.59
N LYS A 14 5.50 -3.82 2.75
CA LYS A 14 5.23 -2.84 1.74
C LYS A 14 6.10 -3.12 0.52
N LYS A 15 7.40 -3.28 0.75
CA LYS A 15 8.37 -3.54 -0.29
C LYS A 15 8.13 -4.88 -0.96
N GLU A 16 7.70 -5.88 -0.19
CA GLU A 16 7.33 -7.17 -0.75
C GLU A 16 6.19 -6.98 -1.74
N LEU A 17 5.23 -6.19 -1.35
CA LEU A 17 4.07 -5.92 -2.15
C LEU A 17 4.41 -5.10 -3.38
N ILE A 18 5.25 -4.10 -3.21
CA ILE A 18 5.63 -3.25 -4.33
C ILE A 18 6.26 -4.09 -5.43
N GLN A 19 7.12 -5.01 -5.02
CA GLN A 19 7.77 -5.93 -5.95
C GLN A 19 6.74 -6.83 -6.63
N LEU A 20 5.67 -7.14 -5.93
CA LEU A 20 4.59 -7.96 -6.47
C LEU A 20 3.81 -7.19 -7.54
N VAL A 21 3.34 -5.96 -7.24
CA VAL A 21 2.69 -5.18 -8.27
C VAL A 21 3.65 -4.85 -9.44
N ALA A 22 4.92 -4.69 -9.11
CA ALA A 22 5.94 -4.36 -10.09
C ALA A 22 6.10 -5.46 -11.12
N ARG A 23 6.17 -6.69 -10.65
CA ARG A 23 6.35 -7.86 -11.52
C ARG A 23 5.10 -8.11 -12.40
N HIS A 24 3.97 -7.53 -11.98
CA HIS A 24 2.71 -7.61 -12.74
C HIS A 24 2.88 -6.98 -14.15
N GLY A 25 3.72 -5.98 -14.25
CA GLY A 25 3.91 -5.35 -15.54
C GLY A 25 4.38 -3.93 -15.45
N LEU A 26 4.28 -3.35 -14.26
CA LEU A 26 4.71 -1.99 -14.02
C LEU A 26 6.13 -1.72 -14.46
N ASP A 27 6.30 -0.55 -15.01
CA ASP A 27 7.59 -0.08 -15.43
C ASP A 27 8.31 0.41 -14.19
N HIS A 28 9.58 0.73 -14.29
CA HIS A 28 10.33 1.19 -13.12
C HIS A 28 9.79 2.52 -12.62
N ASP A 29 9.36 3.37 -13.54
CA ASP A 29 8.78 4.68 -13.21
C ASP A 29 7.52 4.48 -12.40
N LYS A 30 6.76 3.47 -12.76
CA LYS A 30 5.52 3.12 -12.09
C LYS A 30 5.80 2.68 -10.69
N VAL A 31 6.85 1.91 -10.53
CA VAL A 31 7.26 1.39 -9.24
C VAL A 31 7.69 2.53 -8.33
N LEU A 32 8.37 3.50 -8.90
CA LEU A 32 8.78 4.71 -8.19
C LEU A 32 7.58 5.48 -7.73
N LEU A 33 6.63 5.69 -8.63
CA LEU A 33 5.41 6.43 -8.32
C LEU A 33 4.57 5.70 -7.29
N PHE A 34 4.45 4.41 -7.44
CA PHE A 34 3.67 3.61 -6.54
C PHE A 34 4.29 3.59 -5.14
N SER A 35 5.59 3.32 -5.06
CA SER A 35 6.27 3.21 -3.78
C SER A 35 6.20 4.51 -2.97
N ARG A 36 6.37 5.65 -3.65
CA ARG A 36 6.34 6.93 -2.97
C ARG A 36 4.95 7.30 -2.48
N ASP A 37 3.93 7.02 -3.29
CA ASP A 37 2.58 7.35 -2.88
C ASP A 37 2.10 6.40 -1.82
N LEU A 38 2.47 5.13 -1.98
CA LEU A 38 2.16 4.09 -1.01
C LEU A 38 2.79 4.41 0.34
N ASP A 39 4.06 4.81 0.33
CA ASP A 39 4.76 5.18 1.56
C ASP A 39 4.01 6.28 2.27
N LYS A 40 3.67 7.32 1.53
CA LYS A 40 2.95 8.46 2.07
C LYS A 40 1.53 8.10 2.50
N LEU A 41 0.89 7.17 1.80
CA LEU A 41 -0.44 6.72 2.17
C LEU A 41 -0.40 6.02 3.52
N ILE A 42 0.64 5.23 3.70
CA ILE A 42 0.84 4.55 4.93
C ILE A 42 1.14 5.54 6.04
N ASN A 43 2.13 6.42 5.82
CA ASN A 43 2.51 7.49 6.78
C ASN A 43 1.30 8.32 7.18
N LYS A 44 0.43 8.57 6.20
CA LYS A 44 -0.80 9.32 6.38
C LYS A 44 -1.69 8.68 7.44
N PHE A 45 -1.75 7.38 7.42
CA PHE A 45 -2.56 6.67 8.37
C PHE A 45 -1.83 6.41 9.67
N MET A 46 -0.53 6.16 9.59
CA MET A 46 0.28 5.87 10.78
C MET A 46 0.34 7.11 11.66
N ASN A 47 0.24 8.28 11.00
CA ASN A 47 0.28 9.64 11.58
C ASN A 47 1.70 10.07 11.82
N VAL A 48 2.58 9.14 11.71
CA VAL A 48 3.98 9.39 11.79
C VAL A 48 4.52 9.57 10.40
N LYS A 49 4.77 10.78 10.09
CA LYS A 49 5.21 11.18 8.79
C LYS A 49 6.63 11.68 8.88
N ASP A 50 7.34 11.09 9.84
CA ASP A 50 8.71 11.40 10.23
C ASP A 50 8.77 12.73 10.95
N LYS A 51 9.32 12.73 12.12
CA LYS A 51 9.41 13.94 12.90
C LYS A 51 10.85 14.21 13.27
N VAL A 52 11.76 13.55 12.60
CA VAL A 52 13.15 13.66 12.93
C VAL A 52 13.90 14.48 11.91
N HIS A 53 13.56 14.32 10.66
CA HIS A 53 14.17 15.07 9.60
C HIS A 53 13.14 15.59 8.66
N LYS A 54 12.49 16.62 9.08
CA LYS A 54 11.54 17.29 8.25
C LYS A 54 12.23 18.47 7.65
N LEU A 55 12.44 18.44 6.37
CA LEU A 55 12.94 19.59 5.69
C LEU A 55 11.79 20.55 5.61
N GLU A 56 12.02 21.80 5.99
CA GLU A 56 10.96 22.80 6.07
C GLU A 56 10.20 22.94 4.77
N HIS A 57 10.91 22.89 3.67
CA HIS A 57 10.25 22.93 2.40
C HIS A 57 10.09 21.53 1.85
N HIS A 58 11.20 20.89 1.52
CA HIS A 58 11.24 19.57 0.88
C HIS A 58 10.46 19.66 -0.44
N HIS A 59 11.03 20.41 -1.35
CA HIS A 59 10.41 20.65 -2.62
C HIS A 59 11.13 19.85 -3.67
N HIS A 60 10.46 18.87 -4.20
CA HIS A 60 11.07 18.04 -5.19
C HIS A 60 10.13 17.78 -6.35
N HIS A 61 10.59 18.08 -7.54
CA HIS A 61 9.84 17.79 -8.75
C HIS A 61 10.36 16.46 -9.27
N HIS A 62 11.46 16.06 -8.70
CA HIS A 62 12.12 14.83 -9.00
C HIS A 62 12.52 14.25 -7.64
N MET B 1 -3.37 -16.71 -19.83
CA MET B 1 -4.15 -16.24 -18.68
C MET B 1 -3.50 -16.71 -17.41
N GLU B 2 -2.88 -15.78 -16.74
CA GLU B 2 -2.13 -16.04 -15.53
C GLU B 2 -2.34 -14.86 -14.60
N MET B 3 -1.45 -14.72 -13.63
CA MET B 3 -1.39 -13.58 -12.71
C MET B 3 -2.51 -13.57 -11.69
N GLY B 4 -3.36 -14.56 -11.72
CA GLY B 4 -4.40 -14.67 -10.74
C GLY B 4 -3.78 -14.99 -9.42
N GLN B 5 -2.79 -15.88 -9.47
CA GLN B 5 -2.05 -16.26 -8.28
C GLN B 5 -1.07 -15.16 -7.89
N LEU B 6 -0.75 -14.31 -8.84
CA LEU B 6 0.13 -13.18 -8.61
C LEU B 6 -0.68 -12.14 -7.82
N LYS B 7 -1.89 -11.88 -8.28
CA LYS B 7 -2.83 -11.02 -7.60
C LYS B 7 -3.17 -11.56 -6.24
N ASN B 8 -3.24 -12.86 -6.18
CA ASN B 8 -3.48 -13.59 -4.94
C ASN B 8 -2.46 -13.22 -3.86
N LYS B 9 -1.19 -13.25 -4.23
CA LYS B 9 -0.11 -12.92 -3.32
C LYS B 9 -0.13 -11.44 -2.99
N ILE B 10 -0.50 -10.63 -3.98
CA ILE B 10 -0.64 -9.19 -3.80
C ILE B 10 -1.67 -8.88 -2.74
N GLU B 11 -2.85 -9.47 -2.87
CA GLU B 11 -3.93 -9.28 -1.93
C GLU B 11 -3.52 -9.68 -0.54
N ASN B 12 -2.91 -10.85 -0.43
CA ASN B 12 -2.49 -11.35 0.87
C ASN B 12 -1.39 -10.49 1.48
N LYS B 13 -0.41 -10.09 0.68
CA LYS B 13 0.72 -9.29 1.16
C LYS B 13 0.22 -7.93 1.64
N LYS B 14 -0.67 -7.35 0.85
CA LYS B 14 -1.36 -6.13 1.15
C LYS B 14 -2.04 -6.25 2.51
N LYS B 15 -2.81 -7.33 2.68
CA LYS B 15 -3.52 -7.61 3.92
C LYS B 15 -2.57 -7.76 5.08
N GLU B 16 -1.47 -8.51 4.88
CA GLU B 16 -0.44 -8.69 5.91
C GLU B 16 0.09 -7.33 6.36
N LEU B 17 0.26 -6.44 5.40
CA LEU B 17 0.73 -5.11 5.65
C LEU B 17 -0.29 -4.28 6.39
N ILE B 18 -1.54 -4.37 5.99
CA ILE B 18 -2.60 -3.59 6.61
C ILE B 18 -2.66 -3.93 8.09
N GLN B 19 -2.53 -5.21 8.40
CA GLN B 19 -2.50 -5.69 9.77
C GLN B 19 -1.34 -5.05 10.53
N LEU B 20 -0.22 -4.89 9.84
CA LEU B 20 0.97 -4.31 10.43
C LEU B 20 0.78 -2.83 10.74
N VAL B 21 0.31 -2.03 9.76
CA VAL B 21 0.04 -0.64 10.03
C VAL B 21 -1.08 -0.48 11.08
N ALA B 22 -1.99 -1.44 11.12
CA ALA B 22 -3.09 -1.42 12.05
C ALA B 22 -2.61 -1.67 13.47
N ARG B 23 -1.63 -2.57 13.62
CA ARG B 23 -1.08 -2.88 14.93
C ARG B 23 -0.05 -1.86 15.36
N HIS B 24 0.18 -0.87 14.50
CA HIS B 24 0.93 0.31 14.87
C HIS B 24 0.05 1.08 15.86
N GLY B 25 -1.24 1.01 15.64
CA GLY B 25 -2.18 1.63 16.50
C GLY B 25 -3.25 2.36 15.75
N LEU B 26 -3.82 1.74 14.75
CA LEU B 26 -4.89 2.37 14.02
C LEU B 26 -6.19 2.07 14.62
N ASP B 27 -7.05 3.03 14.57
CA ASP B 27 -8.40 2.85 14.98
C ASP B 27 -9.12 2.14 13.88
N HIS B 28 -10.28 1.59 14.18
CA HIS B 28 -11.04 0.81 13.20
C HIS B 28 -11.21 1.54 11.88
N ASP B 29 -11.54 2.81 11.99
CA ASP B 29 -11.72 3.71 10.84
C ASP B 29 -10.48 3.75 9.99
N LYS B 30 -9.35 3.90 10.65
CA LYS B 30 -8.08 4.02 9.98
C LYS B 30 -7.74 2.77 9.18
N VAL B 31 -8.00 1.61 9.76
CA VAL B 31 -7.75 0.34 9.09
C VAL B 31 -8.67 0.23 7.87
N LEU B 32 -9.93 0.60 8.06
CA LEU B 32 -10.94 0.59 6.99
C LEU B 32 -10.55 1.50 5.88
N LEU B 33 -10.35 2.75 6.18
CA LEU B 33 -10.03 3.76 5.17
C LEU B 33 -8.72 3.45 4.45
N PHE B 34 -7.78 2.89 5.16
CA PHE B 34 -6.54 2.52 4.55
C PHE B 34 -6.72 1.30 3.65
N SER B 35 -7.35 0.24 4.16
CA SER B 35 -7.51 -0.99 3.40
C SER B 35 -8.25 -0.79 2.06
N ARG B 36 -9.28 0.04 2.08
CA ARG B 36 -10.02 0.36 0.85
C ARG B 36 -9.18 1.19 -0.11
N ASP B 37 -8.56 2.24 0.39
CA ASP B 37 -7.82 3.15 -0.46
C ASP B 37 -6.49 2.61 -0.92
N LEU B 38 -5.91 1.75 -0.13
CA LEU B 38 -4.70 1.04 -0.52
C LEU B 38 -5.03 0.13 -1.70
N ASP B 39 -6.16 -0.54 -1.59
CA ASP B 39 -6.64 -1.44 -2.63
C ASP B 39 -6.84 -0.66 -3.93
N LYS B 40 -7.45 0.52 -3.81
CA LYS B 40 -7.69 1.39 -4.94
C LYS B 40 -6.37 1.87 -5.57
N LEU B 41 -5.40 2.24 -4.74
CA LEU B 41 -4.09 2.69 -5.21
C LEU B 41 -3.38 1.58 -5.97
N ILE B 42 -3.50 0.37 -5.45
CA ILE B 42 -2.89 -0.78 -6.09
C ILE B 42 -3.51 -1.01 -7.45
N ASN B 43 -4.83 -1.13 -7.49
CA ASN B 43 -5.58 -1.36 -8.74
C ASN B 43 -5.32 -0.27 -9.77
N LYS B 44 -5.12 0.95 -9.30
CA LYS B 44 -4.79 2.11 -10.14
C LYS B 44 -3.55 1.81 -10.98
N PHE B 45 -2.55 1.25 -10.33
CA PHE B 45 -1.29 0.93 -10.96
C PHE B 45 -1.32 -0.42 -11.66
N MET B 46 -2.22 -1.29 -11.25
CA MET B 46 -2.35 -2.60 -11.88
C MET B 46 -3.13 -2.45 -13.20
N ASN B 47 -3.54 -1.21 -13.48
CA ASN B 47 -4.29 -0.81 -14.69
C ASN B 47 -5.75 -1.30 -14.60
N VAL B 48 -6.17 -1.61 -13.39
CA VAL B 48 -7.52 -2.09 -13.17
C VAL B 48 -8.39 -0.95 -12.76
N LYS B 49 -9.07 -0.46 -13.72
CA LYS B 49 -9.95 0.65 -13.57
C LYS B 49 -11.26 0.29 -14.25
N ASP B 50 -11.54 -0.99 -14.27
CA ASP B 50 -12.70 -1.56 -14.96
C ASP B 50 -13.96 -1.48 -14.12
N LYS B 51 -14.05 -0.41 -13.38
CA LYS B 51 -15.18 -0.10 -12.50
C LYS B 51 -16.25 0.65 -13.31
N VAL B 52 -16.26 0.42 -14.59
CA VAL B 52 -17.15 1.08 -15.51
C VAL B 52 -18.49 0.35 -15.59
N HIS B 53 -19.42 0.95 -16.26
CA HIS B 53 -20.71 0.36 -16.50
C HIS B 53 -20.79 0.02 -17.97
N LYS B 54 -21.87 -0.56 -18.39
CA LYS B 54 -22.09 -0.82 -19.79
C LYS B 54 -22.49 0.47 -20.45
N LEU B 55 -21.56 1.07 -21.11
CA LEU B 55 -21.75 2.34 -21.75
C LEU B 55 -22.05 2.18 -23.24
N GLU B 56 -22.52 3.25 -23.86
CA GLU B 56 -22.94 3.21 -25.27
C GLU B 56 -21.77 3.34 -26.24
N HIS B 57 -20.56 3.23 -25.71
CA HIS B 57 -19.30 3.28 -26.47
C HIS B 57 -19.08 4.65 -27.11
N HIS B 58 -19.54 4.84 -28.32
CA HIS B 58 -19.45 6.14 -28.95
C HIS B 58 -20.68 6.92 -28.67
N HIS B 59 -20.63 7.66 -27.60
CA HIS B 59 -21.75 8.45 -27.12
C HIS B 59 -22.06 9.57 -28.08
N HIS B 60 -21.04 10.32 -28.42
CA HIS B 60 -21.18 11.38 -29.37
C HIS B 60 -19.86 11.68 -30.02
N HIS B 61 -18.83 11.93 -29.20
CA HIS B 61 -17.48 12.32 -29.63
C HIS B 61 -17.53 13.71 -30.29
N HIS B 62 -18.21 13.79 -31.40
CA HIS B 62 -18.44 15.00 -32.11
C HIS B 62 -19.61 14.73 -33.02
#